data_9KY1
#
_entry.id   9KY1
#
_cell.length_a   1.00
_cell.length_b   1.00
_cell.length_c   1.00
_cell.angle_alpha   90.00
_cell.angle_beta   90.00
_cell.angle_gamma   90.00
#
_symmetry.space_group_name_H-M   'P 1'
#
loop_
_entity.id
_entity.type
_entity.pdbx_description
1 polymer 'Sodium-dependent neutral amino acid transporter B(0)AT1'
2 polymer 'Angiotensin-converting enzyme 2'
3 branched 2-acetamido-2-deoxy-beta-D-glucopyranose-(1-4)-2-acetamido-2-deoxy-beta-D-glucopyranose
4 non-polymer 2-acetamido-2-deoxy-beta-D-glucopyranose
#
loop_
_entity_poly.entity_id
_entity_poly.type
_entity_poly.pdbx_seq_one_letter_code
_entity_poly.pdbx_strand_id
1 'polypeptide(L)'
;MADYKDDDDKSGPDEVDASGRVRLVLPNPGLDARIPSLAELETIEQEEASSRPKWDNKAQYMLTCLGFCVGLGNVWRFPY
LCQSHGGGAFMIPFLILLVLEGIPLLYLEFAIGQRLRRGSLGVWSSIHPALKGLGLASMLTSFMVGLYYNTIISWIMWYL
FNSFQEPLPWSDCPLNENQTGYVDECARSSPVDYFWYRETLNISTSISDSGSIQWWMLLCLACAWSVLYMCTIRGIETTG
KAVYITSTLPYVVLTIFLIRGLTLKGATNGIVFLFTPNVTELAQPDTWLDAGAQVFFSFSLAFGGLISFSSYNSVHNNCE
KDSVIVSIINGFTSVYVAIVVYSVIGFRATQRYDDCFSTNILTLINGFDLPEGNVTQENFVDMQQRCNASDPAAYAQLVF
QTCDINAFLSEAVEGTGLAFIVFTEAITKMPLSPLWSVLFFIMLFCLGLSSMFGNMEGVVVPLQDLRVIPPKWPKEVLTG
LICLGTFLIGFIFTLNSGQYWLSLLDSYAGSIPLLIIAFCEMFSVVYVYGVDRFNKDIEFMIGHKPNIFWQVTWRVVSPL
LMLIIFLFFFVVEVSQELTYSIWDPGYEEFPKSQKISYPNWVYVVVVIVAGVPSLTIPGYAIYKLIRNHCQKPGDHQGLV
STLSTASMNGDLKY
;
A,C
2 'polypeptide(L)'
;MRSSSSWLLLSLVAVTAAQSTIEEQAKTFLDKFNHEAEDLFYQSSLASWNYNTNITEENVQNMNNAGDKWSAFLKEQSTL
AQMYPLQEIQNLTVKLQLQALQQNGSSVLSEDKSKRLNTILNTMSTIYSTGKVCNPDNPQECLLLEPGLNEIMANSLDYN
ERLWAWESWRSEVGKQLRPLYEEYVVLKNEMARANHYEDYGDYWRGDYEVNGVDGYDYSRGQLIEDVEHTFEEIKPLYEH
LHAYVRAKLMNAYPSYISPIGCLPAHLLGDMWGRFWTNLYSLTVPFGQKPNIDVTDAMVDQAWDAQRIFKEAEKFFVSVG
LPNMTQGFWENSMLTDPGNVQKAVCHPTAWDLGKGDFRILMCTKVTMDDFLTAHHEMGHIQYDMAYAAQPFLLRNGANEG
FHEAVGEIMSLSAATPKHLKSIGLLSPDFQEDNETEINFLLKQALTIVGTLPFTYMLEKWRWMVFKGEIPKDQWMKKWWE
MKREIVGVVEPVPHDETYCDPASLFHVSNDYSFIRYYTRTLYQFQFQEALCQAAKHEGPLHKCDISNSTEAGQKLFNMLR
LGKSEPWTLALENVVGAKNMNVRPLLNYFEPLFTWLKDQNKNSFVGWSTDWSPYADQSIKVRISLKSALGDKAYEWNDNE
MYLFRSSVAYAMRQYFLKVKNQMILFGEEDVRVANLKPRISFNFFVTAPKNVSDIIPRTEVEKAIRMSRSRINDAFRLND
NSLEFLGIQPTLGPPNQPPVSIWLIVFGVVMGVIVVGIVILIFTGIRDRKKKNKARSGENPYASIDISKGENNPGFQNTD
DVQTSF
;
B,D
#
loop_
_chem_comp.id
_chem_comp.type
_chem_comp.name
_chem_comp.formula
NAG D-saccharide, beta linking 2-acetamido-2-deoxy-beta-D-glucopyranose 'C8 H15 N O6'
#
# COMPACT_ATOMS: atom_id res chain seq x y z
N VAL A 25 40.04 -70.78 42.21
CA VAL A 25 40.95 -71.77 41.53
C VAL A 25 42.41 -71.36 41.76
N LEU A 26 42.75 -70.09 41.50
CA LEU A 26 44.11 -69.57 41.85
C LEU A 26 44.24 -69.57 43.38
N PRO A 27 45.37 -70.09 43.94
CA PRO A 27 45.49 -70.27 45.40
C PRO A 27 45.75 -68.96 46.17
N ASN A 28 44.69 -68.19 46.46
CA ASN A 28 44.78 -67.03 47.39
C ASN A 28 44.35 -67.48 48.80
N PRO A 29 45.25 -67.49 49.81
CA PRO A 29 44.89 -67.80 51.20
C PRO A 29 44.53 -66.53 51.99
N GLY A 30 43.85 -66.69 53.13
CA GLY A 30 43.34 -65.58 53.95
C GLY A 30 42.20 -64.81 53.29
N LEU A 31 41.82 -65.18 52.07
CA LEU A 31 40.74 -64.51 51.32
C LEU A 31 39.46 -64.49 52.16
N ASP A 32 39.14 -65.60 52.83
CA ASP A 32 37.89 -65.76 53.62
C ASP A 32 37.76 -64.59 54.61
N ALA A 33 38.86 -64.26 55.29
CA ALA A 33 38.87 -63.18 56.31
C ALA A 33 38.52 -61.84 55.64
N ARG A 34 39.14 -61.53 54.49
CA ARG A 34 38.89 -60.24 53.80
C ARG A 34 37.38 -60.02 53.61
N ILE A 35 36.62 -61.08 53.36
CA ILE A 35 35.16 -60.96 53.09
C ILE A 35 34.37 -61.23 54.37
N PRO A 36 33.18 -60.61 54.59
CA PRO A 36 32.28 -61.00 55.69
C PRO A 36 31.68 -62.39 55.42
N SER A 37 31.33 -63.15 56.46
CA SER A 37 30.75 -64.51 56.30
C SER A 37 29.24 -64.40 56.02
N LEU A 38 28.68 -65.45 55.43
CA LEU A 38 27.26 -65.53 54.99
C LEU A 38 26.35 -65.59 56.22
N ALA A 39 26.76 -66.33 57.27
CA ALA A 39 26.13 -66.39 58.60
C ALA A 39 26.06 -65.01 59.28
N GLU A 40 27.04 -64.15 59.03
CA GLU A 40 27.18 -62.79 59.65
C GLU A 40 26.44 -61.73 58.82
N LEU A 41 26.04 -62.00 57.57
CA LEU A 41 25.28 -61.04 56.72
C LEU A 41 23.83 -60.85 57.20
N GLU A 42 23.20 -61.83 57.87
CA GLU A 42 21.87 -61.66 58.52
C GLU A 42 21.89 -60.61 59.64
N THR A 43 23.06 -60.35 60.26
CA THR A 43 23.17 -59.42 61.41
C THR A 43 23.85 -58.10 61.01
N ILE A 44 24.48 -58.01 59.83
CA ILE A 44 25.31 -56.84 59.46
C ILE A 44 24.42 -55.67 59.04
N GLU A 45 23.20 -55.92 58.57
CA GLU A 45 22.29 -54.89 57.98
C GLU A 45 21.51 -54.18 59.11
N GLN A 46 21.32 -54.82 60.26
CA GLN A 46 20.70 -54.21 61.47
C GLN A 46 21.75 -53.39 62.26
N GLU A 47 23.04 -53.41 61.89
CA GLU A 47 24.11 -52.58 62.51
C GLU A 47 24.72 -51.59 61.50
N GLU A 48 24.66 -51.83 60.18
CA GLU A 48 25.02 -50.84 59.13
C GLU A 48 23.82 -49.93 58.80
N ALA A 49 22.72 -49.97 59.57
CA ALA A 49 21.67 -48.92 59.61
C ALA A 49 22.30 -47.55 59.94
N SER A 50 23.23 -47.53 60.89
CA SER A 50 24.18 -46.41 61.12
C SER A 50 25.48 -46.64 60.33
N SER A 51 26.21 -45.57 60.01
CA SER A 51 27.56 -45.60 59.39
C SER A 51 27.56 -46.19 57.96
N ARG A 52 26.41 -46.47 57.33
CA ARG A 52 26.33 -46.75 55.86
C ARG A 52 24.98 -46.25 55.33
N PRO A 53 24.93 -45.66 54.11
CA PRO A 53 23.67 -45.14 53.55
C PRO A 53 22.78 -46.29 53.04
N LYS A 54 21.51 -45.99 52.82
CA LYS A 54 20.48 -46.98 52.41
C LYS A 54 19.54 -46.30 51.42
N TRP A 55 19.08 -47.01 50.38
CA TRP A 55 18.03 -46.49 49.46
C TRP A 55 16.71 -46.33 50.22
N ASP A 56 15.90 -45.37 49.82
CA ASP A 56 14.55 -45.15 50.42
C ASP A 56 13.55 -46.10 49.79
N ASN A 57 13.60 -46.31 48.47
CA ASN A 57 12.76 -47.28 47.72
C ASN A 57 13.65 -48.14 46.82
N LYS A 58 13.06 -49.14 46.17
CA LYS A 58 13.72 -49.86 45.05
C LYS A 58 13.72 -48.99 43.79
N ALA A 59 12.67 -48.20 43.54
CA ALA A 59 12.55 -47.25 42.40
C ALA A 59 13.72 -46.26 42.38
N GLN A 60 14.19 -45.84 43.56
CA GLN A 60 15.28 -44.85 43.73
C GLN A 60 16.63 -45.45 43.30
N TYR A 61 16.80 -46.75 43.47
CA TYR A 61 17.98 -47.52 43.01
C TYR A 61 17.94 -47.80 41.50
N MET A 62 16.76 -48.16 40.98
CA MET A 62 16.63 -48.55 39.55
C MET A 62 16.76 -47.30 38.69
N LEU A 63 16.15 -46.21 39.13
CA LEU A 63 16.23 -44.90 38.43
C LEU A 63 17.64 -44.29 38.49
N THR A 64 18.44 -44.56 39.53
CA THR A 64 19.83 -44.06 39.64
C THR A 64 20.77 -44.88 38.74
N CYS A 65 20.40 -46.13 38.43
CA CYS A 65 21.19 -47.06 37.58
C CYS A 65 20.83 -46.86 36.11
N LEU A 66 19.57 -46.57 35.82
CA LEU A 66 19.11 -46.25 34.44
C LEU A 66 19.73 -44.93 33.99
N GLY A 67 19.68 -43.93 34.87
CA GLY A 67 20.37 -42.64 34.72
C GLY A 67 21.85 -42.76 34.44
N PHE A 68 22.54 -43.74 35.03
CA PHE A 68 24.01 -43.87 34.88
C PHE A 68 24.28 -44.45 33.49
N CYS A 69 23.52 -45.47 33.10
CA CYS A 69 23.63 -46.10 31.75
C CYS A 69 23.27 -45.07 30.67
N VAL A 70 22.17 -44.35 30.83
CA VAL A 70 21.60 -43.46 29.77
C VAL A 70 22.34 -42.11 29.84
N GLY A 71 22.72 -41.58 28.68
CA GLY A 71 23.55 -40.36 28.58
C GLY A 71 23.66 -39.86 27.16
N LEU A 72 24.51 -38.86 26.96
CA LEU A 72 24.59 -38.09 25.68
C LEU A 72 25.21 -38.98 24.59
N GLY A 73 25.93 -40.05 25.00
CA GLY A 73 26.44 -41.13 24.14
C GLY A 73 25.35 -41.69 23.27
N ASN A 74 24.35 -42.33 23.88
CA ASN A 74 23.18 -42.91 23.15
C ASN A 74 22.39 -41.83 22.39
N VAL A 75 22.65 -40.54 22.61
CA VAL A 75 22.08 -39.40 21.83
C VAL A 75 22.89 -39.18 20.55
N TRP A 76 24.23 -39.09 20.61
CA TRP A 76 25.05 -38.71 19.43
C TRP A 76 26.18 -39.70 19.14
N ARG A 77 26.12 -40.91 19.67
CA ARG A 77 27.14 -41.95 19.39
C ARG A 77 26.43 -43.18 18.86
N PHE A 78 25.56 -43.77 19.67
CA PHE A 78 24.78 -44.98 19.30
C PHE A 78 24.00 -44.78 17.99
N PRO A 79 23.22 -43.69 17.79
CA PRO A 79 22.40 -43.60 16.57
C PRO A 79 23.29 -43.53 15.33
N TYR A 80 24.37 -42.77 15.42
CA TYR A 80 25.36 -42.65 14.32
C TYR A 80 25.96 -44.01 13.94
N LEU A 81 26.46 -44.78 14.92
CA LEU A 81 27.03 -46.15 14.70
C LEU A 81 25.97 -47.09 14.12
N CYS A 82 24.72 -46.98 14.60
CA CYS A 82 23.63 -47.89 14.14
C CYS A 82 23.44 -47.81 12.62
N GLN A 83 23.75 -46.68 11.98
CA GLN A 83 23.59 -46.43 10.53
C GLN A 83 24.92 -46.61 9.80
N SER A 84 25.99 -45.97 10.28
CA SER A 84 27.35 -46.02 9.66
C SER A 84 27.91 -47.45 9.59
N HIS A 85 27.50 -48.37 10.48
CA HIS A 85 28.02 -49.76 10.53
C HIS A 85 26.98 -50.76 10.02
N GLY A 86 26.49 -50.59 8.79
CA GLY A 86 25.56 -51.53 8.17
C GLY A 86 24.11 -51.32 8.56
N GLY A 87 23.77 -50.17 9.18
CA GLY A 87 22.37 -49.84 9.49
C GLY A 87 21.72 -50.94 10.32
N GLY A 88 20.66 -51.54 9.81
CA GLY A 88 19.94 -52.66 10.46
C GLY A 88 20.89 -53.78 10.90
N ALA A 89 21.90 -54.07 10.08
CA ALA A 89 22.89 -55.14 10.36
C ALA A 89 23.63 -54.86 11.67
N PHE A 90 23.99 -53.59 11.91
CA PHE A 90 24.75 -53.19 13.13
C PHE A 90 24.02 -53.61 14.40
N MET A 91 22.68 -53.64 14.37
CA MET A 91 21.88 -54.04 15.56
C MET A 91 22.27 -55.45 16.00
N ILE A 92 22.57 -56.34 15.05
CA ILE A 92 22.86 -57.77 15.36
C ILE A 92 24.05 -57.80 16.34
N PRO A 93 25.25 -57.29 15.97
CA PRO A 93 26.39 -57.27 16.88
C PRO A 93 26.07 -56.55 18.20
N PHE A 94 25.52 -55.34 18.12
CA PHE A 94 25.21 -54.55 19.34
C PHE A 94 24.51 -55.48 20.34
N LEU A 95 23.40 -56.09 19.92
CA LEU A 95 22.63 -57.01 20.80
C LEU A 95 23.49 -58.21 21.19
N ILE A 96 24.32 -58.71 20.27
CA ILE A 96 25.19 -59.90 20.53
C ILE A 96 26.02 -59.61 21.78
N LEU A 97 26.86 -58.57 21.73
CA LEU A 97 27.80 -58.25 22.84
C LEU A 97 26.98 -57.74 24.03
N LEU A 98 25.79 -57.18 23.78
CA LEU A 98 24.90 -56.67 24.85
C LEU A 98 24.51 -57.83 25.78
N VAL A 99 24.17 -58.97 25.21
CA VAL A 99 23.70 -60.16 26.02
C VAL A 99 24.88 -61.08 26.35
N LEU A 100 25.90 -61.12 25.51
CA LEU A 100 27.09 -61.99 25.73
C LEU A 100 28.01 -61.38 26.79
N GLU A 101 28.04 -60.05 26.93
CA GLU A 101 28.97 -59.38 27.87
C GLU A 101 28.25 -58.36 28.74
N GLY A 102 27.47 -57.45 28.13
CA GLY A 102 26.77 -56.39 28.88
C GLY A 102 26.04 -56.95 30.09
N ILE A 103 25.04 -57.78 29.86
CA ILE A 103 24.18 -58.34 30.96
C ILE A 103 25.07 -59.15 31.91
N PRO A 104 25.89 -60.12 31.40
CA PRO A 104 26.71 -60.97 32.26
C PRO A 104 27.59 -60.16 33.23
N LEU A 105 28.32 -59.18 32.69
CA LEU A 105 29.22 -58.34 33.52
C LEU A 105 28.39 -57.49 34.49
N LEU A 106 27.28 -56.92 34.00
CA LEU A 106 26.36 -56.13 34.86
C LEU A 106 25.99 -56.96 36.08
N TYR A 107 25.38 -58.13 35.84
CA TYR A 107 25.02 -59.05 36.95
C TYR A 107 26.22 -59.19 37.88
N LEU A 108 27.38 -59.56 37.33
CA LEU A 108 28.57 -59.82 38.18
C LEU A 108 28.83 -58.58 39.05
N GLU A 109 28.72 -57.37 38.48
CA GLU A 109 28.94 -56.09 39.20
C GLU A 109 27.88 -55.86 40.28
N PHE A 110 26.61 -56.08 39.99
CA PHE A 110 25.52 -55.91 41.00
C PHE A 110 25.67 -56.91 42.13
N ALA A 111 25.92 -58.17 41.79
CA ALA A 111 25.99 -59.27 42.79
C ALA A 111 27.20 -59.08 43.71
N ILE A 112 28.39 -58.78 43.13
CA ILE A 112 29.64 -58.66 43.93
C ILE A 112 29.57 -57.45 44.87
N GLY A 113 28.87 -56.38 44.49
CA GLY A 113 28.66 -55.20 45.34
C GLY A 113 27.71 -55.48 46.49
N GLN A 114 26.64 -56.24 46.21
CA GLN A 114 25.61 -56.57 47.22
C GLN A 114 26.16 -57.58 48.24
N ARG A 115 27.06 -58.46 47.82
CA ARG A 115 27.66 -59.51 48.69
C ARG A 115 28.72 -58.92 49.61
N LEU A 116 29.71 -58.24 49.06
CA LEU A 116 30.94 -57.83 49.81
C LEU A 116 30.75 -56.48 50.49
N ARG A 117 29.61 -55.80 50.29
CA ARG A 117 29.13 -54.69 51.17
C ARG A 117 30.12 -53.51 51.17
N ARG A 118 30.83 -53.29 50.05
CA ARG A 118 31.83 -52.21 49.86
C ARG A 118 31.68 -51.68 48.42
N GLY A 119 32.33 -50.54 48.13
CA GLY A 119 32.50 -50.03 46.76
C GLY A 119 33.58 -50.80 46.00
N SER A 120 34.00 -50.22 44.86
CA SER A 120 34.89 -50.88 43.87
C SER A 120 36.28 -51.16 44.48
N LEU A 121 36.94 -50.17 45.11
CA LEU A 121 38.28 -50.38 45.73
C LEU A 121 38.18 -51.41 46.86
N GLY A 122 37.13 -51.33 47.68
CA GLY A 122 36.81 -52.30 48.75
C GLY A 122 36.72 -53.72 48.22
N VAL A 123 35.93 -53.93 47.17
CA VAL A 123 35.63 -55.29 46.60
C VAL A 123 36.93 -55.94 46.12
N TRP A 124 37.70 -55.28 45.25
CA TRP A 124 38.86 -55.91 44.56
C TRP A 124 39.99 -56.16 45.57
N SER A 125 40.26 -55.20 46.47
CA SER A 125 41.24 -55.34 47.59
C SER A 125 40.97 -56.60 48.43
N SER A 126 39.69 -56.96 48.64
CA SER A 126 39.26 -58.11 49.47
C SER A 126 39.41 -59.40 48.66
N ILE A 127 38.80 -59.47 47.47
CA ILE A 127 38.99 -60.62 46.52
C ILE A 127 40.47 -61.02 46.56
N HIS A 128 41.38 -60.04 46.54
CA HIS A 128 42.84 -60.24 46.76
C HIS A 128 43.52 -58.87 46.93
N PRO A 129 44.46 -58.69 47.90
CA PRO A 129 45.07 -57.39 48.15
C PRO A 129 45.70 -56.74 46.90
N ALA A 130 46.38 -57.54 46.09
CA ALA A 130 47.05 -57.05 44.86
C ALA A 130 46.04 -56.54 43.83
N LEU A 131 44.76 -56.86 44.00
CA LEU A 131 43.69 -56.41 43.08
C LEU A 131 43.33 -54.94 43.36
N LYS A 132 44.03 -54.28 44.27
CA LYS A 132 43.83 -52.84 44.58
C LYS A 132 43.95 -52.00 43.29
N GLY A 133 44.84 -52.38 42.37
CA GLY A 133 45.00 -51.71 41.08
C GLY A 133 43.69 -51.55 40.33
N LEU A 134 42.80 -52.55 40.41
CA LEU A 134 41.48 -52.50 39.73
C LEU A 134 40.73 -51.26 40.19
N GLY A 135 40.60 -51.07 41.50
CA GLY A 135 39.91 -49.88 42.07
C GLY A 135 40.59 -48.60 41.65
N LEU A 136 41.91 -48.57 41.69
CA LEU A 136 42.72 -47.38 41.30
C LEU A 136 42.39 -47.01 39.85
N ALA A 137 42.42 -47.99 38.95
CA ALA A 137 42.11 -47.78 37.52
C ALA A 137 40.67 -47.30 37.39
N SER A 138 39.73 -47.99 38.01
CA SER A 138 38.28 -47.62 37.98
C SER A 138 38.12 -46.17 38.45
N MET A 139 38.82 -45.80 39.53
CA MET A 139 38.79 -44.42 40.05
C MET A 139 39.44 -43.46 39.05
N LEU A 140 40.60 -43.82 38.48
CA LEU A 140 41.29 -42.99 37.46
C LEU A 140 40.42 -42.84 36.20
N THR A 141 39.67 -43.87 35.83
CA THR A 141 38.85 -43.85 34.60
C THR A 141 37.63 -42.97 34.84
N SER A 142 36.99 -43.10 36.00
CA SER A 142 35.82 -42.27 36.40
C SER A 142 36.20 -40.80 36.51
N PHE A 143 37.42 -40.49 36.92
CA PHE A 143 37.88 -39.09 37.08
C PHE A 143 38.05 -38.46 35.69
N MET A 144 38.60 -39.19 34.72
CA MET A 144 38.93 -38.66 33.37
C MET A 144 37.65 -38.56 32.53
N VAL A 145 36.73 -39.53 32.65
CA VAL A 145 35.45 -39.48 31.88
C VAL A 145 34.57 -38.36 32.46
N GLY A 146 34.44 -38.26 33.78
CA GLY A 146 33.63 -37.21 34.43
C GLY A 146 34.25 -35.82 34.28
N LEU A 147 35.55 -35.73 34.03
CA LEU A 147 36.24 -34.43 33.78
C LEU A 147 35.72 -33.82 32.47
N TYR A 148 35.55 -34.61 31.40
CA TYR A 148 35.14 -34.09 30.07
C TYR A 148 33.62 -34.14 29.92
N TYR A 149 32.90 -35.08 30.55
CA TYR A 149 31.42 -35.05 30.51
C TYR A 149 30.94 -33.79 31.24
N ASN A 150 31.67 -33.23 32.19
CA ASN A 150 31.14 -32.01 32.85
C ASN A 150 31.49 -30.76 32.04
N THR A 151 32.38 -30.84 31.05
CA THR A 151 32.63 -29.72 30.10
C THR A 151 31.54 -29.74 29.03
N ILE A 152 31.12 -30.92 28.60
CA ILE A 152 30.02 -31.06 27.62
C ILE A 152 28.74 -30.52 28.27
N ILE A 153 28.46 -30.82 29.53
CA ILE A 153 27.25 -30.30 30.25
C ILE A 153 27.37 -28.77 30.38
N SER A 154 28.61 -28.28 30.52
CA SER A 154 28.93 -26.84 30.56
C SER A 154 28.45 -26.17 29.27
N TRP A 155 28.74 -26.80 28.15
CA TRP A 155 28.33 -26.32 26.82
C TRP A 155 26.81 -26.41 26.64
N ILE A 156 26.20 -27.49 27.09
CA ILE A 156 24.73 -27.70 26.98
C ILE A 156 24.03 -26.56 27.70
N MET A 157 24.49 -26.19 28.89
CA MET A 157 23.74 -25.20 29.68
C MET A 157 24.07 -23.79 29.18
N TRP A 158 25.18 -23.57 28.45
CA TRP A 158 25.39 -22.33 27.66
C TRP A 158 24.31 -22.19 26.56
N TYR A 159 24.00 -23.28 25.86
CA TYR A 159 22.92 -23.25 24.85
C TYR A 159 21.53 -23.17 25.44
N LEU A 160 21.31 -23.69 26.64
CA LEU A 160 20.01 -23.57 27.34
C LEU A 160 19.79 -22.12 27.79
N PHE A 161 20.81 -21.39 28.24
CA PHE A 161 20.66 -19.98 28.68
C PHE A 161 20.35 -19.06 27.51
N ASN A 162 20.97 -19.32 26.35
CA ASN A 162 20.71 -18.62 25.07
C ASN A 162 19.41 -19.06 24.40
N SER A 163 18.53 -19.86 25.03
CA SER A 163 17.28 -20.37 24.42
C SER A 163 16.09 -19.50 24.80
N PHE A 164 16.28 -18.20 25.12
CA PHE A 164 15.20 -17.30 25.61
C PHE A 164 15.18 -16.03 24.76
N GLN A 165 15.17 -16.24 23.44
CA GLN A 165 15.22 -15.17 22.40
C GLN A 165 14.39 -15.66 21.23
N GLU A 166 13.29 -14.96 20.87
CA GLU A 166 12.36 -15.43 19.79
C GLU A 166 13.19 -15.82 18.57
N PRO A 167 14.07 -14.93 18.02
CA PRO A 167 15.01 -15.32 16.98
C PRO A 167 16.23 -15.86 17.75
N LEU A 168 16.27 -17.18 17.98
CA LEU A 168 17.38 -17.87 18.69
C LEU A 168 18.72 -17.34 18.16
N PRO A 169 19.77 -17.18 18.97
CA PRO A 169 20.98 -16.50 18.51
C PRO A 169 21.78 -17.24 17.41
N TRP A 170 21.51 -18.51 17.13
CA TRP A 170 22.15 -19.30 16.05
C TRP A 170 21.22 -19.31 14.83
N SER A 171 20.37 -18.30 14.67
CA SER A 171 19.34 -18.26 13.60
C SER A 171 19.83 -17.40 12.43
N ASP A 172 20.68 -16.40 12.67
CA ASP A 172 21.07 -15.39 11.66
C ASP A 172 22.56 -15.11 11.70
N CYS A 173 23.08 -14.48 10.65
CA CYS A 173 24.51 -14.15 10.51
C CYS A 173 24.80 -12.84 11.23
N PRO A 174 25.94 -12.69 11.97
CA PRO A 174 26.39 -11.38 12.46
C PRO A 174 26.82 -10.43 11.33
N LEU A 175 25.99 -9.43 11.04
CA LEU A 175 26.28 -8.29 10.09
C LEU A 175 27.66 -7.64 10.35
N TYR A 182 27.52 -8.99 7.02
CA TYR A 182 27.58 -10.39 7.49
C TYR A 182 29.04 -10.87 7.51
N VAL A 183 29.48 -11.38 8.68
CA VAL A 183 30.85 -11.92 8.85
C VAL A 183 31.14 -12.89 7.69
N ASP A 184 32.24 -12.70 6.98
CA ASP A 184 32.55 -13.55 5.79
C ASP A 184 32.60 -15.01 6.23
N GLU A 185 33.28 -15.27 7.36
CA GLU A 185 33.32 -16.64 7.95
C GLU A 185 31.88 -17.15 8.12
N CYS A 186 31.05 -16.37 8.80
CA CYS A 186 29.64 -16.74 9.06
C CYS A 186 28.87 -16.80 7.74
N ALA A 187 29.14 -15.89 6.82
CA ALA A 187 28.49 -15.89 5.48
C ALA A 187 28.73 -17.25 4.82
N ARG A 188 29.95 -17.76 4.92
CA ARG A 188 30.26 -19.13 4.42
C ARG A 188 29.65 -20.12 5.42
N SER A 189 29.41 -21.36 5.02
CA SER A 189 28.75 -22.38 5.88
C SER A 189 27.38 -21.84 6.34
N SER A 190 27.13 -21.66 7.63
CA SER A 190 25.83 -21.22 8.17
C SER A 190 25.99 -20.50 9.50
N PRO A 191 24.97 -19.73 9.97
CA PRO A 191 25.02 -19.07 11.28
C PRO A 191 25.24 -20.07 12.42
N VAL A 192 24.59 -21.23 12.36
CA VAL A 192 24.72 -22.30 13.39
C VAL A 192 26.18 -22.71 13.50
N ASP A 193 26.81 -23.02 12.37
CA ASP A 193 28.25 -23.39 12.34
C ASP A 193 29.09 -22.22 12.87
N TYR A 194 28.55 -21.01 12.82
CA TYR A 194 29.25 -19.81 13.30
C TYR A 194 29.02 -19.59 14.80
N PHE A 195 27.82 -19.87 15.29
CA PHE A 195 27.51 -19.70 16.73
C PHE A 195 28.32 -20.68 17.61
N TRP A 196 28.63 -21.86 17.07
CA TRP A 196 29.36 -22.92 17.78
C TRP A 196 30.86 -22.64 17.75
N TYR A 197 31.44 -22.49 16.58
CA TYR A 197 32.93 -22.37 16.48
C TYR A 197 33.44 -20.97 16.86
N ARG A 198 32.63 -19.92 16.73
CA ARG A 198 33.08 -18.54 16.99
C ARG A 198 32.37 -17.96 18.21
N GLU A 199 31.04 -17.85 18.17
CA GLU A 199 30.27 -17.20 19.26
C GLU A 199 30.37 -18.03 20.55
N THR A 200 30.42 -19.35 20.44
CA THR A 200 30.45 -20.25 21.64
C THR A 200 31.88 -20.73 21.91
N LEU A 201 32.60 -21.18 20.91
CA LEU A 201 33.94 -21.79 21.13
C LEU A 201 35.07 -20.80 20.94
N ASN A 202 34.97 -19.86 19.99
CA ASN A 202 36.14 -18.99 19.71
C ASN A 202 37.29 -19.99 19.46
N ILE A 203 37.01 -21.02 18.65
CA ILE A 203 37.99 -22.13 18.43
C ILE A 203 39.20 -21.60 17.66
N SER A 204 40.37 -22.20 17.88
CA SER A 204 41.62 -21.89 17.14
C SER A 204 41.66 -22.73 15.85
N THR A 205 42.82 -22.86 15.22
CA THR A 205 43.01 -23.69 14.01
C THR A 205 43.91 -24.89 14.33
N SER A 206 44.39 -25.05 15.56
CA SER A 206 45.33 -26.15 15.95
C SER A 206 45.29 -26.41 17.45
N ILE A 207 45.81 -27.55 17.89
CA ILE A 207 45.92 -27.88 19.34
C ILE A 207 47.16 -27.17 19.89
N SER A 208 48.09 -26.82 19.00
CA SER A 208 49.29 -26.03 19.35
C SER A 208 48.91 -24.57 19.60
N ASP A 209 47.63 -24.19 19.44
CA ASP A 209 47.16 -22.81 19.60
C ASP A 209 46.19 -22.70 20.78
N SER A 210 46.71 -22.49 21.99
CA SER A 210 45.87 -22.21 23.20
C SER A 210 45.84 -20.70 23.40
N GLY A 211 44.77 -20.18 24.03
CA GLY A 211 44.61 -18.73 24.25
C GLY A 211 44.09 -18.41 25.63
N SER A 212 43.06 -17.55 25.71
CA SER A 212 42.54 -17.02 27.00
C SER A 212 41.28 -17.80 27.41
N ILE A 213 41.14 -18.06 28.71
CA ILE A 213 39.90 -18.68 29.27
C ILE A 213 38.71 -17.87 28.74
N GLN A 214 37.78 -18.50 28.05
CA GLN A 214 36.54 -17.83 27.59
C GLN A 214 35.69 -17.60 28.85
N TRP A 215 35.60 -16.37 29.34
CA TRP A 215 34.93 -16.05 30.63
C TRP A 215 33.55 -16.73 30.68
N TRP A 216 32.69 -16.49 29.68
CA TRP A 216 31.32 -17.05 29.64
C TRP A 216 31.40 -18.59 29.74
N MET A 217 32.36 -19.20 29.03
CA MET A 217 32.59 -20.67 29.11
C MET A 217 32.95 -21.03 30.55
N LEU A 218 33.91 -20.33 31.15
CA LEU A 218 34.28 -20.58 32.59
C LEU A 218 33.02 -20.43 33.45
N LEU A 219 32.27 -19.33 33.28
CA LEU A 219 31.01 -19.13 34.04
C LEU A 219 30.12 -20.37 33.94
N CYS A 220 29.95 -20.88 32.73
CA CYS A 220 29.07 -22.07 32.53
C CYS A 220 29.71 -23.30 33.18
N LEU A 221 31.04 -23.42 33.14
CA LEU A 221 31.76 -24.53 33.80
C LEU A 221 31.49 -24.46 35.31
N ALA A 222 31.58 -23.27 35.89
CA ALA A 222 31.27 -23.05 37.31
C ALA A 222 29.85 -23.58 37.56
N CYS A 223 28.90 -23.12 36.75
CA CYS A 223 27.48 -23.49 36.94
C CYS A 223 27.34 -25.02 36.91
N ALA A 224 28.01 -25.70 35.97
CA ALA A 224 27.92 -27.18 35.83
C ALA A 224 28.40 -27.85 37.12
N TRP A 225 29.62 -27.51 37.58
CA TRP A 225 30.19 -28.16 38.79
C TRP A 225 29.34 -27.80 40.02
N SER A 226 28.81 -26.58 40.08
CA SER A 226 27.92 -26.13 41.19
C SER A 226 26.64 -26.97 41.22
N VAL A 227 26.00 -27.18 40.06
CA VAL A 227 24.73 -27.96 40.02
C VAL A 227 25.05 -29.41 40.44
N LEU A 228 26.24 -29.90 40.09
CA LEU A 228 26.61 -31.30 40.41
C LEU A 228 26.83 -31.45 41.92
N TYR A 229 27.48 -30.46 42.54
CA TYR A 229 27.77 -30.52 43.99
C TYR A 229 26.46 -30.59 44.78
N MET A 230 25.52 -29.69 44.46
CA MET A 230 24.21 -29.64 45.17
C MET A 230 23.54 -31.02 45.13
N CYS A 231 23.66 -31.72 44.01
CA CYS A 231 23.01 -33.05 43.83
C CYS A 231 23.83 -34.16 44.50
N THR A 232 25.15 -34.03 44.57
CA THR A 232 26.01 -35.11 45.10
C THR A 232 26.70 -34.70 46.41
N ILE A 233 26.37 -33.55 46.98
CA ILE A 233 27.05 -33.02 48.21
C ILE A 233 27.00 -34.09 49.32
N ARG A 234 25.79 -34.53 49.68
CA ARG A 234 25.62 -35.53 50.77
C ARG A 234 26.01 -36.90 50.20
N GLY A 235 25.29 -37.35 49.17
CA GLY A 235 25.62 -38.64 48.53
C GLY A 235 24.46 -39.24 47.79
N ILE A 236 24.41 -40.57 47.73
CA ILE A 236 23.31 -41.32 47.05
C ILE A 236 21.95 -40.86 47.59
N GLU A 237 21.91 -40.42 48.83
CA GLU A 237 20.71 -39.84 49.48
C GLU A 237 20.25 -38.60 48.71
N THR A 238 21.15 -37.63 48.51
CA THR A 238 20.82 -36.36 47.81
C THR A 238 20.53 -36.67 46.35
N THR A 239 21.40 -37.46 45.70
CA THR A 239 21.20 -37.87 44.29
C THR A 239 19.88 -38.65 44.19
N GLY A 240 19.61 -39.51 45.18
CA GLY A 240 18.38 -40.32 45.20
C GLY A 240 17.14 -39.52 44.83
N LYS A 241 17.09 -38.26 45.26
CA LYS A 241 15.96 -37.35 44.92
C LYS A 241 16.14 -36.84 43.49
N ALA A 242 17.34 -36.36 43.15
CA ALA A 242 17.63 -35.75 41.83
C ALA A 242 17.52 -36.80 40.70
N VAL A 243 18.04 -38.00 40.94
CA VAL A 243 18.06 -39.09 39.90
C VAL A 243 16.65 -39.24 39.33
N TYR A 244 15.62 -39.20 40.19
CA TYR A 244 14.23 -39.45 39.75
C TYR A 244 13.93 -38.55 38.54
N ILE A 245 14.06 -37.24 38.73
CA ILE A 245 13.74 -36.24 37.65
C ILE A 245 14.76 -36.36 36.52
N THR A 246 16.03 -36.53 36.85
CA THR A 246 17.12 -36.60 35.83
C THR A 246 16.95 -37.88 35.01
N SER A 247 16.17 -38.85 35.50
CA SER A 247 15.88 -40.11 34.77
C SER A 247 14.47 -40.10 34.22
N THR A 248 13.59 -39.23 34.74
CA THR A 248 12.18 -39.14 34.28
C THR A 248 12.06 -38.11 33.17
N LEU A 249 12.36 -36.84 33.48
CA LEU A 249 12.30 -35.72 32.49
C LEU A 249 12.77 -36.18 31.11
N PRO A 250 13.97 -36.81 30.98
CA PRO A 250 14.46 -37.21 29.64
C PRO A 250 13.43 -38.02 28.85
N TYR A 251 12.80 -39.01 29.48
CA TYR A 251 11.84 -39.90 28.77
C TYR A 251 10.63 -39.09 28.31
N VAL A 252 10.08 -38.26 29.21
CA VAL A 252 8.90 -37.41 28.88
C VAL A 252 9.26 -36.54 27.67
N VAL A 253 10.39 -35.84 27.73
CA VAL A 253 10.80 -34.90 26.65
C VAL A 253 11.08 -35.71 25.37
N LEU A 254 11.81 -36.81 25.49
CA LEU A 254 12.12 -37.68 24.32
C LEU A 254 10.81 -38.09 23.63
N THR A 255 9.79 -38.43 24.42
CA THR A 255 8.46 -38.78 23.86
C THR A 255 7.87 -37.57 23.14
N ILE A 256 7.78 -36.43 23.84
CA ILE A 256 7.20 -35.19 23.24
C ILE A 256 7.90 -34.94 21.88
N PHE A 257 9.20 -35.22 21.81
CA PHE A 257 9.98 -34.98 20.57
C PHE A 257 9.58 -35.95 19.47
N LEU A 258 9.31 -37.21 19.82
CA LEU A 258 8.94 -38.24 18.80
C LEU A 258 7.63 -37.85 18.11
N ILE A 259 6.62 -37.42 18.88
CA ILE A 259 5.27 -37.09 18.33
C ILE A 259 5.37 -35.76 17.56
N ARG A 260 6.37 -34.92 17.84
CA ARG A 260 6.61 -33.69 17.04
C ARG A 260 7.46 -34.05 15.82
N GLY A 261 8.53 -34.81 16.04
CA GLY A 261 9.44 -35.26 14.96
C GLY A 261 8.69 -35.95 13.84
N LEU A 262 7.71 -36.81 14.18
CA LEU A 262 6.96 -37.61 13.17
C LEU A 262 5.86 -36.79 12.49
N THR A 263 5.70 -35.51 12.81
CA THR A 263 4.77 -34.58 12.09
C THR A 263 5.57 -33.71 11.12
N LEU A 264 6.86 -33.53 11.36
CA LEU A 264 7.75 -32.72 10.49
C LEU A 264 7.97 -33.51 9.20
N LYS A 265 7.71 -32.90 8.04
CA LYS A 265 7.84 -33.57 6.71
C LYS A 265 9.27 -34.13 6.54
N GLY A 266 9.41 -35.30 5.93
CA GLY A 266 10.73 -35.94 5.71
C GLY A 266 11.23 -36.79 6.85
N ALA A 267 10.51 -36.81 7.98
CA ALA A 267 10.93 -37.56 9.18
C ALA A 267 11.13 -39.05 8.85
N THR A 268 10.18 -39.65 8.15
CA THR A 268 10.23 -41.08 7.73
C THR A 268 11.48 -41.33 6.89
N ASN A 269 11.82 -40.42 5.99
CA ASN A 269 13.01 -40.56 5.10
C ASN A 269 14.23 -40.84 6.00
N GLY A 270 14.38 -40.08 7.08
CA GLY A 270 15.48 -40.29 8.04
C GLY A 270 15.40 -41.62 8.75
N ILE A 271 14.21 -42.01 9.20
CA ILE A 271 14.01 -43.30 9.94
C ILE A 271 14.39 -44.43 8.99
N VAL A 272 13.76 -44.45 7.81
CA VAL A 272 14.08 -45.48 6.77
C VAL A 272 15.61 -45.50 6.56
N PHE A 273 16.21 -44.33 6.50
CA PHE A 273 17.67 -44.17 6.31
C PHE A 273 18.45 -44.89 7.42
N LEU A 274 18.02 -44.74 8.66
CA LEU A 274 18.66 -45.38 9.84
C LEU A 274 18.59 -46.91 9.69
N PHE A 275 17.45 -47.44 9.25
CA PHE A 275 17.22 -48.91 9.21
C PHE A 275 17.29 -49.46 7.80
N THR A 276 18.24 -49.02 6.98
CA THR A 276 18.54 -49.69 5.68
C THR A 276 19.69 -50.63 6.01
N PRO A 277 19.54 -51.98 5.89
CA PRO A 277 20.61 -52.90 6.32
C PRO A 277 21.74 -53.13 5.30
N ASN A 278 22.97 -52.79 5.69
CA ASN A 278 24.15 -53.09 4.83
C ASN A 278 24.82 -54.32 5.45
N VAL A 279 24.48 -55.52 4.97
CA VAL A 279 25.01 -56.79 5.55
C VAL A 279 26.53 -56.91 5.35
N THR A 280 27.13 -56.18 4.41
CA THR A 280 28.59 -56.26 4.15
C THR A 280 29.34 -55.66 5.36
N GLU A 281 28.75 -54.68 6.06
CA GLU A 281 29.46 -54.00 7.18
C GLU A 281 29.59 -54.96 8.39
N LEU A 282 28.83 -56.07 8.44
CA LEU A 282 29.02 -57.10 9.50
C LEU A 282 30.40 -57.76 9.38
N ALA A 283 30.97 -57.87 8.18
CA ALA A 283 32.24 -58.60 7.97
C ALA A 283 33.43 -57.64 8.11
N GLN A 284 33.43 -56.80 9.14
CA GLN A 284 34.49 -55.78 9.37
C GLN A 284 34.98 -55.82 10.81
N PRO A 285 36.31 -55.77 11.08
CA PRO A 285 36.83 -55.72 12.46
C PRO A 285 36.56 -54.38 13.16
N ASP A 286 36.22 -53.33 12.40
CA ASP A 286 35.94 -51.98 12.97
C ASP A 286 34.50 -51.93 13.51
N THR A 287 33.58 -52.70 12.91
CA THR A 287 32.17 -52.77 13.35
C THR A 287 32.06 -53.30 14.78
N TRP A 288 32.61 -54.49 15.02
CA TRP A 288 32.40 -55.22 16.30
C TRP A 288 33.20 -54.55 17.43
N LEU A 289 34.23 -53.75 17.14
CA LEU A 289 34.96 -53.00 18.20
C LEU A 289 34.05 -51.90 18.75
N ASP A 290 33.51 -51.06 17.85
CA ASP A 290 32.59 -49.97 18.24
C ASP A 290 31.35 -50.57 18.90
N ALA A 291 30.76 -51.58 18.27
CA ALA A 291 29.59 -52.29 18.86
C ALA A 291 29.99 -52.85 20.24
N GLY A 292 31.25 -53.27 20.39
CA GLY A 292 31.76 -53.76 21.68
C GLY A 292 31.98 -52.64 22.67
N ALA A 293 32.62 -51.55 22.25
CA ALA A 293 32.93 -50.40 23.11
C ALA A 293 31.64 -49.67 23.51
N GLN A 294 30.60 -49.75 22.67
CA GLN A 294 29.31 -49.06 22.96
C GLN A 294 28.59 -49.79 24.09
N VAL A 295 28.55 -51.13 24.05
CA VAL A 295 27.88 -51.92 25.13
C VAL A 295 28.56 -51.58 26.47
N PHE A 296 29.89 -51.40 26.48
CA PHE A 296 30.63 -51.20 27.77
C PHE A 296 30.39 -49.78 28.31
N PHE A 297 30.42 -48.74 27.47
CA PHE A 297 30.19 -47.34 27.94
C PHE A 297 28.69 -47.17 28.21
N SER A 298 27.81 -47.76 27.40
CA SER A 298 26.34 -47.65 27.57
C SER A 298 25.86 -48.31 28.87
N PHE A 299 26.63 -49.23 29.43
CA PHE A 299 26.25 -49.98 30.66
C PHE A 299 27.01 -49.42 31.87
N SER A 300 27.85 -48.39 31.68
CA SER A 300 28.66 -47.78 32.77
C SER A 300 29.46 -48.84 33.54
N LEU A 301 29.94 -49.87 32.83
CA LEU A 301 30.70 -50.99 33.44
C LEU A 301 32.16 -50.55 33.58
N ALA A 302 32.91 -51.20 34.49
CA ALA A 302 34.35 -50.93 34.73
C ALA A 302 34.60 -49.48 35.20
N PHE A 303 33.58 -48.79 35.69
CA PHE A 303 33.73 -47.47 36.34
C PHE A 303 33.73 -47.71 37.85
N GLY A 304 32.81 -48.54 38.34
CA GLY A 304 32.72 -48.98 39.73
C GLY A 304 31.53 -48.40 40.44
N GLY A 305 31.07 -47.20 40.08
CA GLY A 305 29.84 -46.57 40.63
C GLY A 305 28.69 -47.56 40.80
N LEU A 306 28.45 -48.40 39.80
CA LEU A 306 27.37 -49.43 39.84
C LEU A 306 27.55 -50.34 41.06
N ILE A 307 28.76 -50.78 41.31
CA ILE A 307 29.08 -51.72 42.43
C ILE A 307 28.70 -50.99 43.73
N SER A 308 29.13 -49.73 43.87
CA SER A 308 28.84 -48.92 45.08
C SER A 308 27.32 -48.81 45.27
N PHE A 309 26.59 -48.49 44.20
CA PHE A 309 25.12 -48.33 44.27
C PHE A 309 24.48 -49.64 44.73
N SER A 310 24.92 -50.77 44.18
CA SER A 310 24.34 -52.10 44.51
C SER A 310 24.62 -52.42 45.99
N SER A 311 25.79 -52.04 46.50
CA SER A 311 26.20 -52.42 47.88
C SER A 311 25.30 -51.79 48.95
N TYR A 312 24.39 -50.87 48.60
CA TYR A 312 23.45 -50.25 49.57
C TYR A 312 22.11 -50.97 49.63
N ASN A 313 21.85 -51.94 48.74
CA ASN A 313 20.57 -52.69 48.77
C ASN A 313 20.53 -53.63 49.98
N SER A 314 19.40 -54.26 50.24
CA SER A 314 19.28 -55.37 51.23
C SER A 314 20.10 -56.56 50.74
N VAL A 315 20.51 -57.43 51.64
CA VAL A 315 21.32 -58.65 51.28
C VAL A 315 20.44 -59.62 50.47
N HIS A 316 19.12 -59.63 50.70
CA HIS A 316 18.18 -60.58 50.02
C HIS A 316 17.50 -59.90 48.82
N ASN A 317 18.11 -58.85 48.27
CA ASN A 317 17.59 -58.17 47.06
C ASN A 317 17.85 -59.07 45.84
N ASN A 318 16.88 -59.22 44.94
CA ASN A 318 17.08 -60.00 43.69
C ASN A 318 17.88 -59.14 42.71
N CYS A 319 19.19 -59.37 42.59
CA CYS A 319 20.09 -58.61 41.67
C CYS A 319 20.16 -59.31 40.31
N GLU A 320 19.58 -60.50 40.16
CA GLU A 320 19.49 -61.20 38.86
C GLU A 320 18.38 -60.56 38.04
N LYS A 321 17.24 -60.28 38.68
CA LYS A 321 16.07 -59.64 38.02
C LYS A 321 16.37 -58.16 37.73
N ASP A 322 17.23 -57.52 38.53
CA ASP A 322 17.57 -56.08 38.36
C ASP A 322 18.48 -55.90 37.14
N SER A 323 19.40 -56.83 36.90
CA SER A 323 20.37 -56.73 35.78
C SER A 323 19.67 -57.00 34.45
N VAL A 324 18.58 -57.76 34.47
CA VAL A 324 17.82 -58.10 33.23
C VAL A 324 16.92 -56.90 32.91
N ILE A 325 16.27 -56.31 33.91
CA ILE A 325 15.36 -55.15 33.72
C ILE A 325 16.16 -53.93 33.22
N VAL A 326 17.36 -53.67 33.78
CA VAL A 326 18.15 -52.45 33.42
C VAL A 326 18.69 -52.60 32.00
N SER A 327 19.15 -53.80 31.62
CA SER A 327 19.69 -54.06 30.26
C SER A 327 18.56 -53.98 29.22
N ILE A 328 17.38 -54.50 29.57
CA ILE A 328 16.19 -54.47 28.65
C ILE A 328 15.84 -53.02 28.36
N ILE A 329 15.84 -52.18 29.40
CA ILE A 329 15.49 -50.73 29.23
C ILE A 329 16.63 -50.06 28.42
N ASN A 330 17.89 -50.46 28.62
CA ASN A 330 19.03 -49.83 27.92
C ASN A 330 19.02 -50.18 26.43
N GLY A 331 18.63 -51.41 26.06
CA GLY A 331 18.50 -51.82 24.65
C GLY A 331 17.33 -51.12 23.96
N PHE A 332 16.22 -50.92 24.67
CA PHE A 332 15.01 -50.24 24.11
C PHE A 332 15.27 -48.74 24.02
N THR A 333 15.90 -48.13 25.04
CA THR A 333 16.21 -46.67 25.05
C THR A 333 17.17 -46.38 23.89
N SER A 334 18.19 -47.21 23.71
CA SER A 334 19.24 -47.01 22.67
C SER A 334 18.57 -46.77 21.30
N VAL A 335 17.69 -47.68 20.90
CA VAL A 335 17.00 -47.61 19.57
C VAL A 335 15.95 -46.49 19.61
N TYR A 336 15.25 -46.32 20.74
CA TYR A 336 14.17 -45.32 20.87
C TYR A 336 14.71 -43.90 20.66
N VAL A 337 15.91 -43.64 21.15
CA VAL A 337 16.58 -42.32 21.00
C VAL A 337 17.05 -42.19 19.55
N ALA A 338 17.52 -43.29 18.96
CA ALA A 338 17.95 -43.31 17.53
C ALA A 338 16.76 -43.00 16.61
N ILE A 339 15.54 -43.41 16.98
CA ILE A 339 14.32 -43.09 16.19
C ILE A 339 14.08 -41.57 16.27
N VAL A 340 14.25 -40.97 17.45
CA VAL A 340 14.01 -39.52 17.66
C VAL A 340 15.08 -38.72 16.91
N VAL A 341 16.34 -39.14 16.99
CA VAL A 341 17.47 -38.39 16.36
C VAL A 341 17.28 -38.41 14.84
N TYR A 342 17.01 -39.57 14.26
CA TYR A 342 16.93 -39.70 12.77
C TYR A 342 15.61 -39.13 12.25
N SER A 343 14.63 -38.85 13.10
CA SER A 343 13.41 -38.12 12.69
C SER A 343 13.79 -36.67 12.40
N VAL A 344 14.69 -36.12 13.21
CA VAL A 344 15.12 -34.71 13.06
C VAL A 344 16.09 -34.64 11.88
N ILE A 345 16.95 -35.64 11.73
CA ILE A 345 17.92 -35.68 10.60
C ILE A 345 17.15 -35.75 9.27
N GLY A 346 16.05 -36.51 9.23
CA GLY A 346 15.21 -36.65 8.04
C GLY A 346 14.44 -35.39 7.70
N PHE A 347 14.00 -34.65 8.70
CA PHE A 347 13.26 -33.37 8.52
C PHE A 347 14.25 -32.31 8.04
N ARG A 348 15.41 -32.25 8.68
CA ARG A 348 16.42 -31.23 8.35
C ARG A 348 16.94 -31.45 6.92
N ALA A 349 17.08 -32.70 6.51
CA ALA A 349 17.60 -33.01 5.15
C ALA A 349 16.50 -32.75 4.13
N THR A 350 15.25 -33.07 4.47
CA THR A 350 14.09 -32.81 3.57
C THR A 350 13.95 -31.31 3.35
N GLN A 351 14.30 -30.50 4.34
CA GLN A 351 14.25 -29.02 4.21
C GLN A 351 15.37 -28.59 3.25
N ARG A 352 16.61 -28.96 3.58
CA ARG A 352 17.78 -28.61 2.73
C ARG A 352 17.44 -28.89 1.28
N TYR A 353 17.13 -30.17 0.99
CA TYR A 353 16.89 -30.65 -0.39
C TYR A 353 15.84 -29.75 -1.06
N ASP A 354 14.70 -29.56 -0.42
CA ASP A 354 13.61 -28.74 -1.01
C ASP A 354 14.13 -27.32 -1.30
N ASP A 355 14.87 -26.73 -0.37
CA ASP A 355 15.39 -25.35 -0.53
C ASP A 355 16.32 -25.28 -1.75
N CYS A 356 17.22 -26.25 -1.89
CA CYS A 356 18.18 -26.29 -3.03
C CYS A 356 17.39 -26.42 -4.33
N PHE A 357 16.38 -27.29 -4.34
CA PHE A 357 15.55 -27.51 -5.55
C PHE A 357 14.86 -26.19 -5.92
N SER A 358 14.35 -25.48 -4.91
CA SER A 358 13.64 -24.19 -5.11
C SER A 358 14.62 -23.17 -5.70
N THR A 359 15.85 -23.13 -5.21
CA THR A 359 16.88 -22.21 -5.73
C THR A 359 17.13 -22.53 -7.20
N ASN A 360 17.27 -23.82 -7.51
CA ASN A 360 17.50 -24.27 -8.91
C ASN A 360 16.34 -23.78 -9.79
N ILE A 361 15.10 -23.92 -9.30
CA ILE A 361 13.89 -23.52 -10.08
C ILE A 361 13.94 -21.99 -10.31
N LEU A 362 14.21 -21.22 -9.25
CA LEU A 362 14.25 -19.74 -9.34
C LEU A 362 15.32 -19.34 -10.37
N THR A 363 16.45 -20.06 -10.40
CA THR A 363 17.51 -19.81 -11.40
C THR A 363 16.92 -19.89 -12.83
N LEU A 364 16.20 -20.97 -13.10
CA LEU A 364 15.60 -21.18 -14.45
C LEU A 364 14.56 -20.07 -14.75
N ILE A 365 13.66 -19.79 -13.80
CA ILE A 365 12.56 -18.80 -14.03
C ILE A 365 13.19 -17.43 -14.28
N ASN A 366 14.21 -17.06 -13.51
CA ASN A 366 14.89 -15.77 -13.66
C ASN A 366 15.64 -15.74 -14.98
N GLY A 367 16.23 -16.88 -15.38
CA GLY A 367 16.98 -16.98 -16.65
C GLY A 367 16.09 -16.86 -17.87
N PHE A 368 14.87 -17.41 -17.83
CA PHE A 368 13.98 -17.43 -19.03
C PHE A 368 12.70 -16.66 -18.75
N ASP A 369 12.64 -15.87 -17.67
CA ASP A 369 11.42 -15.08 -17.35
C ASP A 369 10.19 -15.97 -17.51
N LEU A 370 10.28 -17.23 -17.08
CA LEU A 370 9.12 -18.14 -17.15
C LEU A 370 8.08 -17.66 -16.13
N PRO A 371 6.76 -17.85 -16.35
CA PRO A 371 5.77 -17.53 -15.33
C PRO A 371 6.07 -18.33 -14.05
N GLU A 372 5.79 -17.73 -12.89
CA GLU A 372 5.97 -18.40 -11.58
C GLU A 372 4.87 -19.44 -11.39
N GLY A 373 5.22 -20.64 -10.91
CA GLY A 373 4.29 -21.77 -10.79
C GLY A 373 4.22 -22.60 -12.05
N ASN A 374 4.64 -22.06 -13.20
CA ASN A 374 4.74 -22.84 -14.45
C ASN A 374 5.76 -23.98 -14.29
N VAL A 375 6.93 -23.66 -13.79
CA VAL A 375 8.00 -24.67 -13.50
C VAL A 375 7.71 -25.22 -12.11
N THR A 376 7.79 -26.53 -11.93
CA THR A 376 7.51 -27.21 -10.64
C THR A 376 8.53 -28.32 -10.42
N GLN A 377 8.64 -28.79 -9.18
CA GLN A 377 9.63 -29.84 -8.82
C GLN A 377 9.45 -31.06 -9.75
N GLU A 378 8.24 -31.32 -10.22
CA GLU A 378 7.93 -32.49 -11.08
C GLU A 378 8.36 -32.23 -12.54
N ASN A 379 8.09 -31.04 -13.07
CA ASN A 379 8.35 -30.77 -14.51
C ASN A 379 9.64 -29.96 -14.67
N PHE A 380 10.44 -29.82 -13.59
CA PHE A 380 11.66 -28.96 -13.64
C PHE A 380 12.63 -29.49 -14.71
N VAL A 381 12.87 -30.79 -14.74
CA VAL A 381 13.83 -31.41 -15.71
C VAL A 381 13.40 -31.11 -17.15
N ASP A 382 12.15 -31.38 -17.49
CA ASP A 382 11.65 -31.20 -18.89
C ASP A 382 11.71 -29.70 -19.22
N MET A 383 11.25 -28.84 -18.29
CA MET A 383 11.29 -27.38 -18.51
C MET A 383 12.74 -26.93 -18.71
N GLN A 384 13.67 -27.52 -17.95
CA GLN A 384 15.12 -27.22 -18.07
C GLN A 384 15.56 -27.55 -19.51
N GLN A 385 15.17 -28.71 -20.01
CA GLN A 385 15.52 -29.15 -21.39
C GLN A 385 14.89 -28.17 -22.40
N ARG A 386 13.60 -27.87 -22.23
CA ARG A 386 12.90 -26.94 -23.17
C ARG A 386 13.65 -25.60 -23.20
N CYS A 387 13.99 -25.06 -22.03
CA CYS A 387 14.70 -23.75 -21.94
C CYS A 387 16.04 -23.86 -22.67
N ASN A 388 16.81 -24.91 -22.38
CA ASN A 388 18.14 -25.09 -23.02
C ASN A 388 17.97 -25.17 -24.54
N ALA A 389 16.96 -25.92 -25.01
CA ALA A 389 16.65 -26.01 -26.46
C ALA A 389 16.37 -24.61 -27.00
N SER A 390 15.49 -23.87 -26.33
CA SER A 390 15.10 -22.50 -26.78
C SER A 390 16.33 -21.58 -26.79
N ASP A 391 17.10 -21.55 -25.71
CA ASP A 391 18.27 -20.62 -25.58
C ASP A 391 19.43 -21.35 -24.92
N PRO A 392 20.31 -22.05 -25.69
CA PRO A 392 21.43 -22.79 -25.09
C PRO A 392 22.44 -21.86 -24.43
N ALA A 393 22.75 -20.74 -25.08
CA ALA A 393 23.72 -19.74 -24.56
C ALA A 393 23.27 -19.26 -23.18
N ALA A 394 22.03 -18.80 -23.08
CA ALA A 394 21.45 -18.30 -21.81
C ALA A 394 21.46 -19.44 -20.79
N TYR A 395 21.02 -20.62 -21.20
CA TYR A 395 20.96 -21.81 -20.30
C TYR A 395 22.38 -22.13 -19.83
N ALA A 396 23.36 -22.03 -20.73
CA ALA A 396 24.78 -22.29 -20.41
C ALA A 396 25.20 -21.37 -19.26
N GLN A 397 24.79 -20.10 -19.32
CA GLN A 397 25.09 -19.11 -18.25
C GLN A 397 24.46 -19.57 -16.93
N LEU A 398 23.25 -20.15 -17.00
CA LEU A 398 22.54 -20.63 -15.79
C LEU A 398 23.36 -21.70 -15.07
N VAL A 399 23.45 -21.64 -13.75
CA VAL A 399 24.19 -22.64 -12.91
C VAL A 399 23.19 -23.28 -11.94
N PHE A 400 23.15 -24.61 -11.89
CA PHE A 400 22.19 -25.35 -11.04
C PHE A 400 22.96 -26.18 -10.01
N GLN A 401 22.51 -26.19 -8.76
CA GLN A 401 23.15 -26.93 -7.66
C GLN A 401 22.75 -28.41 -7.76
N THR A 402 23.54 -29.30 -7.19
CA THR A 402 23.21 -30.75 -7.09
C THR A 402 22.29 -30.95 -5.89
N CYS A 403 21.19 -31.68 -6.07
CA CYS A 403 20.15 -31.87 -5.03
C CYS A 403 19.93 -33.38 -4.82
N ASP A 404 20.56 -33.98 -3.81
CA ASP A 404 20.34 -35.41 -3.49
C ASP A 404 19.99 -35.54 -2.01
N ILE A 405 18.76 -35.99 -1.73
CA ILE A 405 18.27 -36.18 -0.33
C ILE A 405 19.26 -37.07 0.43
N ASN A 406 19.76 -38.13 -0.22
CA ASN A 406 20.72 -39.07 0.42
C ASN A 406 21.95 -38.29 0.90
N ALA A 407 22.47 -37.39 0.09
CA ALA A 407 23.66 -36.58 0.46
C ALA A 407 23.32 -35.79 1.73
N PHE A 408 22.21 -35.05 1.72
CA PHE A 408 21.77 -34.29 2.93
C PHE A 408 21.59 -35.29 4.09
N LEU A 409 20.96 -36.44 3.82
CA LEU A 409 20.75 -37.50 4.85
C LEU A 409 22.10 -37.94 5.42
N SER A 410 23.13 -38.05 4.58
CA SER A 410 24.47 -38.53 5.02
C SER A 410 25.34 -37.36 5.50
N GLU A 411 24.74 -36.23 5.92
CA GLU A 411 25.50 -35.10 6.50
C GLU A 411 25.42 -35.14 8.03
N ALA A 412 24.90 -36.23 8.61
CA ALA A 412 24.67 -36.34 10.06
C ALA A 412 26.01 -36.34 10.82
N VAL A 413 26.15 -35.52 11.85
CA VAL A 413 27.44 -35.38 12.60
C VAL A 413 27.43 -36.34 13.79
N GLU A 414 28.59 -36.85 14.19
CA GLU A 414 28.73 -37.81 15.32
C GLU A 414 29.36 -37.05 16.50
N GLY A 415 28.74 -37.10 17.69
CA GLY A 415 29.25 -36.36 18.87
C GLY A 415 28.53 -35.03 19.05
N THR A 416 29.18 -34.08 19.71
CA THR A 416 28.60 -32.74 20.03
C THR A 416 28.02 -32.07 18.79
N GLY A 417 28.65 -32.24 17.62
CA GLY A 417 28.15 -31.69 16.35
C GLY A 417 26.68 -32.02 16.13
N LEU A 418 26.26 -33.24 16.43
CA LEU A 418 24.83 -33.61 16.26
C LEU A 418 23.93 -32.70 17.13
N ALA A 419 24.36 -32.32 18.32
CA ALA A 419 23.47 -31.49 19.18
C ALA A 419 23.61 -30.02 18.76
N PHE A 420 24.83 -29.51 18.72
CA PHE A 420 25.09 -28.06 18.55
C PHE A 420 25.04 -27.64 17.08
N ILE A 421 25.30 -28.53 16.13
CA ILE A 421 25.34 -28.16 14.68
C ILE A 421 24.10 -28.67 13.94
N VAL A 422 23.59 -29.87 14.22
CA VAL A 422 22.48 -30.45 13.40
C VAL A 422 21.11 -30.20 14.06
N PHE A 423 20.95 -30.58 15.32
CA PHE A 423 19.64 -30.49 16.03
C PHE A 423 19.26 -29.01 16.25
N THR A 424 20.24 -28.15 16.50
CA THR A 424 20.01 -26.71 16.75
C THR A 424 19.50 -26.03 15.48
N GLU A 425 19.94 -26.50 14.30
CA GLU A 425 19.55 -25.87 13.02
C GLU A 425 18.18 -26.39 12.60
N ALA A 426 17.90 -27.68 12.80
CA ALA A 426 16.56 -28.23 12.51
C ALA A 426 15.52 -27.54 13.38
N ILE A 427 15.88 -27.15 14.61
CA ILE A 427 14.88 -26.56 15.56
C ILE A 427 14.49 -25.16 15.07
N THR A 428 15.43 -24.38 14.53
CA THR A 428 15.14 -23.00 14.01
C THR A 428 14.11 -23.05 12.88
N LYS A 429 14.05 -24.15 12.12
CA LYS A 429 13.05 -24.31 11.03
C LYS A 429 11.79 -24.99 11.57
N MET A 430 11.39 -24.72 12.82
CA MET A 430 10.18 -25.34 13.45
C MET A 430 9.38 -24.25 14.19
N PRO A 431 8.03 -24.15 14.03
CA PRO A 431 7.24 -23.20 14.84
C PRO A 431 7.41 -23.44 16.35
N LEU A 432 7.11 -22.45 17.18
CA LEU A 432 7.42 -22.47 18.64
C LEU A 432 8.90 -22.83 18.83
N SER A 433 9.76 -22.30 17.95
CA SER A 433 11.20 -22.67 17.90
C SER A 433 11.84 -22.61 19.30
N PRO A 434 11.94 -21.45 20.00
CA PRO A 434 12.60 -21.39 21.32
C PRO A 434 12.16 -22.51 22.27
N LEU A 435 10.85 -22.73 22.38
CA LEU A 435 10.28 -23.79 23.27
C LEU A 435 10.99 -25.12 22.98
N TRP A 436 11.01 -25.53 21.72
CA TRP A 436 11.62 -26.84 21.32
C TRP A 436 13.09 -26.86 21.73
N SER A 437 13.83 -25.78 21.45
CA SER A 437 15.25 -25.64 21.85
C SER A 437 15.39 -25.84 23.37
N VAL A 438 14.57 -25.12 24.15
CA VAL A 438 14.60 -25.19 25.64
C VAL A 438 14.42 -26.66 26.04
N LEU A 439 13.31 -27.28 25.62
CA LEU A 439 12.99 -28.68 25.99
C LEU A 439 14.14 -29.62 25.57
N PHE A 440 14.81 -29.31 24.47
CA PHE A 440 15.90 -30.16 23.95
C PHE A 440 17.13 -30.06 24.85
N PHE A 441 17.41 -28.86 25.34
CA PHE A 441 18.61 -28.62 26.20
C PHE A 441 18.34 -29.10 27.62
N ILE A 442 17.13 -28.95 28.17
CA ILE A 442 16.90 -29.49 29.55
C ILE A 442 17.04 -31.02 29.48
N MET A 443 16.64 -31.64 28.37
CA MET A 443 16.70 -33.12 28.24
C MET A 443 18.17 -33.55 28.25
N LEU A 444 19.00 -32.95 27.40
CA LEU A 444 20.46 -33.27 27.35
C LEU A 444 21.07 -33.01 28.71
N PHE A 445 20.70 -31.89 29.35
CA PHE A 445 21.20 -31.55 30.71
C PHE A 445 20.90 -32.73 31.65
N CYS A 446 19.65 -33.16 31.68
CA CYS A 446 19.21 -34.26 32.59
C CYS A 446 20.03 -35.52 32.28
N LEU A 447 20.15 -35.91 31.01
CA LEU A 447 20.94 -37.10 30.61
C LEU A 447 22.36 -36.98 31.17
N GLY A 448 23.04 -35.88 30.87
CA GLY A 448 24.43 -35.68 31.31
C GLY A 448 24.54 -35.75 32.83
N LEU A 449 23.62 -35.07 33.52
CA LEU A 449 23.68 -34.94 35.00
C LEU A 449 23.50 -36.32 35.66
N SER A 450 22.57 -37.14 35.17
CA SER A 450 22.37 -38.51 35.72
C SER A 450 23.68 -39.30 35.53
N SER A 451 24.29 -39.22 34.34
CA SER A 451 25.59 -39.89 34.09
C SER A 451 26.63 -39.39 35.12
N MET A 452 26.66 -38.08 35.37
CA MET A 452 27.63 -37.48 36.32
C MET A 452 27.46 -38.07 37.73
N PHE A 453 26.23 -38.32 38.16
CA PHE A 453 25.99 -38.97 39.48
C PHE A 453 26.82 -40.25 39.57
N GLY A 454 26.72 -41.10 38.55
CA GLY A 454 27.51 -42.33 38.50
C GLY A 454 29.00 -42.08 38.59
N ASN A 455 29.54 -41.17 37.76
CA ASN A 455 31.01 -40.92 37.70
C ASN A 455 31.51 -40.35 39.05
N MET A 456 30.72 -39.47 39.66
CA MET A 456 31.08 -38.87 40.97
C MET A 456 31.12 -39.98 42.02
N GLU A 457 30.12 -40.85 42.00
CA GLU A 457 30.10 -42.04 42.88
C GLU A 457 31.40 -42.83 42.72
N GLY A 458 31.88 -42.94 41.48
CA GLY A 458 33.11 -43.67 41.16
C GLY A 458 34.38 -43.03 41.66
N VAL A 459 34.39 -41.73 41.96
CA VAL A 459 35.63 -41.00 42.39
C VAL A 459 35.63 -40.81 43.91
N VAL A 460 34.46 -40.50 44.49
CA VAL A 460 34.32 -40.18 45.94
C VAL A 460 34.49 -41.45 46.79
N VAL A 461 33.78 -42.53 46.45
CA VAL A 461 33.72 -43.75 47.31
C VAL A 461 35.12 -44.34 47.46
N PRO A 462 35.91 -44.55 46.37
CA PRO A 462 37.30 -45.01 46.50
C PRO A 462 38.15 -44.15 47.44
N LEU A 463 37.99 -42.83 47.37
CA LEU A 463 38.76 -41.88 48.24
C LEU A 463 38.54 -42.26 49.72
N GLN A 464 37.27 -42.40 50.12
CA GLN A 464 36.93 -42.80 51.51
C GLN A 464 37.54 -44.17 51.81
N ASP A 465 37.57 -45.07 50.83
CA ASP A 465 38.26 -46.38 50.98
C ASP A 465 39.73 -46.11 51.32
N LEU A 466 40.35 -45.13 50.66
CA LEU A 466 41.74 -44.71 50.97
C LEU A 466 41.75 -43.81 52.22
N ARG A 467 40.56 -43.44 52.74
CA ARG A 467 40.42 -42.56 53.92
C ARG A 467 41.13 -41.22 53.68
N VAL A 468 41.21 -40.77 52.42
CA VAL A 468 41.94 -39.52 52.04
C VAL A 468 41.37 -38.38 52.91
N ILE A 469 40.06 -38.16 52.84
CA ILE A 469 39.33 -37.15 53.66
C ILE A 469 39.58 -37.46 55.14
N PRO A 470 39.92 -36.47 55.99
CA PRO A 470 39.96 -36.71 57.44
C PRO A 470 38.58 -37.25 57.84
N PRO A 471 38.46 -38.41 58.51
CA PRO A 471 37.15 -38.88 58.97
C PRO A 471 36.45 -37.80 59.83
N LYS A 472 37.16 -36.73 60.22
CA LYS A 472 36.54 -35.56 60.85
C LYS A 472 35.68 -34.78 59.85
N TRP A 473 36.29 -34.31 58.75
CA TRP A 473 35.61 -33.45 57.75
C TRP A 473 34.40 -34.20 57.17
N PRO A 474 33.15 -33.69 57.27
CA PRO A 474 31.98 -34.36 56.70
C PRO A 474 32.17 -34.72 55.22
N LYS A 475 31.43 -35.71 54.71
CA LYS A 475 31.54 -36.20 53.31
C LYS A 475 31.34 -35.02 52.34
N GLU A 476 30.49 -34.07 52.74
CA GLU A 476 30.20 -32.87 51.92
C GLU A 476 31.51 -32.14 51.62
N VAL A 477 32.41 -32.07 52.62
CA VAL A 477 33.74 -31.42 52.45
C VAL A 477 34.47 -32.13 51.32
N LEU A 478 34.58 -33.46 51.40
CA LEU A 478 35.26 -34.27 50.34
C LEU A 478 34.58 -34.00 48.99
N THR A 479 33.25 -34.06 48.96
CA THR A 479 32.47 -33.84 47.70
C THR A 479 32.87 -32.49 47.11
N GLY A 480 32.87 -31.42 47.91
CA GLY A 480 33.24 -30.07 47.45
C GLY A 480 34.66 -30.05 46.95
N LEU A 481 35.59 -30.63 47.73
CA LEU A 481 37.03 -30.75 47.32
C LEU A 481 37.08 -31.38 45.92
N ILE A 482 36.39 -32.50 45.73
CA ILE A 482 36.41 -33.22 44.42
C ILE A 482 35.82 -32.29 43.35
N CYS A 483 34.70 -31.65 43.64
CA CYS A 483 34.04 -30.71 42.70
C CYS A 483 35.02 -29.58 42.36
N LEU A 484 35.66 -28.99 43.37
CA LEU A 484 36.53 -27.80 43.12
C LEU A 484 37.86 -28.22 42.46
N GLY A 485 38.39 -29.42 42.76
CA GLY A 485 39.63 -29.92 42.13
C GLY A 485 39.43 -30.23 40.66
N THR A 486 38.32 -30.87 40.31
CA THR A 486 38.01 -31.23 38.90
C THR A 486 37.58 -29.98 38.13
N PHE A 487 37.06 -28.97 38.83
CA PHE A 487 36.68 -27.68 38.20
C PHE A 487 37.95 -26.97 37.70
N LEU A 488 38.99 -26.93 38.53
CA LEU A 488 40.25 -26.21 38.18
C LEU A 488 40.96 -26.90 37.02
N ILE A 489 40.90 -28.23 36.93
CA ILE A 489 41.56 -28.97 35.81
C ILE A 489 40.75 -28.72 34.54
N GLY A 490 39.42 -28.50 34.66
CA GLY A 490 38.57 -28.25 33.48
C GLY A 490 38.80 -26.88 32.84
N PHE A 491 39.78 -26.10 33.30
CA PHE A 491 40.18 -24.83 32.65
C PHE A 491 40.92 -25.09 31.34
N ILE A 492 41.42 -26.31 31.12
CA ILE A 492 42.09 -26.68 29.85
C ILE A 492 41.06 -26.61 28.71
N PHE A 493 39.80 -26.99 28.96
CA PHE A 493 38.78 -27.04 27.88
C PHE A 493 38.10 -25.67 27.70
N THR A 494 38.46 -24.64 28.49
CA THR A 494 37.95 -23.26 28.25
C THR A 494 38.98 -22.47 27.44
N LEU A 495 40.15 -23.07 27.14
CA LEU A 495 41.15 -22.43 26.25
C LEU A 495 40.60 -22.46 24.82
N ASN A 496 41.10 -21.61 23.93
CA ASN A 496 40.68 -21.57 22.51
C ASN A 496 40.83 -22.94 21.86
N SER A 497 41.88 -23.67 22.21
CA SER A 497 42.14 -25.05 21.71
C SER A 497 41.41 -26.09 22.57
N GLY A 498 40.51 -25.67 23.47
CA GLY A 498 39.86 -26.56 24.46
C GLY A 498 39.00 -27.65 23.84
N GLN A 499 38.45 -27.42 22.64
CA GLN A 499 37.62 -28.43 21.92
C GLN A 499 38.52 -29.50 21.29
N TYR A 500 39.75 -29.17 20.92
CA TYR A 500 40.69 -30.17 20.34
C TYR A 500 41.19 -31.12 21.45
N TRP A 501 41.40 -30.58 22.66
CA TRP A 501 41.80 -31.40 23.83
C TRP A 501 40.69 -32.36 24.20
N LEU A 502 39.45 -31.88 24.18
CA LEU A 502 38.27 -32.68 24.61
C LEU A 502 38.00 -33.80 23.60
N SER A 503 38.18 -33.53 22.30
CA SER A 503 37.97 -34.57 21.25
C SER A 503 39.07 -35.63 21.35
N LEU A 504 40.23 -35.26 21.90
CA LEU A 504 41.38 -36.19 22.08
C LEU A 504 41.15 -37.02 23.34
N LEU A 505 40.91 -36.35 24.48
CA LEU A 505 40.63 -37.06 25.75
C LEU A 505 39.45 -38.01 25.54
N ASP A 506 38.34 -37.51 24.99
CA ASP A 506 37.13 -38.33 24.76
C ASP A 506 37.50 -39.55 23.90
N SER A 507 38.33 -39.36 22.88
CA SER A 507 38.75 -40.45 21.97
C SER A 507 39.61 -41.48 22.72
N TYR A 508 40.22 -41.07 23.85
CA TYR A 508 41.11 -41.97 24.63
C TYR A 508 40.71 -41.97 26.11
N ALA A 509 39.43 -41.92 26.43
CA ALA A 509 38.92 -42.00 27.81
C ALA A 509 38.11 -43.28 28.04
N GLY A 510 37.49 -43.82 26.99
CA GLY A 510 36.69 -45.06 27.07
C GLY A 510 37.17 -46.14 26.15
N SER A 511 38.48 -46.21 25.84
CA SER A 511 39.03 -47.18 24.85
C SER A 511 39.31 -48.53 25.52
N ILE A 512 40.46 -49.11 25.29
CA ILE A 512 40.96 -50.35 25.96
C ILE A 512 40.87 -50.27 27.49
N PRO A 513 41.27 -49.18 28.18
CA PRO A 513 41.25 -49.15 29.65
C PRO A 513 39.95 -49.69 30.26
N LEU A 514 38.81 -49.21 29.76
CA LEU A 514 37.47 -49.64 30.27
C LEU A 514 37.34 -51.16 30.08
N LEU A 515 37.64 -51.65 28.89
CA LEU A 515 37.55 -53.09 28.55
C LEU A 515 38.55 -53.85 29.44
N ILE A 516 39.78 -53.36 29.53
CA ILE A 516 40.87 -54.00 30.32
C ILE A 516 40.35 -54.20 31.75
N ILE A 517 39.89 -53.11 32.38
CA ILE A 517 39.33 -53.18 33.76
C ILE A 517 38.23 -54.25 33.77
N ALA A 518 37.35 -54.22 32.78
CA ALA A 518 36.19 -55.13 32.72
C ALA A 518 36.67 -56.60 32.60
N PHE A 519 37.76 -56.85 31.86
CA PHE A 519 38.29 -58.22 31.68
C PHE A 519 38.81 -58.76 33.02
N CYS A 520 39.47 -57.92 33.80
CA CYS A 520 40.11 -58.33 35.09
C CYS A 520 39.07 -58.44 36.20
N GLU A 521 37.99 -57.65 36.16
CA GLU A 521 36.89 -57.79 37.15
C GLU A 521 36.28 -59.18 36.98
N MET A 522 36.04 -59.57 35.73
CA MET A 522 35.48 -60.90 35.37
C MET A 522 36.46 -61.98 35.82
N PHE A 523 37.72 -61.84 35.43
CA PHE A 523 38.80 -62.80 35.79
C PHE A 523 38.90 -62.94 37.31
N SER A 524 38.92 -61.82 38.02
CA SER A 524 39.13 -61.82 39.49
C SER A 524 37.95 -62.49 40.22
N VAL A 525 36.72 -62.30 39.75
CA VAL A 525 35.56 -62.97 40.41
C VAL A 525 35.59 -64.47 40.11
N VAL A 526 36.10 -64.92 38.98
CA VAL A 526 35.94 -66.36 38.54
C VAL A 526 37.18 -67.19 38.95
N TYR A 527 38.40 -66.71 38.73
CA TYR A 527 39.64 -67.52 38.94
C TYR A 527 40.37 -67.16 40.25
N VAL A 528 40.05 -66.05 40.89
CA VAL A 528 40.77 -65.62 42.13
C VAL A 528 39.83 -65.79 43.33
N TYR A 529 38.61 -65.29 43.26
CA TYR A 529 37.59 -65.46 44.33
C TYR A 529 36.80 -66.75 44.05
N GLY A 530 36.80 -67.24 42.81
CA GLY A 530 36.10 -68.49 42.47
C GLY A 530 34.62 -68.26 42.26
N VAL A 531 34.10 -68.55 41.07
CA VAL A 531 32.66 -68.44 40.71
C VAL A 531 31.85 -69.33 41.66
N ASP A 532 32.44 -70.38 42.20
CA ASP A 532 31.75 -71.30 43.14
C ASP A 532 31.20 -70.49 44.32
N ARG A 533 32.07 -69.72 44.98
CA ARG A 533 31.62 -68.83 46.09
C ARG A 533 30.56 -67.87 45.55
N PHE A 534 30.80 -67.30 44.37
CA PHE A 534 29.89 -66.30 43.75
C PHE A 534 28.48 -66.90 43.63
N ASN A 535 28.38 -68.04 42.95
CA ASN A 535 27.05 -68.69 42.70
C ASN A 535 26.47 -69.12 44.06
N LYS A 536 27.32 -69.60 44.98
CA LYS A 536 26.86 -69.95 46.35
C LYS A 536 26.29 -68.71 47.03
N ASP A 537 27.05 -67.62 47.03
CA ASP A 537 26.60 -66.33 47.61
C ASP A 537 25.32 -65.90 46.88
N ILE A 538 25.26 -66.08 45.56
CA ILE A 538 24.01 -65.81 44.80
C ILE A 538 22.91 -66.67 45.40
N GLU A 539 23.18 -67.96 45.60
CA GLU A 539 22.18 -68.90 46.20
C GLU A 539 21.73 -68.35 47.56
N PHE A 540 22.67 -67.83 48.33
CA PHE A 540 22.36 -67.31 49.69
C PHE A 540 21.42 -66.09 49.61
N MET A 541 21.61 -65.22 48.62
CA MET A 541 20.88 -63.93 48.53
C MET A 541 19.52 -64.09 47.82
N ILE A 542 19.49 -64.77 46.68
CA ILE A 542 18.25 -64.91 45.85
C ILE A 542 17.65 -66.30 46.14
N GLY A 543 18.07 -66.97 47.24
CA GLY A 543 17.55 -68.31 47.57
C GLY A 543 17.64 -69.29 46.41
N HIS A 544 18.59 -69.12 45.47
CA HIS A 544 18.78 -70.00 44.30
C HIS A 544 20.09 -69.65 43.57
N LYS A 545 20.67 -70.60 42.87
CA LYS A 545 21.97 -70.46 42.15
C LYS A 545 21.70 -70.09 40.69
N PRO A 546 22.56 -69.28 40.01
CA PRO A 546 22.33 -68.89 38.61
C PRO A 546 22.26 -70.05 37.61
N ASN A 547 21.55 -69.87 36.50
CA ASN A 547 21.39 -70.89 35.44
C ASN A 547 22.69 -71.03 34.66
N ILE A 548 22.81 -72.06 33.82
CA ILE A 548 24.07 -72.40 33.10
C ILE A 548 24.56 -71.16 32.34
N PHE A 549 23.63 -70.38 31.78
CA PHE A 549 23.95 -69.15 31.01
C PHE A 549 25.03 -68.33 31.73
N TRP A 550 24.69 -67.85 32.92
CA TRP A 550 25.60 -66.96 33.71
C TRP A 550 26.97 -67.62 33.83
N GLN A 551 27.03 -68.85 34.29
CA GLN A 551 28.30 -69.59 34.55
C GLN A 551 29.13 -69.58 33.26
N VAL A 552 28.52 -70.04 32.16
CA VAL A 552 29.24 -70.21 30.86
C VAL A 552 29.80 -68.83 30.45
N THR A 553 28.96 -67.80 30.47
CA THR A 553 29.39 -66.45 30.02
C THR A 553 30.54 -65.95 30.87
N TRP A 554 30.44 -66.11 32.17
CA TRP A 554 31.48 -65.61 33.12
C TRP A 554 32.75 -66.44 33.03
N ARG A 555 32.77 -67.51 32.25
CA ARG A 555 33.95 -68.41 32.15
C ARG A 555 34.61 -68.31 30.78
N VAL A 556 33.84 -68.36 29.70
CA VAL A 556 34.42 -68.37 28.32
C VAL A 556 33.77 -67.30 27.45
N VAL A 557 32.44 -67.27 27.41
CA VAL A 557 31.69 -66.35 26.50
C VAL A 557 32.25 -64.93 26.70
N SER A 558 32.19 -64.40 27.92
CA SER A 558 32.65 -63.01 28.19
C SER A 558 34.16 -62.88 28.00
N PRO A 559 34.99 -63.66 28.74
CA PRO A 559 36.46 -63.51 28.66
C PRO A 559 36.98 -63.56 27.22
N LEU A 560 36.59 -64.60 26.49
CA LEU A 560 37.06 -64.81 25.09
C LEU A 560 36.60 -63.63 24.21
N LEU A 561 35.30 -63.30 24.27
CA LEU A 561 34.72 -62.25 23.40
C LEU A 561 35.42 -60.92 23.67
N MET A 562 35.66 -60.59 24.94
CA MET A 562 36.33 -59.31 25.31
C MET A 562 37.74 -59.28 24.71
N LEU A 563 38.45 -60.41 24.76
CA LEU A 563 39.85 -60.49 24.23
C LEU A 563 39.87 -60.11 22.74
N ILE A 564 38.96 -60.68 21.95
CA ILE A 564 38.92 -60.38 20.48
C ILE A 564 38.58 -58.89 20.32
N ILE A 565 37.85 -58.28 21.25
CA ILE A 565 37.62 -56.80 21.20
C ILE A 565 38.95 -56.11 21.54
N PHE A 566 39.69 -56.67 22.49
CA PHE A 566 41.02 -56.14 22.88
C PHE A 566 42.04 -56.29 21.74
N LEU A 567 41.96 -57.38 20.97
CA LEU A 567 42.88 -57.61 19.82
C LEU A 567 42.48 -56.70 18.65
N PHE A 568 41.19 -56.46 18.45
CA PHE A 568 40.68 -55.54 17.39
C PHE A 568 41.23 -54.13 17.60
N PHE A 569 41.36 -53.70 18.85
CA PHE A 569 41.81 -52.32 19.18
C PHE A 569 43.18 -52.04 18.55
N PHE A 570 44.12 -52.96 18.72
CA PHE A 570 45.51 -52.81 18.17
C PHE A 570 45.53 -53.20 16.69
N VAL A 571 44.39 -53.60 16.11
CA VAL A 571 44.25 -53.89 14.66
C VAL A 571 43.56 -52.70 13.98
N VAL A 572 42.87 -51.84 14.75
CA VAL A 572 42.14 -50.66 14.20
C VAL A 572 42.84 -49.36 14.64
N GLU A 573 43.13 -49.19 15.93
CA GLU A 573 43.88 -48.00 16.44
C GLU A 573 45.24 -47.92 15.72
N VAL A 574 45.86 -49.06 15.45
CA VAL A 574 47.13 -49.12 14.66
C VAL A 574 46.81 -48.87 13.18
N SER A 575 45.64 -49.31 12.71
CA SER A 575 45.21 -49.08 11.30
C SER A 575 44.80 -47.62 11.05
N GLN A 576 44.81 -46.75 12.08
CA GLN A 576 44.40 -45.32 11.97
C GLN A 576 45.64 -44.43 12.14
N GLU A 577 45.47 -43.10 12.28
CA GLU A 577 46.57 -42.15 12.63
C GLU A 577 46.02 -41.03 13.51
N LEU A 578 46.92 -40.33 14.23
CA LEU A 578 46.53 -39.21 15.12
C LEU A 578 46.26 -37.97 14.26
N THR A 579 45.13 -37.97 13.53
CA THR A 579 44.70 -36.84 12.67
C THR A 579 43.39 -36.27 13.22
N TYR A 580 43.34 -34.97 13.51
CA TYR A 580 42.15 -34.29 14.08
C TYR A 580 41.69 -33.19 13.13
N SER A 581 40.37 -33.01 12.99
CA SER A 581 39.76 -31.97 12.14
C SER A 581 39.94 -30.59 12.81
N ILE A 582 40.04 -29.53 12.01
CA ILE A 582 40.16 -28.14 12.57
C ILE A 582 39.13 -27.25 11.88
N TRP A 583 38.85 -26.07 12.44
CA TRP A 583 37.85 -25.13 11.85
C TRP A 583 38.55 -24.18 10.89
N ASP A 584 39.49 -23.36 11.39
CA ASP A 584 40.27 -22.45 10.52
C ASP A 584 39.32 -21.60 9.67
N PRO A 585 38.75 -20.50 10.22
CA PRO A 585 37.86 -19.63 9.47
C PRO A 585 38.41 -19.34 8.06
N GLY A 586 39.70 -19.01 7.97
CA GLY A 586 40.34 -18.77 6.66
C GLY A 586 41.08 -20.00 6.17
N TYR A 587 41.71 -19.93 5.00
CA TYR A 587 42.57 -21.01 4.42
C TYR A 587 41.70 -22.13 3.84
N GLU A 588 42.20 -22.82 2.81
CA GLU A 588 41.46 -23.95 2.16
C GLU A 588 40.04 -23.50 1.86
N GLU A 589 39.02 -24.25 2.23
CA GLU A 589 37.59 -23.86 2.11
C GLU A 589 37.01 -23.81 3.51
N PHE A 590 36.74 -22.63 4.04
CA PHE A 590 36.13 -22.45 5.40
C PHE A 590 35.09 -23.55 5.63
N PRO A 591 34.05 -23.70 4.76
CA PRO A 591 33.01 -24.71 4.94
C PRO A 591 33.60 -26.12 4.95
N LYS A 592 34.59 -26.38 4.10
CA LYS A 592 35.26 -27.72 4.05
C LYS A 592 35.85 -28.02 5.43
N SER A 593 35.69 -29.26 5.90
CA SER A 593 36.20 -29.69 7.23
C SER A 593 37.71 -29.91 7.12
N GLN A 594 38.50 -28.83 7.20
CA GLN A 594 39.99 -28.92 7.16
C GLN A 594 40.44 -29.84 8.30
N LYS A 595 41.31 -30.80 8.01
CA LYS A 595 41.79 -31.79 9.01
C LYS A 595 43.31 -31.83 8.98
N ILE A 596 43.96 -31.81 10.14
CA ILE A 596 45.45 -31.82 10.26
C ILE A 596 45.86 -32.94 11.20
N SER A 597 47.15 -33.31 11.18
CA SER A 597 47.73 -34.35 12.06
C SER A 597 48.00 -33.76 13.45
N TYR A 598 48.47 -34.59 14.38
CA TYR A 598 48.79 -34.17 15.76
C TYR A 598 50.29 -33.99 15.92
N PRO A 599 50.79 -33.06 16.80
CA PRO A 599 52.23 -32.98 17.11
C PRO A 599 52.79 -34.25 17.76
N ASN A 600 54.11 -34.43 17.71
CA ASN A 600 54.81 -35.64 18.24
C ASN A 600 54.65 -35.74 19.78
N TRP A 601 54.47 -34.64 20.53
CA TRP A 601 54.28 -34.70 22.01
C TRP A 601 52.88 -35.20 22.42
N VAL A 602 51.94 -35.46 21.50
CA VAL A 602 50.56 -35.91 21.88
C VAL A 602 50.58 -37.37 22.34
N TYR A 603 51.58 -38.16 21.96
CA TYR A 603 51.70 -39.58 22.34
C TYR A 603 51.97 -39.66 23.85
N VAL A 604 52.62 -38.66 24.45
CA VAL A 604 52.75 -38.50 25.93
C VAL A 604 51.34 -38.40 26.57
N VAL A 605 50.43 -37.63 25.97
CA VAL A 605 49.05 -37.43 26.51
C VAL A 605 48.26 -38.74 26.34
N VAL A 606 48.39 -39.43 25.20
CA VAL A 606 47.63 -40.69 24.90
C VAL A 606 48.13 -41.79 25.84
N VAL A 607 49.43 -41.86 26.10
CA VAL A 607 49.95 -42.85 27.09
C VAL A 607 49.32 -42.52 28.45
N ILE A 608 49.21 -41.24 28.78
CA ILE A 608 48.65 -40.82 30.10
C ILE A 608 47.16 -41.19 30.17
N VAL A 609 46.43 -41.05 29.06
CA VAL A 609 44.96 -41.31 29.09
C VAL A 609 44.68 -42.78 28.73
N ALA A 610 45.71 -43.56 28.41
CA ALA A 610 45.51 -44.97 28.02
C ALA A 610 46.39 -45.89 28.87
N GLY A 611 47.71 -45.71 28.82
CA GLY A 611 48.64 -46.59 29.58
C GLY A 611 48.44 -46.45 31.07
N VAL A 612 48.29 -45.21 31.57
CA VAL A 612 48.18 -44.98 33.04
C VAL A 612 47.03 -45.80 33.62
N PRO A 613 45.78 -45.70 33.09
CA PRO A 613 44.63 -46.41 33.67
C PRO A 613 44.60 -47.90 33.28
N SER A 614 45.66 -48.40 32.63
CA SER A 614 45.71 -49.82 32.20
C SER A 614 46.97 -50.49 32.74
N LEU A 615 47.92 -49.71 33.26
CA LEU A 615 49.19 -50.26 33.81
C LEU A 615 49.23 -50.20 35.35
N THR A 616 48.33 -49.48 36.03
CA THR A 616 48.16 -49.62 37.51
C THR A 616 47.65 -51.01 37.90
N ILE A 617 47.02 -51.80 37.01
CA ILE A 617 46.49 -53.15 37.38
C ILE A 617 47.67 -54.10 37.52
N PRO A 618 48.62 -54.23 36.55
CA PRO A 618 49.91 -54.89 36.81
C PRO A 618 50.81 -54.12 37.78
N GLY A 619 50.86 -52.78 37.69
CA GLY A 619 51.83 -51.91 38.39
C GLY A 619 51.77 -52.06 39.89
N TYR A 620 50.57 -52.03 40.47
CA TYR A 620 50.33 -52.27 41.92
C TYR A 620 50.57 -53.76 42.25
N ALA A 621 50.22 -54.68 41.34
CA ALA A 621 50.38 -56.14 41.55
C ALA A 621 51.87 -56.55 41.54
N ILE A 622 52.76 -55.81 40.87
CA ILE A 622 54.24 -56.07 40.92
C ILE A 622 54.79 -55.45 42.20
N TYR A 623 54.31 -54.26 42.62
CA TYR A 623 54.74 -53.59 43.88
C TYR A 623 54.40 -54.46 45.09
N LYS A 624 53.19 -55.01 45.17
CA LYS A 624 52.71 -55.79 46.34
C LYS A 624 53.42 -57.16 46.40
N LEU A 625 53.69 -57.80 45.27
CA LEU A 625 54.39 -59.13 45.23
C LEU A 625 55.90 -58.99 45.55
N ILE A 626 56.50 -57.79 45.51
CA ILE A 626 57.92 -57.57 45.92
C ILE A 626 58.05 -56.75 47.21
N ARG A 627 56.94 -56.28 47.82
CA ARG A 627 56.99 -55.69 49.19
C ARG A 627 57.01 -56.82 50.23
N ASN A 628 56.29 -57.92 49.99
CA ASN A 628 56.25 -59.11 50.88
C ASN A 628 57.58 -59.86 50.78
N HIS A 629 58.01 -60.26 49.56
CA HIS A 629 59.27 -61.00 49.28
C HIS A 629 60.46 -60.06 49.54
CA THR B 21 -21.24 -19.76 -80.53
C THR B 21 -20.74 -18.69 -79.56
N ILE B 22 -20.50 -19.10 -78.32
CA ILE B 22 -20.19 -18.15 -77.20
C ILE B 22 -19.10 -17.14 -77.57
N GLU B 23 -18.04 -17.59 -78.24
CA GLU B 23 -16.91 -16.70 -78.60
C GLU B 23 -17.42 -15.55 -79.49
N GLU B 24 -18.42 -15.80 -80.33
CA GLU B 24 -18.88 -14.79 -81.31
C GLU B 24 -19.48 -13.58 -80.59
N GLN B 25 -20.53 -13.77 -79.82
CA GLN B 25 -21.17 -12.61 -79.12
C GLN B 25 -20.20 -12.11 -78.04
N ALA B 26 -19.33 -12.96 -77.49
CA ALA B 26 -18.27 -12.48 -76.57
C ALA B 26 -17.43 -11.39 -77.26
N LYS B 27 -16.89 -11.72 -78.41
CA LYS B 27 -16.08 -10.75 -79.19
C LYS B 27 -16.94 -9.53 -79.55
N THR B 28 -18.15 -9.78 -80.04
CA THR B 28 -19.03 -8.67 -80.49
C THR B 28 -19.26 -7.69 -79.34
N PHE B 29 -19.52 -8.22 -78.15
CA PHE B 29 -19.72 -7.36 -76.96
C PHE B 29 -18.43 -6.62 -76.64
N LEU B 30 -17.29 -7.29 -76.72
CA LEU B 30 -15.99 -6.60 -76.46
C LEU B 30 -15.81 -5.45 -77.45
N ASP B 31 -16.10 -5.68 -78.72
CA ASP B 31 -15.96 -4.62 -79.75
C ASP B 31 -16.90 -3.45 -79.44
N LYS B 32 -18.16 -3.76 -79.16
CA LYS B 32 -19.16 -2.70 -78.87
C LYS B 32 -18.74 -1.90 -77.63
N PHE B 33 -18.31 -2.59 -76.60
CA PHE B 33 -17.87 -1.94 -75.33
C PHE B 33 -16.65 -1.04 -75.61
N ASN B 34 -15.71 -1.54 -76.40
CA ASN B 34 -14.51 -0.74 -76.77
C ASN B 34 -14.95 0.53 -77.48
N HIS B 35 -15.86 0.40 -78.44
CA HIS B 35 -16.35 1.57 -79.23
C HIS B 35 -17.02 2.59 -78.29
N GLU B 36 -17.86 2.11 -77.40
CA GLU B 36 -18.61 3.04 -76.51
C GLU B 36 -17.75 3.54 -75.35
N ALA B 37 -16.60 2.94 -75.08
CA ALA B 37 -15.72 3.37 -73.96
C ALA B 37 -14.61 4.30 -74.41
N GLU B 38 -14.06 4.10 -75.61
CA GLU B 38 -12.90 4.91 -76.07
C GLU B 38 -13.23 6.42 -76.06
N ASP B 39 -14.35 6.79 -76.65
CA ASP B 39 -14.78 8.22 -76.77
C ASP B 39 -14.95 8.85 -75.38
N LEU B 40 -15.64 8.19 -74.47
CA LEU B 40 -15.91 8.80 -73.14
C LEU B 40 -14.59 8.85 -72.35
N PHE B 41 -13.74 7.85 -72.48
CA PHE B 41 -12.40 7.90 -71.84
C PHE B 41 -11.63 9.10 -72.39
N TYR B 42 -11.70 9.32 -73.70
CA TYR B 42 -11.03 10.48 -74.35
C TYR B 42 -11.55 11.78 -73.72
N GLN B 43 -12.86 11.91 -73.61
CA GLN B 43 -13.49 13.15 -73.09
C GLN B 43 -13.06 13.35 -71.62
N SER B 44 -13.09 12.28 -70.83
CA SER B 44 -12.68 12.33 -69.40
C SER B 44 -11.21 12.75 -69.29
N SER B 45 -10.36 12.20 -70.17
CA SER B 45 -8.91 12.55 -70.17
C SER B 45 -8.74 14.04 -70.51
N LEU B 46 -9.46 14.54 -71.49
CA LEU B 46 -9.39 15.99 -71.84
C LEU B 46 -9.83 16.82 -70.63
N ALA B 47 -10.93 16.42 -69.99
CA ALA B 47 -11.47 17.18 -68.84
C ALA B 47 -10.43 17.20 -67.71
N SER B 48 -9.84 16.05 -67.40
CA SER B 48 -8.82 15.94 -66.34
C SER B 48 -7.60 16.79 -66.70
N TRP B 49 -7.18 16.75 -67.95
CA TRP B 49 -6.00 17.54 -68.41
C TRP B 49 -6.30 19.03 -68.23
N ASN B 50 -7.48 19.47 -68.66
CA ASN B 50 -7.86 20.91 -68.54
C ASN B 50 -7.92 21.31 -67.06
N TYR B 51 -8.43 20.44 -66.20
CA TYR B 51 -8.41 20.70 -64.73
C TYR B 51 -6.97 20.85 -64.25
N ASN B 52 -6.09 19.95 -64.67
CA ASN B 52 -4.71 19.90 -64.11
C ASN B 52 -3.88 21.08 -64.60
N THR B 53 -3.97 21.41 -65.87
CA THR B 53 -3.15 22.52 -66.46
C THR B 53 -3.61 23.89 -65.93
N ASN B 54 -4.89 24.06 -65.66
CA ASN B 54 -5.46 25.33 -65.16
C ASN B 54 -6.39 25.02 -64.00
N ILE B 55 -6.03 25.46 -62.81
CA ILE B 55 -6.81 25.19 -61.58
C ILE B 55 -8.01 26.15 -61.57
N THR B 56 -9.15 25.68 -62.04
CA THR B 56 -10.44 26.43 -61.96
C THR B 56 -11.47 25.52 -61.31
N GLU B 57 -12.11 25.99 -60.25
CA GLU B 57 -13.21 25.24 -59.59
C GLU B 57 -14.43 25.11 -60.53
N GLU B 58 -14.68 26.10 -61.37
CA GLU B 58 -15.94 26.19 -62.16
C GLU B 58 -16.11 24.95 -63.05
N ASN B 59 -15.04 24.45 -63.63
CA ASN B 59 -15.12 23.24 -64.50
C ASN B 59 -14.91 21.96 -63.72
N VAL B 60 -14.59 22.01 -62.43
CA VAL B 60 -14.31 20.77 -61.65
C VAL B 60 -15.55 19.89 -61.67
N GLN B 61 -16.68 20.44 -61.32
CA GLN B 61 -17.97 19.68 -61.42
C GLN B 61 -18.17 19.26 -62.88
N ASN B 62 -17.82 20.14 -63.83
CA ASN B 62 -17.94 19.80 -65.28
C ASN B 62 -17.17 18.52 -65.59
N MET B 63 -16.05 18.29 -64.93
CA MET B 63 -15.33 17.00 -65.12
C MET B 63 -15.76 15.96 -64.10
N ASN B 64 -16.20 16.38 -62.92
CA ASN B 64 -16.56 15.41 -61.85
C ASN B 64 -17.69 14.49 -62.35
N ASN B 65 -18.79 15.09 -62.77
CA ASN B 65 -19.91 14.33 -63.40
C ASN B 65 -19.37 13.50 -64.58
N ALA B 66 -18.40 14.05 -65.31
CA ALA B 66 -17.78 13.32 -66.44
C ALA B 66 -17.20 11.99 -65.94
N GLY B 67 -16.45 12.05 -64.84
CA GLY B 67 -15.94 10.83 -64.17
C GLY B 67 -17.07 9.88 -63.82
N ASP B 68 -18.18 10.43 -63.34
CA ASP B 68 -19.38 9.63 -63.03
C ASP B 68 -19.83 8.83 -64.25
N LYS B 69 -19.78 9.44 -65.42
CA LYS B 69 -20.17 8.74 -66.68
C LYS B 69 -19.27 7.51 -66.88
N TRP B 70 -17.99 7.65 -66.59
CA TRP B 70 -17.06 6.49 -66.67
C TRP B 70 -17.46 5.44 -65.64
N SER B 71 -17.84 5.87 -64.45
CA SER B 71 -18.36 4.94 -63.41
C SER B 71 -19.60 4.18 -63.92
N ALA B 72 -20.30 4.73 -64.91
CA ALA B 72 -21.41 4.01 -65.57
C ALA B 72 -20.96 2.64 -66.10
N PHE B 73 -19.80 2.61 -66.73
CA PHE B 73 -19.26 1.33 -67.26
C PHE B 73 -19.14 0.30 -66.13
N LEU B 74 -18.96 0.75 -64.88
CA LEU B 74 -18.96 -0.19 -63.73
C LEU B 74 -20.22 -1.07 -63.74
N LYS B 75 -21.39 -0.46 -63.84
CA LYS B 75 -22.64 -1.26 -63.88
C LYS B 75 -22.66 -2.14 -65.14
N GLU B 76 -22.06 -1.67 -66.22
CA GLU B 76 -21.94 -2.50 -67.45
C GLU B 76 -21.11 -3.74 -67.19
N GLN B 77 -20.12 -3.67 -66.30
CA GLN B 77 -19.37 -4.87 -65.88
C GLN B 77 -20.31 -5.93 -65.28
N SER B 78 -21.36 -5.48 -64.63
CA SER B 78 -22.37 -6.40 -64.07
C SER B 78 -22.99 -7.30 -65.15
N THR B 79 -22.97 -6.89 -66.41
CA THR B 79 -23.49 -7.71 -67.53
C THR B 79 -22.55 -8.86 -67.90
N LEU B 80 -21.34 -8.93 -67.36
CA LEU B 80 -20.38 -10.02 -67.70
C LEU B 80 -20.14 -10.95 -66.53
N ALA B 81 -20.91 -10.88 -65.45
CA ALA B 81 -20.69 -11.72 -64.24
C ALA B 81 -21.66 -12.89 -64.16
N GLN B 82 -22.80 -12.85 -64.84
CA GLN B 82 -23.85 -13.89 -64.65
C GLN B 82 -23.74 -15.01 -65.69
N MET B 83 -23.87 -14.68 -66.95
CA MET B 83 -24.08 -15.70 -68.02
C MET B 83 -22.74 -16.04 -68.69
N TYR B 84 -21.66 -15.31 -68.39
CA TYR B 84 -20.35 -15.54 -69.05
C TYR B 84 -19.49 -16.45 -68.17
N PRO B 85 -18.80 -17.46 -68.77
CA PRO B 85 -17.92 -18.38 -68.05
C PRO B 85 -16.49 -17.81 -67.96
N LEU B 86 -15.53 -18.63 -67.55
CA LEU B 86 -14.12 -18.18 -67.38
C LEU B 86 -13.19 -19.10 -68.16
N GLN B 87 -13.07 -20.35 -67.75
CA GLN B 87 -12.17 -21.35 -68.39
C GLN B 87 -12.58 -21.56 -69.85
N GLU B 88 -13.87 -21.45 -70.15
CA GLU B 88 -14.41 -21.63 -71.52
C GLU B 88 -13.79 -20.58 -72.46
N ILE B 89 -13.32 -19.47 -71.92
CA ILE B 89 -12.71 -18.37 -72.72
C ILE B 89 -11.28 -18.79 -73.08
N GLN B 90 -11.12 -19.64 -74.07
CA GLN B 90 -9.80 -20.19 -74.49
C GLN B 90 -8.87 -19.05 -74.92
N ASN B 91 -9.27 -18.22 -75.88
CA ASN B 91 -8.42 -17.11 -76.38
C ASN B 91 -7.86 -16.36 -75.17
N LEU B 92 -6.55 -16.47 -74.92
CA LEU B 92 -5.93 -15.80 -73.75
C LEU B 92 -6.19 -14.29 -73.81
N THR B 93 -5.98 -13.67 -74.96
CA THR B 93 -6.19 -12.21 -75.12
C THR B 93 -7.63 -11.87 -74.76
N VAL B 94 -8.61 -12.61 -75.32
CA VAL B 94 -10.05 -12.33 -75.06
C VAL B 94 -10.34 -12.59 -73.57
N LYS B 95 -9.81 -13.69 -73.04
CA LYS B 95 -9.97 -13.99 -71.60
C LYS B 95 -9.29 -12.89 -70.79
N LEU B 96 -8.09 -12.49 -71.22
CA LEU B 96 -7.37 -11.36 -70.57
C LEU B 96 -8.28 -10.13 -70.52
N GLN B 97 -9.13 -9.91 -71.51
CA GLN B 97 -9.98 -8.69 -71.50
C GLN B 97 -11.05 -8.86 -70.41
N LEU B 98 -11.76 -9.99 -70.40
CA LEU B 98 -12.89 -10.21 -69.45
C LEU B 98 -12.38 -10.13 -68.01
N GLN B 99 -11.36 -10.90 -67.68
CA GLN B 99 -10.80 -10.96 -66.30
C GLN B 99 -10.39 -9.57 -65.82
N ALA B 100 -9.85 -8.76 -66.72
CA ALA B 100 -9.47 -7.35 -66.42
C ALA B 100 -10.72 -6.54 -66.03
N LEU B 101 -11.90 -6.92 -66.50
CA LEU B 101 -13.17 -6.19 -66.21
C LEU B 101 -14.14 -7.09 -65.45
N GLN B 102 -13.66 -8.16 -64.80
CA GLN B 102 -14.55 -9.13 -64.11
C GLN B 102 -14.50 -8.95 -62.59
N GLN B 103 -13.49 -8.29 -62.08
CA GLN B 103 -13.24 -8.13 -60.64
C GLN B 103 -14.38 -7.29 -60.05
N ASN B 104 -15.12 -7.83 -59.07
CA ASN B 104 -16.23 -7.10 -58.42
C ASN B 104 -15.64 -6.03 -57.49
N GLY B 105 -14.44 -6.29 -56.97
CA GLY B 105 -13.74 -5.33 -56.10
C GLY B 105 -14.40 -5.24 -54.73
N SER B 106 -14.66 -4.04 -54.23
CA SER B 106 -15.24 -3.85 -52.88
C SER B 106 -16.75 -4.01 -52.92
N SER B 107 -17.37 -4.13 -54.10
CA SER B 107 -18.83 -4.33 -54.23
C SER B 107 -19.29 -5.53 -53.37
N VAL B 108 -18.47 -6.57 -53.27
CA VAL B 108 -18.76 -7.77 -52.43
C VAL B 108 -19.11 -7.32 -51.00
N LEU B 109 -18.48 -6.25 -50.50
CA LEU B 109 -18.74 -5.76 -49.13
C LEU B 109 -20.18 -5.29 -49.00
N SER B 110 -20.83 -5.55 -47.85
CA SER B 110 -22.20 -5.03 -47.58
C SER B 110 -22.17 -3.50 -47.66
N GLU B 111 -23.21 -2.88 -48.23
CA GLU B 111 -23.22 -1.42 -48.46
C GLU B 111 -22.75 -0.70 -47.19
N ASP B 112 -23.27 -1.09 -46.03
CA ASP B 112 -22.90 -0.48 -44.73
C ASP B 112 -21.40 -0.69 -44.48
N LYS B 113 -20.94 -1.93 -44.64
CA LYS B 113 -19.49 -2.28 -44.45
C LYS B 113 -18.66 -1.51 -45.48
N SER B 114 -19.13 -1.45 -46.73
CA SER B 114 -18.41 -0.75 -47.81
C SER B 114 -18.25 0.74 -47.45
N LYS B 115 -19.35 1.38 -47.03
CA LYS B 115 -19.32 2.82 -46.69
C LYS B 115 -18.43 3.03 -45.44
N ARG B 116 -18.48 2.09 -44.50
CA ARG B 116 -17.61 2.17 -43.30
C ARG B 116 -16.13 2.12 -43.73
N LEU B 117 -15.81 1.20 -44.64
CA LEU B 117 -14.42 1.09 -45.18
C LEU B 117 -14.03 2.41 -45.85
N ASN B 118 -14.92 2.98 -46.64
CA ASN B 118 -14.64 4.25 -47.36
C ASN B 118 -14.36 5.36 -46.34
N THR B 119 -15.18 5.47 -45.29
CA THR B 119 -15.00 6.54 -44.27
C THR B 119 -13.69 6.31 -43.51
N ILE B 120 -13.37 5.04 -43.21
CA ILE B 120 -12.10 4.70 -42.51
C ILE B 120 -10.92 5.17 -43.38
N LEU B 121 -10.96 4.82 -44.67
CA LEU B 121 -9.90 5.21 -45.62
C LEU B 121 -9.84 6.73 -45.72
N ASN B 122 -11.00 7.37 -45.87
CA ASN B 122 -11.07 8.85 -45.97
C ASN B 122 -10.56 9.43 -44.66
N THR B 123 -11.13 9.01 -43.55
CA THR B 123 -10.67 9.47 -42.23
C THR B 123 -9.16 9.26 -42.10
N MET B 124 -8.67 8.11 -42.53
CA MET B 124 -7.22 7.84 -42.43
C MET B 124 -6.42 8.79 -43.34
N SER B 125 -6.88 9.00 -44.56
CA SER B 125 -6.19 9.95 -45.47
C SER B 125 -6.18 11.36 -44.86
N THR B 126 -7.32 11.80 -44.31
CA THR B 126 -7.42 13.17 -43.75
C THR B 126 -6.52 13.27 -42.53
N ILE B 127 -6.46 12.25 -41.69
CA ILE B 127 -5.61 12.32 -40.46
C ILE B 127 -4.15 12.43 -40.91
N TYR B 128 -3.75 11.65 -41.88
CA TYR B 128 -2.34 11.77 -42.37
C TYR B 128 -2.09 13.16 -42.97
N SER B 129 -3.03 13.71 -43.74
CA SER B 129 -2.76 14.95 -44.53
C SER B 129 -2.71 16.17 -43.59
N THR B 130 -3.51 16.20 -42.53
CA THR B 130 -3.75 17.45 -41.75
C THR B 130 -3.48 17.16 -40.28
N GLY B 131 -2.45 16.40 -39.99
CA GLY B 131 -1.98 16.12 -38.61
C GLY B 131 -0.88 17.09 -38.29
N LYS B 132 -0.84 17.47 -37.04
CA LYS B 132 -0.02 18.61 -36.57
C LYS B 132 0.61 18.19 -35.26
N VAL B 133 1.87 18.57 -35.11
CA VAL B 133 2.57 18.52 -33.82
C VAL B 133 3.11 19.91 -33.56
N CYS B 134 3.35 20.16 -32.28
CA CYS B 134 4.01 21.43 -31.92
C CYS B 134 4.82 21.36 -30.65
N ASN B 135 5.60 22.43 -30.49
CA ASN B 135 6.65 22.51 -29.47
C ASN B 135 6.05 22.38 -28.08
N PRO B 136 6.76 21.72 -27.12
CA PRO B 136 6.27 21.68 -25.75
C PRO B 136 6.47 23.04 -25.09
N ASP B 137 7.56 23.72 -25.40
CA ASP B 137 7.81 25.08 -24.88
C ASP B 137 6.80 26.09 -25.48
N ASN B 138 6.54 25.98 -26.78
CA ASN B 138 5.53 26.84 -27.46
C ASN B 138 4.50 25.97 -28.16
N PRO B 139 3.27 25.83 -27.60
CA PRO B 139 2.21 25.04 -28.25
C PRO B 139 1.43 25.77 -29.34
N GLN B 140 1.75 27.05 -29.57
CA GLN B 140 0.97 27.85 -30.56
C GLN B 140 1.48 27.58 -31.98
N GLU B 141 2.80 27.40 -32.15
CA GLU B 141 3.34 27.08 -33.50
C GLU B 141 3.35 25.55 -33.68
N CYS B 142 2.43 25.04 -34.50
CA CYS B 142 2.34 23.57 -34.73
C CYS B 142 2.81 23.24 -36.16
N LEU B 143 3.58 22.17 -36.32
CA LEU B 143 4.16 21.77 -37.63
C LEU B 143 3.37 20.58 -38.19
N LEU B 144 3.10 20.62 -39.48
CA LEU B 144 2.55 19.47 -40.24
C LEU B 144 3.70 18.63 -40.76
N LEU B 145 3.42 17.39 -41.16
CA LEU B 145 4.48 16.47 -41.62
C LEU B 145 5.16 17.05 -42.88
N GLU B 146 4.39 17.29 -43.94
CA GLU B 146 4.99 17.69 -45.23
C GLU B 146 5.83 18.95 -45.04
N PRO B 147 5.26 20.11 -44.66
CA PRO B 147 6.06 21.34 -44.58
C PRO B 147 7.18 21.29 -43.50
N GLY B 148 6.89 21.10 -42.21
CA GLY B 148 7.83 21.27 -41.10
C GLY B 148 8.58 20.01 -40.70
N LEU B 149 7.85 18.95 -40.34
CA LEU B 149 8.50 17.71 -39.81
C LEU B 149 9.47 17.10 -40.83
N ASN B 150 9.11 17.08 -42.10
CA ASN B 150 9.99 16.53 -43.17
C ASN B 150 11.28 17.32 -43.24
N GLU B 151 11.24 18.63 -43.12
CA GLU B 151 12.46 19.47 -43.22
C GLU B 151 13.41 19.16 -42.07
N ILE B 152 12.88 19.06 -40.85
CA ILE B 152 13.71 18.70 -39.66
C ILE B 152 14.37 17.34 -39.93
N MET B 153 13.59 16.36 -40.40
CA MET B 153 14.05 14.97 -40.58
C MET B 153 15.09 14.94 -41.71
N ALA B 154 14.97 15.83 -42.68
CA ALA B 154 15.87 15.85 -43.86
C ALA B 154 17.16 16.61 -43.59
N ASN B 155 17.18 17.56 -42.66
CA ASN B 155 18.37 18.45 -42.50
C ASN B 155 18.84 18.52 -41.07
N SER B 156 17.94 18.59 -40.08
CA SER B 156 18.35 18.76 -38.67
C SER B 156 19.45 17.74 -38.33
N LEU B 157 20.56 18.24 -37.78
CA LEU B 157 21.63 17.40 -37.24
C LEU B 157 21.55 17.42 -35.72
N ASP B 158 20.61 18.16 -35.16
CA ASP B 158 20.39 18.17 -33.69
C ASP B 158 19.75 16.83 -33.33
N TYR B 159 20.37 16.07 -32.46
CA TYR B 159 19.77 14.81 -31.95
C TYR B 159 18.43 15.10 -31.26
N ASN B 160 18.35 16.14 -30.46
CA ASN B 160 17.12 16.40 -29.68
C ASN B 160 15.96 16.79 -30.60
N GLU B 161 16.23 17.65 -31.58
CA GLU B 161 15.15 18.11 -32.49
C GLU B 161 14.62 16.92 -33.29
N ARG B 162 15.52 16.11 -33.82
CA ARG B 162 15.13 14.92 -34.62
C ARG B 162 14.37 13.91 -33.75
N LEU B 163 14.78 13.69 -32.53
CA LEU B 163 14.06 12.74 -31.64
C LEU B 163 12.70 13.28 -31.34
N TRP B 164 12.60 14.58 -31.06
CA TRP B 164 11.28 15.18 -30.78
C TRP B 164 10.36 14.97 -31.98
N ALA B 165 10.80 15.31 -33.18
CA ALA B 165 9.97 15.23 -34.39
C ALA B 165 9.52 13.79 -34.65
N TRP B 166 10.45 12.86 -34.59
CA TRP B 166 10.15 11.43 -34.79
C TRP B 166 9.11 10.93 -33.80
N GLU B 167 9.41 11.06 -32.50
CA GLU B 167 8.49 10.53 -31.46
C GLU B 167 7.13 11.23 -31.59
N SER B 168 7.14 12.55 -31.73
CA SER B 168 5.88 13.35 -31.61
C SER B 168 4.98 12.94 -32.76
N TRP B 169 5.54 12.85 -33.96
CA TRP B 169 4.71 12.40 -35.10
C TRP B 169 4.15 11.00 -34.84
N ARG B 170 4.99 10.10 -34.41
CA ARG B 170 4.53 8.73 -34.01
C ARG B 170 3.38 8.83 -32.99
N SER B 171 3.57 9.51 -31.89
CA SER B 171 2.55 9.62 -30.79
C SER B 171 1.23 10.14 -31.39
N GLU B 172 1.22 11.35 -31.88
CA GLU B 172 -0.06 11.99 -32.30
C GLU B 172 -0.68 11.14 -33.43
N VAL B 173 -0.01 11.01 -34.54
CA VAL B 173 -0.70 10.48 -35.74
C VAL B 173 -0.91 8.98 -35.57
N GLY B 174 0.05 8.21 -35.11
CA GLY B 174 -0.15 6.75 -35.00
C GLY B 174 -1.18 6.42 -33.96
N LYS B 175 -1.21 7.12 -32.82
CA LYS B 175 -2.22 6.80 -31.81
C LYS B 175 -3.60 7.16 -32.37
N GLN B 176 -3.71 8.17 -33.23
CA GLN B 176 -5.03 8.43 -33.86
C GLN B 176 -5.35 7.35 -34.90
N LEU B 177 -4.37 6.86 -35.62
CA LEU B 177 -4.56 5.97 -36.80
C LEU B 177 -4.67 4.49 -36.44
N ARG B 178 -4.38 4.06 -35.24
CA ARG B 178 -4.39 2.63 -34.88
C ARG B 178 -5.79 2.01 -35.02
N PRO B 179 -6.85 2.43 -34.31
CA PRO B 179 -8.12 1.71 -34.38
C PRO B 179 -8.75 1.71 -35.77
N LEU B 180 -8.57 2.80 -36.51
CA LEU B 180 -9.04 2.85 -37.91
C LEU B 180 -8.33 1.79 -38.72
N TYR B 181 -7.05 1.59 -38.46
CA TYR B 181 -6.27 0.53 -39.16
C TYR B 181 -6.79 -0.87 -38.79
N GLU B 182 -7.15 -1.07 -37.55
CA GLU B 182 -7.74 -2.38 -37.12
C GLU B 182 -9.06 -2.65 -37.88
N GLU B 183 -9.94 -1.68 -37.91
CA GLU B 183 -11.25 -1.85 -38.59
C GLU B 183 -10.98 -2.01 -40.09
N TYR B 184 -10.00 -1.29 -40.61
CA TYR B 184 -9.66 -1.33 -42.06
C TYR B 184 -9.19 -2.72 -42.45
N VAL B 185 -8.30 -3.29 -41.66
CA VAL B 185 -7.78 -4.64 -41.99
C VAL B 185 -8.92 -5.66 -41.89
N VAL B 186 -9.78 -5.56 -40.89
CA VAL B 186 -10.91 -6.51 -40.76
C VAL B 186 -11.79 -6.41 -42.01
N LEU B 187 -12.20 -5.21 -42.38
CA LEU B 187 -13.14 -5.03 -43.52
C LEU B 187 -12.48 -5.45 -44.82
N LYS B 188 -11.22 -5.12 -45.02
CA LYS B 188 -10.53 -5.46 -46.29
C LYS B 188 -10.33 -6.96 -46.40
N ASN B 189 -10.00 -7.61 -45.30
CA ASN B 189 -9.91 -9.08 -45.28
C ASN B 189 -11.25 -9.71 -45.61
N GLU B 190 -12.34 -9.20 -45.05
CA GLU B 190 -13.69 -9.74 -45.31
C GLU B 190 -13.99 -9.58 -46.81
N MET B 191 -13.73 -8.42 -47.35
CA MET B 191 -14.04 -8.15 -48.78
C MET B 191 -13.21 -9.07 -49.67
N ALA B 192 -11.93 -9.23 -49.39
CA ALA B 192 -11.05 -10.12 -50.20
C ALA B 192 -11.52 -11.56 -50.09
N ARG B 193 -11.88 -12.02 -48.89
CA ARG B 193 -12.34 -13.41 -48.68
C ARG B 193 -13.64 -13.65 -49.46
N ALA B 194 -14.56 -12.70 -49.43
CA ALA B 194 -15.84 -12.83 -50.17
C ALA B 194 -15.61 -12.69 -51.68
N ASN B 195 -14.39 -12.55 -52.18
CA ASN B 195 -14.11 -12.38 -53.63
C ASN B 195 -13.19 -13.49 -54.14
N HIS B 196 -13.33 -14.71 -53.63
CA HIS B 196 -12.57 -15.90 -54.10
C HIS B 196 -11.05 -15.69 -53.92
N TYR B 197 -10.66 -14.94 -52.91
CA TYR B 197 -9.25 -14.77 -52.50
C TYR B 197 -9.08 -15.21 -51.07
N GLU B 198 -7.88 -15.64 -50.72
CA GLU B 198 -7.58 -16.15 -49.37
C GLU B 198 -7.71 -14.97 -48.40
N ASP B 199 -6.82 -14.02 -48.52
CA ASP B 199 -6.77 -12.76 -47.73
C ASP B 199 -6.57 -11.55 -48.63
N TYR B 200 -6.41 -10.38 -48.01
CA TYR B 200 -6.13 -9.14 -48.76
C TYR B 200 -4.71 -9.14 -49.35
N GLY B 201 -3.77 -9.72 -48.62
CA GLY B 201 -2.40 -9.90 -49.12
C GLY B 201 -2.41 -10.73 -50.40
N ASP B 202 -3.27 -11.75 -50.44
CA ASP B 202 -3.45 -12.58 -51.64
C ASP B 202 -3.98 -11.70 -52.77
N TYR B 203 -4.93 -10.83 -52.47
CA TYR B 203 -5.52 -9.93 -53.50
C TYR B 203 -4.41 -9.05 -54.07
N TRP B 204 -3.56 -8.52 -53.22
CA TRP B 204 -2.42 -7.67 -53.70
C TRP B 204 -1.44 -8.46 -54.53
N ARG B 205 -1.10 -9.65 -54.07
CA ARG B 205 -0.14 -10.51 -54.83
C ARG B 205 -0.76 -11.05 -56.11
N GLY B 206 -2.08 -11.03 -56.27
CA GLY B 206 -2.75 -11.52 -57.49
C GLY B 206 -2.39 -10.76 -58.73
N ASP B 207 -1.75 -9.60 -58.60
CA ASP B 207 -1.27 -8.86 -59.78
C ASP B 207 -0.25 -9.66 -60.59
N TYR B 208 0.67 -10.33 -59.91
CA TYR B 208 1.73 -11.13 -60.55
C TYR B 208 1.20 -12.50 -61.03
N GLU B 209 0.05 -12.96 -60.59
CA GLU B 209 -0.41 -14.32 -60.94
C GLU B 209 -0.59 -14.47 -62.45
N VAL B 210 -0.04 -15.55 -62.99
CA VAL B 210 -0.24 -15.95 -64.42
C VAL B 210 -0.58 -17.42 -64.45
N ASN B 211 -1.59 -17.80 -65.21
CA ASN B 211 -2.09 -19.18 -65.29
C ASN B 211 -2.70 -19.42 -66.65
N GLY B 212 -3.00 -20.69 -66.94
CA GLY B 212 -3.56 -21.16 -68.22
C GLY B 212 -2.66 -20.89 -69.41
N VAL B 213 -1.36 -21.08 -69.26
CA VAL B 213 -0.41 -21.00 -70.41
C VAL B 213 0.48 -22.25 -70.52
N ASP B 214 0.60 -23.07 -69.48
CA ASP B 214 1.31 -24.37 -69.54
C ASP B 214 2.78 -24.13 -69.89
N GLY B 215 3.49 -23.50 -68.97
CA GLY B 215 4.96 -23.36 -69.03
C GLY B 215 5.47 -22.02 -68.57
N TYR B 216 4.65 -20.99 -68.50
CA TYR B 216 5.01 -19.65 -67.97
C TYR B 216 4.21 -19.32 -66.73
N ASP B 217 3.72 -20.32 -66.03
CA ASP B 217 2.80 -20.08 -64.88
C ASP B 217 3.56 -19.42 -63.72
N TYR B 218 2.85 -18.66 -62.92
CA TYR B 218 3.43 -17.99 -61.73
C TYR B 218 2.37 -17.91 -60.65
N SER B 219 2.52 -18.70 -59.60
CA SER B 219 1.51 -18.76 -58.51
C SER B 219 1.61 -17.50 -57.65
N ARG B 220 0.53 -17.16 -56.98
CA ARG B 220 0.52 -15.98 -56.08
C ARG B 220 1.45 -16.23 -54.88
N GLY B 221 1.40 -17.41 -54.29
CA GLY B 221 2.27 -17.72 -53.13
C GLY B 221 3.74 -17.70 -53.51
N GLN B 222 4.09 -18.26 -54.67
CA GLN B 222 5.50 -18.39 -55.12
C GLN B 222 6.21 -17.04 -55.01
N LEU B 223 5.55 -15.96 -55.40
CA LEU B 223 6.15 -14.61 -55.35
C LEU B 223 6.81 -14.39 -54.00
N ILE B 224 6.10 -14.67 -52.90
CA ILE B 224 6.67 -14.47 -51.54
C ILE B 224 8.07 -15.07 -51.51
N GLU B 225 8.15 -16.38 -51.75
CA GLU B 225 9.46 -17.07 -51.56
C GLU B 225 10.49 -16.42 -52.48
N ASP B 226 10.11 -16.11 -53.70
CA ASP B 226 11.06 -15.47 -54.64
C ASP B 226 11.63 -14.22 -54.00
N VAL B 227 10.77 -13.35 -53.50
CA VAL B 227 11.24 -12.10 -52.83
C VAL B 227 12.25 -12.47 -51.75
N GLU B 228 11.87 -13.39 -50.87
CA GLU B 228 12.80 -13.85 -49.78
C GLU B 228 14.15 -14.25 -50.38
N HIS B 229 14.14 -15.08 -51.41
CA HIS B 229 15.39 -15.56 -52.02
C HIS B 229 16.24 -14.36 -52.42
N THR B 230 15.62 -13.40 -53.08
CA THR B 230 16.37 -12.23 -53.58
C THR B 230 17.03 -11.52 -52.41
N PHE B 231 16.30 -11.34 -51.32
CA PHE B 231 16.85 -10.61 -50.16
C PHE B 231 18.05 -11.35 -49.59
N GLU B 232 18.09 -12.68 -49.68
CA GLU B 232 19.24 -13.44 -49.18
C GLU B 232 20.53 -13.04 -49.89
N GLU B 233 20.44 -12.57 -51.12
CA GLU B 233 21.63 -12.17 -51.90
C GLU B 233 21.92 -10.69 -51.72
N ILE B 234 21.09 -9.97 -50.96
CA ILE B 234 21.27 -8.50 -50.82
C ILE B 234 21.87 -8.17 -49.45
N LYS B 235 21.61 -9.02 -48.45
CA LYS B 235 22.08 -8.72 -47.06
C LYS B 235 23.58 -8.43 -47.04
N PRO B 236 24.46 -9.21 -47.71
CA PRO B 236 25.91 -9.00 -47.60
C PRO B 236 26.33 -7.56 -47.97
N LEU B 237 25.91 -7.07 -49.14
CA LEU B 237 26.27 -5.69 -49.58
C LEU B 237 25.66 -4.69 -48.61
N TYR B 238 24.37 -4.85 -48.30
CA TYR B 238 23.67 -3.94 -47.36
C TYR B 238 24.39 -3.89 -46.01
N GLU B 239 24.74 -5.04 -45.47
CA GLU B 239 25.48 -5.12 -44.17
C GLU B 239 26.69 -4.20 -44.23
N HIS B 240 27.51 -4.34 -45.25
CA HIS B 240 28.72 -3.50 -45.38
C HIS B 240 28.32 -2.04 -45.40
N LEU B 241 27.37 -1.69 -46.25
CA LEU B 241 26.88 -0.29 -46.33
C LEU B 241 26.43 0.19 -44.95
N HIS B 242 25.64 -0.62 -44.28
CA HIS B 242 25.16 -0.30 -42.93
C HIS B 242 26.34 0.03 -42.05
N ALA B 243 27.32 -0.86 -42.00
CA ALA B 243 28.51 -0.69 -41.12
C ALA B 243 29.17 0.63 -41.46
N TYR B 244 29.37 0.89 -42.73
CA TYR B 244 30.06 2.12 -43.16
C TYR B 244 29.30 3.32 -42.62
N VAL B 245 28.02 3.35 -42.88
CA VAL B 245 27.17 4.51 -42.45
C VAL B 245 27.30 4.67 -40.93
N ARG B 246 27.24 3.58 -40.21
CA ARG B 246 27.39 3.65 -38.73
C ARG B 246 28.65 4.39 -38.31
N ALA B 247 29.78 4.03 -38.91
CA ALA B 247 31.06 4.71 -38.57
C ALA B 247 30.92 6.19 -38.87
N LYS B 248 30.40 6.55 -40.03
CA LYS B 248 30.30 7.97 -40.41
C LYS B 248 29.31 8.71 -39.55
N LEU B 249 28.38 8.04 -38.91
CA LEU B 249 27.47 8.72 -37.96
C LEU B 249 28.14 8.88 -36.59
N MET B 250 29.12 8.08 -36.24
CA MET B 250 29.76 8.17 -34.91
C MET B 250 30.44 9.54 -34.70
N ASN B 251 30.89 10.16 -35.77
CA ASN B 251 31.42 11.54 -35.74
C ASN B 251 30.30 12.55 -35.56
N ALA B 252 29.16 12.33 -36.20
CA ALA B 252 28.04 13.31 -36.24
C ALA B 252 27.37 13.36 -34.86
N TYR B 253 27.15 12.21 -34.26
CA TYR B 253 26.49 12.08 -32.93
C TYR B 253 27.37 11.22 -32.06
N PRO B 254 28.51 11.74 -31.55
CA PRO B 254 29.36 10.93 -30.66
C PRO B 254 28.64 10.60 -29.35
N SER B 255 28.98 9.43 -28.81
CA SER B 255 28.41 8.88 -27.55
C SER B 255 26.92 8.54 -27.67
N TYR B 256 26.40 8.41 -28.88
CA TYR B 256 24.98 8.05 -29.11
C TYR B 256 24.80 6.76 -29.89
N ILE B 257 25.79 6.27 -30.63
CA ILE B 257 25.64 5.04 -31.44
C ILE B 257 26.69 4.04 -30.99
N SER B 258 26.28 2.82 -30.71
CA SER B 258 27.21 1.74 -30.33
C SER B 258 27.81 1.17 -31.61
N PRO B 259 29.16 1.01 -31.70
CA PRO B 259 29.76 0.42 -32.90
C PRO B 259 29.30 -1.01 -33.23
N ILE B 260 28.74 -1.74 -32.28
CA ILE B 260 28.26 -3.12 -32.52
C ILE B 260 26.73 -3.20 -32.49
N GLY B 261 26.04 -2.08 -32.56
CA GLY B 261 24.58 -2.02 -32.43
C GLY B 261 23.90 -1.48 -33.65
N CYS B 262 22.58 -1.51 -33.66
CA CYS B 262 21.76 -0.98 -34.76
C CYS B 262 21.75 0.55 -34.75
N LEU B 263 21.28 1.11 -35.83
CA LEU B 263 21.24 2.59 -36.01
C LEU B 263 19.95 3.10 -35.41
N PRO B 264 19.99 4.20 -34.62
CA PRO B 264 18.75 4.77 -34.11
C PRO B 264 17.87 5.27 -35.27
N ALA B 265 16.58 5.14 -35.13
CA ALA B 265 15.65 5.27 -36.29
C ALA B 265 15.44 6.73 -36.65
N HIS B 266 15.75 7.66 -35.76
CA HIS B 266 15.49 9.11 -36.01
C HIS B 266 16.72 9.82 -36.59
N LEU B 267 17.77 9.09 -36.96
CA LEU B 267 19.01 9.69 -37.52
C LEU B 267 19.20 9.32 -38.97
N LEU B 268 18.21 8.78 -39.66
CA LEU B 268 18.40 8.18 -40.99
C LEU B 268 18.00 9.11 -42.11
N GLY B 269 17.94 10.41 -41.89
CA GLY B 269 17.82 11.41 -42.97
C GLY B 269 16.39 11.77 -43.33
N ASP B 270 15.44 11.00 -42.88
CA ASP B 270 14.01 11.34 -43.04
C ASP B 270 13.20 10.65 -41.93
N MET B 271 11.90 10.91 -41.90
CA MET B 271 11.03 10.47 -40.76
C MET B 271 10.96 8.96 -40.59
N TRP B 272 10.93 8.21 -41.69
CA TRP B 272 10.76 6.72 -41.64
C TRP B 272 12.06 5.96 -41.83
N GLY B 273 13.00 6.48 -42.60
CA GLY B 273 14.16 5.71 -43.07
C GLY B 273 13.89 5.01 -44.38
N ARG B 274 12.96 5.50 -45.18
CA ARG B 274 12.74 4.86 -46.51
C ARG B 274 14.03 4.97 -47.34
N PHE B 275 14.64 6.16 -47.35
CA PHE B 275 15.87 6.43 -48.11
C PHE B 275 16.90 7.05 -47.18
N TRP B 276 18.14 6.76 -47.43
CA TRP B 276 19.30 7.35 -46.72
C TRP B 276 19.91 8.46 -47.53
N THR B 277 19.22 9.07 -48.48
CA THR B 277 19.81 10.08 -49.38
C THR B 277 20.39 11.25 -48.59
N ASN B 278 19.65 11.72 -47.59
CA ASN B 278 20.03 12.93 -46.85
C ASN B 278 21.21 12.69 -45.92
N LEU B 279 21.66 11.46 -45.77
CA LEU B 279 22.97 11.16 -45.11
C LEU B 279 24.15 11.43 -46.00
N TYR B 280 23.97 11.74 -47.28
CA TYR B 280 25.14 11.86 -48.20
C TYR B 280 26.12 12.93 -47.73
N SER B 281 25.60 14.06 -47.25
CA SER B 281 26.46 15.16 -46.77
C SER B 281 27.35 14.67 -45.61
N LEU B 282 26.87 13.71 -44.85
CA LEU B 282 27.62 13.18 -43.68
C LEU B 282 28.51 12.00 -44.07
N THR B 283 28.35 11.41 -45.23
CA THR B 283 28.98 10.11 -45.59
C THR B 283 29.58 10.21 -46.99
N VAL B 284 30.33 11.26 -47.26
CA VAL B 284 31.05 11.41 -48.55
C VAL B 284 32.38 10.68 -48.42
N PRO B 285 32.69 9.69 -49.29
CA PRO B 285 34.01 9.07 -49.28
C PRO B 285 35.15 10.05 -49.49
N PHE B 286 34.98 10.99 -50.42
CA PHE B 286 36.01 12.01 -50.76
C PHE B 286 35.30 13.33 -50.99
N GLY B 287 35.17 14.12 -49.94
CA GLY B 287 34.52 15.45 -50.00
C GLY B 287 35.34 16.51 -50.70
N GLN B 288 36.65 16.36 -50.75
CA GLN B 288 37.55 17.40 -51.34
C GLN B 288 37.25 17.57 -52.83
N LYS B 289 37.02 16.48 -53.55
CA LYS B 289 36.78 16.56 -55.01
C LYS B 289 35.28 16.40 -55.24
N PRO B 290 34.57 17.45 -55.71
CA PRO B 290 33.14 17.33 -55.96
C PRO B 290 32.83 16.47 -57.19
N ASN B 291 31.59 16.05 -57.28
CA ASN B 291 31.11 15.21 -58.42
C ASN B 291 30.78 16.14 -59.60
N ILE B 292 30.26 15.56 -60.66
CA ILE B 292 29.90 16.32 -61.89
C ILE B 292 28.78 17.31 -61.58
N ASP B 293 28.97 18.55 -61.99
CA ASP B 293 27.94 19.63 -61.89
C ASP B 293 28.00 20.44 -63.17
N VAL B 294 26.96 20.41 -63.97
CA VAL B 294 26.99 20.96 -65.36
C VAL B 294 25.98 22.10 -65.52
N THR B 295 25.05 22.32 -64.60
CA THR B 295 24.04 23.40 -64.74
C THR B 295 24.71 24.76 -64.99
N ASP B 296 25.88 25.01 -64.42
CA ASP B 296 26.63 26.26 -64.70
C ASP B 296 26.98 26.34 -66.19
N ALA B 297 27.48 25.25 -66.76
CA ALA B 297 27.88 25.21 -68.18
C ALA B 297 26.61 25.34 -69.04
N MET B 298 25.52 24.70 -68.61
CA MET B 298 24.24 24.78 -69.35
C MET B 298 23.74 26.22 -69.38
N VAL B 299 23.86 26.92 -68.26
CA VAL B 299 23.48 28.37 -68.17
C VAL B 299 24.44 29.17 -69.07
N ASP B 300 25.72 28.87 -69.03
CA ASP B 300 26.72 29.60 -69.86
C ASP B 300 26.40 29.48 -71.33
N GLN B 301 26.01 28.28 -71.78
CA GLN B 301 25.58 28.09 -73.19
C GLN B 301 24.28 28.85 -73.47
N ALA B 302 23.52 29.21 -72.43
CA ALA B 302 22.30 30.04 -72.56
C ALA B 302 21.28 29.30 -73.46
N TRP B 303 20.88 28.13 -73.03
CA TRP B 303 19.84 27.33 -73.73
C TRP B 303 18.50 27.51 -73.03
N ASP B 304 17.49 27.89 -73.78
CA ASP B 304 16.11 27.95 -73.24
C ASP B 304 15.63 26.54 -72.89
N ALA B 305 14.58 26.47 -72.08
CA ALA B 305 13.99 25.17 -71.67
C ALA B 305 13.10 24.62 -72.79
N GLN B 306 13.57 24.62 -74.03
CA GLN B 306 12.89 23.98 -75.18
C GLN B 306 13.88 23.14 -75.98
N ARG B 307 15.12 23.60 -76.14
CA ARG B 307 16.16 22.84 -76.88
C ARG B 307 16.52 21.52 -76.18
N ILE B 308 16.46 21.47 -74.86
CA ILE B 308 16.85 20.24 -74.11
C ILE B 308 15.86 19.13 -74.48
N PHE B 309 14.57 19.47 -74.63
CA PHE B 309 13.56 18.47 -75.02
C PHE B 309 13.83 17.95 -76.44
N LYS B 310 14.19 18.84 -77.35
CA LYS B 310 14.51 18.45 -78.75
C LYS B 310 15.75 17.55 -78.76
N GLU B 311 16.78 17.91 -77.99
CA GLU B 311 18.01 17.09 -77.93
C GLU B 311 17.71 15.72 -77.33
N ALA B 312 16.88 15.68 -76.29
CA ALA B 312 16.51 14.40 -75.65
C ALA B 312 15.72 13.54 -76.65
N GLU B 313 14.81 14.15 -77.40
CA GLU B 313 14.01 13.41 -78.42
C GLU B 313 14.96 12.88 -79.50
N LYS B 314 15.95 13.70 -79.91
CA LYS B 314 16.93 13.26 -80.93
C LYS B 314 17.71 12.04 -80.39
N PHE B 315 18.14 12.11 -79.14
CA PHE B 315 18.84 10.97 -78.48
C PHE B 315 17.93 9.74 -78.43
N PHE B 316 16.67 9.93 -78.14
CA PHE B 316 15.69 8.82 -78.07
C PHE B 316 15.52 8.18 -79.45
N VAL B 317 15.42 8.99 -80.50
CA VAL B 317 15.21 8.44 -81.88
C VAL B 317 16.53 7.88 -82.42
N SER B 318 17.68 8.29 -81.87
CA SER B 318 18.99 7.79 -82.37
C SER B 318 19.12 6.29 -82.11
N VAL B 319 18.47 5.75 -81.09
CA VAL B 319 18.59 4.30 -80.75
C VAL B 319 17.64 3.47 -81.61
N GLY B 320 16.86 4.07 -82.49
CA GLY B 320 15.91 3.34 -83.36
C GLY B 320 14.48 3.41 -82.87
N LEU B 321 14.18 4.19 -81.81
CA LEU B 321 12.79 4.34 -81.36
C LEU B 321 11.99 5.18 -82.35
N PRO B 322 10.66 4.95 -82.45
CA PRO B 322 9.84 5.73 -83.40
C PRO B 322 9.86 7.22 -83.07
N ASN B 323 9.71 8.03 -84.10
CA ASN B 323 9.68 9.51 -83.97
C ASN B 323 8.44 9.93 -83.18
N MET B 324 8.59 11.01 -82.41
CA MET B 324 7.50 11.49 -81.52
C MET B 324 6.52 12.31 -82.34
N THR B 325 5.23 12.11 -82.10
CA THR B 325 4.13 12.78 -82.83
C THR B 325 4.22 14.29 -82.67
N GLN B 326 3.75 14.99 -83.70
CA GLN B 326 3.71 16.47 -83.69
C GLN B 326 2.71 16.99 -82.66
N GLY B 327 1.68 16.21 -82.35
CA GLY B 327 0.66 16.57 -81.33
C GLY B 327 1.25 16.93 -79.99
N PHE B 328 2.27 16.20 -79.55
CA PHE B 328 2.95 16.47 -78.26
C PHE B 328 3.56 17.88 -78.31
N TRP B 329 4.23 18.21 -79.40
CA TRP B 329 4.87 19.55 -79.54
C TRP B 329 3.80 20.65 -79.63
N GLU B 330 2.72 20.40 -80.37
CA GLU B 330 1.72 21.46 -80.68
C GLU B 330 0.99 21.87 -79.39
N ASN B 331 0.53 20.89 -78.61
CA ASN B 331 -0.24 21.16 -77.37
C ASN B 331 0.42 20.38 -76.24
N SER B 332 1.01 21.10 -75.30
CA SER B 332 1.63 20.50 -74.09
C SER B 332 1.83 21.60 -73.05
N MET B 333 1.92 21.20 -71.79
CA MET B 333 2.23 22.13 -70.68
C MET B 333 3.69 21.89 -70.35
N LEU B 334 4.57 22.56 -71.09
CA LEU B 334 6.03 22.28 -71.05
C LEU B 334 6.69 23.20 -70.02
N THR B 335 6.51 24.50 -70.15
CA THR B 335 7.15 25.49 -69.25
C THR B 335 6.07 26.40 -68.69
N ASP B 336 6.19 26.71 -67.42
CA ASP B 336 5.19 27.57 -66.72
C ASP B 336 5.24 28.96 -67.34
N PRO B 337 4.09 29.52 -67.79
CA PRO B 337 4.08 30.88 -68.33
C PRO B 337 4.56 31.96 -67.34
N GLY B 338 4.32 31.76 -66.04
CA GLY B 338 4.73 32.73 -65.01
C GLY B 338 3.73 33.86 -64.83
N ASN B 339 2.53 33.79 -65.40
CA ASN B 339 1.48 34.82 -65.22
C ASN B 339 0.82 34.64 -63.85
N VAL B 340 -0.31 35.30 -63.63
CA VAL B 340 -1.09 35.21 -62.37
C VAL B 340 -1.57 33.76 -62.16
N GLN B 341 -1.66 32.95 -63.23
CA GLN B 341 -2.08 31.55 -63.11
C GLN B 341 -1.04 30.75 -62.31
N LYS B 342 -1.48 30.03 -61.29
CA LYS B 342 -0.60 29.22 -60.43
C LYS B 342 -1.19 27.82 -60.35
N ALA B 343 -0.75 26.93 -61.23
CA ALA B 343 -1.23 25.52 -61.29
C ALA B 343 -0.06 24.57 -61.02
N VAL B 344 -0.35 23.49 -60.32
CA VAL B 344 0.65 22.46 -59.98
C VAL B 344 1.20 21.84 -61.27
N CYS B 345 2.52 21.78 -61.39
CA CYS B 345 3.22 21.21 -62.58
C CYS B 345 4.08 20.02 -62.13
N HIS B 346 3.51 19.17 -61.28
CA HIS B 346 4.16 17.90 -60.90
C HIS B 346 4.34 17.06 -62.16
N PRO B 347 5.54 16.46 -62.39
CA PRO B 347 5.80 15.72 -63.62
C PRO B 347 4.81 14.57 -63.86
N THR B 348 4.32 14.44 -65.08
CA THR B 348 3.31 13.43 -65.46
C THR B 348 3.28 13.29 -66.98
N ALA B 349 3.19 12.06 -67.46
CA ALA B 349 3.03 11.75 -68.90
C ALA B 349 1.57 11.42 -69.14
N TRP B 350 0.84 12.35 -69.73
CA TRP B 350 -0.61 12.16 -70.01
C TRP B 350 -0.78 11.37 -71.30
N ASP B 351 -1.56 10.30 -71.25
CA ASP B 351 -1.81 9.44 -72.44
C ASP B 351 -3.29 9.41 -72.75
N LEU B 352 -3.88 10.57 -72.92
CA LEU B 352 -5.33 10.72 -73.23
C LEU B 352 -5.77 9.72 -74.31
N GLY B 353 -4.92 9.48 -75.30
CA GLY B 353 -5.04 8.39 -76.28
C GLY B 353 -5.42 8.93 -77.65
N LYS B 354 -5.65 8.01 -78.59
CA LYS B 354 -5.93 8.33 -80.02
C LYS B 354 -4.89 9.25 -80.60
N GLY B 355 -3.63 8.98 -80.26
CA GLY B 355 -2.49 9.80 -80.70
C GLY B 355 -2.30 11.09 -79.94
N ASP B 356 -3.10 11.38 -78.91
CA ASP B 356 -3.00 12.62 -78.12
C ASP B 356 -2.26 12.29 -76.84
N PHE B 357 -1.04 12.77 -76.71
CA PHE B 357 -0.22 12.61 -75.49
C PHE B 357 0.40 13.95 -75.12
N ARG B 358 0.65 14.12 -73.84
CA ARG B 358 1.17 15.39 -73.31
C ARG B 358 2.15 15.13 -72.18
N ILE B 359 2.92 16.15 -71.85
CA ILE B 359 3.84 16.14 -70.69
C ILE B 359 3.51 17.35 -69.82
N LEU B 360 3.35 17.10 -68.53
CA LEU B 360 3.11 18.17 -67.52
C LEU B 360 4.28 18.14 -66.55
N MET B 361 5.22 19.05 -66.74
CA MET B 361 6.43 19.10 -65.87
C MET B 361 7.08 20.46 -66.01
N CYS B 362 7.16 21.18 -64.90
CA CYS B 362 7.80 22.51 -64.85
C CYS B 362 9.30 22.38 -65.16
N THR B 363 9.79 23.19 -66.06
CA THR B 363 11.19 23.09 -66.55
C THR B 363 12.02 24.20 -65.92
N LYS B 364 13.06 23.81 -65.20
CA LYS B 364 14.14 24.72 -64.72
C LYS B 364 15.42 24.39 -65.48
N VAL B 365 16.50 25.04 -65.11
CA VAL B 365 17.84 24.75 -65.67
C VAL B 365 18.67 24.07 -64.59
N THR B 366 18.56 22.75 -64.53
CA THR B 366 19.31 21.88 -63.59
C THR B 366 19.57 20.54 -64.27
N MET B 367 20.46 19.75 -63.69
CA MET B 367 20.56 18.31 -64.03
C MET B 367 19.23 17.58 -63.75
N ASP B 368 18.58 17.89 -62.64
CA ASP B 368 17.41 17.10 -62.17
C ASP B 368 16.30 17.16 -63.23
N ASP B 369 16.00 18.33 -63.72
CA ASP B 369 14.96 18.49 -64.78
C ASP B 369 15.45 17.87 -66.08
N PHE B 370 16.75 17.95 -66.38
CA PHE B 370 17.30 17.36 -67.62
C PHE B 370 17.09 15.84 -67.63
N LEU B 371 17.31 15.20 -66.50
CA LEU B 371 17.12 13.72 -66.37
C LEU B 371 15.63 13.40 -66.25
N THR B 372 14.85 14.25 -65.60
CA THR B 372 13.39 14.02 -65.49
C THR B 372 12.73 14.09 -66.87
N ALA B 373 13.25 14.92 -67.76
CA ALA B 373 12.79 14.94 -69.18
C ALA B 373 12.98 13.56 -69.81
N HIS B 374 14.14 12.97 -69.62
CA HIS B 374 14.44 11.61 -70.16
C HIS B 374 13.50 10.59 -69.51
N HIS B 375 13.29 10.69 -68.21
CA HIS B 375 12.38 9.76 -67.49
C HIS B 375 10.96 9.84 -68.07
N GLU B 376 10.43 11.04 -68.19
CA GLU B 376 9.05 11.23 -68.68
C GLU B 376 8.95 10.82 -70.15
N MET B 377 9.97 11.10 -70.95
CA MET B 377 9.88 10.72 -72.38
C MET B 377 10.01 9.21 -72.51
N GLY B 378 10.78 8.55 -71.67
CA GLY B 378 10.78 7.06 -71.61
C GLY B 378 9.41 6.54 -71.25
N HIS B 379 8.78 7.15 -70.27
CA HIS B 379 7.38 6.80 -69.90
C HIS B 379 6.45 6.88 -71.11
N ILE B 380 6.47 8.00 -71.80
CA ILE B 380 5.50 8.22 -72.91
C ILE B 380 5.89 7.33 -74.10
N GLN B 381 7.17 7.10 -74.32
CA GLN B 381 7.61 6.19 -75.41
C GLN B 381 7.10 4.77 -75.16
N TYR B 382 7.24 4.30 -73.92
CA TYR B 382 6.64 3.01 -73.53
C TYR B 382 5.13 3.03 -73.80
N ASP B 383 4.47 4.07 -73.33
CA ASP B 383 2.99 4.13 -73.37
C ASP B 383 2.48 4.15 -74.82
N MET B 384 3.17 4.88 -75.69
CA MET B 384 2.75 5.04 -77.09
C MET B 384 3.24 3.88 -77.95
N ALA B 385 4.20 3.09 -77.51
CA ALA B 385 4.73 1.96 -78.31
C ALA B 385 3.62 0.96 -78.65
N TYR B 386 2.70 0.73 -77.73
CA TYR B 386 1.69 -0.35 -77.80
C TYR B 386 0.30 0.26 -77.90
N ALA B 387 0.16 1.37 -78.63
CA ALA B 387 -1.17 1.99 -78.85
C ALA B 387 -2.11 1.09 -79.66
N ALA B 388 -1.58 0.12 -80.42
CA ALA B 388 -2.40 -0.80 -81.23
C ALA B 388 -3.17 -1.79 -80.36
N GLN B 389 -2.74 -2.03 -79.14
CA GLN B 389 -3.39 -3.01 -78.25
C GLN B 389 -4.78 -2.51 -77.85
N PRO B 390 -5.71 -3.43 -77.50
CA PRO B 390 -7.01 -3.01 -76.98
C PRO B 390 -6.93 -2.11 -75.75
N PHE B 391 -8.02 -1.41 -75.48
CA PHE B 391 -8.07 -0.42 -74.38
C PHE B 391 -7.85 -1.12 -73.03
N LEU B 392 -8.49 -2.27 -72.81
CA LEU B 392 -8.30 -3.03 -71.54
C LEU B 392 -6.90 -3.62 -71.45
N LEU B 393 -6.20 -3.82 -72.57
CA LEU B 393 -4.82 -4.35 -72.55
C LEU B 393 -3.81 -3.20 -72.71
N ARG B 394 -4.24 -1.95 -72.60
CA ARG B 394 -3.35 -0.78 -72.77
C ARG B 394 -2.73 -0.43 -71.41
N ASN B 395 -1.87 -1.30 -70.91
CA ASN B 395 -1.09 -1.08 -69.69
C ASN B 395 0.19 -1.90 -69.73
N GLY B 396 1.12 -1.55 -68.85
CA GLY B 396 2.39 -2.27 -68.64
C GLY B 396 2.17 -3.72 -68.23
N ALA B 397 3.21 -4.52 -68.35
CA ALA B 397 3.17 -5.95 -68.02
C ALA B 397 2.73 -6.13 -66.57
N ASN B 398 3.32 -5.38 -65.67
CA ASN B 398 2.83 -5.30 -64.27
C ASN B 398 3.23 -3.95 -63.69
N GLU B 399 3.09 -3.80 -62.39
CA GLU B 399 3.36 -2.53 -61.67
C GLU B 399 4.84 -2.13 -61.72
N GLY B 400 5.77 -3.04 -62.02
CA GLY B 400 7.21 -2.69 -61.98
C GLY B 400 7.78 -2.22 -63.31
N PHE B 401 7.22 -2.61 -64.44
CA PHE B 401 7.85 -2.36 -65.75
C PHE B 401 7.83 -0.87 -66.10
N HIS B 402 6.72 -0.21 -65.85
CA HIS B 402 6.50 1.18 -66.35
C HIS B 402 7.55 2.13 -65.76
N GLU B 403 7.78 2.05 -64.47
CA GLU B 403 8.82 2.91 -63.83
C GLU B 403 10.22 2.37 -64.13
N ALA B 404 10.39 1.07 -64.33
CA ALA B 404 11.70 0.49 -64.64
C ALA B 404 12.22 1.03 -65.99
N VAL B 405 11.35 1.18 -66.97
CA VAL B 405 11.76 1.70 -68.30
C VAL B 405 12.30 3.12 -68.12
N GLY B 406 11.56 3.95 -67.41
CA GLY B 406 12.01 5.33 -67.13
C GLY B 406 13.32 5.38 -66.38
N GLU B 407 13.45 4.51 -65.39
CA GLU B 407 14.69 4.45 -64.57
C GLU B 407 15.90 4.07 -65.44
N ILE B 408 15.76 3.07 -66.30
CA ILE B 408 16.91 2.67 -67.16
C ILE B 408 17.19 3.80 -68.15
N MET B 409 16.16 4.47 -68.65
CA MET B 409 16.37 5.56 -69.61
C MET B 409 17.17 6.69 -68.97
N SER B 410 16.76 7.10 -67.77
CA SER B 410 17.46 8.18 -67.03
C SER B 410 18.88 7.74 -66.65
N LEU B 411 19.04 6.50 -66.21
CA LEU B 411 20.36 6.01 -65.69
C LEU B 411 21.43 6.20 -66.75
N SER B 412 21.13 5.84 -68.00
CA SER B 412 22.09 5.95 -69.13
C SER B 412 22.39 7.43 -69.42
N ALA B 413 21.39 8.30 -69.25
CA ALA B 413 21.54 9.73 -69.58
C ALA B 413 22.50 10.42 -68.59
N ALA B 414 22.44 10.03 -67.32
CA ALA B 414 23.28 10.67 -66.27
C ALA B 414 24.75 10.28 -66.46
N THR B 415 25.04 9.22 -67.24
CA THR B 415 26.43 8.75 -67.44
C THR B 415 27.29 9.93 -67.90
N PRO B 416 28.48 10.15 -67.30
CA PRO B 416 29.30 11.33 -67.64
C PRO B 416 29.69 11.35 -69.13
N LYS B 417 29.88 10.18 -69.72
CA LYS B 417 30.08 10.02 -71.19
C LYS B 417 28.95 10.70 -71.97
N HIS B 418 27.70 10.47 -71.58
CA HIS B 418 26.53 11.08 -72.25
C HIS B 418 26.61 12.61 -72.10
N LEU B 419 26.97 13.07 -70.91
CA LEU B 419 27.11 14.52 -70.63
C LEU B 419 28.19 15.12 -71.54
N LYS B 420 29.30 14.41 -71.70
CA LYS B 420 30.40 14.87 -72.59
C LYS B 420 29.93 14.80 -74.04
N SER B 421 29.19 13.76 -74.40
CA SER B 421 28.70 13.55 -75.79
C SER B 421 27.77 14.71 -76.19
N ILE B 422 26.91 15.15 -75.27
CA ILE B 422 26.02 16.32 -75.51
C ILE B 422 26.83 17.61 -75.38
N GLY B 423 28.10 17.53 -75.01
CA GLY B 423 28.98 18.70 -74.90
C GLY B 423 28.76 19.46 -73.60
N LEU B 424 27.84 19.01 -72.74
CA LEU B 424 27.54 19.69 -71.46
C LEU B 424 28.77 19.65 -70.55
N LEU B 425 29.36 18.48 -70.38
CA LEU B 425 30.50 18.30 -69.45
C LEU B 425 31.79 18.73 -70.15
N SER B 426 32.59 19.60 -69.52
CA SER B 426 33.91 20.03 -70.06
C SER B 426 34.53 18.80 -70.75
N PRO B 427 34.77 18.83 -72.08
CA PRO B 427 35.25 17.63 -72.78
C PRO B 427 36.68 17.24 -72.36
N ASP B 428 37.39 18.13 -71.66
CA ASP B 428 38.71 17.83 -71.09
C ASP B 428 38.57 17.31 -69.65
N PHE B 429 37.35 17.27 -69.10
CA PHE B 429 37.15 16.81 -67.71
C PHE B 429 37.64 15.36 -67.53
N GLN B 430 38.16 15.02 -66.37
CA GLN B 430 38.68 13.67 -66.07
C GLN B 430 37.69 12.98 -65.12
N GLU B 431 37.25 11.78 -65.47
CA GLU B 431 36.27 11.01 -64.66
C GLU B 431 37.02 10.28 -63.54
N ASP B 432 37.51 11.02 -62.55
CA ASP B 432 38.39 10.41 -61.51
C ASP B 432 37.65 9.25 -60.83
N ASN B 433 38.34 8.12 -60.64
CA ASN B 433 37.73 6.95 -59.96
C ASN B 433 37.19 7.38 -58.59
N GLU B 434 37.80 8.41 -57.98
CA GLU B 434 37.25 8.89 -56.71
C GLU B 434 35.86 9.49 -56.90
N THR B 435 35.67 10.26 -57.94
CA THR B 435 34.32 10.81 -58.27
C THR B 435 33.38 9.65 -58.60
N GLU B 436 33.89 8.62 -59.24
CA GLU B 436 33.08 7.43 -59.59
C GLU B 436 32.62 6.75 -58.29
N ILE B 437 33.52 6.62 -57.32
CA ILE B 437 33.16 6.02 -56.01
C ILE B 437 32.10 6.89 -55.31
N ASN B 438 32.29 8.20 -55.37
CA ASN B 438 31.30 9.15 -54.78
C ASN B 438 29.92 8.92 -55.41
N PHE B 439 29.88 8.86 -56.73
CA PHE B 439 28.59 8.65 -57.43
C PHE B 439 27.98 7.30 -57.05
N LEU B 440 28.81 6.26 -56.99
CA LEU B 440 28.29 4.90 -56.64
C LEU B 440 27.71 4.91 -55.23
N LEU B 441 28.37 5.54 -54.29
CA LEU B 441 27.83 5.59 -52.92
C LEU B 441 26.56 6.43 -52.86
N LYS B 442 26.50 7.53 -53.61
CA LYS B 442 25.26 8.35 -53.63
C LYS B 442 24.10 7.52 -54.19
N GLN B 443 24.35 6.73 -55.23
CA GLN B 443 23.30 5.84 -55.79
C GLN B 443 22.93 4.77 -54.79
N ALA B 444 23.91 4.23 -54.06
CA ALA B 444 23.66 3.12 -53.10
C ALA B 444 22.84 3.59 -51.93
N LEU B 445 23.06 4.81 -51.47
CA LEU B 445 22.27 5.34 -50.33
C LEU B 445 20.79 5.44 -50.66
N THR B 446 20.40 5.53 -51.93
CA THR B 446 18.98 5.56 -52.34
C THR B 446 18.49 4.16 -52.76
N ILE B 447 19.17 3.52 -53.67
CA ILE B 447 18.69 2.23 -54.25
C ILE B 447 18.81 1.10 -53.21
N VAL B 448 19.88 1.04 -52.46
CA VAL B 448 20.19 -0.15 -51.61
C VAL B 448 19.64 0.11 -50.21
N GLY B 449 19.43 1.35 -49.79
CA GLY B 449 19.02 1.63 -48.41
C GLY B 449 17.53 1.44 -48.24
N THR B 450 16.80 1.25 -49.35
CA THR B 450 15.33 1.10 -49.33
C THR B 450 14.86 -0.32 -49.49
N LEU B 451 15.65 -1.24 -49.98
CA LEU B 451 15.23 -2.64 -50.20
C LEU B 451 14.90 -3.29 -48.87
N PRO B 452 15.73 -3.24 -47.82
CA PRO B 452 15.32 -3.81 -46.53
C PRO B 452 14.04 -3.22 -45.95
N PHE B 453 13.87 -1.92 -46.06
CA PHE B 453 12.70 -1.21 -45.56
C PHE B 453 11.47 -1.72 -46.31
N THR B 454 11.51 -1.76 -47.63
CA THR B 454 10.39 -2.23 -48.45
C THR B 454 10.04 -3.67 -48.11
N TYR B 455 11.06 -4.52 -48.08
CA TYR B 455 10.86 -5.95 -47.81
C TYR B 455 10.21 -6.11 -46.45
N MET B 456 10.73 -5.46 -45.44
CA MET B 456 10.24 -5.63 -44.07
C MET B 456 8.84 -5.09 -43.92
N LEU B 457 8.53 -3.94 -44.52
CA LEU B 457 7.18 -3.37 -44.38
C LEU B 457 6.17 -4.29 -45.09
N GLU B 458 6.48 -4.72 -46.32
CA GLU B 458 5.56 -5.64 -47.04
C GLU B 458 5.38 -6.93 -46.23
N LYS B 459 6.48 -7.48 -45.71
CA LYS B 459 6.44 -8.73 -44.93
C LYS B 459 5.50 -8.54 -43.73
N TRP B 460 5.66 -7.44 -43.02
CA TRP B 460 4.77 -7.16 -41.86
C TRP B 460 3.31 -7.06 -42.30
N ARG B 461 3.02 -6.37 -43.39
CA ARG B 461 1.62 -6.22 -43.87
C ARG B 461 1.09 -7.59 -44.28
N TRP B 462 1.87 -8.38 -44.99
CA TRP B 462 1.42 -9.73 -45.43
C TRP B 462 1.09 -10.61 -44.22
N MET B 463 1.94 -10.60 -43.22
CA MET B 463 1.70 -11.44 -42.04
C MET B 463 0.56 -10.87 -41.20
N VAL B 464 0.32 -9.57 -41.22
CA VAL B 464 -0.81 -8.97 -40.47
C VAL B 464 -2.12 -9.35 -41.15
N PHE B 465 -2.19 -9.26 -42.46
CA PHE B 465 -3.40 -9.69 -43.20
C PHE B 465 -3.59 -11.20 -43.06
N LYS B 466 -2.53 -11.98 -43.09
CA LYS B 466 -2.60 -13.45 -43.00
C LYS B 466 -3.15 -13.92 -41.64
N GLY B 467 -3.08 -13.09 -40.62
CA GLY B 467 -3.47 -13.45 -39.25
C GLY B 467 -2.35 -14.13 -38.50
N GLU B 468 -1.13 -14.17 -39.02
CA GLU B 468 0.02 -14.77 -38.32
C GLU B 468 0.29 -13.95 -37.06
N ILE B 469 0.25 -12.64 -37.17
CA ILE B 469 0.53 -11.72 -36.05
C ILE B 469 -0.81 -11.43 -35.38
N PRO B 470 -0.99 -11.75 -34.08
CA PRO B 470 -2.21 -11.37 -33.39
C PRO B 470 -2.30 -9.84 -33.23
N LYS B 471 -3.51 -9.38 -32.93
CA LYS B 471 -3.77 -7.92 -32.79
C LYS B 471 -3.05 -7.31 -31.59
N ASP B 472 -2.52 -8.08 -30.66
CA ASP B 472 -1.84 -7.58 -29.45
C ASP B 472 -0.33 -7.70 -29.63
N GLN B 473 0.17 -8.04 -30.80
CA GLN B 473 1.64 -8.12 -31.04
C GLN B 473 2.02 -7.44 -32.35
N TRP B 474 1.29 -6.44 -32.80
CA TRP B 474 1.66 -5.71 -34.04
C TRP B 474 2.94 -4.90 -33.85
N MET B 475 3.03 -4.13 -32.82
CA MET B 475 4.22 -3.29 -32.58
C MET B 475 5.41 -4.11 -32.14
N LYS B 476 5.18 -5.16 -31.37
CA LYS B 476 6.27 -6.06 -30.94
C LYS B 476 6.93 -6.64 -32.20
N LYS B 477 6.13 -7.22 -33.09
CA LYS B 477 6.67 -7.79 -34.33
C LYS B 477 7.25 -6.73 -35.21
N TRP B 478 6.66 -5.56 -35.28
CA TRP B 478 7.16 -4.46 -36.14
C TRP B 478 8.56 -4.14 -35.74
N TRP B 479 8.77 -3.87 -34.50
CA TRP B 479 10.13 -3.47 -34.03
C TRP B 479 11.10 -4.64 -33.98
N GLU B 480 10.64 -5.84 -33.74
CA GLU B 480 11.52 -7.04 -33.83
C GLU B 480 12.03 -7.19 -35.26
N MET B 481 11.15 -7.11 -36.26
CA MET B 481 11.56 -7.22 -37.68
C MET B 481 12.42 -6.02 -38.06
N LYS B 482 12.13 -4.86 -37.51
CA LYS B 482 12.94 -3.67 -37.81
C LYS B 482 14.33 -3.86 -37.27
N ARG B 483 14.51 -4.38 -36.05
CA ARG B 483 15.87 -4.61 -35.49
C ARG B 483 16.54 -5.76 -36.25
N GLU B 484 15.83 -6.76 -36.70
CA GLU B 484 16.45 -7.99 -37.26
C GLU B 484 16.76 -7.79 -38.76
N ILE B 485 15.81 -7.34 -39.54
CA ILE B 485 15.96 -7.24 -41.02
C ILE B 485 16.65 -5.93 -41.42
N VAL B 486 16.24 -4.81 -40.88
CA VAL B 486 16.75 -3.49 -41.35
C VAL B 486 17.93 -3.06 -40.49
N GLY B 487 18.04 -3.52 -39.26
CA GLY B 487 19.11 -3.02 -38.41
C GLY B 487 18.88 -1.66 -37.94
N VAL B 488 17.66 -1.37 -37.53
CA VAL B 488 17.25 -0.04 -37.04
C VAL B 488 16.49 -0.23 -35.75
N VAL B 489 16.81 0.52 -34.75
CA VAL B 489 16.30 0.33 -33.38
C VAL B 489 15.53 1.62 -33.04
N GLU B 490 14.44 1.47 -32.36
CA GLU B 490 13.63 2.63 -31.92
C GLU B 490 14.32 3.30 -30.76
N PRO B 491 14.33 4.63 -30.71
CA PRO B 491 14.88 5.34 -29.56
C PRO B 491 14.04 5.34 -28.29
N VAL B 492 12.75 5.06 -28.42
CA VAL B 492 11.85 4.98 -27.24
C VAL B 492 10.98 3.75 -27.42
N PRO B 493 10.64 3.01 -26.38
CA PRO B 493 9.84 1.81 -26.54
C PRO B 493 8.40 2.17 -26.90
N HIS B 494 7.84 1.39 -27.84
CA HIS B 494 6.47 1.66 -28.34
C HIS B 494 5.57 0.46 -28.00
N ASP B 495 4.53 0.70 -27.20
CA ASP B 495 3.57 -0.35 -26.75
C ASP B 495 2.53 -0.54 -27.85
N GLU B 496 1.46 -1.26 -27.54
CA GLU B 496 0.50 -1.60 -28.63
C GLU B 496 -0.30 -0.35 -29.04
N THR B 497 -0.46 0.63 -28.16
CA THR B 497 -1.32 1.79 -28.51
C THR B 497 -0.79 2.57 -29.71
N TYR B 498 0.36 2.24 -30.26
CA TYR B 498 0.95 2.93 -31.41
C TYR B 498 0.67 2.17 -32.70
N CYS B 499 0.74 2.86 -33.81
CA CYS B 499 0.59 2.28 -35.16
C CYS B 499 1.64 2.88 -36.09
N ASP B 500 2.91 2.72 -35.71
CA ASP B 500 4.05 3.32 -36.45
C ASP B 500 3.96 3.03 -37.95
N PRO B 501 3.78 1.79 -38.43
CA PRO B 501 3.69 1.56 -39.87
C PRO B 501 2.61 2.39 -40.52
N ALA B 502 1.49 2.68 -39.85
CA ALA B 502 0.37 3.45 -40.45
C ALA B 502 0.77 4.89 -40.63
N SER B 503 1.89 5.35 -40.09
CA SER B 503 2.38 6.72 -40.29
C SER B 503 2.98 6.89 -41.70
N LEU B 504 3.22 5.84 -42.47
CA LEU B 504 3.69 5.97 -43.87
C LEU B 504 2.51 6.44 -44.72
N PHE B 505 2.83 7.07 -45.82
CA PHE B 505 1.82 7.51 -46.80
C PHE B 505 1.11 6.30 -47.35
N HIS B 506 1.89 5.30 -47.76
CA HIS B 506 1.37 4.13 -48.52
C HIS B 506 0.54 3.23 -47.65
N VAL B 507 0.68 3.27 -46.34
CA VAL B 507 -0.02 2.35 -45.44
C VAL B 507 -1.38 2.89 -45.05
N SER B 508 -1.43 4.14 -44.60
CA SER B 508 -2.70 4.83 -44.26
C SER B 508 -3.58 4.98 -45.51
N ASN B 509 -2.99 5.30 -46.65
CA ASN B 509 -3.75 5.58 -47.89
C ASN B 509 -3.99 4.35 -48.74
N ASP B 510 -3.81 3.17 -48.18
CA ASP B 510 -4.11 1.92 -48.92
C ASP B 510 -3.41 1.81 -50.26
N TYR B 511 -2.10 1.71 -50.23
CA TYR B 511 -1.26 1.53 -51.43
C TYR B 511 -0.36 0.35 -51.25
N SER B 512 -0.13 -0.35 -52.34
CA SER B 512 0.77 -1.53 -52.33
C SER B 512 2.21 -1.00 -52.35
N PHE B 513 3.09 -1.75 -51.74
CA PHE B 513 4.49 -1.35 -51.58
C PHE B 513 5.48 -2.31 -52.16
N ILE B 514 5.09 -3.48 -52.66
CA ILE B 514 6.09 -4.45 -53.17
C ILE B 514 6.62 -3.99 -54.53
N ARG B 515 5.87 -3.15 -55.24
CA ARG B 515 6.33 -2.62 -56.56
C ARG B 515 7.76 -2.10 -56.41
N TYR B 516 7.96 -1.18 -55.46
CA TYR B 516 9.26 -0.50 -55.23
C TYR B 516 10.41 -1.50 -55.03
N TYR B 517 10.08 -2.72 -54.63
CA TYR B 517 11.07 -3.80 -54.59
C TYR B 517 11.33 -4.29 -56.01
N THR B 518 10.32 -4.83 -56.66
CA THR B 518 10.49 -5.60 -57.89
C THR B 518 11.03 -4.67 -58.97
N ARG B 519 10.48 -3.48 -59.07
CA ARG B 519 10.96 -2.45 -60.02
C ARG B 519 12.45 -2.25 -59.83
N THR B 520 12.86 -2.06 -58.60
CA THR B 520 14.29 -1.79 -58.28
C THR B 520 15.18 -2.90 -58.84
N LEU B 521 14.70 -4.12 -58.90
CA LEU B 521 15.46 -5.21 -59.54
C LEU B 521 15.30 -5.15 -61.05
N TYR B 522 14.06 -5.07 -61.55
CA TYR B 522 13.78 -5.19 -63.01
C TYR B 522 14.67 -4.26 -63.80
N GLN B 523 14.72 -3.00 -63.41
CA GLN B 523 15.48 -1.98 -64.17
C GLN B 523 16.91 -2.44 -64.36
N PHE B 524 17.51 -2.89 -63.31
CA PHE B 524 18.94 -3.28 -63.36
C PHE B 524 19.13 -4.42 -64.35
N GLN B 525 18.25 -5.39 -64.32
CA GLN B 525 18.28 -6.50 -65.30
C GLN B 525 18.31 -5.92 -66.71
N PHE B 526 17.35 -5.05 -67.00
CA PHE B 526 17.32 -4.35 -68.30
C PHE B 526 18.62 -3.62 -68.55
N GLN B 527 19.06 -2.86 -67.56
CA GLN B 527 20.29 -2.03 -67.71
C GLN B 527 21.47 -2.92 -68.06
N GLU B 528 21.45 -4.19 -67.67
CA GLU B 528 22.50 -5.13 -68.13
C GLU B 528 22.25 -5.52 -69.57
N ALA B 529 21.10 -6.14 -69.84
CA ALA B 529 20.89 -6.86 -71.11
C ALA B 529 21.05 -5.90 -72.31
N LEU B 530 20.36 -4.77 -72.26
CA LEU B 530 20.48 -3.75 -73.33
C LEU B 530 21.92 -3.29 -73.47
N CYS B 531 22.58 -3.01 -72.37
CA CYS B 531 23.99 -2.54 -72.38
C CYS B 531 24.92 -3.69 -72.78
N GLN B 532 24.48 -4.94 -72.65
CA GLN B 532 25.22 -6.07 -73.25
C GLN B 532 25.05 -6.08 -74.77
N ALA B 533 23.87 -5.71 -75.27
CA ALA B 533 23.62 -5.64 -76.72
C ALA B 533 24.50 -4.58 -77.41
N ALA B 534 25.00 -3.59 -76.66
CA ALA B 534 25.90 -2.55 -77.21
C ALA B 534 27.35 -2.99 -77.15
N LYS B 535 27.67 -4.20 -76.67
CA LYS B 535 29.04 -4.74 -76.60
C LYS B 535 29.91 -3.80 -75.74
N HIS B 536 29.48 -3.61 -74.49
CA HIS B 536 30.24 -2.81 -73.51
C HIS B 536 31.50 -3.58 -73.07
N GLU B 537 32.52 -2.83 -72.69
CA GLU B 537 33.82 -3.40 -72.26
C GLU B 537 34.07 -3.12 -70.78
N GLY B 538 33.95 -1.87 -70.34
CA GLY B 538 34.31 -1.44 -68.98
C GLY B 538 33.26 -1.83 -67.94
N PRO B 539 33.12 -1.04 -66.85
CA PRO B 539 32.12 -1.33 -65.83
C PRO B 539 30.69 -1.04 -66.31
N LEU B 540 29.74 -1.67 -65.67
CA LEU B 540 28.30 -1.53 -66.02
C LEU B 540 27.82 -0.09 -65.81
N HIS B 541 28.19 0.54 -64.70
CA HIS B 541 27.66 1.90 -64.37
C HIS B 541 28.17 2.97 -65.35
N LYS B 542 29.23 2.71 -66.10
CA LYS B 542 29.80 3.69 -67.05
C LYS B 542 29.33 3.41 -68.48
N CYS B 543 28.49 2.40 -68.70
CA CYS B 543 28.10 2.02 -70.08
C CYS B 543 26.91 2.87 -70.56
N ASP B 544 26.69 2.94 -71.85
CA ASP B 544 25.61 3.81 -72.39
C ASP B 544 24.78 3.08 -73.43
N ILE B 545 23.48 3.36 -73.46
CA ILE B 545 22.55 2.75 -74.46
C ILE B 545 22.43 3.70 -75.66
N SER B 546 23.05 4.87 -75.60
CA SER B 546 22.99 5.87 -76.69
C SER B 546 23.53 5.26 -77.99
N ASN B 547 22.89 5.58 -79.12
CA ASN B 547 23.29 5.03 -80.45
C ASN B 547 23.46 3.51 -80.32
N SER B 548 22.54 2.85 -79.62
CA SER B 548 22.55 1.37 -79.50
C SER B 548 21.20 0.80 -79.94
N THR B 549 20.98 0.73 -81.25
CA THR B 549 19.66 0.33 -81.81
C THR B 549 19.26 -1.04 -81.25
N GLU B 550 20.14 -2.03 -81.42
CA GLU B 550 19.91 -3.41 -80.91
C GLU B 550 19.30 -3.35 -79.51
N ALA B 551 19.87 -2.54 -78.61
CA ALA B 551 19.38 -2.39 -77.21
C ALA B 551 17.95 -1.84 -77.28
N GLY B 552 17.74 -0.79 -78.09
CA GLY B 552 16.40 -0.19 -78.25
C GLY B 552 15.37 -1.20 -78.72
N GLN B 553 15.76 -2.06 -79.66
CA GLN B 553 14.82 -3.07 -80.23
C GLN B 553 14.38 -4.04 -79.13
N LYS B 554 15.32 -4.57 -78.38
CA LYS B 554 15.01 -5.58 -77.32
C LYS B 554 14.04 -4.97 -76.31
N LEU B 555 14.33 -3.75 -75.85
CA LEU B 555 13.45 -3.03 -74.90
C LEU B 555 12.08 -2.87 -75.54
N PHE B 556 12.04 -2.35 -76.78
CA PHE B 556 10.76 -2.11 -77.49
C PHE B 556 9.95 -3.41 -77.58
N ASN B 557 10.63 -4.54 -77.79
CA ASN B 557 9.94 -5.85 -77.94
C ASN B 557 9.04 -6.07 -76.72
N MET B 558 9.55 -5.86 -75.52
CA MET B 558 8.74 -5.98 -74.28
C MET B 558 7.76 -4.80 -74.21
N LEU B 559 8.20 -3.60 -74.58
CA LEU B 559 7.32 -2.40 -74.48
C LEU B 559 6.03 -2.59 -75.24
N ARG B 560 6.10 -2.99 -76.51
CA ARG B 560 4.91 -3.20 -77.39
C ARG B 560 3.99 -4.29 -76.80
N LEU B 561 4.53 -5.23 -76.07
CA LEU B 561 3.73 -6.32 -75.45
C LEU B 561 2.69 -5.76 -74.48
N GLY B 562 3.02 -4.71 -73.73
CA GLY B 562 2.13 -4.18 -72.67
C GLY B 562 1.82 -5.25 -71.63
N LYS B 563 0.56 -5.43 -71.29
CA LYS B 563 0.10 -6.52 -70.38
C LYS B 563 -0.64 -7.59 -71.20
N SER B 564 -0.47 -7.60 -72.53
CA SER B 564 -1.18 -8.56 -73.40
C SER B 564 -0.60 -9.98 -73.25
N GLU B 565 0.60 -10.10 -72.67
CA GLU B 565 1.28 -11.39 -72.42
C GLU B 565 1.78 -11.41 -70.97
N PRO B 566 2.18 -12.59 -70.42
CA PRO B 566 2.65 -12.68 -69.03
C PRO B 566 3.89 -11.82 -68.76
N TRP B 567 3.98 -11.19 -67.59
CA TRP B 567 5.13 -10.31 -67.25
C TRP B 567 6.42 -11.13 -67.27
N THR B 568 6.35 -12.38 -66.82
CA THR B 568 7.52 -13.30 -66.85
C THR B 568 8.01 -13.41 -68.30
N LEU B 569 7.11 -13.58 -69.26
CA LEU B 569 7.46 -13.66 -70.70
C LEU B 569 8.11 -12.35 -71.14
N ALA B 570 7.49 -11.22 -70.78
CA ALA B 570 7.99 -9.88 -71.18
C ALA B 570 9.41 -9.68 -70.65
N LEU B 571 9.65 -10.05 -69.38
CA LEU B 571 11.00 -9.94 -68.75
C LEU B 571 11.99 -10.80 -69.56
N GLU B 572 11.61 -12.04 -69.88
CA GLU B 572 12.48 -12.95 -70.68
C GLU B 572 12.78 -12.33 -72.05
N ASN B 573 11.84 -11.57 -72.61
CA ASN B 573 12.03 -10.94 -73.94
C ASN B 573 13.21 -9.96 -73.92
N VAL B 574 13.58 -9.42 -72.76
CA VAL B 574 14.69 -8.43 -72.65
C VAL B 574 15.86 -9.04 -71.88
N VAL B 575 15.62 -9.60 -70.71
CA VAL B 575 16.70 -10.10 -69.81
C VAL B 575 17.04 -11.54 -70.20
N GLY B 576 16.15 -12.24 -70.92
CA GLY B 576 16.37 -13.66 -71.25
C GLY B 576 16.11 -14.57 -70.06
N ALA B 577 15.61 -14.04 -68.95
CA ALA B 577 15.33 -14.80 -67.71
C ALA B 577 13.84 -14.66 -67.41
N LYS B 578 13.21 -15.73 -66.93
CA LYS B 578 11.75 -15.76 -66.64
C LYS B 578 11.45 -15.02 -65.34
N ASN B 579 12.33 -15.02 -64.39
CA ASN B 579 12.03 -14.45 -63.04
C ASN B 579 12.99 -13.31 -62.77
N MET B 580 12.75 -12.68 -61.64
CA MET B 580 13.58 -11.55 -61.17
C MET B 580 14.92 -12.10 -60.67
N ASN B 581 15.98 -11.33 -60.93
CA ASN B 581 17.36 -11.73 -60.60
C ASN B 581 18.05 -10.60 -59.86
N VAL B 582 18.94 -10.97 -58.97
CA VAL B 582 19.68 -9.98 -58.12
C VAL B 582 21.08 -9.78 -58.65
N ARG B 583 21.59 -10.68 -59.52
CA ARG B 583 23.01 -10.59 -59.94
C ARG B 583 23.31 -9.23 -60.57
N PRO B 584 22.53 -8.73 -61.56
CA PRO B 584 22.90 -7.48 -62.22
C PRO B 584 23.06 -6.28 -61.28
N LEU B 585 22.27 -6.23 -60.22
CA LEU B 585 22.45 -5.17 -59.18
C LEU B 585 23.81 -5.29 -58.48
N LEU B 586 24.21 -6.50 -58.16
CA LEU B 586 25.52 -6.72 -57.49
C LEU B 586 26.65 -6.43 -58.48
N ASN B 587 26.49 -6.77 -59.74
CA ASN B 587 27.50 -6.39 -60.79
C ASN B 587 27.55 -4.88 -60.92
N TYR B 588 26.41 -4.21 -60.76
CA TYR B 588 26.36 -2.73 -60.81
C TYR B 588 27.14 -2.14 -59.64
N PHE B 589 27.01 -2.70 -58.45
CA PHE B 589 27.64 -2.12 -57.23
C PHE B 589 28.93 -2.85 -56.83
N GLU B 590 29.50 -3.67 -57.70
CA GLU B 590 30.74 -4.43 -57.36
C GLU B 590 31.87 -3.47 -56.98
N PRO B 591 32.17 -2.38 -57.73
CA PRO B 591 33.20 -1.42 -57.32
C PRO B 591 33.05 -0.93 -55.88
N LEU B 592 31.84 -0.51 -55.54
CA LEU B 592 31.55 0.01 -54.18
C LEU B 592 31.65 -1.13 -53.18
N PHE B 593 31.24 -2.33 -53.55
CA PHE B 593 31.36 -3.48 -52.64
C PHE B 593 32.84 -3.73 -52.30
N THR B 594 33.71 -3.71 -53.30
CA THR B 594 35.16 -3.91 -53.11
C THR B 594 35.69 -2.79 -52.19
N TRP B 595 35.33 -1.56 -52.49
CA TRP B 595 35.82 -0.41 -51.70
C TRP B 595 35.35 -0.51 -50.26
N LEU B 596 34.09 -0.87 -50.05
CA LEU B 596 33.50 -0.99 -48.67
C LEU B 596 34.21 -2.12 -47.91
N LYS B 597 34.47 -3.24 -48.57
CA LYS B 597 35.19 -4.37 -47.92
C LYS B 597 36.60 -3.91 -47.54
N ASP B 598 37.24 -3.13 -48.40
CA ASP B 598 38.59 -2.59 -48.12
C ASP B 598 38.55 -1.62 -46.94
N GLN B 599 37.48 -0.83 -46.84
CA GLN B 599 37.38 0.28 -45.87
C GLN B 599 36.88 -0.16 -44.50
N ASN B 600 36.51 -1.43 -44.32
CA ASN B 600 35.92 -1.93 -43.05
C ASN B 600 36.86 -2.94 -42.41
N LYS B 601 38.13 -2.63 -42.34
CA LYS B 601 39.12 -3.58 -41.75
C LYS B 601 38.84 -3.72 -40.25
N ASN B 602 38.60 -2.61 -39.58
CA ASN B 602 38.46 -2.58 -38.10
C ASN B 602 36.99 -2.68 -37.70
N SER B 603 36.08 -2.14 -38.49
CA SER B 603 34.64 -2.06 -38.14
C SER B 603 34.04 -3.46 -38.04
N PHE B 604 33.14 -3.66 -37.09
CA PHE B 604 32.42 -4.95 -36.92
C PHE B 604 31.25 -4.99 -37.90
N VAL B 605 31.43 -5.66 -39.02
CA VAL B 605 30.34 -5.74 -40.04
C VAL B 605 29.23 -6.62 -39.48
N GLY B 606 28.07 -6.03 -39.30
CA GLY B 606 26.85 -6.65 -38.79
C GLY B 606 26.26 -5.82 -37.69
N TRP B 607 25.23 -6.34 -37.05
CA TRP B 607 24.61 -5.60 -35.91
C TRP B 607 24.01 -6.60 -34.93
N SER B 608 23.86 -6.14 -33.70
CA SER B 608 23.30 -6.92 -32.58
C SER B 608 21.89 -6.39 -32.27
N THR B 609 20.96 -7.28 -32.06
CA THR B 609 19.53 -6.96 -31.85
C THR B 609 19.22 -6.99 -30.36
N ASP B 610 20.16 -6.60 -29.50
CA ASP B 610 19.89 -6.42 -28.05
C ASP B 610 20.18 -5.01 -27.59
N TRP B 611 21.09 -4.28 -28.21
CA TRP B 611 21.41 -2.91 -27.82
C TRP B 611 20.23 -1.99 -28.13
N SER B 612 19.91 -1.12 -27.20
CA SER B 612 18.88 -0.07 -27.35
C SER B 612 19.48 1.25 -26.90
N PRO B 613 19.10 2.39 -27.51
CA PRO B 613 19.58 3.69 -27.09
C PRO B 613 19.27 4.05 -25.62
N TYR B 614 18.19 3.49 -25.11
CA TYR B 614 17.72 3.73 -23.74
C TYR B 614 18.11 2.61 -22.79
N ALA B 615 18.81 1.58 -23.23
CA ALA B 615 19.06 0.38 -22.40
C ALA B 615 20.14 0.64 -21.34
N ASP B 616 20.89 1.73 -21.42
CA ASP B 616 21.94 2.03 -20.42
C ASP B 616 21.28 2.52 -19.13
N GLN B 617 20.20 3.29 -19.24
CA GLN B 617 19.58 3.97 -18.08
C GLN B 617 18.31 3.25 -17.61
N SER B 618 18.05 2.06 -18.11
CA SER B 618 16.88 1.26 -17.70
C SER B 618 17.16 0.58 -16.35
N ILE B 619 16.06 0.27 -15.68
CA ILE B 619 16.05 -0.51 -14.42
C ILE B 619 15.14 -1.70 -14.65
N LYS B 620 15.60 -2.88 -14.25
CA LYS B 620 14.79 -4.11 -14.34
C LYS B 620 14.04 -4.34 -13.02
N VAL B 621 12.82 -4.85 -13.17
CA VAL B 621 11.88 -5.11 -12.07
C VAL B 621 11.37 -6.52 -12.20
N ARG B 622 11.44 -7.27 -11.10
CA ARG B 622 10.92 -8.66 -11.01
C ARG B 622 9.91 -8.74 -9.86
N ILE B 623 8.72 -9.26 -10.15
CA ILE B 623 7.60 -9.31 -9.20
C ILE B 623 7.14 -10.75 -9.07
N SER B 624 7.03 -11.21 -7.82
CA SER B 624 6.60 -12.58 -7.48
C SER B 624 5.35 -12.45 -6.62
N LEU B 625 4.18 -12.53 -7.24
CA LEU B 625 2.89 -12.46 -6.51
C LEU B 625 2.64 -13.77 -5.75
N LYS B 626 2.90 -14.91 -6.38
CA LYS B 626 2.59 -16.23 -5.78
C LYS B 626 3.43 -16.49 -4.53
N SER B 627 4.64 -15.97 -4.46
CA SER B 627 5.51 -16.15 -3.28
C SER B 627 4.97 -15.32 -2.11
N ALA B 628 4.67 -14.05 -2.38
CA ALA B 628 4.30 -13.09 -1.31
C ALA B 628 2.91 -13.44 -0.78
N LEU B 629 1.95 -13.64 -1.68
CA LEU B 629 0.52 -13.73 -1.25
C LEU B 629 0.03 -15.16 -1.27
N GLY B 630 0.63 -16.06 -2.05
CA GLY B 630 0.15 -17.45 -2.16
C GLY B 630 -1.26 -17.53 -2.69
N ASP B 631 -2.21 -17.88 -1.83
CA ASP B 631 -3.65 -17.86 -2.16
C ASP B 631 -4.13 -16.40 -2.21
N LYS B 632 -5.34 -16.21 -2.74
CA LYS B 632 -6.02 -14.89 -2.83
C LYS B 632 -5.03 -13.81 -3.30
N ALA B 633 -4.25 -14.13 -4.32
CA ALA B 633 -3.32 -13.19 -4.97
C ALA B 633 -4.01 -12.62 -6.21
N TYR B 634 -3.95 -11.30 -6.37
CA TYR B 634 -4.67 -10.62 -7.47
C TYR B 634 -4.00 -10.92 -8.80
N GLU B 635 -4.79 -10.77 -9.86
CA GLU B 635 -4.29 -10.93 -11.24
C GLU B 635 -3.55 -9.65 -11.63
N TRP B 636 -2.58 -9.78 -12.53
CA TRP B 636 -1.76 -8.65 -13.00
C TRP B 636 -2.21 -8.28 -14.40
N ASN B 637 -2.82 -7.12 -14.56
CA ASN B 637 -3.29 -6.60 -15.86
C ASN B 637 -2.65 -5.23 -16.09
N ASP B 638 -3.00 -4.60 -17.18
CA ASP B 638 -2.55 -3.22 -17.52
C ASP B 638 -2.95 -2.17 -16.49
N ASN B 639 -3.98 -2.36 -15.69
CA ASN B 639 -4.31 -1.40 -14.61
C ASN B 639 -3.23 -1.46 -13.53
N GLU B 640 -2.67 -2.61 -13.26
CA GLU B 640 -1.55 -2.73 -12.29
C GLU B 640 -0.32 -2.05 -12.86
N MET B 641 -0.11 -2.14 -14.18
CA MET B 641 0.99 -1.40 -14.83
C MET B 641 0.77 0.11 -14.74
N TYR B 642 -0.46 0.56 -14.86
CA TYR B 642 -0.81 1.98 -14.68
C TYR B 642 -0.47 2.39 -13.26
N LEU B 643 -0.85 1.58 -12.27
CA LEU B 643 -0.56 1.92 -10.86
C LEU B 643 0.95 1.96 -10.64
N PHE B 644 1.68 1.03 -11.21
CA PHE B 644 3.13 0.97 -11.02
C PHE B 644 3.79 2.19 -11.62
N ARG B 645 3.36 2.60 -12.82
CA ARG B 645 3.92 3.82 -13.46
C ARG B 645 3.59 5.06 -12.61
N SER B 646 2.37 5.16 -12.09
CA SER B 646 1.99 6.27 -11.18
C SER B 646 2.86 6.25 -9.92
N SER B 647 3.15 5.07 -9.35
CA SER B 647 3.98 4.97 -8.11
C SER B 647 5.37 5.46 -8.42
N VAL B 648 5.93 5.08 -9.56
CA VAL B 648 7.30 5.52 -9.91
C VAL B 648 7.31 7.03 -10.16
N ALA B 649 6.28 7.56 -10.78
CA ALA B 649 6.17 9.03 -10.96
C ALA B 649 6.06 9.75 -9.62
N TYR B 650 5.27 9.21 -8.67
CA TYR B 650 5.18 9.75 -7.29
C TYR B 650 6.58 9.76 -6.66
N ALA B 651 7.31 8.66 -6.79
CA ALA B 651 8.65 8.52 -6.20
C ALA B 651 9.60 9.58 -6.74
N MET B 652 9.57 9.75 -8.04
CA MET B 652 10.45 10.75 -8.67
C MET B 652 10.07 12.18 -8.29
N ARG B 653 8.79 12.46 -8.21
CA ARG B 653 8.30 13.77 -7.73
C ARG B 653 8.81 14.04 -6.31
N GLN B 654 8.67 13.05 -5.43
CA GLN B 654 9.06 13.23 -4.00
C GLN B 654 10.55 13.45 -3.91
N TYR B 655 11.33 12.70 -4.66
CA TYR B 655 12.80 12.84 -4.59
C TYR B 655 13.20 14.23 -5.05
N PHE B 656 12.65 14.68 -6.15
CA PHE B 656 13.04 16.01 -6.67
C PHE B 656 12.55 17.13 -5.74
N LEU B 657 11.44 16.96 -5.05
CA LEU B 657 10.94 18.02 -4.14
C LEU B 657 11.78 18.05 -2.86
N LYS B 658 12.08 16.90 -2.27
CA LYS B 658 12.64 16.83 -0.89
C LYS B 658 14.16 16.92 -0.88
N VAL B 659 14.84 16.85 -2.02
CA VAL B 659 16.33 16.87 -2.03
C VAL B 659 16.82 18.03 -2.88
N LYS B 660 16.47 18.02 -4.14
CA LYS B 660 16.96 19.04 -5.09
C LYS B 660 16.20 20.36 -4.94
N ASN B 661 15.14 20.42 -4.14
CA ASN B 661 14.35 21.67 -3.91
C ASN B 661 13.81 22.19 -5.24
N GLN B 662 13.31 21.29 -6.07
CA GLN B 662 12.65 21.65 -7.36
C GLN B 662 11.32 20.91 -7.44
N MET B 663 10.33 21.53 -8.06
CA MET B 663 8.99 20.91 -8.21
C MET B 663 8.81 20.56 -9.69
N ILE B 664 8.85 19.27 -10.00
CA ILE B 664 8.72 18.74 -11.37
C ILE B 664 7.50 17.83 -11.44
N LEU B 665 6.67 18.00 -12.45
CA LEU B 665 5.37 17.28 -12.57
C LEU B 665 5.56 16.06 -13.44
N PHE B 666 6.18 15.04 -12.88
CA PHE B 666 6.29 13.74 -13.56
C PHE B 666 4.92 13.07 -13.57
N GLY B 667 4.63 12.35 -14.63
CA GLY B 667 3.39 11.61 -14.83
C GLY B 667 3.66 10.18 -15.18
N GLU B 668 2.60 9.42 -15.35
CA GLU B 668 2.71 8.01 -15.78
C GLU B 668 3.08 7.92 -17.27
N GLU B 669 3.06 9.01 -18.02
CA GLU B 669 3.47 8.99 -19.44
C GLU B 669 4.98 9.22 -19.53
N ASP B 670 5.65 9.64 -18.47
CA ASP B 670 7.11 9.84 -18.44
C ASP B 670 7.84 8.55 -18.04
N VAL B 671 7.13 7.55 -17.56
CA VAL B 671 7.71 6.26 -17.14
C VAL B 671 7.50 5.32 -18.33
N ARG B 672 8.57 5.00 -19.01
CA ARG B 672 8.55 4.20 -20.26
C ARG B 672 8.94 2.77 -19.90
N VAL B 673 8.13 1.83 -20.31
CA VAL B 673 8.20 0.41 -19.91
C VAL B 673 8.47 -0.43 -21.16
N ALA B 674 9.34 -1.41 -21.01
CA ALA B 674 9.70 -2.34 -22.08
C ALA B 674 9.87 -3.76 -21.54
N ASN B 675 9.76 -4.72 -22.44
CA ASN B 675 10.12 -6.13 -22.23
C ASN B 675 9.25 -6.77 -21.13
N LEU B 676 7.93 -6.62 -21.26
CA LEU B 676 7.00 -7.22 -20.30
C LEU B 676 6.97 -8.74 -20.51
N LYS B 677 7.21 -9.52 -19.46
CA LYS B 677 7.22 -11.01 -19.56
C LYS B 677 6.20 -11.57 -18.58
N PRO B 678 5.70 -12.82 -18.79
CA PRO B 678 4.80 -13.47 -17.84
C PRO B 678 5.47 -13.69 -16.47
N ARG B 679 6.81 -13.74 -16.41
CA ARG B 679 7.56 -13.72 -15.12
C ARG B 679 7.16 -12.52 -14.30
N ILE B 680 6.44 -11.54 -14.88
CA ILE B 680 6.23 -10.22 -14.29
C ILE B 680 7.65 -9.60 -14.22
N SER B 681 8.35 -9.57 -15.33
CA SER B 681 9.59 -8.76 -15.47
C SER B 681 9.41 -7.73 -16.60
N PHE B 682 10.10 -6.60 -16.50
CA PHE B 682 10.13 -5.55 -17.55
C PHE B 682 11.22 -4.54 -17.19
N ASN B 683 11.58 -3.68 -18.14
CA ASN B 683 12.60 -2.62 -17.95
C ASN B 683 11.88 -1.28 -17.98
N PHE B 684 12.34 -0.31 -17.22
CA PHE B 684 11.71 1.01 -17.32
C PHE B 684 12.79 2.06 -17.22
N PHE B 685 12.48 3.20 -17.80
CA PHE B 685 13.24 4.45 -17.55
C PHE B 685 12.26 5.62 -17.45
N VAL B 686 12.81 6.75 -17.07
CA VAL B 686 12.04 7.97 -16.79
C VAL B 686 12.59 9.08 -17.65
N THR B 687 11.68 9.92 -18.13
CA THR B 687 12.03 11.16 -18.86
C THR B 687 11.41 12.38 -18.21
N ALA B 688 11.95 13.54 -18.55
CA ALA B 688 11.41 14.82 -18.08
C ALA B 688 9.99 14.98 -18.63
N PRO B 689 9.09 15.70 -17.92
CA PRO B 689 7.68 15.80 -18.31
C PRO B 689 7.40 16.11 -19.78
N LYS B 690 7.88 17.24 -20.27
CA LYS B 690 7.57 17.71 -21.64
C LYS B 690 8.83 17.68 -22.50
N ASN B 691 9.66 16.65 -22.31
CA ASN B 691 10.94 16.56 -23.04
C ASN B 691 11.36 15.09 -23.15
N VAL B 692 11.13 14.50 -24.31
CA VAL B 692 11.48 13.07 -24.52
C VAL B 692 12.99 12.88 -24.60
N SER B 693 13.74 13.93 -24.95
CA SER B 693 15.22 13.85 -25.04
C SER B 693 15.92 13.85 -23.69
N ASP B 694 15.22 14.25 -22.62
CA ASP B 694 15.80 14.32 -21.26
C ASP B 694 15.49 13.01 -20.58
N ILE B 695 16.51 12.25 -20.24
CA ILE B 695 16.40 10.96 -19.55
C ILE B 695 17.10 11.16 -18.21
N ILE B 696 16.37 10.83 -17.15
CA ILE B 696 16.93 10.96 -15.80
C ILE B 696 17.94 9.83 -15.69
N PRO B 697 19.22 10.11 -15.32
CA PRO B 697 20.18 9.03 -15.18
C PRO B 697 19.76 8.00 -14.13
N ARG B 698 20.26 6.77 -14.29
CA ARG B 698 19.83 5.69 -13.37
C ARG B 698 20.09 6.12 -11.92
N THR B 699 21.23 6.75 -11.64
CA THR B 699 21.61 6.99 -10.23
C THR B 699 20.47 7.73 -9.51
N GLU B 700 19.93 8.75 -10.15
CA GLU B 700 18.81 9.52 -9.55
C GLU B 700 17.58 8.63 -9.38
N VAL B 701 17.30 7.77 -10.33
CA VAL B 701 16.14 6.86 -10.23
C VAL B 701 16.37 5.84 -9.13
N GLU B 702 17.59 5.36 -8.97
CA GLU B 702 17.92 4.46 -7.83
C GLU B 702 17.69 5.18 -6.51
N LYS B 703 18.12 6.44 -6.41
CA LYS B 703 17.98 7.18 -5.16
C LYS B 703 16.51 7.39 -4.85
N ALA B 704 15.71 7.74 -5.86
CA ALA B 704 14.25 7.94 -5.72
C ALA B 704 13.53 6.68 -5.27
N ILE B 705 13.88 5.58 -5.89
CA ILE B 705 13.30 4.26 -5.49
C ILE B 705 13.73 3.92 -4.07
N ARG B 706 14.97 4.17 -3.70
CA ARG B 706 15.43 3.91 -2.32
C ARG B 706 14.59 4.74 -1.35
N MET B 707 14.30 5.99 -1.71
CA MET B 707 13.55 6.89 -0.80
C MET B 707 12.12 6.41 -0.63
N SER B 708 11.46 5.99 -1.71
CA SER B 708 10.02 5.69 -1.70
C SER B 708 9.73 4.21 -1.80
N ARG B 709 10.67 3.32 -1.56
CA ARG B 709 10.44 1.87 -1.77
C ARG B 709 9.46 1.33 -0.74
N SER B 710 9.42 1.82 0.49
CA SER B 710 8.44 1.30 1.49
C SER B 710 7.01 1.54 0.96
N ARG B 711 6.80 2.69 0.33
CA ARG B 711 5.47 3.10 -0.19
C ARG B 711 5.15 2.33 -1.47
N ILE B 712 6.10 2.21 -2.39
CA ILE B 712 5.87 1.51 -3.68
C ILE B 712 5.52 0.04 -3.39
N ASN B 713 6.23 -0.62 -2.50
CA ASN B 713 5.97 -2.02 -2.09
C ASN B 713 4.59 -2.14 -1.45
N ASP B 714 4.22 -1.18 -0.58
CA ASP B 714 2.91 -1.27 0.13
C ASP B 714 1.75 -1.05 -0.85
N ALA B 715 1.99 -0.34 -1.96
CA ALA B 715 0.97 -0.09 -2.99
C ALA B 715 0.71 -1.36 -3.81
N PHE B 716 1.52 -2.40 -3.66
CA PHE B 716 1.40 -3.65 -4.44
C PHE B 716 1.41 -4.87 -3.52
N ARG B 717 1.20 -4.70 -2.20
CA ARG B 717 1.30 -5.81 -1.21
C ARG B 717 2.59 -6.62 -1.44
N LEU B 718 3.68 -5.95 -1.81
CA LEU B 718 4.97 -6.59 -2.13
C LEU B 718 5.95 -6.27 -1.01
N ASN B 719 7.09 -6.97 -0.92
CA ASN B 719 7.97 -6.85 0.28
C ASN B 719 9.43 -6.82 -0.15
N ASP B 720 9.80 -6.09 -1.20
CA ASP B 720 11.23 -5.91 -1.60
C ASP B 720 11.80 -7.22 -2.19
N ASN B 721 11.59 -8.35 -1.53
CA ASN B 721 11.94 -9.68 -2.08
C ASN B 721 11.03 -10.00 -3.28
N SER B 722 9.72 -9.76 -3.13
CA SER B 722 8.74 -10.01 -4.21
C SER B 722 8.88 -8.95 -5.33
N LEU B 723 9.14 -7.71 -4.96
CA LEU B 723 9.32 -6.60 -5.92
C LEU B 723 10.80 -6.27 -5.97
N GLU B 724 11.49 -6.67 -7.05
CA GLU B 724 12.96 -6.52 -7.12
C GLU B 724 13.31 -5.51 -8.22
N PHE B 725 14.03 -4.46 -7.88
CA PHE B 725 14.62 -3.52 -8.85
C PHE B 725 16.06 -3.96 -9.06
N LEU B 726 16.31 -4.80 -10.06
CA LEU B 726 17.68 -5.36 -10.28
C LEU B 726 18.69 -4.21 -10.32
N GLY B 727 19.75 -4.27 -9.53
CA GLY B 727 20.75 -3.19 -9.41
C GLY B 727 20.51 -2.33 -8.20
N ILE B 728 19.37 -2.46 -7.54
CA ILE B 728 19.06 -1.70 -6.30
C ILE B 728 18.91 -2.73 -5.18
N GLN B 729 19.84 -2.79 -4.24
CA GLN B 729 19.84 -3.81 -3.17
C GLN B 729 19.26 -3.21 -1.89
N PRO B 730 18.27 -3.88 -1.23
CA PRO B 730 17.75 -3.39 0.04
C PRO B 730 18.85 -3.45 1.13
N THR B 731 19.02 -2.40 1.92
CA THR B 731 20.08 -2.33 2.96
C THR B 731 19.52 -1.86 4.31
N LEU B 732 18.29 -2.24 4.66
CA LEU B 732 17.64 -1.83 5.94
C LEU B 732 17.19 -3.08 6.70
N GLY B 733 18.13 -3.73 7.38
CA GLY B 733 17.88 -4.93 8.21
C GLY B 733 18.52 -4.83 9.60
N PRO B 734 17.97 -4.05 10.56
CA PRO B 734 18.59 -3.91 11.88
C PRO B 734 18.28 -5.11 12.79
N PRO B 735 19.28 -5.95 13.17
CA PRO B 735 19.05 -7.09 14.07
C PRO B 735 19.45 -6.81 15.53
N ASN B 736 18.53 -7.05 16.48
CA ASN B 736 18.85 -6.87 17.92
C ASN B 736 17.75 -7.50 18.77
N GLN B 737 18.12 -8.39 19.70
CA GLN B 737 17.12 -9.01 20.61
C GLN B 737 17.56 -8.81 22.07
N PRO B 738 18.74 -9.32 22.50
CA PRO B 738 19.18 -9.21 23.89
C PRO B 738 20.14 -8.02 24.10
N PRO B 739 19.68 -6.90 24.71
CA PRO B 739 20.56 -5.77 25.00
C PRO B 739 21.42 -6.06 26.24
N VAL B 740 20.95 -6.95 27.11
CA VAL B 740 21.70 -7.30 28.35
C VAL B 740 22.19 -8.75 28.25
N SER B 741 22.22 -9.30 27.03
CA SER B 741 22.63 -10.71 26.83
C SER B 741 21.77 -11.61 27.72
N ILE B 742 20.46 -11.67 27.45
CA ILE B 742 19.52 -12.51 28.25
C ILE B 742 20.27 -13.71 28.84
N TRP B 743 21.02 -14.44 28.00
CA TRP B 743 21.77 -15.65 28.48
C TRP B 743 22.39 -15.36 29.85
N LEU B 744 23.01 -14.20 30.02
CA LEU B 744 23.69 -13.82 31.27
C LEU B 744 22.65 -13.72 32.39
N ILE B 745 21.49 -13.17 32.11
CA ILE B 745 20.39 -13.02 33.10
C ILE B 745 19.93 -14.43 33.49
N VAL B 746 19.85 -15.33 32.52
CA VAL B 746 19.43 -16.74 32.77
C VAL B 746 20.53 -17.41 33.62
N PHE B 747 21.80 -17.16 33.26
CA PHE B 747 22.96 -17.67 34.04
C PHE B 747 22.82 -17.22 35.50
N GLY B 748 22.50 -15.94 35.72
CA GLY B 748 22.40 -15.36 37.07
C GLY B 748 21.33 -16.06 37.89
N VAL B 749 20.12 -16.13 37.33
CA VAL B 749 18.95 -16.72 38.05
C VAL B 749 19.26 -18.19 38.39
N VAL B 750 19.80 -18.93 37.41
CA VAL B 750 20.11 -20.37 37.61
C VAL B 750 21.14 -20.51 38.73
N MET B 751 22.21 -19.70 38.67
CA MET B 751 23.27 -19.73 39.72
C MET B 751 22.63 -19.44 41.09
N GLY B 752 21.73 -18.45 41.16
CA GLY B 752 21.04 -18.07 42.41
C GLY B 752 20.33 -19.26 43.03
N VAL B 753 19.55 -19.99 42.22
CA VAL B 753 18.79 -21.18 42.70
C VAL B 753 19.80 -22.21 43.23
N ILE B 754 20.85 -22.49 42.46
CA ILE B 754 21.84 -23.55 42.83
C ILE B 754 22.51 -23.14 44.15
N VAL B 755 22.95 -21.89 44.26
CA VAL B 755 23.70 -21.44 45.48
C VAL B 755 22.77 -21.57 46.69
N VAL B 756 21.51 -21.14 46.54
CA VAL B 756 20.51 -21.26 47.65
C VAL B 756 20.42 -22.74 48.03
N GLY B 757 20.28 -23.64 47.05
CA GLY B 757 20.15 -25.08 47.31
C GLY B 757 21.36 -25.63 48.06
N ILE B 758 22.56 -25.32 47.58
CA ILE B 758 23.79 -25.86 48.22
C ILE B 758 23.92 -25.28 49.64
N VAL B 759 23.53 -24.02 49.82
CA VAL B 759 23.61 -23.35 51.15
C VAL B 759 22.75 -24.13 52.16
N ILE B 760 21.48 -24.34 51.83
CA ILE B 760 20.53 -25.07 52.74
C ILE B 760 21.08 -26.49 52.95
N LEU B 761 21.64 -27.08 51.91
CA LEU B 761 22.19 -28.47 51.99
C LEU B 761 23.31 -28.53 53.03
N ILE B 762 24.27 -27.62 52.92
CA ILE B 762 25.41 -27.54 53.89
C ILE B 762 24.86 -27.14 55.26
N PHE B 763 23.81 -26.33 55.29
CA PHE B 763 23.14 -25.93 56.55
C PHE B 763 22.66 -27.18 57.27
N THR B 764 21.90 -28.02 56.55
CA THR B 764 21.43 -29.31 57.12
C THR B 764 22.64 -30.15 57.52
N GLY B 765 23.76 -30.00 56.79
CA GLY B 765 25.03 -30.66 57.14
C GLY B 765 25.48 -30.32 58.54
N ILE B 766 25.39 -29.05 58.93
CA ILE B 766 25.71 -28.64 60.33
C ILE B 766 24.47 -28.85 61.19
N ARG B 767 23.27 -28.83 60.59
CA ARG B 767 22.00 -29.08 61.33
C ARG B 767 21.77 -30.59 61.44
N ASP B 768 22.61 -31.31 62.16
CA ASP B 768 22.45 -32.78 62.35
C ASP B 768 22.67 -33.11 63.82
N ARG B 769 21.72 -32.75 64.67
CA ARG B 769 21.75 -32.97 66.13
C ARG B 769 20.47 -33.69 66.54
N VAL C 25 -28.89 -15.34 85.33
CA VAL C 25 -30.13 -14.55 85.68
C VAL C 25 -31.34 -15.46 85.49
N LEU C 26 -31.80 -15.65 84.26
CA LEU C 26 -32.92 -16.54 83.91
C LEU C 26 -32.56 -17.97 84.32
N PRO C 27 -33.44 -18.69 85.04
CA PRO C 27 -33.12 -20.03 85.55
C PRO C 27 -33.06 -21.08 84.43
N ASN C 28 -31.98 -21.85 84.36
CA ASN C 28 -31.82 -22.95 83.35
C ASN C 28 -31.39 -24.21 84.10
N PRO C 29 -32.24 -24.81 84.95
CA PRO C 29 -31.86 -26.02 85.70
C PRO C 29 -31.56 -27.19 84.76
N GLY C 30 -30.65 -28.07 85.14
CA GLY C 30 -30.18 -29.18 84.28
C GLY C 30 -29.09 -28.72 83.32
N LEU C 31 -28.78 -27.42 83.26
CA LEU C 31 -27.68 -26.92 82.40
C LEU C 31 -26.39 -27.69 82.71
N ASP C 32 -26.07 -27.81 84.00
CA ASP C 32 -24.89 -28.61 84.46
C ASP C 32 -25.00 -30.03 83.92
N ALA C 33 -26.21 -30.59 83.94
CA ALA C 33 -26.48 -31.94 83.37
C ALA C 33 -26.29 -31.89 81.86
N ARG C 34 -26.67 -30.78 81.22
CA ARG C 34 -26.60 -30.63 79.74
C ARG C 34 -25.17 -30.35 79.31
N ILE C 35 -24.28 -30.02 80.26
CA ILE C 35 -22.90 -29.56 79.92
C ILE C 35 -21.87 -30.42 80.65
N PRO C 36 -20.63 -30.61 80.12
CA PRO C 36 -19.59 -31.35 80.84
C PRO C 36 -18.92 -30.46 81.90
N SER C 37 -18.29 -31.07 82.92
CA SER C 37 -17.57 -30.31 83.98
C SER C 37 -16.16 -29.96 83.47
N LEU C 38 -15.57 -28.89 84.00
CA LEU C 38 -14.22 -28.41 83.58
C LEU C 38 -13.20 -29.51 83.85
N ALA C 39 -13.28 -30.15 85.02
CA ALA C 39 -12.42 -31.32 85.35
C ALA C 39 -12.66 -32.43 84.31
N GLU C 40 -13.94 -32.69 84.00
CA GLU C 40 -14.30 -33.70 82.97
C GLU C 40 -13.73 -33.25 81.62
N LEU C 41 -13.81 -31.95 81.32
CA LEU C 41 -13.28 -31.39 80.05
C LEU C 41 -11.81 -31.74 79.86
N GLU C 42 -11.06 -31.74 80.96
CA GLU C 42 -9.63 -32.16 80.95
C GLU C 42 -9.49 -33.61 80.48
N THR C 43 -10.51 -34.45 80.70
CA THR C 43 -10.51 -35.88 80.26
C THR C 43 -11.39 -36.08 79.03
N ILE C 44 -12.38 -35.21 78.80
CA ILE C 44 -13.33 -35.36 77.66
C ILE C 44 -12.55 -35.20 76.34
N GLU C 45 -11.56 -34.32 76.31
CA GLU C 45 -10.76 -34.02 75.10
C GLU C 45 -10.10 -35.31 74.61
N GLN C 46 -9.52 -36.08 75.50
CA GLN C 46 -8.92 -37.41 75.16
C GLN C 46 -10.03 -38.30 74.58
N GLU C 47 -11.22 -38.23 75.15
CA GLU C 47 -12.39 -39.01 74.68
C GLU C 47 -12.83 -38.46 73.32
N GLU C 48 -12.89 -37.14 73.18
CA GLU C 48 -13.35 -36.49 71.91
C GLU C 48 -12.29 -36.65 70.82
N ALA C 49 -11.05 -37.01 71.18
CA ALA C 49 -10.00 -37.36 70.19
C ALA C 49 -10.57 -38.38 69.20
N SER C 50 -11.38 -39.32 69.69
CA SER C 50 -12.08 -40.32 68.85
C SER C 50 -13.55 -39.99 68.74
N SER C 51 -14.23 -40.48 67.69
CA SER C 51 -15.67 -40.23 67.41
C SER C 51 -15.96 -38.74 67.15
N ARG C 52 -14.95 -37.87 67.17
CA ARG C 52 -15.11 -36.43 66.88
C ARG C 52 -13.95 -35.96 66.01
N PRO C 53 -14.20 -35.15 64.95
CA PRO C 53 -13.14 -34.64 64.10
C PRO C 53 -12.32 -33.55 64.82
N LYS C 54 -10.99 -33.69 64.83
CA LYS C 54 -10.07 -32.72 65.47
C LYS C 54 -9.16 -32.11 64.41
N TRP C 55 -8.68 -30.89 64.67
CA TRP C 55 -7.77 -30.18 63.74
C TRP C 55 -6.39 -30.86 63.74
N ASP C 56 -5.70 -30.81 62.61
CA ASP C 56 -4.32 -31.34 62.49
C ASP C 56 -3.32 -30.31 63.02
N ASN C 57 -3.51 -29.02 62.70
CA ASN C 57 -2.69 -27.89 63.19
C ASN C 57 -3.61 -26.80 63.74
N LYS C 58 -3.02 -25.76 64.33
CA LYS C 58 -3.73 -24.49 64.62
C LYS C 58 -3.94 -23.68 63.34
N ALA C 59 -2.97 -23.69 62.41
CA ALA C 59 -3.06 -23.02 61.07
C ALA C 59 -4.29 -23.49 60.28
N GLN C 60 -4.66 -24.76 60.41
CA GLN C 60 -5.79 -25.38 59.69
C GLN C 60 -7.13 -24.84 60.21
N TYR C 61 -7.19 -24.51 61.50
CA TYR C 61 -8.36 -23.86 62.16
C TYR C 61 -8.44 -22.37 61.83
N MET C 62 -7.32 -21.66 61.82
CA MET C 62 -7.31 -20.19 61.61
C MET C 62 -7.63 -19.90 60.14
N LEU C 63 -7.06 -20.70 59.24
CA LEU C 63 -7.31 -20.60 57.78
C LEU C 63 -8.74 -21.00 57.40
N THR C 64 -9.40 -21.88 58.15
CA THR C 64 -10.81 -22.30 57.89
C THR C 64 -11.78 -21.21 58.39
N CYS C 65 -11.35 -20.41 59.37
CA CYS C 65 -12.15 -19.31 59.99
C CYS C 65 -11.98 -18.02 59.18
N LEU C 66 -10.78 -17.78 58.66
CA LEU C 66 -10.51 -16.62 57.77
C LEU C 66 -11.27 -16.79 56.47
N GLY C 67 -11.20 -17.98 55.88
CA GLY C 67 -11.99 -18.41 54.72
C GLY C 67 -13.48 -18.21 54.89
N PHE C 68 -14.02 -18.42 56.10
CA PHE C 68 -15.49 -18.33 56.32
C PHE C 68 -15.87 -16.85 56.33
N CYS C 69 -15.08 -16.02 57.03
CA CYS C 69 -15.30 -14.55 57.10
C CYS C 69 -15.13 -13.94 55.70
N VAL C 70 -14.07 -14.29 54.98
CA VAL C 70 -13.70 -13.64 53.69
C VAL C 70 -14.52 -14.29 52.56
N GLY C 71 -15.06 -13.47 51.67
CA GLY C 71 -15.97 -13.92 50.60
C GLY C 71 -16.27 -12.83 49.60
N LEU C 72 -17.21 -13.11 48.70
CA LEU C 72 -17.50 -12.26 47.51
C LEU C 72 -18.17 -10.95 47.98
N GLY C 73 -18.74 -10.94 49.19
CA GLY C 73 -19.27 -9.77 49.91
C GLY C 73 -18.24 -8.68 49.97
N ASN C 74 -17.14 -8.91 50.67
CA ASN C 74 -16.02 -7.92 50.80
C ASN C 74 -15.40 -7.59 49.43
N VAL C 75 -15.73 -8.33 48.35
CA VAL C 75 -15.34 -8.01 46.95
C VAL C 75 -16.31 -6.99 46.33
N TRP C 76 -17.63 -7.19 46.44
CA TRP C 76 -18.61 -6.32 45.73
C TRP C 76 -19.69 -5.75 46.64
N ARG C 77 -19.48 -5.75 47.94
CA ARG C 77 -20.44 -5.15 48.90
C ARG C 77 -19.70 -4.13 49.75
N PHE C 78 -18.71 -4.57 50.50
CA PHE C 78 -17.89 -3.69 51.37
C PHE C 78 -17.28 -2.51 50.59
N PRO C 79 -16.60 -2.70 49.43
CA PRO C 79 -15.93 -1.57 48.78
C PRO C 79 -16.96 -0.53 48.34
N TYR C 80 -18.08 -0.98 47.80
CA TYR C 80 -19.19 -0.11 47.37
C TYR C 80 -19.72 0.74 48.52
N LEU C 81 -20.05 0.11 49.67
CA LEU C 81 -20.55 0.83 50.89
C LEU C 81 -19.49 1.80 51.41
N CYS C 82 -18.22 1.41 51.37
CA CYS C 82 -17.12 2.27 51.90
C CYS C 82 -17.11 3.64 51.21
N GLN C 83 -17.57 3.76 49.96
CA GLN C 83 -17.59 5.01 49.15
C GLN C 83 -18.98 5.65 49.18
N SER C 84 -20.03 4.87 48.89
CA SER C 84 -21.45 5.35 48.83
C SER C 84 -21.91 5.95 50.17
N HIS C 85 -21.36 5.52 51.32
CA HIS C 85 -21.77 5.96 52.68
C HIS C 85 -20.62 6.68 53.40
N GLY C 86 -20.23 7.85 52.90
CA GLY C 86 -19.28 8.76 53.56
C GLY C 86 -17.84 8.56 53.19
N GLY C 87 -17.50 7.56 52.37
CA GLY C 87 -16.10 7.34 51.97
C GLY C 87 -15.25 7.01 53.20
N GLY C 88 -14.27 7.88 53.46
CA GLY C 88 -13.40 7.78 54.67
C GLY C 88 -14.22 7.66 55.96
N ALA C 89 -15.30 8.42 56.04
CA ALA C 89 -16.16 8.48 57.24
C ALA C 89 -16.75 7.10 57.51
N PHE C 90 -17.11 6.34 56.46
CA PHE C 90 -17.73 4.99 56.59
C PHE C 90 -16.87 4.10 57.49
N MET C 91 -15.53 4.24 57.42
CA MET C 91 -14.62 3.38 58.21
C MET C 91 -14.96 3.47 59.71
N ILE C 92 -15.34 4.65 60.18
CA ILE C 92 -15.55 4.90 61.64
C ILE C 92 -16.61 3.91 62.15
N PRO C 93 -17.88 3.96 61.66
CA PRO C 93 -18.93 3.07 62.14
C PRO C 93 -18.53 1.59 62.01
N PHE C 94 -17.96 1.21 60.87
CA PHE C 94 -17.55 -0.19 60.61
C PHE C 94 -16.64 -0.67 61.75
N LEU C 95 -15.57 0.07 62.00
CA LEU C 95 -14.59 -0.29 63.07
C LEU C 95 -15.27 -0.27 64.44
N ILE C 96 -16.19 0.68 64.66
CA ILE C 96 -16.89 0.82 65.98
C ILE C 96 -17.59 -0.51 66.28
N LEU C 97 -18.50 -0.93 65.40
CA LEU C 97 -19.30 -2.16 65.64
C LEU C 97 -18.38 -3.39 65.52
N LEU C 98 -17.27 -3.26 64.81
CA LEU C 98 -16.29 -4.37 64.63
C LEU C 98 -15.74 -4.79 66.00
N VAL C 99 -15.41 -3.82 66.84
CA VAL C 99 -14.79 -4.10 68.19
C VAL C 99 -15.88 -4.11 69.27
N LEU C 100 -17.02 -3.45 69.04
CA LEU C 100 -18.12 -3.38 70.05
C LEU C 100 -19.01 -4.62 69.93
N GLU C 101 -19.05 -5.25 68.77
CA GLU C 101 -19.91 -6.44 68.54
C GLU C 101 -19.13 -7.55 67.84
N GLY C 102 -18.49 -7.25 66.70
CA GLY C 102 -17.76 -8.27 65.92
C GLY C 102 -16.86 -9.12 66.81
N ILE C 103 -15.83 -8.53 67.38
CA ILE C 103 -14.82 -9.28 68.20
C ILE C 103 -15.55 -9.89 69.41
N PRO C 104 -16.33 -9.11 70.20
CA PRO C 104 -17.00 -9.65 71.40
C PRO C 104 -17.83 -10.89 71.09
N LEU C 105 -18.69 -10.81 70.07
CA LEU C 105 -19.55 -11.96 69.67
C LEU C 105 -18.66 -13.05 69.09
N LEU C 106 -17.72 -12.69 68.21
CA LEU C 106 -16.75 -13.67 67.67
C LEU C 106 -16.11 -14.40 68.86
N TYR C 107 -15.69 -13.65 69.88
CA TYR C 107 -15.16 -14.25 71.13
C TYR C 107 -16.25 -15.14 71.73
N LEU C 108 -17.43 -14.56 71.98
CA LEU C 108 -18.49 -15.33 72.68
C LEU C 108 -18.75 -16.64 71.92
N GLU C 109 -18.80 -16.60 70.58
CA GLU C 109 -19.03 -17.78 69.71
C GLU C 109 -17.87 -18.78 69.80
N PHE C 110 -16.62 -18.33 69.76
CA PHE C 110 -15.44 -19.24 69.87
C PHE C 110 -15.39 -19.88 71.25
N ALA C 111 -15.60 -19.09 72.29
CA ALA C 111 -15.47 -19.57 73.69
C ALA C 111 -16.59 -20.58 74.00
N ILE C 112 -17.83 -20.25 73.64
CA ILE C 112 -19.00 -21.12 73.97
C ILE C 112 -18.92 -22.45 73.23
N GLY C 113 -18.34 -22.49 72.02
CA GLY C 113 -18.13 -23.73 71.25
C GLY C 113 -17.04 -24.58 71.86
N GLN C 114 -15.96 -23.95 72.32
CA GLN C 114 -14.80 -24.67 72.92
C GLN C 114 -15.16 -25.23 74.30
N ARG C 115 -16.05 -24.55 75.02
CA ARG C 115 -16.46 -25.01 76.38
C ARG C 115 -17.41 -26.19 76.24
N LEU C 116 -18.56 -25.97 75.59
CA LEU C 116 -19.72 -26.91 75.66
C LEU C 116 -19.55 -28.06 74.66
N ARG C 117 -18.50 -28.07 73.84
CA ARG C 117 -18.00 -29.28 73.13
C ARG C 117 -19.07 -29.82 72.15
N ARG C 118 -19.91 -28.95 71.59
CA ARG C 118 -21.00 -29.27 70.64
C ARG C 118 -21.06 -28.17 69.57
N GLY C 119 -21.80 -28.40 68.49
CA GLY C 119 -22.17 -27.37 67.51
C GLY C 119 -23.25 -26.43 68.03
N SER C 120 -23.83 -25.64 67.12
CA SER C 120 -24.79 -24.54 67.44
C SER C 120 -26.07 -25.09 68.08
N LEU C 121 -26.73 -26.10 67.49
CA LEU C 121 -27.97 -26.69 68.07
C LEU C 121 -27.67 -27.30 69.44
N GLY C 122 -26.55 -28.01 69.58
CA GLY C 122 -26.05 -28.57 70.85
C GLY C 122 -25.91 -27.51 71.92
N VAL C 123 -25.23 -26.41 71.63
CA VAL C 123 -24.89 -25.33 72.60
C VAL C 123 -26.19 -24.72 73.16
N TRP C 124 -27.09 -24.25 72.29
CA TRP C 124 -28.27 -23.45 72.73
C TRP C 124 -29.27 -24.37 73.47
N SER C 125 -29.51 -25.58 72.99
CA SER C 125 -30.35 -26.62 73.67
C SER C 125 -29.89 -26.87 75.12
N SER C 126 -28.58 -26.81 75.38
CA SER C 126 -27.95 -27.08 76.70
C SER C 126 -28.12 -25.84 77.58
N ILE C 127 -27.64 -24.68 77.11
CA ILE C 127 -27.85 -23.36 77.80
C ILE C 127 -29.29 -23.35 78.36
N HIS C 128 -30.25 -23.78 77.54
CA HIS C 128 -31.67 -23.89 77.94
C HIS C 128 -32.43 -24.68 76.87
N PRO C 129 -33.29 -25.67 77.23
CA PRO C 129 -33.98 -26.49 76.23
C PRO C 129 -34.77 -25.69 75.18
N ALA C 130 -35.46 -24.64 75.63
CA ALA C 130 -36.26 -23.77 74.73
C ALA C 130 -35.38 -23.04 73.73
N LEU C 131 -34.07 -22.95 74.00
CA LEU C 131 -33.11 -22.28 73.09
C LEU C 131 -32.78 -23.15 71.88
N LYS C 132 -33.45 -24.31 71.74
CA LYS C 132 -33.29 -25.20 70.57
C LYS C 132 -33.52 -24.44 69.27
N GLY C 133 -34.50 -23.51 69.27
CA GLY C 133 -34.80 -22.67 68.10
C GLY C 133 -33.59 -21.96 67.55
N LEU C 134 -32.68 -21.51 68.43
CA LEU C 134 -31.46 -20.76 68.01
C LEU C 134 -30.68 -21.59 67.01
N GLY C 135 -30.35 -22.83 67.37
CA GLY C 135 -29.58 -23.74 66.49
C GLY C 135 -30.33 -24.00 65.19
N LEU C 136 -31.63 -24.27 65.31
CA LEU C 136 -32.50 -24.55 64.13
C LEU C 136 -32.42 -23.37 63.15
N ALA C 137 -32.74 -22.17 63.63
CA ALA C 137 -32.78 -20.95 62.78
C ALA C 137 -31.39 -20.75 62.15
N SER C 138 -30.33 -20.93 62.93
CA SER C 138 -28.94 -20.73 62.43
C SER C 138 -28.69 -21.67 61.26
N MET C 139 -29.08 -22.94 61.38
CA MET C 139 -28.90 -23.94 60.29
C MET C 139 -29.67 -23.48 59.05
N LEU C 140 -30.94 -23.11 59.22
CA LEU C 140 -31.78 -22.63 58.09
C LEU C 140 -31.15 -21.41 57.44
N THR C 141 -30.65 -20.46 58.25
CA THR C 141 -30.00 -19.24 57.73
C THR C 141 -28.81 -19.64 56.87
N SER C 142 -27.96 -20.54 57.37
CA SER C 142 -26.78 -21.03 56.62
C SER C 142 -27.23 -21.66 55.31
N PHE C 143 -28.27 -22.49 55.36
CA PHE C 143 -28.80 -23.18 54.16
C PHE C 143 -29.26 -22.16 53.12
N MET C 144 -30.06 -21.18 53.55
CA MET C 144 -30.61 -20.15 52.62
C MET C 144 -29.44 -19.35 52.03
N VAL C 145 -28.54 -18.88 52.89
CA VAL C 145 -27.33 -18.12 52.42
C VAL C 145 -26.52 -19.04 51.51
N GLY C 146 -26.35 -20.31 51.90
CA GLY C 146 -25.57 -21.29 51.12
C GLY C 146 -26.29 -21.71 49.85
N LEU C 147 -27.61 -21.60 49.81
CA LEU C 147 -28.43 -21.95 48.62
C LEU C 147 -28.10 -20.96 47.49
N TYR C 148 -27.98 -19.66 47.78
CA TYR C 148 -27.76 -18.62 46.74
C TYR C 148 -26.27 -18.36 46.54
N TYR C 149 -25.42 -18.51 47.57
CA TYR C 149 -23.96 -18.37 47.36
C TYR C 149 -23.49 -19.51 46.44
N ASN C 150 -24.16 -20.66 46.38
CA ASN C 150 -23.65 -21.71 45.47
C ASN C 150 -24.17 -21.48 44.05
N THR C 151 -25.16 -20.62 43.83
CA THR C 151 -25.59 -20.20 42.47
C THR C 151 -24.63 -19.14 41.94
N ILE C 152 -24.18 -18.25 42.81
CA ILE C 152 -23.18 -17.22 42.45
C ILE C 152 -21.88 -17.92 42.06
N ILE C 153 -21.43 -18.94 42.79
CA ILE C 153 -20.20 -19.71 42.45
C ILE C 153 -20.41 -20.45 41.13
N SER C 154 -21.65 -20.86 40.87
CA SER C 154 -22.07 -21.51 39.59
C SER C 154 -21.79 -20.55 38.43
N TRP C 155 -22.16 -19.30 38.61
CA TRP C 155 -21.94 -18.24 37.60
C TRP C 155 -20.46 -17.92 37.45
N ILE C 156 -19.71 -17.85 38.55
CA ILE C 156 -18.25 -17.56 38.53
C ILE C 156 -17.56 -18.63 37.68
N MET C 157 -17.92 -19.89 37.87
CA MET C 157 -17.14 -20.95 37.18
C MET C 157 -17.64 -21.08 35.74
N TRP C 158 -18.83 -20.59 35.38
CA TRP C 158 -19.23 -20.37 33.96
C TRP C 158 -18.31 -19.33 33.29
N TYR C 159 -17.98 -18.24 33.97
CA TYR C 159 -17.03 -17.23 33.43
C TYR C 159 -15.59 -17.73 33.42
N LEU C 160 -15.20 -18.60 34.35
CA LEU C 160 -13.84 -19.18 34.36
C LEU C 160 -13.68 -20.15 33.17
N PHE C 161 -14.70 -20.92 32.80
CA PHE C 161 -14.63 -21.87 31.65
C PHE C 161 -14.51 -21.13 30.32
N ASN C 162 -15.19 -19.99 30.20
CA ASN C 162 -15.25 -19.18 28.95
C ASN C 162 -14.04 -18.24 28.86
N SER C 163 -13.13 -18.21 29.84
CA SER C 163 -12.03 -17.22 29.87
C SER C 163 -10.83 -17.68 29.03
N PHE C 164 -10.92 -18.80 28.30
CA PHE C 164 -9.77 -19.33 27.53
C PHE C 164 -9.94 -18.94 26.06
N GLN C 165 -10.45 -17.73 25.79
CA GLN C 165 -10.60 -17.18 24.42
C GLN C 165 -9.83 -15.87 24.34
N GLU C 166 -8.81 -15.77 23.49
CA GLU C 166 -8.00 -14.54 23.37
C GLU C 166 -8.93 -13.34 23.19
N PRO C 167 -9.83 -13.33 22.18
CA PRO C 167 -10.80 -12.24 22.03
C PRO C 167 -11.95 -12.51 23.02
N LEU C 168 -11.78 -12.04 24.26
CA LEU C 168 -12.78 -12.26 25.34
C LEU C 168 -14.19 -12.07 24.80
N PRO C 169 -15.16 -12.96 25.11
CA PRO C 169 -16.52 -12.88 24.55
C PRO C 169 -17.23 -11.55 24.84
N TRP C 170 -17.12 -11.05 26.05
CA TRP C 170 -17.76 -9.78 26.48
C TRP C 170 -17.08 -8.58 25.80
N SER C 171 -15.94 -8.79 25.13
CA SER C 171 -15.22 -7.73 24.42
C SER C 171 -15.75 -7.58 22.99
N ASP C 172 -16.67 -8.43 22.55
CA ASP C 172 -17.16 -8.43 21.14
C ASP C 172 -18.69 -8.46 21.13
N CYS C 173 -19.28 -8.08 20.00
CA CYS C 173 -20.77 -8.05 19.82
C CYS C 173 -21.17 -9.15 18.82
N PRO C 174 -22.24 -9.94 19.08
CA PRO C 174 -22.71 -10.94 18.11
C PRO C 174 -23.35 -10.30 16.86
N LEU C 175 -22.63 -10.37 15.73
CA LEU C 175 -23.10 -10.00 14.35
C LEU C 175 -24.46 -10.64 14.02
N TYR C 182 -25.32 -6.34 14.12
CA TYR C 182 -25.10 -6.34 15.59
C TYR C 182 -26.42 -6.25 16.36
N VAL C 183 -26.56 -7.08 17.40
CA VAL C 183 -27.80 -7.14 18.23
C VAL C 183 -28.12 -5.71 18.67
N ASP C 184 -29.38 -5.28 18.51
CA ASP C 184 -29.82 -3.92 18.93
C ASP C 184 -29.57 -3.78 20.43
N GLU C 185 -29.89 -4.81 21.21
CA GLU C 185 -29.61 -4.81 22.67
C GLU C 185 -28.12 -4.57 22.88
N CYS C 186 -27.28 -5.37 22.25
CA CYS C 186 -25.80 -5.27 22.38
C CYS C 186 -25.33 -3.93 21.79
N ALA C 187 -26.07 -3.36 20.86
CA ALA C 187 -25.77 -2.03 20.28
C ALA C 187 -25.98 -0.94 21.35
N ARG C 188 -27.13 -0.96 22.01
CA ARG C 188 -27.46 0.05 23.05
C ARG C 188 -26.65 -0.27 24.31
N SER C 189 -26.74 -1.51 24.81
CA SER C 189 -26.02 -1.93 26.04
C SER C 189 -24.64 -2.47 25.65
N SER C 190 -23.58 -2.04 26.33
CA SER C 190 -22.19 -2.47 26.04
C SER C 190 -22.14 -3.99 25.82
N PRO C 191 -21.17 -4.51 25.05
CA PRO C 191 -21.03 -5.96 24.83
C PRO C 191 -20.99 -6.73 26.16
N VAL C 192 -20.30 -6.16 27.17
CA VAL C 192 -20.20 -6.78 28.52
C VAL C 192 -21.60 -6.91 29.10
N ASP C 193 -22.37 -5.82 29.11
CA ASP C 193 -23.77 -5.84 29.63
C ASP C 193 -24.56 -6.89 28.83
N TYR C 194 -24.38 -6.92 27.52
CA TYR C 194 -25.09 -7.89 26.66
C TYR C 194 -24.69 -9.32 27.05
N PHE C 195 -23.41 -9.58 27.23
CA PHE C 195 -22.93 -10.95 27.52
C PHE C 195 -23.55 -11.46 28.83
N TRP C 196 -23.52 -10.63 29.87
CA TRP C 196 -24.03 -11.03 31.21
C TRP C 196 -25.56 -11.16 31.20
N TYR C 197 -26.25 -10.17 30.66
CA TYR C 197 -27.74 -10.13 30.71
C TYR C 197 -28.36 -11.12 29.69
N ARG C 198 -27.75 -11.27 28.52
CA ARG C 198 -28.35 -12.13 27.46
C ARG C 198 -27.55 -13.42 27.23
N GLU C 199 -26.23 -13.31 27.09
CA GLU C 199 -25.41 -14.51 26.75
C GLU C 199 -25.08 -15.32 28.00
N THR C 200 -25.37 -14.81 29.18
CA THR C 200 -25.06 -15.51 30.46
C THR C 200 -26.34 -15.75 31.26
N LEU C 201 -27.39 -14.95 31.08
CA LEU C 201 -28.62 -15.09 31.89
C LEU C 201 -29.85 -15.30 31.02
N ASN C 202 -29.87 -14.82 29.77
CA ASN C 202 -31.13 -14.90 29.00
C ASN C 202 -32.19 -14.31 29.94
N ILE C 203 -31.84 -13.22 30.62
CA ILE C 203 -32.73 -12.61 31.66
C ILE C 203 -34.10 -12.30 31.03
N SER C 204 -35.18 -12.53 31.76
CA SER C 204 -36.56 -12.24 31.29
C SER C 204 -36.87 -10.76 31.54
N THR C 205 -38.11 -10.35 31.32
CA THR C 205 -38.56 -8.94 31.54
C THR C 205 -39.16 -8.74 32.94
N SER C 206 -39.47 -9.80 33.70
CA SER C 206 -40.14 -9.70 35.04
C SER C 206 -39.81 -10.94 35.87
N ILE C 207 -40.14 -10.91 37.17
CA ILE C 207 -40.11 -12.11 38.06
C ILE C 207 -41.33 -12.98 37.77
N SER C 208 -42.40 -12.39 37.24
CA SER C 208 -43.59 -13.12 36.76
C SER C 208 -43.29 -13.89 35.46
N ASP C 209 -42.06 -13.81 34.90
CA ASP C 209 -41.67 -14.48 33.64
C ASP C 209 -40.57 -15.51 33.91
N SER C 210 -40.94 -16.73 34.27
CA SER C 210 -40.03 -17.89 34.37
C SER C 210 -40.09 -18.67 33.05
N GLY C 211 -39.00 -19.35 32.68
CA GLY C 211 -38.91 -20.13 31.43
C GLY C 211 -38.28 -21.49 31.62
N SER C 212 -37.30 -21.83 30.78
CA SER C 212 -36.67 -23.17 30.73
C SER C 212 -35.33 -23.14 31.47
N ILE C 213 -35.03 -24.20 32.22
CA ILE C 213 -33.70 -24.41 32.86
C ILE C 213 -32.64 -24.17 31.76
N GLN C 214 -31.74 -23.22 31.97
CA GLN C 214 -30.62 -22.95 31.04
C GLN C 214 -29.65 -24.12 31.24
N TRP C 215 -29.59 -25.05 30.29
CA TRP C 215 -28.81 -26.32 30.43
C TRP C 215 -27.38 -25.99 30.91
N TRP C 216 -26.66 -25.12 30.21
CA TRP C 216 -25.25 -24.74 30.55
C TRP C 216 -25.23 -24.22 32.00
N MET C 217 -26.22 -23.40 32.40
CA MET C 217 -26.32 -22.90 33.80
C MET C 217 -26.49 -24.10 34.73
N LEU C 218 -27.44 -25.01 34.45
CA LEU C 218 -27.62 -26.25 35.26
C LEU C 218 -26.28 -26.98 35.30
N LEU C 219 -25.64 -27.24 34.16
CA LEU C 219 -24.32 -27.92 34.12
C LEU C 219 -23.35 -27.25 35.11
N CYS C 220 -23.28 -25.93 35.10
CA CYS C 220 -22.35 -25.21 36.01
C CYS C 220 -22.82 -25.38 37.46
N LEU C 221 -24.13 -25.40 37.71
CA LEU C 221 -24.70 -25.60 39.06
C LEU C 221 -24.27 -26.98 39.57
N ALA C 222 -24.39 -28.01 38.72
CA ALA C 222 -23.90 -29.38 39.01
C ALA C 222 -22.44 -29.27 39.43
N CYS C 223 -21.63 -28.64 38.59
CA CYS C 223 -20.16 -28.56 38.84
C CYS C 223 -19.93 -27.91 40.23
N ALA C 224 -20.64 -26.82 40.56
CA ALA C 224 -20.47 -26.12 41.86
C ALA C 224 -20.77 -27.08 43.03
N TRP C 225 -21.94 -27.71 43.03
CA TRP C 225 -22.34 -28.62 44.15
C TRP C 225 -21.39 -29.82 44.20
N SER C 226 -20.94 -30.34 43.05
CA SER C 226 -19.96 -31.45 42.98
C SER C 226 -18.62 -31.04 43.60
N VAL C 227 -18.11 -29.85 43.28
CA VAL C 227 -16.80 -29.42 43.84
C VAL C 227 -16.96 -29.24 45.35
N LEU C 228 -18.15 -28.79 45.79
CA LEU C 228 -18.42 -28.61 47.24
C LEU C 228 -18.34 -29.97 47.91
N TYR C 229 -19.12 -30.94 47.42
CA TYR C 229 -19.07 -32.33 47.95
C TYR C 229 -17.67 -32.90 47.72
N MET C 230 -17.05 -32.58 46.58
CA MET C 230 -15.68 -33.06 46.25
C MET C 230 -14.72 -32.61 47.37
N CYS C 231 -14.95 -31.43 47.94
CA CYS C 231 -14.08 -30.87 48.99
C CYS C 231 -14.72 -31.00 50.39
N THR C 232 -15.91 -31.59 50.49
CA THR C 232 -16.61 -31.74 51.80
C THR C 232 -17.12 -33.17 51.99
N ILE C 233 -16.89 -34.08 51.06
CA ILE C 233 -17.38 -35.49 51.14
C ILE C 233 -16.90 -36.11 52.46
N ARG C 234 -15.60 -36.12 52.68
CA ARG C 234 -15.00 -36.73 53.90
C ARG C 234 -15.40 -35.89 55.11
N GLY C 235 -15.38 -34.56 54.97
CA GLY C 235 -15.80 -33.63 56.04
C GLY C 235 -14.78 -32.54 56.28
N ILE C 236 -14.67 -32.07 57.52
CA ILE C 236 -13.70 -31.00 57.89
C ILE C 236 -12.28 -31.39 57.44
N GLU C 237 -12.00 -32.70 57.39
CA GLU C 237 -10.72 -33.22 56.88
C GLU C 237 -10.48 -32.75 55.44
N THR C 238 -11.46 -32.94 54.57
CA THR C 238 -11.37 -32.49 53.15
C THR C 238 -11.43 -30.96 53.12
N THR C 239 -12.37 -30.36 53.83
CA THR C 239 -12.55 -28.88 53.83
C THR C 239 -11.25 -28.25 54.36
N GLY C 240 -10.76 -28.75 55.49
CA GLY C 240 -9.52 -28.24 56.10
C GLY C 240 -8.36 -28.35 55.14
N LYS C 241 -8.32 -29.41 54.34
CA LYS C 241 -7.29 -29.55 53.27
C LYS C 241 -7.49 -28.44 52.21
N ALA C 242 -8.75 -28.22 51.82
CA ALA C 242 -9.08 -27.22 50.76
C ALA C 242 -8.92 -25.81 51.29
N VAL C 243 -9.33 -25.54 52.54
CA VAL C 243 -9.34 -24.15 53.09
C VAL C 243 -7.99 -23.49 52.81
N TYR C 244 -6.89 -24.23 52.98
CA TYR C 244 -5.52 -23.73 52.72
C TYR C 244 -5.50 -22.92 51.42
N ILE C 245 -5.82 -23.57 50.30
CA ILE C 245 -5.77 -22.92 48.96
C ILE C 245 -6.91 -21.91 48.84
N THR C 246 -8.10 -22.28 49.32
CA THR C 246 -9.31 -21.42 49.20
C THR C 246 -9.09 -20.13 49.99
N SER C 247 -8.05 -20.08 50.84
CA SER C 247 -7.68 -18.87 51.61
C SER C 247 -6.37 -18.28 51.12
N THR C 248 -5.36 -19.10 50.86
CA THR C 248 -4.01 -18.61 50.45
C THR C 248 -4.09 -18.00 49.04
N LEU C 249 -4.67 -18.71 48.08
CA LEU C 249 -4.74 -18.24 46.68
C LEU C 249 -5.40 -16.86 46.60
N PRO C 250 -6.62 -16.66 47.15
CA PRO C 250 -7.30 -15.36 47.03
C PRO C 250 -6.37 -14.16 47.28
N TYR C 251 -5.69 -14.15 48.43
CA TYR C 251 -4.76 -13.05 48.80
C TYR C 251 -3.64 -12.92 47.76
N VAL C 252 -3.12 -14.06 47.29
CA VAL C 252 -2.00 -14.06 46.30
C VAL C 252 -2.45 -13.30 45.05
N VAL C 253 -3.61 -13.67 44.52
CA VAL C 253 -4.13 -13.03 43.26
C VAL C 253 -4.43 -11.56 43.55
N LEU C 254 -4.98 -11.25 44.73
CA LEU C 254 -5.28 -9.86 45.13
C LEU C 254 -4.00 -9.02 45.05
N THR C 255 -2.90 -9.54 45.61
CA THR C 255 -1.59 -8.83 45.59
C THR C 255 -1.10 -8.68 44.16
N ILE C 256 -1.14 -9.77 43.39
CA ILE C 256 -0.73 -9.76 41.96
C ILE C 256 -1.58 -8.69 41.27
N PHE C 257 -2.88 -8.67 41.54
CA PHE C 257 -3.81 -7.64 40.97
C PHE C 257 -3.44 -6.25 41.46
N LEU C 258 -3.07 -6.11 42.73
CA LEU C 258 -2.73 -4.76 43.26
C LEU C 258 -1.54 -4.16 42.47
N ILE C 259 -0.50 -4.95 42.25
CA ILE C 259 0.75 -4.50 41.58
C ILE C 259 0.47 -4.33 40.08
N ARG C 260 -0.56 -4.98 39.51
CA ARG C 260 -0.99 -4.76 38.11
C ARG C 260 -1.93 -3.57 38.05
N GLY C 261 -2.93 -3.55 38.94
CA GLY C 261 -3.90 -2.46 39.10
C GLY C 261 -3.22 -1.10 39.20
N LEU C 262 -2.15 -0.99 40.00
CA LEU C 262 -1.45 0.31 40.25
C LEU C 262 -0.48 0.67 39.11
N THR C 263 -0.39 -0.12 38.04
CA THR C 263 0.36 0.24 36.80
C THR C 263 -0.61 0.74 35.72
N LEU C 264 -1.88 0.36 35.80
CA LEU C 264 -2.92 0.75 34.82
C LEU C 264 -3.22 2.23 35.07
N LYS C 265 -3.13 3.08 34.04
CA LYS C 265 -3.36 4.55 34.15
C LYS C 265 -4.75 4.81 34.74
N GLY C 266 -4.89 5.83 35.60
CA GLY C 266 -6.17 6.19 36.24
C GLY C 266 -6.45 5.44 37.53
N ALA C 267 -5.57 4.51 37.94
CA ALA C 267 -5.80 3.68 39.14
C ALA C 267 -5.91 4.56 40.40
N THR C 268 -5.00 5.52 40.55
CA THR C 268 -4.93 6.38 41.76
C THR C 268 -6.25 7.14 41.96
N ASN C 269 -6.82 7.68 40.89
CA ASN C 269 -8.04 8.52 40.97
C ASN C 269 -9.11 7.75 41.74
N GLY C 270 -9.32 6.48 41.39
CA GLY C 270 -10.31 5.62 42.07
C GLY C 270 -10.02 5.43 43.55
N ILE C 271 -8.76 5.25 43.89
CA ILE C 271 -8.31 5.01 45.29
C ILE C 271 -8.68 6.26 46.10
N VAL C 272 -8.31 7.44 45.61
CA VAL C 272 -8.67 8.73 46.28
C VAL C 272 -10.19 8.83 46.28
N PHE C 273 -10.84 8.54 45.14
CA PHE C 273 -12.32 8.54 45.04
C PHE C 273 -12.90 7.69 46.17
N LEU C 274 -12.45 6.45 46.30
CA LEU C 274 -12.86 5.55 47.43
C LEU C 274 -12.73 6.29 48.76
N PHE C 275 -11.63 7.01 48.95
CA PHE C 275 -11.26 7.65 50.23
C PHE C 275 -11.42 9.18 50.17
N THR C 276 -12.45 9.69 49.50
CA THR C 276 -12.89 11.09 49.69
C THR C 276 -13.94 11.09 50.80
N PRO C 277 -13.77 11.79 51.94
CA PRO C 277 -14.75 11.70 53.05
C PRO C 277 -16.08 12.41 52.78
N ASN C 278 -17.12 12.05 53.54
CA ASN C 278 -18.40 12.81 53.57
C ASN C 278 -19.17 12.46 54.84
N VAL C 279 -18.78 13.05 55.98
CA VAL C 279 -19.36 12.69 57.30
C VAL C 279 -20.89 12.77 57.24
N THR C 280 -21.43 13.71 56.47
CA THR C 280 -22.93 13.88 56.44
C THR C 280 -23.60 12.53 56.16
N GLU C 281 -23.01 11.69 55.30
CA GLU C 281 -23.55 10.33 55.03
C GLU C 281 -23.66 9.55 56.36
N LEU C 282 -22.65 9.67 57.23
CA LEU C 282 -22.69 8.98 58.56
C LEU C 282 -23.95 9.36 59.31
N ALA C 283 -24.28 10.65 59.33
CA ALA C 283 -25.52 11.13 60.00
C ALA C 283 -26.72 10.24 59.62
N GLN C 284 -26.80 9.86 58.36
CA GLN C 284 -27.85 8.93 57.88
C GLN C 284 -27.79 7.65 58.73
N PRO C 285 -28.81 7.35 59.57
CA PRO C 285 -28.75 6.18 60.46
C PRO C 285 -28.68 4.86 59.68
N ASP C 286 -29.23 4.84 58.46
CA ASP C 286 -29.10 3.70 57.54
C ASP C 286 -27.63 3.30 57.35
N THR C 287 -26.73 4.28 57.30
CA THR C 287 -25.27 4.04 57.15
C THR C 287 -24.80 3.01 58.19
N TRP C 288 -25.11 3.25 59.45
CA TRP C 288 -24.65 2.38 60.57
C TRP C 288 -25.39 1.04 60.48
N LEU C 289 -26.69 1.08 60.15
CA LEU C 289 -27.50 -0.16 59.95
C LEU C 289 -26.74 -1.06 58.96
N ASP C 290 -26.36 -0.51 57.82
CA ASP C 290 -25.62 -1.26 56.77
C ASP C 290 -24.26 -1.68 57.32
N ALA C 291 -23.56 -0.77 58.01
CA ALA C 291 -22.22 -1.04 58.56
C ALA C 291 -22.32 -2.24 59.52
N GLY C 292 -23.32 -2.24 60.40
CA GLY C 292 -23.56 -3.35 61.35
C GLY C 292 -23.81 -4.66 60.62
N ALA C 293 -24.67 -4.61 59.62
CA ALA C 293 -24.98 -5.82 58.80
C ALA C 293 -23.68 -6.31 58.15
N GLN C 294 -22.85 -5.39 57.67
CA GLN C 294 -21.54 -5.75 57.05
C GLN C 294 -20.69 -6.51 58.08
N VAL C 295 -20.50 -5.92 59.25
CA VAL C 295 -19.66 -6.54 60.32
C VAL C 295 -20.21 -7.95 60.62
N PHE C 296 -21.54 -8.08 60.67
CA PHE C 296 -22.20 -9.39 60.95
C PHE C 296 -21.88 -10.38 59.82
N PHE C 297 -22.29 -10.07 58.59
CA PHE C 297 -22.11 -11.04 57.46
C PHE C 297 -20.60 -11.25 57.21
N SER C 298 -19.78 -10.20 57.35
CA SER C 298 -18.30 -10.29 57.18
C SER C 298 -17.66 -11.17 58.25
N PHE C 299 -18.30 -11.39 59.41
CA PHE C 299 -17.72 -12.21 60.52
C PHE C 299 -18.39 -13.58 60.54
N SER C 300 -19.31 -13.88 59.63
CA SER C 300 -20.04 -15.18 59.56
C SER C 300 -20.68 -15.51 60.93
N LEU C 301 -21.16 -14.49 61.65
CA LEU C 301 -21.76 -14.65 63.00
C LEU C 301 -23.22 -15.04 62.82
N ALA C 302 -23.83 -15.65 63.85
CA ALA C 302 -25.22 -16.15 63.81
C ALA C 302 -25.32 -17.40 62.92
N PHE C 303 -24.34 -17.68 62.07
CA PHE C 303 -24.31 -18.88 61.21
C PHE C 303 -24.06 -20.12 62.07
N GLY C 304 -23.09 -20.04 62.99
CA GLY C 304 -22.75 -21.13 63.93
C GLY C 304 -21.71 -22.09 63.39
N GLY C 305 -21.36 -22.02 62.10
CA GLY C 305 -20.27 -22.83 61.52
C GLY C 305 -18.96 -22.68 62.28
N LEU C 306 -18.58 -21.45 62.59
CA LEU C 306 -17.35 -21.16 63.38
C LEU C 306 -17.39 -21.87 64.74
N ILE C 307 -18.58 -21.98 65.34
CA ILE C 307 -18.78 -22.68 66.64
C ILE C 307 -18.29 -24.13 66.47
N SER C 308 -18.71 -24.79 65.40
CA SER C 308 -18.30 -26.20 65.12
C SER C 308 -16.76 -26.28 65.00
N PHE C 309 -16.18 -25.39 64.23
CA PHE C 309 -14.69 -25.34 64.05
C PHE C 309 -14.03 -25.13 65.40
N SER C 310 -14.56 -24.20 66.20
CA SER C 310 -14.03 -23.89 67.55
C SER C 310 -14.15 -25.14 68.45
N SER C 311 -15.25 -25.88 68.31
CA SER C 311 -15.50 -27.11 69.13
C SER C 311 -14.44 -28.18 68.81
N TYR C 312 -13.84 -28.16 67.62
CA TYR C 312 -12.81 -29.15 67.22
C TYR C 312 -11.44 -28.76 67.76
N ASN C 313 -11.34 -27.65 68.51
CA ASN C 313 -10.06 -27.23 69.13
C ASN C 313 -9.93 -27.95 70.47
N SER C 314 -8.78 -27.80 71.15
CA SER C 314 -8.54 -28.36 72.50
C SER C 314 -9.26 -27.51 73.55
N VAL C 315 -9.23 -27.93 74.82
CA VAL C 315 -9.95 -27.22 75.91
C VAL C 315 -9.08 -26.04 76.38
N HIS C 316 -7.75 -26.15 76.37
CA HIS C 316 -6.82 -25.08 76.84
C HIS C 316 -6.32 -24.21 75.69
N ASN C 317 -7.05 -24.15 74.57
CA ASN C 317 -6.73 -23.28 73.42
C ASN C 317 -7.08 -21.83 73.80
N ASN C 318 -6.20 -20.88 73.49
CA ASN C 318 -6.48 -19.44 73.74
C ASN C 318 -7.44 -18.95 72.65
N CYS C 319 -8.75 -18.86 72.94
CA CYS C 319 -9.79 -18.37 72.00
C CYS C 319 -9.98 -16.84 72.13
N GLU C 320 -9.34 -16.19 73.10
CA GLU C 320 -9.33 -14.71 73.22
C GLU C 320 -8.35 -14.13 72.20
N LYS C 321 -7.18 -14.75 72.06
CA LYS C 321 -6.13 -14.31 71.09
C LYS C 321 -6.56 -14.68 69.66
N ASP C 322 -7.38 -15.73 69.47
CA ASP C 322 -7.83 -16.16 68.13
C ASP C 322 -8.89 -15.21 67.58
N SER C 323 -9.76 -14.67 68.44
CA SER C 323 -10.85 -13.75 68.02
C SER C 323 -10.29 -12.37 67.68
N VAL C 324 -9.14 -12.01 68.26
CA VAL C 324 -8.50 -10.69 68.00
C VAL C 324 -7.72 -10.80 66.68
N ILE C 325 -7.01 -11.91 66.46
CA ILE C 325 -6.21 -12.14 65.22
C ILE C 325 -7.16 -12.23 64.01
N VAL C 326 -8.30 -12.93 64.11
CA VAL C 326 -9.21 -13.15 62.94
C VAL C 326 -9.90 -11.83 62.60
N SER C 327 -10.31 -11.03 63.59
CA SER C 327 -10.97 -9.72 63.35
C SER C 327 -9.98 -8.72 62.75
N ILE C 328 -8.73 -8.75 63.21
CA ILE C 328 -7.65 -7.84 62.72
C ILE C 328 -7.43 -8.14 61.24
N ILE C 329 -7.39 -9.42 60.87
CA ILE C 329 -7.17 -9.82 59.44
C ILE C 329 -8.43 -9.44 58.65
N ASN C 330 -9.63 -9.54 59.22
CA ASN C 330 -10.90 -9.22 58.50
C ASN C 330 -11.03 -7.72 58.25
N GLY C 331 -10.61 -6.86 59.18
CA GLY C 331 -10.58 -5.39 58.99
C GLY C 331 -9.54 -4.97 57.97
N PHE C 332 -8.37 -5.62 57.93
CA PHE C 332 -7.29 -5.30 56.96
C PHE C 332 -7.66 -5.84 55.58
N THR C 333 -8.22 -7.05 55.47
CA THR C 333 -8.65 -7.65 54.18
C THR C 333 -9.74 -6.77 53.57
N SER C 334 -10.72 -6.36 54.38
CA SER C 334 -11.88 -5.56 53.91
C SER C 334 -11.39 -4.36 53.11
N VAL C 335 -10.49 -3.55 53.67
CA VAL C 335 -9.95 -2.33 53.00
C VAL C 335 -8.99 -2.74 51.89
N TYR C 336 -8.20 -3.78 52.08
CA TYR C 336 -7.16 -4.21 51.10
C TYR C 336 -7.82 -4.63 49.79
N VAL C 337 -8.98 -5.27 49.86
CA VAL C 337 -9.76 -5.69 48.67
C VAL C 337 -10.40 -4.46 48.06
N ALA C 338 -10.87 -3.51 48.88
CA ALA C 338 -11.44 -2.24 48.40
C ALA C 338 -10.38 -1.43 47.63
N ILE C 339 -9.10 -1.50 48.01
CA ILE C 339 -8.01 -0.83 47.26
C ILE C 339 -7.87 -1.48 45.89
N VAL C 340 -7.96 -2.81 45.81
CA VAL C 340 -7.79 -3.56 44.53
C VAL C 340 -9.00 -3.28 43.62
N VAL C 341 -10.21 -3.25 44.19
CA VAL C 341 -11.45 -3.06 43.39
C VAL C 341 -11.43 -1.66 42.77
N TYR C 342 -11.17 -0.64 43.59
CA TYR C 342 -11.23 0.78 43.14
C TYR C 342 -10.01 1.14 42.30
N SER C 343 -8.94 0.34 42.28
CA SER C 343 -7.86 0.50 41.26
C SER C 343 -8.39 0.15 39.87
N VAL C 344 -9.25 -0.87 39.78
CA VAL C 344 -9.78 -1.33 38.47
C VAL C 344 -10.87 -0.34 38.05
N ILE C 345 -11.66 0.13 39.01
CA ILE C 345 -12.75 1.10 38.74
C ILE C 345 -12.16 2.42 38.23
N GLY C 346 -11.12 2.90 38.88
CA GLY C 346 -10.50 4.19 38.54
C GLY C 346 -9.82 4.13 37.19
N PHE C 347 -9.04 3.08 36.95
CA PHE C 347 -8.44 2.88 35.62
C PHE C 347 -9.58 2.96 34.60
N ARG C 348 -10.61 2.15 34.80
CA ARG C 348 -11.76 2.08 33.85
C ARG C 348 -12.37 3.47 33.65
N ALA C 349 -12.65 4.19 34.73
CA ALA C 349 -13.33 5.50 34.67
C ALA C 349 -12.46 6.49 33.87
N THR C 350 -11.17 6.54 34.16
CA THR C 350 -10.23 7.47 33.48
C THR C 350 -10.21 7.12 31.99
N GLN C 351 -10.16 5.82 31.68
CA GLN C 351 -10.17 5.34 30.27
C GLN C 351 -11.42 5.91 29.59
N ARG C 352 -12.61 5.63 30.14
CA ARG C 352 -13.88 6.13 29.56
C ARG C 352 -13.78 7.64 29.33
N TYR C 353 -13.38 8.38 30.37
CA TYR C 353 -13.27 9.87 30.28
C TYR C 353 -12.45 10.27 29.08
N ASP C 354 -11.22 9.78 29.00
CA ASP C 354 -10.29 10.16 27.90
C ASP C 354 -10.93 9.78 26.57
N ASP C 355 -11.51 8.58 26.48
CA ASP C 355 -12.10 8.06 25.21
C ASP C 355 -13.21 9.00 24.74
N CYS C 356 -14.10 9.40 25.62
CA CYS C 356 -15.28 10.22 25.20
C CYS C 356 -14.82 11.66 24.95
N PHE C 357 -13.77 12.12 25.62
CA PHE C 357 -13.19 13.46 25.35
C PHE C 357 -12.64 13.43 23.93
N SER C 358 -12.03 12.31 23.55
CA SER C 358 -11.51 12.14 22.17
C SER C 358 -12.69 12.13 21.20
N THR C 359 -13.84 11.58 21.60
CA THR C 359 -15.04 11.56 20.75
C THR C 359 -15.45 13.01 20.48
N ASN C 360 -15.46 13.84 21.52
CA ASN C 360 -15.76 15.29 21.35
C ASN C 360 -14.72 15.89 20.40
N ILE C 361 -13.44 15.56 20.60
CA ILE C 361 -12.33 16.08 19.74
C ILE C 361 -12.64 15.70 18.28
N LEU C 362 -13.02 14.46 18.03
CA LEU C 362 -13.36 14.00 16.67
C LEU C 362 -14.53 14.83 16.14
N THR C 363 -15.52 15.11 16.98
CA THR C 363 -16.72 15.87 16.57
C THR C 363 -16.32 17.24 16.01
N LEU C 364 -15.57 18.03 16.78
CA LEU C 364 -15.22 19.42 16.39
C LEU C 364 -14.32 19.39 15.14
N ILE C 365 -13.23 18.62 15.15
CA ILE C 365 -12.28 18.54 14.00
C ILE C 365 -13.11 18.23 12.73
N ASN C 366 -14.08 17.34 12.84
CA ASN C 366 -14.95 16.96 11.71
C ASN C 366 -15.86 18.13 11.38
N GLY C 367 -16.40 18.80 12.38
CA GLY C 367 -17.34 19.92 12.18
C GLY C 367 -16.69 21.13 11.53
N PHE C 368 -15.39 21.36 11.77
CA PHE C 368 -14.69 22.57 11.27
C PHE C 368 -13.42 22.18 10.53
N ASP C 369 -13.27 20.92 10.12
CA ASP C 369 -12.11 20.49 9.30
C ASP C 369 -10.83 21.06 9.90
N LEU C 370 -10.70 21.05 11.23
CA LEU C 370 -9.48 21.60 11.89
C LEU C 370 -8.35 20.60 11.68
N PRO C 371 -7.07 21.04 11.61
CA PRO C 371 -5.96 20.08 11.49
C PRO C 371 -5.90 19.17 12.72
N GLU C 372 -5.84 17.86 12.51
CA GLU C 372 -5.74 16.84 13.60
C GLU C 372 -4.52 17.15 14.48
N GLY C 373 -4.69 17.02 15.80
CA GLY C 373 -3.63 17.28 16.78
C GLY C 373 -3.58 18.73 17.23
N ASN C 374 -4.31 19.64 16.56
CA ASN C 374 -4.36 21.06 16.98
C ASN C 374 -5.26 21.19 18.21
N VAL C 375 -6.49 20.65 18.17
CA VAL C 375 -7.38 20.67 19.37
C VAL C 375 -6.87 19.55 20.31
N THR C 376 -6.78 19.82 21.61
CA THR C 376 -6.26 18.85 22.61
C THR C 376 -7.08 18.96 23.88
N GLN C 377 -6.97 17.94 24.74
CA GLN C 377 -7.70 17.90 26.04
C GLN C 377 -7.60 19.23 26.79
N GLU C 378 -6.56 20.03 26.53
CA GLU C 378 -6.35 21.32 27.24
C GLU C 378 -6.95 22.51 26.49
N ASN C 379 -6.70 22.65 25.19
CA ASN C 379 -7.15 23.87 24.43
C ASN C 379 -8.52 23.59 23.79
N PHE C 380 -9.22 22.55 24.24
CA PHE C 380 -10.52 22.16 23.62
C PHE C 380 -11.54 23.28 23.81
N VAL C 381 -11.66 23.80 25.03
CA VAL C 381 -12.69 24.83 25.37
C VAL C 381 -12.47 26.08 24.51
N ASP C 382 -11.25 26.59 24.46
CA ASP C 382 -10.94 27.85 23.71
C ASP C 382 -11.24 27.61 22.22
N MET C 383 -10.78 26.48 21.68
CA MET C 383 -11.01 26.14 20.26
C MET C 383 -12.51 26.05 20.00
N GLN C 384 -13.25 25.47 20.96
CA GLN C 384 -14.74 25.34 20.85
C GLN C 384 -15.33 26.75 20.69
N GLN C 385 -14.90 27.67 21.52
CA GLN C 385 -15.40 29.08 21.47
C GLN C 385 -15.02 29.71 20.14
N ARG C 386 -13.75 29.60 19.74
CA ARG C 386 -13.28 30.19 18.46
C ARG C 386 -14.15 29.64 17.31
N CYS C 387 -14.35 28.33 17.27
CA CYS C 387 -15.15 27.70 16.18
C CYS C 387 -16.58 28.24 16.18
N ASN C 388 -17.19 28.35 17.37
CA ASN C 388 -18.56 28.90 17.50
C ASN C 388 -18.58 30.34 16.96
N ALA C 389 -17.57 31.14 17.32
CA ALA C 389 -17.44 32.54 16.83
C ALA C 389 -17.35 32.51 15.30
N SER C 390 -16.49 31.66 14.75
CA SER C 390 -16.27 31.57 13.28
C SER C 390 -17.58 31.18 12.58
N ASP C 391 -18.25 30.11 13.05
CA ASP C 391 -19.49 29.61 12.40
C ASP C 391 -20.47 29.15 13.47
N PRO C 392 -21.32 30.05 14.02
CA PRO C 392 -22.27 29.69 15.06
C PRO C 392 -23.31 28.67 14.56
N ALA C 393 -23.80 28.87 13.34
CA ALA C 393 -24.79 27.95 12.71
C ALA C 393 -24.22 26.52 12.69
N ALA C 394 -23.04 26.36 12.13
CA ALA C 394 -22.37 25.03 12.01
C ALA C 394 -22.13 24.50 13.44
N TYR C 395 -21.61 25.36 14.32
CA TYR C 395 -21.33 24.97 15.72
C TYR C 395 -22.64 24.53 16.38
N ALA C 396 -23.73 25.25 16.11
CA ALA C 396 -25.07 24.92 16.65
C ALA C 396 -25.40 23.46 16.31
N GLN C 397 -25.09 23.04 15.09
CA GLN C 397 -25.33 21.64 14.64
C GLN C 397 -24.49 20.66 15.49
N LEU C 398 -23.27 21.05 15.84
CA LEU C 398 -22.37 20.18 16.64
C LEU C 398 -23.01 19.81 17.98
N VAL C 399 -22.92 18.54 18.37
CA VAL C 399 -23.40 18.01 19.67
C VAL C 399 -22.20 17.47 20.45
N PHE C 400 -22.03 17.89 21.69
CA PHE C 400 -20.89 17.47 22.56
C PHE C 400 -21.45 16.69 23.76
N GLN C 401 -20.58 15.95 24.44
CA GLN C 401 -20.96 15.11 25.61
C GLN C 401 -20.23 15.63 26.84
N THR C 402 -20.90 15.68 27.99
CA THR C 402 -20.27 16.16 29.27
C THR C 402 -19.21 15.14 29.70
N CYS C 403 -17.96 15.57 29.85
CA CYS C 403 -16.82 14.70 30.25
C CYS C 403 -16.48 14.98 31.70
N ASP C 404 -16.92 14.13 32.62
CA ASP C 404 -16.63 14.26 34.08
C ASP C 404 -16.18 12.91 34.62
N ILE C 405 -14.95 12.81 35.12
CA ILE C 405 -14.39 11.53 35.63
C ILE C 405 -15.26 11.06 36.80
N ASN C 406 -15.78 12.00 37.60
CA ASN C 406 -16.66 11.68 38.75
C ASN C 406 -17.85 10.85 38.26
N ALA C 407 -18.40 11.18 37.10
CA ALA C 407 -19.53 10.42 36.51
C ALA C 407 -19.13 8.95 36.36
N PHE C 408 -18.04 8.68 35.66
CA PHE C 408 -17.55 7.30 35.44
C PHE C 408 -17.18 6.67 36.78
N LEU C 409 -16.59 7.46 37.68
CA LEU C 409 -16.25 6.99 39.05
C LEU C 409 -17.52 6.59 39.78
N SER C 410 -18.58 7.38 39.66
CA SER C 410 -19.87 7.10 40.35
C SER C 410 -20.56 5.90 39.71
N GLU C 411 -20.09 5.42 38.56
CA GLU C 411 -20.65 4.21 37.91
C GLU C 411 -20.32 2.97 38.73
N ALA C 412 -19.47 3.07 39.77
CA ALA C 412 -19.20 1.95 40.69
C ALA C 412 -20.51 1.27 41.11
N VAL C 413 -20.63 -0.04 40.90
CA VAL C 413 -21.85 -0.84 41.19
C VAL C 413 -21.50 -1.89 42.26
N GLU C 414 -22.47 -2.26 43.07
CA GLU C 414 -22.36 -3.31 44.11
C GLU C 414 -22.98 -4.60 43.57
N GLY C 415 -22.55 -5.75 44.10
CA GLY C 415 -23.05 -7.08 43.70
C GLY C 415 -22.28 -7.64 42.52
N THR C 416 -22.83 -8.64 41.85
CA THR C 416 -22.14 -9.32 40.72
C THR C 416 -21.82 -8.31 39.61
N GLY C 417 -22.64 -7.26 39.45
CA GLY C 417 -22.42 -6.18 38.49
C GLY C 417 -21.01 -5.63 38.56
N LEU C 418 -20.49 -5.44 39.78
CA LEU C 418 -19.11 -4.91 39.96
C LEU C 418 -18.09 -5.81 39.28
N ALA C 419 -18.30 -7.14 39.25
CA ALA C 419 -17.32 -8.09 38.68
C ALA C 419 -17.71 -8.44 37.24
N PHE C 420 -18.98 -8.81 37.01
CA PHE C 420 -19.43 -9.30 35.68
C PHE C 420 -19.64 -8.13 34.70
N ILE C 421 -19.88 -6.93 35.19
CA ILE C 421 -20.15 -5.74 34.31
C ILE C 421 -19.04 -4.72 34.41
N VAL C 422 -18.25 -4.71 35.49
CA VAL C 422 -17.19 -3.68 35.69
C VAL C 422 -15.81 -4.32 35.63
N PHE C 423 -15.58 -5.47 36.24
CA PHE C 423 -14.23 -6.07 36.28
C PHE C 423 -13.95 -6.82 34.97
N THR C 424 -14.96 -7.46 34.39
CA THR C 424 -14.82 -8.26 33.12
C THR C 424 -14.49 -7.33 31.95
N GLU C 425 -15.00 -6.10 31.98
CA GLU C 425 -14.82 -5.14 30.87
C GLU C 425 -13.48 -4.44 31.03
N ALA C 426 -13.09 -4.06 32.25
CA ALA C 426 -11.73 -3.51 32.50
C ALA C 426 -10.66 -4.53 32.09
N ILE C 427 -10.90 -5.84 32.24
CA ILE C 427 -9.85 -6.87 31.96
C ILE C 427 -9.62 -6.94 30.44
N THR C 428 -10.67 -6.82 29.62
CA THR C 428 -10.54 -6.88 28.12
C THR C 428 -9.65 -5.75 27.61
N LYS C 429 -9.58 -4.61 28.30
CA LYS C 429 -8.70 -3.47 27.92
C LYS C 429 -7.33 -3.63 28.62
N MET C 430 -6.80 -4.84 28.80
CA MET C 430 -5.51 -5.09 29.49
C MET C 430 -4.72 -6.13 28.69
N PRO C 431 -3.41 -5.93 28.37
CA PRO C 431 -2.60 -6.98 27.74
C PRO C 431 -2.59 -8.28 28.57
N LEU C 432 -2.26 -9.42 27.96
CA LEU C 432 -2.40 -10.77 28.58
C LEU C 432 -3.83 -10.92 29.13
N SER C 433 -4.83 -10.38 28.42
CA SER C 433 -6.23 -10.28 28.87
C SER C 433 -6.71 -11.63 29.44
N PRO C 434 -6.81 -12.75 28.67
CA PRO C 434 -7.33 -14.02 29.19
C PRO C 434 -6.72 -14.41 30.56
N LEU C 435 -5.39 -14.35 30.65
CA LEU C 435 -4.64 -14.68 31.89
C LEU C 435 -5.28 -13.95 33.07
N TRP C 436 -5.41 -12.62 32.97
CA TRP C 436 -5.96 -11.78 34.07
C TRP C 436 -7.37 -12.25 34.43
N SER C 437 -8.21 -12.46 33.41
CA SER C 437 -9.58 -12.99 33.60
C SER C 437 -9.54 -14.32 34.38
N VAL C 438 -8.70 -15.25 33.93
CA VAL C 438 -8.55 -16.60 34.58
C VAL C 438 -8.23 -16.37 36.06
N LEU C 439 -7.13 -15.68 36.33
CA LEU C 439 -6.66 -15.42 37.73
C LEU C 439 -7.77 -14.74 38.53
N PHE C 440 -8.59 -13.91 37.91
CA PHE C 440 -9.67 -13.18 38.62
C PHE C 440 -10.80 -14.13 39.02
N PHE C 441 -11.11 -15.07 38.14
CA PHE C 441 -12.20 -16.04 38.38
C PHE C 441 -11.75 -17.14 39.34
N ILE C 442 -10.49 -17.61 39.28
CA ILE C 442 -10.08 -18.64 40.29
C ILE C 442 -10.12 -17.98 41.68
N MET C 443 -9.78 -16.68 41.78
CA MET C 443 -9.76 -15.99 43.08
C MET C 443 -11.18 -15.94 43.64
N LEU C 444 -12.14 -15.45 42.86
CA LEU C 444 -13.57 -15.38 43.30
C LEU C 444 -14.05 -16.79 43.64
N PHE C 445 -13.70 -17.78 42.83
CA PHE C 445 -14.06 -19.20 43.10
C PHE C 445 -13.58 -19.56 44.51
N CYS C 446 -12.30 -19.33 44.78
CA CYS C 446 -11.68 -19.69 46.09
C CYS C 446 -12.44 -18.98 47.22
N LEU C 447 -12.66 -17.66 47.09
CA LEU C 447 -13.41 -16.88 48.12
C LEU C 447 -14.75 -17.55 48.38
N GLY C 448 -15.54 -17.77 47.33
CA GLY C 448 -16.89 -18.37 47.46
C GLY C 448 -16.82 -19.72 48.15
N LEU C 449 -15.88 -20.56 47.70
CA LEU C 449 -15.78 -21.96 48.16
C LEU C 449 -15.43 -22.00 49.65
N SER C 450 -14.51 -21.15 50.10
CA SER C 450 -14.16 -21.10 51.55
C SER C 450 -15.42 -20.71 52.35
N SER C 451 -16.17 -19.71 51.88
CA SER C 451 -17.44 -19.30 52.53
C SER C 451 -18.38 -20.51 52.59
N MET C 452 -18.49 -21.26 51.48
CA MET C 452 -19.38 -22.45 51.42
C MET C 452 -19.00 -23.48 52.49
N PHE C 453 -17.72 -23.69 52.76
CA PHE C 453 -17.29 -24.63 53.84
C PHE C 453 -18.01 -24.26 55.14
N GLY C 454 -17.93 -23.00 55.52
CA GLY C 454 -18.67 -22.49 56.69
C GLY C 454 -20.15 -22.79 56.66
N ASN C 455 -20.84 -22.46 55.56
CA ASN C 455 -22.33 -22.60 55.49
C ASN C 455 -22.73 -24.07 55.54
N MET C 456 -21.94 -24.94 54.90
CA MET C 456 -22.19 -26.40 54.90
C MET C 456 -22.03 -26.92 56.32
N GLU C 457 -20.97 -26.48 57.00
CA GLU C 457 -20.77 -26.81 58.42
C GLU C 457 -22.00 -26.45 59.23
N GLY C 458 -22.59 -25.31 58.92
CA GLY C 458 -23.80 -24.81 59.60
C GLY C 458 -25.05 -25.61 59.34
N VAL C 459 -25.10 -26.45 58.29
CA VAL C 459 -26.31 -27.24 57.92
C VAL C 459 -26.08 -28.72 58.24
N VAL C 460 -24.94 -29.27 57.83
CA VAL C 460 -24.66 -30.73 57.98
C VAL C 460 -24.58 -31.08 59.48
N VAL C 461 -23.85 -30.28 60.26
CA VAL C 461 -23.66 -30.57 61.72
C VAL C 461 -25.03 -30.64 62.41
N PRO C 462 -25.93 -29.64 62.25
CA PRO C 462 -27.29 -29.73 62.82
C PRO C 462 -28.02 -31.02 62.41
N LEU C 463 -27.91 -31.40 61.14
CA LEU C 463 -28.51 -32.67 60.65
C LEU C 463 -27.92 -33.84 61.44
N GLN C 464 -26.61 -33.85 61.61
CA GLN C 464 -25.92 -34.89 62.40
C GLN C 464 -26.44 -34.84 63.84
N ASP C 465 -26.58 -33.63 64.39
CA ASP C 465 -27.14 -33.44 65.76
C ASP C 465 -28.56 -34.01 65.79
N LEU C 466 -29.34 -33.74 64.74
CA LEU C 466 -30.71 -34.31 64.60
C LEU C 466 -30.61 -35.78 64.20
N ARG C 467 -29.41 -36.28 63.88
CA ARG C 467 -29.20 -37.67 63.43
C ARG C 467 -30.08 -37.92 62.19
N VAL C 468 -30.29 -36.88 61.37
CA VAL C 468 -31.11 -36.98 60.14
C VAL C 468 -30.55 -38.14 59.30
N ILE C 469 -29.24 -38.13 59.05
CA ILE C 469 -28.55 -39.25 58.35
C ILE C 469 -28.59 -40.49 59.24
N PRO C 470 -29.05 -41.66 58.74
CA PRO C 470 -28.99 -42.90 59.52
C PRO C 470 -27.57 -43.12 60.02
N PRO C 471 -27.34 -43.49 61.30
CA PRO C 471 -25.98 -43.77 61.78
C PRO C 471 -25.32 -44.83 60.90
N LYS C 472 -26.13 -45.78 60.39
CA LYS C 472 -25.69 -46.81 59.41
C LYS C 472 -25.03 -46.13 58.20
N TRP C 473 -25.65 -45.09 57.68
CA TRP C 473 -25.17 -44.35 56.50
C TRP C 473 -24.07 -43.40 56.95
N PRO C 474 -22.93 -43.28 56.23
CA PRO C 474 -21.90 -42.29 56.58
C PRO C 474 -22.44 -40.87 56.36
N LYS C 475 -21.92 -39.90 57.11
CA LYS C 475 -22.26 -38.47 56.95
C LYS C 475 -21.92 -38.02 55.52
N GLU C 476 -21.01 -38.71 54.84
CA GLU C 476 -20.74 -38.53 53.40
C GLU C 476 -22.06 -38.64 52.62
N VAL C 477 -22.85 -39.68 52.92
CA VAL C 477 -24.19 -39.85 52.29
C VAL C 477 -25.01 -38.58 52.58
N LEU C 478 -25.03 -38.16 53.84
CA LEU C 478 -25.76 -36.92 54.25
C LEU C 478 -25.26 -35.73 53.42
N THR C 479 -23.95 -35.54 53.38
CA THR C 479 -23.33 -34.40 52.64
C THR C 479 -23.80 -34.42 51.19
N GLY C 480 -23.76 -35.59 50.55
CA GLY C 480 -24.18 -35.74 49.14
C GLY C 480 -25.63 -35.33 48.96
N LEU C 481 -26.51 -35.83 49.84
CA LEU C 481 -27.95 -35.48 49.81
C LEU C 481 -28.11 -33.95 49.86
N ILE C 482 -27.38 -33.30 50.75
CA ILE C 482 -27.49 -31.81 50.93
C ILE C 482 -27.06 -31.14 49.63
N CYS C 483 -25.92 -31.56 49.06
CA CYS C 483 -25.39 -30.92 47.83
C CYS C 483 -26.41 -31.07 46.69
N LEU C 484 -26.93 -32.28 46.51
CA LEU C 484 -27.89 -32.57 45.41
C LEU C 484 -29.24 -31.93 45.71
N GLY C 485 -29.71 -32.05 46.95
CA GLY C 485 -31.02 -31.49 47.37
C GLY C 485 -31.06 -29.99 47.16
N THR C 486 -30.03 -29.29 47.64
CA THR C 486 -29.91 -27.83 47.44
C THR C 486 -29.69 -27.55 45.95
N PHE C 487 -28.89 -28.39 45.29
CA PHE C 487 -28.68 -28.29 43.81
C PHE C 487 -30.04 -28.22 43.13
N LEU C 488 -30.92 -29.18 43.42
CA LEU C 488 -32.28 -29.19 42.82
C LEU C 488 -33.00 -27.89 43.20
N ILE C 489 -32.88 -27.47 44.46
CA ILE C 489 -33.57 -26.22 44.93
C ILE C 489 -33.02 -25.02 44.15
N GLY C 490 -31.71 -25.02 43.88
CA GLY C 490 -31.09 -23.90 43.14
C GLY C 490 -31.66 -23.77 41.74
N PHE C 491 -32.28 -24.84 41.23
CA PHE C 491 -32.86 -24.80 39.86
C PHE C 491 -33.73 -23.55 39.69
N ILE C 492 -34.44 -23.14 40.74
CA ILE C 492 -35.23 -21.87 40.64
C ILE C 492 -34.33 -20.78 40.02
N PHE C 493 -33.03 -20.76 40.34
CA PHE C 493 -32.12 -19.70 39.83
C PHE C 493 -31.56 -20.03 38.43
N THR C 494 -31.90 -21.18 37.84
CA THR C 494 -31.56 -21.48 36.42
C THR C 494 -32.73 -21.14 35.50
N LEU C 495 -33.87 -20.72 36.06
CA LEU C 495 -35.01 -20.22 35.23
C LEU C 495 -34.61 -18.86 34.66
N ASN C 496 -35.26 -18.43 33.58
CA ASN C 496 -35.00 -17.12 32.92
C ASN C 496 -35.12 -15.98 33.95
N SER C 497 -36.10 -16.06 34.85
CA SER C 497 -36.31 -15.09 35.96
C SER C 497 -35.40 -15.40 37.15
N GLY C 498 -34.42 -16.31 37.03
CA GLY C 498 -33.63 -16.84 38.17
C GLY C 498 -32.75 -15.79 38.83
N GLN C 499 -32.33 -14.75 38.10
CA GLN C 499 -31.53 -13.62 38.65
C GLN C 499 -32.43 -12.69 39.46
N TYR C 500 -33.73 -12.58 39.18
CA TYR C 500 -34.64 -11.71 39.96
C TYR C 500 -34.96 -12.36 41.31
N TRP C 501 -35.06 -13.69 41.33
CA TRP C 501 -35.27 -14.48 42.57
C TRP C 501 -34.05 -14.37 43.48
N LEU C 502 -32.85 -14.45 42.89
CA LEU C 502 -31.59 -14.44 43.65
C LEU C 502 -31.33 -13.04 44.22
N SER C 503 -31.68 -11.97 43.51
CA SER C 503 -31.52 -10.58 44.04
C SER C 503 -32.51 -10.33 45.17
N LEU C 504 -33.61 -11.09 45.22
CA LEU C 504 -34.66 -10.97 46.26
C LEU C 504 -34.18 -11.67 47.53
N LEU C 505 -33.92 -12.98 47.44
CA LEU C 505 -33.46 -13.79 48.60
C LEU C 505 -32.23 -13.12 49.24
N ASP C 506 -31.24 -12.75 48.43
CA ASP C 506 -29.98 -12.14 48.93
C ASP C 506 -30.31 -10.92 49.79
N SER C 507 -31.29 -10.11 49.37
CA SER C 507 -31.69 -8.90 50.14
C SER C 507 -32.37 -9.31 51.46
N TYR C 508 -32.88 -10.54 51.57
CA TYR C 508 -33.60 -11.01 52.78
C TYR C 508 -33.06 -12.38 53.21
N ALA C 509 -31.75 -12.48 53.41
CA ALA C 509 -31.10 -13.75 53.85
C ALA C 509 -30.31 -13.54 55.15
N GLY C 510 -29.35 -12.62 55.14
CA GLY C 510 -28.47 -12.33 56.29
C GLY C 510 -28.77 -11.02 56.96
N SER C 511 -30.03 -10.56 56.92
CA SER C 511 -30.43 -9.24 57.49
C SER C 511 -30.87 -9.40 58.94
N ILE C 512 -32.10 -9.06 59.27
CA ILE C 512 -32.71 -9.20 60.62
C ILE C 512 -32.50 -10.61 61.20
N PRO C 513 -32.77 -11.72 60.47
CA PRO C 513 -32.60 -13.06 61.07
C PRO C 513 -31.22 -13.25 61.71
N LEU C 514 -30.17 -12.86 61.00
CA LEU C 514 -28.76 -12.99 61.48
C LEU C 514 -28.63 -12.19 62.79
N LEU C 515 -29.08 -10.96 62.79
CA LEU C 515 -29.01 -10.06 63.98
C LEU C 515 -29.80 -10.69 65.13
N ILE C 516 -31.02 -11.12 64.84
CA ILE C 516 -31.94 -11.69 65.88
C ILE C 516 -31.24 -12.90 66.50
N ILE C 517 -30.69 -13.80 65.68
CA ILE C 517 -29.97 -15.00 66.18
C ILE C 517 -28.81 -14.51 67.06
N ALA C 518 -27.94 -13.66 66.52
CA ALA C 518 -26.73 -13.20 67.24
C ALA C 518 -27.13 -12.53 68.58
N PHE C 519 -28.13 -11.66 68.55
CA PHE C 519 -28.58 -10.94 69.78
C PHE C 519 -28.99 -11.96 70.84
N CYS C 520 -29.90 -12.86 70.48
CA CYS C 520 -30.40 -13.91 71.41
C CYS C 520 -29.26 -14.87 71.81
N GLU C 521 -28.27 -15.08 70.94
CA GLU C 521 -27.02 -15.81 71.34
C GLU C 521 -26.35 -15.04 72.48
N MET C 522 -26.23 -13.71 72.33
CA MET C 522 -25.58 -12.83 73.33
C MET C 522 -26.40 -12.87 74.62
N PHE C 523 -27.70 -12.64 74.49
CA PHE C 523 -28.69 -12.68 75.61
C PHE C 523 -28.60 -14.02 76.32
N SER C 524 -28.63 -15.13 75.59
CA SER C 524 -28.69 -16.49 76.20
C SER C 524 -27.38 -16.78 76.95
N VAL C 525 -26.22 -16.35 76.44
CA VAL C 525 -24.94 -16.61 77.19
C VAL C 525 -24.92 -15.74 78.46
N VAL C 526 -25.53 -14.55 78.51
CA VAL C 526 -25.29 -13.57 79.63
C VAL C 526 -26.39 -13.72 80.71
N TYR C 527 -27.66 -13.79 80.33
CA TYR C 527 -28.82 -13.74 81.27
C TYR C 527 -29.43 -15.12 81.52
N VAL C 528 -29.14 -16.15 80.72
CA VAL C 528 -29.75 -17.50 80.88
C VAL C 528 -28.68 -18.47 81.39
N TYR C 529 -27.52 -18.51 80.75
CA TYR C 529 -26.38 -19.39 81.15
C TYR C 529 -25.54 -18.74 82.23
N GLY C 530 -25.25 -17.45 82.07
CA GLY C 530 -24.46 -16.67 83.05
C GLY C 530 -23.10 -16.30 82.50
N VAL C 531 -22.89 -15.01 82.25
CA VAL C 531 -21.57 -14.46 81.79
C VAL C 531 -20.50 -14.81 82.83
N ASP C 532 -20.87 -14.88 84.11
CA ASP C 532 -19.95 -15.28 85.19
C ASP C 532 -19.37 -16.66 84.89
N ARG C 533 -20.23 -17.63 84.61
CA ARG C 533 -19.78 -19.00 84.22
C ARG C 533 -18.92 -18.89 82.96
N PHE C 534 -19.33 -18.04 82.01
CA PHE C 534 -18.61 -17.87 80.72
C PHE C 534 -17.16 -17.43 81.02
N ASN C 535 -17.00 -16.36 81.80
CA ASN C 535 -15.64 -15.85 82.14
C ASN C 535 -14.91 -16.89 83.00
N LYS C 536 -15.64 -17.60 83.86
CA LYS C 536 -15.06 -18.69 84.70
C LYS C 536 -14.46 -19.75 83.77
N ASP C 537 -15.20 -20.15 82.74
CA ASP C 537 -14.72 -21.16 81.77
C ASP C 537 -13.47 -20.61 81.07
N ILE C 538 -13.50 -19.33 80.70
CA ILE C 538 -12.32 -18.66 80.09
C ILE C 538 -11.16 -18.73 81.09
N GLU C 539 -11.43 -18.44 82.36
CA GLU C 539 -10.42 -18.49 83.45
C GLU C 539 -9.85 -19.90 83.58
N PHE C 540 -10.69 -20.90 83.33
CA PHE C 540 -10.27 -22.34 83.36
C PHE C 540 -9.54 -22.71 82.06
N MET C 541 -9.98 -22.17 80.93
CA MET C 541 -9.41 -22.57 79.60
C MET C 541 -8.14 -21.77 79.29
N ILE C 542 -8.18 -20.46 79.47
CA ILE C 542 -7.04 -19.53 79.17
C ILE C 542 -6.33 -19.22 80.49
N GLY C 543 -6.56 -19.98 81.57
CA GLY C 543 -5.91 -19.72 82.87
C GLY C 543 -6.06 -18.27 83.34
N HIS C 544 -7.12 -17.57 82.92
CA HIS C 544 -7.38 -16.14 83.27
C HIS C 544 -8.77 -15.72 82.80
N LYS C 545 -9.36 -14.74 83.48
CA LYS C 545 -10.73 -14.23 83.22
C LYS C 545 -10.65 -13.03 82.29
N PRO C 546 -11.64 -12.79 81.37
CA PRO C 546 -11.60 -11.63 80.45
C PRO C 546 -11.57 -10.26 81.17
N ASN C 547 -11.03 -9.24 80.52
CA ASN C 547 -11.04 -7.84 81.05
C ASN C 547 -12.47 -7.37 81.22
N ILE C 548 -12.68 -6.30 81.94
CA ILE C 548 -14.04 -5.71 82.15
C ILE C 548 -14.65 -5.42 80.75
N PHE C 549 -13.79 -5.08 79.78
CA PHE C 549 -14.20 -4.88 78.37
C PHE C 549 -15.14 -5.99 77.93
N TRP C 550 -14.65 -7.23 77.92
CA TRP C 550 -15.47 -8.39 77.46
C TRP C 550 -16.78 -8.43 78.25
N GLN C 551 -16.70 -8.36 79.58
CA GLN C 551 -17.89 -8.44 80.46
C GLN C 551 -18.88 -7.36 80.05
N VAL C 552 -18.42 -6.11 79.98
CA VAL C 552 -19.31 -4.94 79.68
C VAL C 552 -19.95 -5.16 78.30
N THR C 553 -19.14 -5.50 77.30
CA THR C 553 -19.65 -5.70 75.91
C THR C 553 -20.67 -6.83 75.89
N TRP C 554 -20.33 -7.96 76.52
CA TRP C 554 -21.21 -9.14 76.56
C TRP C 554 -22.51 -8.83 77.32
N ARG C 555 -22.40 -8.07 78.40
CA ARG C 555 -23.58 -7.79 79.27
C ARG C 555 -24.48 -6.74 78.64
N VAL C 556 -23.94 -5.63 78.13
CA VAL C 556 -24.80 -4.49 77.64
C VAL C 556 -24.31 -3.98 76.30
N VAL C 557 -23.03 -3.58 76.18
CA VAL C 557 -22.52 -2.91 74.95
C VAL C 557 -23.04 -3.66 73.71
N SER C 558 -22.64 -4.90 73.50
CA SER C 558 -23.03 -5.66 72.29
C SER C 558 -24.55 -5.69 72.14
N PRO C 559 -25.32 -6.20 73.13
CA PRO C 559 -26.78 -6.30 73.02
C PRO C 559 -27.41 -4.93 72.68
N LEU C 560 -27.04 -3.90 73.44
CA LEU C 560 -27.63 -2.53 73.26
C LEU C 560 -27.35 -2.04 71.85
N LEU C 561 -26.08 -2.09 71.43
CA LEU C 561 -25.68 -1.60 70.08
C LEU C 561 -26.43 -2.38 69.01
N MET C 562 -26.53 -3.69 69.17
CA MET C 562 -27.25 -4.57 68.20
C MET C 562 -28.72 -4.14 68.10
N LEU C 563 -29.34 -3.77 69.21
CA LEU C 563 -30.77 -3.34 69.22
C LEU C 563 -30.97 -2.12 68.34
N ILE C 564 -30.11 -1.11 68.45
CA ILE C 564 -30.26 0.16 67.68
C ILE C 564 -30.40 -0.16 66.18
N ILE C 565 -29.64 -1.15 65.72
CA ILE C 565 -29.63 -1.59 64.29
C ILE C 565 -30.99 -2.21 63.99
N PHE C 566 -31.52 -3.03 64.90
CA PHE C 566 -32.82 -3.71 64.72
C PHE C 566 -33.96 -2.68 64.55
N LEU C 567 -33.87 -1.52 65.22
CA LEU C 567 -34.89 -0.44 65.08
C LEU C 567 -34.67 0.29 63.75
N PHE C 568 -33.43 0.47 63.30
CA PHE C 568 -33.12 1.10 61.99
C PHE C 568 -33.74 0.31 60.84
N PHE C 569 -33.77 -1.02 60.95
CA PHE C 569 -34.27 -1.91 59.87
C PHE C 569 -35.72 -1.54 59.52
N PHE C 570 -36.59 -1.41 60.52
CA PHE C 570 -38.03 -1.05 60.34
C PHE C 570 -38.19 0.47 60.13
N VAL C 571 -37.11 1.25 60.16
CA VAL C 571 -37.09 2.70 59.82
C VAL C 571 -36.57 2.87 58.37
N VAL C 572 -35.86 1.89 57.80
CA VAL C 572 -35.28 1.97 56.43
C VAL C 572 -36.03 1.00 55.49
N GLU C 573 -36.18 -0.26 55.88
CA GLU C 573 -36.96 -1.27 55.09
C GLU C 573 -38.39 -0.75 54.89
N VAL C 574 -38.97 -0.09 55.88
CA VAL C 574 -40.30 0.56 55.78
C VAL C 574 -40.16 1.84 54.96
N SER C 575 -39.04 2.57 55.05
CA SER C 575 -38.77 3.77 54.22
C SER C 575 -38.49 3.44 52.74
N GLN C 576 -38.43 2.17 52.33
CA GLN C 576 -38.17 1.71 50.94
C GLN C 576 -39.45 1.12 50.34
N GLU C 577 -39.36 0.47 49.17
CA GLU C 577 -40.46 -0.32 48.56
C GLU C 577 -39.89 -1.54 47.83
N LEU C 578 -40.78 -2.53 47.55
CA LEU C 578 -40.38 -3.76 46.82
C LEU C 578 -40.27 -3.46 45.32
N THR C 579 -39.23 -2.72 44.94
CA THR C 579 -38.96 -2.32 43.53
C THR C 579 -37.63 -2.95 43.11
N TYR C 580 -37.61 -3.71 42.01
CA TYR C 580 -36.42 -4.41 41.46
C TYR C 580 -36.28 -4.00 40.00
N SER C 581 -35.06 -3.73 39.54
CA SER C 581 -34.79 -3.32 38.14
C SER C 581 -34.92 -4.52 37.20
N ILE C 582 -35.21 -4.27 35.93
CA ILE C 582 -35.33 -5.34 34.89
C ILE C 582 -34.47 -4.97 33.69
N TRP C 583 -33.95 -5.97 32.99
CA TRP C 583 -33.12 -5.75 31.78
C TRP C 583 -33.98 -5.14 30.67
N ASP C 584 -35.16 -5.69 30.43
CA ASP C 584 -36.10 -5.22 29.37
C ASP C 584 -35.30 -4.73 28.16
N PRO C 585 -34.67 -5.64 27.39
CA PRO C 585 -33.82 -5.25 26.26
C PRO C 585 -34.66 -4.76 25.07
N GLY C 586 -34.56 -3.50 24.73
CA GLY C 586 -35.33 -2.87 23.64
C GLY C 586 -36.56 -2.09 24.05
N TYR C 587 -36.91 -2.01 25.34
CA TYR C 587 -38.15 -1.31 25.77
C TYR C 587 -37.90 -0.50 27.04
N GLU C 588 -38.66 0.58 27.24
CA GLU C 588 -38.59 1.42 28.46
C GLU C 588 -37.13 1.77 28.77
N GLU C 589 -36.51 2.58 27.90
CA GLU C 589 -35.12 3.07 28.11
C GLU C 589 -34.25 1.86 28.47
N PHE C 590 -34.33 0.79 27.66
CA PHE C 590 -33.52 -0.45 27.85
C PHE C 590 -32.13 -0.10 28.39
N PRO C 591 -31.33 0.76 27.72
CA PRO C 591 -29.97 1.06 28.17
C PRO C 591 -29.92 1.79 29.53
N LYS C 592 -31.04 2.35 29.99
CA LYS C 592 -31.14 3.11 31.26
C LYS C 592 -31.75 2.24 32.35
N SER C 593 -31.54 2.63 33.61
CA SER C 593 -32.08 1.91 34.80
C SER C 593 -33.61 1.80 34.70
N GLN C 594 -34.16 0.61 34.89
CA GLN C 594 -35.63 0.36 34.86
C GLN C 594 -36.01 -0.50 36.06
N LYS C 595 -36.06 0.12 37.25
CA LYS C 595 -36.52 -0.56 38.49
C LYS C 595 -38.04 -0.67 38.46
N ILE C 596 -38.58 -1.89 38.47
CA ILE C 596 -40.06 -2.11 38.49
C ILE C 596 -40.46 -2.64 39.87
N SER C 597 -41.73 -2.47 40.24
CA SER C 597 -42.26 -2.95 41.55
C SER C 597 -42.43 -4.48 41.51
N TYR C 598 -42.65 -5.09 42.66
CA TYR C 598 -42.86 -6.56 42.77
C TYR C 598 -44.36 -6.87 42.81
N PRO C 599 -44.83 -8.06 42.34
CA PRO C 599 -46.22 -8.48 42.54
C PRO C 599 -46.61 -8.61 44.01
N ASN C 600 -47.92 -8.58 44.30
CA ASN C 600 -48.47 -8.65 45.69
C ASN C 600 -48.13 -9.99 46.37
N TRP C 601 -47.95 -11.11 45.64
CA TRP C 601 -47.61 -12.43 46.24
C TRP C 601 -46.14 -12.49 46.71
N VAL C 602 -45.27 -11.49 46.49
CA VAL C 602 -43.83 -11.55 46.89
C VAL C 602 -43.70 -11.39 48.41
N TYR C 603 -44.69 -10.81 49.09
CA TYR C 603 -44.65 -10.59 50.56
C TYR C 603 -44.75 -11.96 51.25
N VAL C 604 -45.40 -12.96 50.63
CA VAL C 604 -45.37 -14.38 51.09
C VAL C 604 -43.92 -14.89 51.08
N VAL C 605 -43.13 -14.60 50.05
CA VAL C 605 -41.72 -15.07 49.93
C VAL C 605 -40.86 -14.34 50.97
N VAL C 606 -41.07 -13.02 51.17
CA VAL C 606 -40.26 -12.20 52.12
C VAL C 606 -40.56 -12.64 53.55
N VAL C 607 -41.84 -12.89 53.87
CA VAL C 607 -42.30 -13.46 55.18
C VAL C 607 -41.64 -14.83 55.40
N ILE C 608 -41.58 -15.71 54.39
CA ILE C 608 -41.04 -17.09 54.57
C ILE C 608 -39.52 -17.04 54.76
N VAL C 609 -38.78 -16.24 53.98
CA VAL C 609 -37.28 -16.30 54.02
C VAL C 609 -36.72 -15.44 55.17
N ALA C 610 -37.43 -14.41 55.63
CA ALA C 610 -36.96 -13.48 56.68
C ALA C 610 -37.73 -13.68 57.99
N GLY C 611 -39.00 -14.14 57.96
CA GLY C 611 -39.86 -14.28 59.15
C GLY C 611 -39.63 -15.60 59.84
N VAL C 612 -39.71 -16.73 59.14
CA VAL C 612 -39.56 -18.11 59.73
C VAL C 612 -38.22 -18.20 60.48
N PRO C 613 -37.04 -17.76 59.95
CA PRO C 613 -35.79 -17.89 60.71
C PRO C 613 -35.79 -16.98 61.94
N SER C 614 -36.61 -15.93 61.96
CA SER C 614 -36.84 -15.04 63.12
C SER C 614 -37.88 -15.60 64.10
N LEU C 615 -38.96 -16.26 63.65
CA LEU C 615 -40.12 -16.63 64.51
C LEU C 615 -39.99 -18.06 65.06
N THR C 616 -39.07 -18.91 64.57
CA THR C 616 -38.74 -20.20 65.24
C THR C 616 -38.09 -19.96 66.63
N ILE C 617 -37.50 -18.79 66.92
CA ILE C 617 -36.84 -18.55 68.24
C ILE C 617 -37.93 -18.38 69.30
N PRO C 618 -38.97 -17.51 69.14
CA PRO C 618 -40.16 -17.58 69.98
C PRO C 618 -41.02 -18.83 69.77
N GLY C 619 -41.17 -19.28 68.52
CA GLY C 619 -42.11 -20.33 68.09
C GLY C 619 -41.88 -21.65 68.81
N TYR C 620 -40.62 -22.09 68.88
CA TYR C 620 -40.22 -23.31 69.65
C TYR C 620 -40.31 -23.03 71.15
N ALA C 621 -40.00 -21.81 71.61
CA ALA C 621 -40.04 -21.43 73.04
C ALA C 621 -41.48 -21.36 73.57
N ILE C 622 -42.49 -21.11 72.73
CA ILE C 622 -43.93 -21.16 73.14
C ILE C 622 -44.38 -22.63 73.14
N TYR C 623 -43.94 -23.45 72.18
CA TYR C 623 -44.27 -24.90 72.10
C TYR C 623 -43.74 -25.64 73.33
N LYS C 624 -42.48 -25.39 73.72
CA LYS C 624 -41.83 -26.13 74.85
C LYS C 624 -42.43 -25.69 76.19
N LEU C 625 -42.79 -24.41 76.38
CA LEU C 625 -43.39 -23.89 77.64
C LEU C 625 -44.85 -24.37 77.81
N ILE C 626 -45.54 -24.84 76.76
CA ILE C 626 -46.93 -25.40 76.88
C ILE C 626 -46.96 -26.92 76.64
N ARG C 627 -45.83 -27.59 76.33
CA ARG C 627 -45.76 -29.08 76.32
C ARG C 627 -45.59 -29.57 77.78
N ASN C 628 -44.82 -28.87 78.61
CA ASN C 628 -44.60 -29.21 80.04
C ASN C 628 -45.89 -28.91 80.83
N HIS C 629 -46.40 -27.67 80.77
CA HIS C 629 -47.63 -27.21 81.47
C HIS C 629 -48.86 -27.91 80.86
CA THR D 21 11.17 82.19 -13.27
C THR D 21 11.08 80.71 -13.68
N ILE D 22 11.25 79.81 -12.74
CA ILE D 22 11.09 78.35 -12.98
C ILE D 22 9.72 78.05 -13.63
N GLU D 23 8.66 78.64 -13.11
CA GLU D 23 7.31 78.49 -13.73
C GLU D 23 7.34 79.08 -15.14
N GLU D 24 8.01 80.22 -15.30
CA GLU D 24 8.10 80.91 -16.61
C GLU D 24 8.86 80.00 -17.59
N GLN D 25 10.02 79.51 -17.18
CA GLN D 25 10.84 78.63 -18.05
C GLN D 25 10.06 77.34 -18.36
N ALA D 26 9.29 76.86 -17.38
CA ALA D 26 8.48 75.63 -17.55
C ALA D 26 7.49 75.86 -18.70
N LYS D 27 6.69 76.92 -18.60
CA LYS D 27 5.69 77.25 -19.65
C LYS D 27 6.41 77.54 -20.97
N THR D 28 7.58 78.18 -20.90
CA THR D 28 8.40 78.45 -22.09
C THR D 28 8.64 77.12 -22.82
N PHE D 29 9.22 76.17 -22.11
CA PHE D 29 9.49 74.81 -22.69
C PHE D 29 8.17 74.18 -23.16
N LEU D 30 7.14 74.21 -22.31
CA LEU D 30 5.85 73.57 -22.67
C LEU D 30 5.29 74.15 -23.95
N ASP D 31 5.33 75.47 -24.11
CA ASP D 31 4.79 76.13 -25.34
C ASP D 31 5.61 75.64 -26.54
N LYS D 32 6.94 75.68 -26.43
CA LYS D 32 7.82 75.18 -27.51
C LYS D 32 7.50 73.70 -27.76
N PHE D 33 7.42 72.91 -26.69
CA PHE D 33 7.14 71.46 -26.78
C PHE D 33 5.76 71.25 -27.44
N ASN D 34 4.79 72.11 -27.13
CA ASN D 34 3.44 72.01 -27.74
C ASN D 34 3.57 72.10 -29.27
N HIS D 35 4.30 73.09 -29.77
CA HIS D 35 4.53 73.24 -31.23
C HIS D 35 5.27 72.01 -31.76
N GLU D 36 6.31 71.58 -31.03
CA GLU D 36 7.15 70.43 -31.44
C GLU D 36 6.32 69.15 -31.45
N ALA D 37 5.36 69.01 -30.54
CA ALA D 37 4.55 67.77 -30.42
C ALA D 37 3.39 67.79 -31.40
N GLU D 38 2.67 68.92 -31.49
CA GLU D 38 1.43 69.00 -32.33
C GLU D 38 1.75 68.62 -33.77
N ASP D 39 2.77 69.24 -34.37
CA ASP D 39 3.09 69.01 -35.82
C ASP D 39 3.46 67.53 -36.04
N LEU D 40 4.36 66.99 -35.23
CA LEU D 40 4.84 65.60 -35.42
C LEU D 40 3.68 64.66 -35.11
N PHE D 41 2.89 64.96 -34.07
CA PHE D 41 1.69 64.16 -33.73
C PHE D 41 0.77 64.07 -34.95
N TYR D 42 0.53 65.22 -35.58
CA TYR D 42 -0.36 65.29 -36.78
C TYR D 42 0.21 64.35 -37.86
N GLN D 43 1.51 64.42 -38.09
CA GLN D 43 2.17 63.56 -39.10
C GLN D 43 1.94 62.08 -38.73
N SER D 44 2.13 61.72 -37.46
CA SER D 44 1.93 60.33 -36.98
C SER D 44 0.47 59.92 -37.20
N SER D 45 -0.47 60.79 -36.80
CA SER D 45 -1.92 60.51 -36.93
C SER D 45 -2.28 60.38 -38.41
N LEU D 46 -1.75 61.30 -39.24
CA LEU D 46 -1.98 61.24 -40.71
C LEU D 46 -1.45 59.91 -41.25
N ALA D 47 -0.25 59.54 -40.84
CA ALA D 47 0.39 58.28 -41.28
C ALA D 47 -0.47 57.10 -40.83
N SER D 48 -0.85 57.07 -39.55
CA SER D 48 -1.72 55.99 -38.99
C SER D 48 -3.06 56.02 -39.73
N TRP D 49 -3.62 57.21 -39.94
CA TRP D 49 -4.87 57.37 -40.73
C TRP D 49 -4.73 56.67 -42.07
N ASN D 50 -3.66 56.97 -42.80
CA ASN D 50 -3.43 56.40 -44.16
C ASN D 50 -3.36 54.87 -44.04
N TYR D 51 -2.55 54.37 -43.12
CA TYR D 51 -2.35 52.90 -42.96
C TYR D 51 -3.68 52.24 -42.59
N ASN D 52 -4.41 52.81 -41.63
CA ASN D 52 -5.71 52.26 -41.19
C ASN D 52 -6.72 52.32 -42.35
N THR D 53 -6.56 53.30 -43.24
CA THR D 53 -7.40 53.40 -44.46
C THR D 53 -6.64 52.85 -45.68
N ASN D 54 -5.56 52.10 -45.47
CA ASN D 54 -4.73 51.55 -46.57
C ASN D 54 -3.81 50.46 -46.03
N ILE D 55 -4.23 49.21 -46.06
CA ILE D 55 -3.42 48.08 -45.51
C ILE D 55 -2.33 47.75 -46.53
N THR D 56 -1.23 48.50 -46.51
CA THR D 56 -0.08 48.26 -47.43
C THR D 56 1.20 48.18 -46.63
N GLU D 57 1.87 47.02 -46.60
CA GLU D 57 3.18 46.87 -45.92
C GLU D 57 4.02 48.13 -46.08
N GLU D 58 3.99 48.78 -47.26
CA GLU D 58 4.78 49.97 -47.54
C GLU D 58 4.47 51.06 -46.52
N ASN D 59 3.18 51.40 -46.35
CA ASN D 59 2.79 52.50 -45.43
C ASN D 59 2.89 52.02 -43.98
N VAL D 60 3.00 50.71 -43.76
CA VAL D 60 3.16 50.14 -42.39
C VAL D 60 4.41 50.75 -41.75
N GLN D 61 5.52 50.74 -42.48
CA GLN D 61 6.79 51.35 -41.98
C GLN D 61 6.62 52.87 -41.94
N ASN D 62 5.89 53.42 -42.91
CA ASN D 62 5.73 54.91 -43.02
C ASN D 62 5.17 55.45 -41.71
N MET D 63 4.07 54.88 -41.24
CA MET D 63 3.47 55.29 -39.94
C MET D 63 4.39 54.89 -38.78
N ASN D 64 5.08 53.75 -38.92
CA ASN D 64 6.00 53.25 -37.87
C ASN D 64 7.09 54.30 -37.63
N ASN D 65 7.85 54.64 -38.67
CA ASN D 65 8.97 55.61 -38.51
C ASN D 65 8.43 56.90 -37.88
N ALA D 66 7.22 57.31 -38.29
CA ALA D 66 6.58 58.51 -37.74
C ALA D 66 6.24 58.27 -36.27
N GLY D 67 5.65 57.13 -35.94
CA GLY D 67 5.36 56.76 -34.54
C GLY D 67 6.66 56.67 -33.75
N ASP D 68 7.71 56.13 -34.35
CA ASP D 68 9.04 56.04 -33.69
C ASP D 68 9.53 57.47 -33.43
N LYS D 69 9.41 58.35 -34.42
CA LYS D 69 9.77 59.78 -34.24
C LYS D 69 8.91 60.37 -33.13
N TRP D 70 7.64 59.98 -33.08
CA TRP D 70 6.74 60.43 -31.97
C TRP D 70 7.25 59.86 -30.64
N SER D 71 7.73 58.62 -30.59
CA SER D 71 8.08 57.99 -29.28
C SER D 71 9.42 58.51 -28.73
N ALA D 72 10.45 58.57 -29.57
CA ALA D 72 11.78 59.09 -29.18
C ALA D 72 11.63 60.54 -28.72
N PHE D 73 10.85 61.31 -29.48
CA PHE D 73 10.54 62.71 -29.13
C PHE D 73 10.01 62.72 -27.70
N LEU D 74 8.99 61.92 -27.44
CA LEU D 74 8.42 61.74 -26.07
C LEU D 74 9.49 61.59 -25.01
N LYS D 75 10.31 60.56 -25.15
CA LYS D 75 11.31 60.24 -24.09
C LYS D 75 12.22 61.47 -23.89
N GLU D 76 12.77 62.00 -24.99
CA GLU D 76 13.73 63.14 -24.88
C GLU D 76 13.06 64.33 -24.18
N GLN D 77 11.82 64.66 -24.55
CA GLN D 77 11.16 65.86 -23.98
C GLN D 77 10.89 65.64 -22.50
N SER D 78 10.59 64.40 -22.08
CA SER D 78 10.37 64.14 -20.64
C SER D 78 11.70 64.38 -19.91
N THR D 79 12.78 63.85 -20.46
CA THR D 79 14.14 64.10 -19.89
C THR D 79 14.32 65.63 -19.74
N LEU D 80 13.89 66.39 -20.74
CA LEU D 80 13.95 67.87 -20.71
C LEU D 80 13.09 68.41 -19.56
N ALA D 81 11.89 67.85 -19.40
CA ALA D 81 10.96 68.30 -18.34
C ALA D 81 11.52 67.97 -16.94
N GLN D 82 12.37 66.95 -16.84
CA GLN D 82 12.90 66.49 -15.54
C GLN D 82 13.44 67.65 -14.70
N MET D 83 14.33 68.43 -15.29
CA MET D 83 14.97 69.56 -14.57
C MET D 83 13.91 70.57 -14.11
N TYR D 84 12.80 70.70 -14.84
CA TYR D 84 11.73 71.65 -14.48
C TYR D 84 11.09 71.25 -13.15
N PRO D 85 10.80 72.20 -12.23
CA PRO D 85 10.25 71.88 -10.91
C PRO D 85 8.76 71.52 -10.99
N LEU D 86 8.23 70.87 -9.96
CA LEU D 86 6.81 70.40 -9.97
C LEU D 86 6.01 71.14 -8.89
N GLN D 87 6.24 70.84 -7.63
CA GLN D 87 5.61 71.52 -6.47
C GLN D 87 5.85 73.04 -6.55
N GLU D 88 7.01 73.45 -7.03
CA GLU D 88 7.38 74.86 -7.18
C GLU D 88 6.38 75.54 -8.13
N ILE D 89 5.96 74.84 -9.19
CA ILE D 89 4.94 75.38 -10.13
C ILE D 89 3.64 75.64 -9.35
N GLN D 90 3.06 76.83 -9.50
CA GLN D 90 1.79 77.20 -8.83
C GLN D 90 0.66 77.20 -9.85
N ASN D 91 0.93 77.73 -11.05
CA ASN D 91 -0.11 77.79 -12.12
C ASN D 91 -0.54 76.36 -12.48
N LEU D 92 -1.71 75.94 -12.01
CA LEU D 92 -2.18 74.55 -12.30
C LEU D 92 -2.25 74.32 -13.80
N THR D 93 -2.61 75.34 -14.60
CA THR D 93 -2.60 75.23 -16.07
C THR D 93 -1.34 74.49 -16.53
N VAL D 94 -0.17 75.05 -16.24
CA VAL D 94 1.14 74.50 -16.66
C VAL D 94 1.44 73.24 -15.83
N LYS D 95 1.09 73.25 -14.56
CA LYS D 95 1.43 72.13 -13.63
C LYS D 95 0.90 70.80 -14.19
N LEU D 96 -0.35 70.80 -14.66
CA LEU D 96 -0.98 69.55 -15.20
C LEU D 96 -0.16 69.00 -16.36
N GLN D 97 0.20 69.86 -17.29
CA GLN D 97 0.96 69.44 -18.52
C GLN D 97 2.30 68.84 -18.09
N LEU D 98 3.00 69.51 -17.17
CA LEU D 98 4.32 69.02 -16.69
C LEU D 98 4.16 67.65 -16.03
N GLN D 99 3.17 67.52 -15.13
CA GLN D 99 2.91 66.24 -14.42
C GLN D 99 2.68 65.12 -15.44
N ALA D 100 1.93 65.41 -16.49
CA ALA D 100 1.67 64.44 -17.57
C ALA D 100 2.98 64.02 -18.26
N LEU D 101 3.91 64.95 -18.40
CA LEU D 101 5.20 64.69 -19.11
C LEU D 101 6.28 64.24 -18.11
N GLN D 102 6.08 64.48 -16.82
CA GLN D 102 7.08 64.16 -15.77
C GLN D 102 7.11 62.65 -15.52
N GLN D 103 6.13 61.90 -16.04
CA GLN D 103 6.00 60.45 -15.77
C GLN D 103 7.26 59.75 -16.27
N ASN D 104 8.11 59.30 -15.35
CA ASN D 104 9.34 58.56 -15.75
C ASN D 104 8.92 57.29 -16.48
N GLY D 105 7.82 56.67 -16.04
CA GLY D 105 7.26 55.48 -16.69
C GLY D 105 8.01 54.21 -16.32
N SER D 106 7.88 53.18 -17.14
CA SER D 106 8.55 51.86 -16.91
C SER D 106 10.06 51.97 -16.95
N SER D 107 10.60 52.98 -17.65
CA SER D 107 12.07 53.23 -17.70
C SER D 107 12.71 53.10 -16.33
N VAL D 108 11.96 53.38 -15.26
CA VAL D 108 12.44 53.18 -13.86
C VAL D 108 13.00 51.76 -13.68
N LEU D 109 12.55 50.81 -14.50
CA LEU D 109 13.02 49.42 -14.44
C LEU D 109 14.42 49.30 -15.03
N SER D 110 15.21 48.31 -14.59
CA SER D 110 16.55 48.01 -15.14
C SER D 110 16.41 47.64 -16.63
N GLU D 111 17.42 47.94 -17.44
CA GLU D 111 17.41 47.62 -18.90
C GLU D 111 16.98 46.16 -19.07
N ASP D 112 17.80 45.21 -18.61
CA ASP D 112 17.43 43.77 -18.67
C ASP D 112 15.99 43.56 -18.16
N LYS D 113 15.62 44.23 -17.08
CA LYS D 113 14.26 44.10 -16.53
C LYS D 113 13.24 44.69 -17.51
N SER D 114 13.58 45.81 -18.14
CA SER D 114 12.68 46.44 -19.13
C SER D 114 12.45 45.48 -20.30
N LYS D 115 13.54 44.88 -20.80
CA LYS D 115 13.43 43.90 -21.92
C LYS D 115 12.58 42.70 -21.48
N ARG D 116 12.80 42.23 -20.26
CA ARG D 116 12.04 41.07 -19.73
C ARG D 116 10.54 41.40 -19.67
N LEU D 117 10.21 42.60 -19.17
CA LEU D 117 8.78 42.99 -19.07
C LEU D 117 8.18 43.10 -20.47
N ASN D 118 8.92 43.68 -21.41
CA ASN D 118 8.39 43.83 -22.79
C ASN D 118 8.13 42.46 -23.40
N THR D 119 9.07 41.53 -23.26
CA THR D 119 8.89 40.18 -23.86
C THR D 119 7.75 39.45 -23.15
N ILE D 120 7.60 39.64 -21.84
CA ILE D 120 6.45 39.01 -21.10
C ILE D 120 5.12 39.53 -21.66
N LEU D 121 5.01 40.84 -21.83
CA LEU D 121 3.75 41.42 -22.37
C LEU D 121 3.48 40.89 -23.78
N ASN D 122 4.50 40.85 -24.62
CA ASN D 122 4.35 40.35 -26.01
C ASN D 122 3.92 38.87 -25.98
N THR D 123 4.54 38.08 -25.14
CA THR D 123 4.23 36.65 -25.05
C THR D 123 2.77 36.47 -24.62
N MET D 124 2.34 37.22 -23.62
CA MET D 124 0.93 37.07 -23.16
C MET D 124 -0.07 37.51 -24.24
N SER D 125 0.19 38.61 -24.92
CA SER D 125 -0.67 39.05 -26.04
C SER D 125 -0.71 37.98 -27.14
N THR D 126 0.44 37.41 -27.51
CA THR D 126 0.49 36.40 -28.59
C THR D 126 -0.24 35.15 -28.15
N ILE D 127 -0.09 34.73 -26.90
CA ILE D 127 -0.76 33.49 -26.41
C ILE D 127 -2.27 33.73 -26.47
N TYR D 128 -2.74 34.88 -26.04
CA TYR D 128 -4.19 35.17 -26.15
C TYR D 128 -4.64 35.19 -27.62
N SER D 129 -3.85 35.77 -28.51
CA SER D 129 -4.32 36.01 -29.91
C SER D 129 -4.33 34.68 -30.68
N THR D 130 -3.32 33.82 -30.51
CA THR D 130 -3.08 32.69 -31.43
C THR D 130 -3.34 31.36 -30.74
N GLY D 131 -3.83 31.35 -29.51
CA GLY D 131 -4.19 30.11 -28.78
C GLY D 131 -5.41 29.50 -29.40
N LYS D 132 -5.48 28.20 -29.28
CA LYS D 132 -6.54 27.44 -29.98
C LYS D 132 -6.77 26.14 -29.25
N VAL D 133 -8.02 25.69 -29.37
CA VAL D 133 -8.48 24.42 -28.78
C VAL D 133 -9.13 23.63 -29.88
N CYS D 134 -9.22 22.34 -29.63
CA CYS D 134 -9.95 21.47 -30.59
C CYS D 134 -10.56 20.25 -29.95
N ASN D 135 -11.47 19.68 -30.74
CA ASN D 135 -12.41 18.64 -30.31
C ASN D 135 -11.61 17.42 -29.84
N PRO D 136 -12.06 16.73 -28.78
CA PRO D 136 -11.39 15.49 -28.38
C PRO D 136 -11.49 14.35 -29.40
N ASP D 137 -12.55 14.33 -30.19
CA ASP D 137 -12.81 13.20 -31.12
C ASP D 137 -12.13 13.41 -32.48
N ASN D 138 -12.02 14.64 -32.95
CA ASN D 138 -11.39 14.96 -34.25
C ASN D 138 -10.36 16.04 -34.01
N PRO D 139 -9.18 15.73 -33.45
CA PRO D 139 -8.17 16.75 -33.15
C PRO D 139 -7.50 17.43 -34.32
N GLN D 140 -7.98 17.23 -35.55
CA GLN D 140 -7.38 17.89 -36.73
C GLN D 140 -7.87 19.32 -36.80
N GLU D 141 -9.14 19.59 -36.50
CA GLU D 141 -9.70 20.97 -36.59
C GLU D 141 -9.70 21.59 -35.18
N CYS D 142 -8.99 22.69 -35.03
CA CYS D 142 -8.84 23.45 -33.78
C CYS D 142 -9.47 24.83 -33.94
N LEU D 143 -10.14 25.29 -32.87
CA LEU D 143 -10.88 26.57 -32.88
C LEU D 143 -10.11 27.59 -32.07
N LEU D 144 -9.94 28.80 -32.61
CA LEU D 144 -9.41 29.94 -31.85
C LEU D 144 -10.56 30.64 -31.14
N LEU D 145 -10.25 31.47 -30.14
CA LEU D 145 -11.31 32.15 -29.36
C LEU D 145 -12.07 33.13 -30.25
N GLU D 146 -11.37 34.10 -30.84
CA GLU D 146 -12.05 35.18 -31.63
C GLU D 146 -13.27 34.60 -32.37
N PRO D 147 -13.13 33.66 -33.32
CA PRO D 147 -14.27 33.19 -34.10
C PRO D 147 -14.95 31.92 -33.54
N GLY D 148 -14.25 30.79 -33.52
CA GLY D 148 -14.89 29.52 -33.13
C GLY D 148 -15.44 29.50 -31.72
N LEU D 149 -14.62 29.77 -30.71
CA LEU D 149 -15.09 29.67 -29.29
C LEU D 149 -16.15 30.72 -29.00
N ASN D 150 -15.94 31.96 -29.48
CA ASN D 150 -16.90 33.06 -29.21
C ASN D 150 -18.26 32.70 -29.80
N GLU D 151 -18.30 32.15 -31.00
CA GLU D 151 -19.59 31.81 -31.66
C GLU D 151 -20.33 30.75 -30.83
N ILE D 152 -19.62 29.71 -30.40
CA ILE D 152 -20.22 28.64 -29.54
C ILE D 152 -20.78 29.30 -28.27
N MET D 153 -20.02 30.20 -27.65
CA MET D 153 -20.40 30.81 -26.35
C MET D 153 -21.56 31.77 -26.56
N ALA D 154 -21.94 32.11 -27.80
CA ALA D 154 -23.04 33.06 -28.08
C ALA D 154 -24.29 32.40 -28.65
N ASN D 155 -24.16 31.50 -29.62
CA ASN D 155 -25.31 30.95 -30.37
C ASN D 155 -25.76 29.61 -29.80
N SER D 156 -24.84 28.76 -29.38
CA SER D 156 -25.15 27.37 -28.98
C SER D 156 -26.07 27.35 -27.77
N LEU D 157 -27.02 26.43 -27.78
CA LEU D 157 -27.97 26.17 -26.66
C LEU D 157 -27.67 24.80 -26.06
N ASP D 158 -26.53 24.21 -26.37
CA ASP D 158 -26.17 22.85 -25.90
C ASP D 158 -25.29 22.98 -24.67
N TYR D 159 -25.66 22.34 -23.59
CA TYR D 159 -24.87 22.41 -22.34
C TYR D 159 -23.49 21.80 -22.55
N ASN D 160 -23.40 20.68 -23.25
CA ASN D 160 -22.12 19.96 -23.39
C ASN D 160 -21.12 20.78 -24.21
N GLU D 161 -21.59 21.35 -25.33
CA GLU D 161 -20.68 22.12 -26.22
C GLU D 161 -20.16 23.35 -25.48
N ARG D 162 -21.05 24.06 -24.81
CA ARG D 162 -20.66 25.26 -24.03
C ARG D 162 -19.69 24.89 -22.90
N LEU D 163 -19.94 23.80 -22.19
CA LEU D 163 -19.03 23.39 -21.09
C LEU D 163 -17.67 23.04 -21.67
N TRP D 164 -17.66 22.32 -22.78
CA TRP D 164 -16.38 21.95 -23.41
C TRP D 164 -15.61 23.22 -23.77
N ALA D 165 -16.24 24.16 -24.44
CA ALA D 165 -15.57 25.40 -24.91
C ALA D 165 -15.03 26.19 -23.73
N TRP D 166 -15.86 26.41 -22.73
CA TRP D 166 -15.45 27.16 -21.53
C TRP D 166 -14.25 26.51 -20.84
N GLU D 167 -14.35 25.22 -20.54
CA GLU D 167 -13.31 24.53 -19.74
C GLU D 167 -12.05 24.42 -20.58
N SER D 168 -12.18 24.16 -21.87
CA SER D 168 -10.98 23.88 -22.73
C SER D 168 -10.22 25.17 -22.88
N TRP D 169 -10.91 26.27 -23.14
CA TRP D 169 -10.20 27.56 -23.24
C TRP D 169 -9.49 27.90 -21.93
N ARG D 170 -10.18 27.75 -20.83
CA ARG D 170 -9.56 27.92 -19.48
C ARG D 170 -8.30 27.04 -19.37
N SER D 171 -8.40 25.75 -19.57
CA SER D 171 -7.26 24.79 -19.43
C SER D 171 -6.09 25.26 -20.29
N GLU D 172 -6.24 25.28 -21.59
CA GLU D 172 -5.09 25.54 -22.50
C GLU D 172 -4.55 26.95 -22.18
N VAL D 173 -5.35 27.97 -22.37
CA VAL D 173 -4.79 29.33 -22.40
C VAL D 173 -4.42 29.75 -20.98
N GLY D 174 -5.22 29.51 -19.97
CA GLY D 174 -4.88 29.96 -18.61
C GLY D 174 -3.69 29.21 -18.07
N LYS D 175 -3.58 27.90 -18.31
CA LYS D 175 -2.40 27.18 -17.81
C LYS D 175 -1.16 27.68 -18.52
N GLN D 176 -1.27 28.13 -19.77
CA GLN D 176 -0.08 28.74 -20.42
C GLN D 176 0.20 30.13 -19.82
N LEU D 177 -0.82 30.87 -19.48
CA LEU D 177 -0.70 32.32 -19.11
C LEU D 177 -0.42 32.53 -17.62
N ARG D 178 -0.50 31.55 -16.76
CA ARG D 178 -0.32 31.75 -15.32
C ARG D 178 1.10 32.24 -14.98
N PRO D 179 2.20 31.52 -15.26
CA PRO D 179 3.51 31.96 -14.77
C PRO D 179 3.94 33.31 -15.33
N LEU D 180 3.57 33.58 -16.59
CA LEU D 180 3.85 34.90 -17.18
C LEU D 180 3.12 35.97 -16.38
N TYR D 181 1.92 35.70 -15.95
CA TYR D 181 1.15 36.65 -15.11
C TYR D 181 1.83 36.88 -13.75
N GLU D 182 2.37 35.82 -13.17
CA GLU D 182 3.14 35.97 -11.89
C GLU D 182 4.36 36.89 -12.08
N GLU D 183 5.13 36.63 -13.11
CA GLU D 183 6.35 37.46 -13.37
C GLU D 183 5.90 38.88 -13.71
N TYR D 184 4.79 39.02 -14.42
CA TYR D 184 4.27 40.34 -14.86
C TYR D 184 3.88 41.16 -13.65
N VAL D 185 3.17 40.56 -12.72
CA VAL D 185 2.73 41.30 -11.50
C VAL D 185 3.97 41.70 -10.69
N VAL D 186 4.93 40.80 -10.54
CA VAL D 186 6.15 41.13 -9.75
C VAL D 186 6.84 42.35 -10.41
N LEU D 187 7.09 42.28 -11.71
CA LEU D 187 7.85 43.35 -12.39
C LEU D 187 7.08 44.66 -12.38
N LYS D 188 5.78 44.60 -12.59
CA LYS D 188 4.95 45.86 -12.64
C LYS D 188 4.88 46.49 -11.25
N ASN D 189 4.75 45.67 -10.23
CA ASN D 189 4.79 46.18 -8.84
C ASN D 189 6.14 46.83 -8.54
N GLU D 190 7.23 46.22 -8.97
CA GLU D 190 8.59 46.77 -8.73
C GLU D 190 8.68 48.13 -9.43
N MET D 191 8.23 48.20 -10.66
CA MET D 191 8.34 49.48 -11.43
C MET D 191 7.49 50.56 -10.76
N ALA D 192 6.27 50.23 -10.38
CA ALA D 192 5.37 51.21 -9.73
C ALA D 192 5.97 51.67 -8.39
N ARG D 193 6.54 50.77 -7.62
CA ARG D 193 7.18 51.13 -6.33
C ARG D 193 8.37 52.07 -6.59
N ALA D 194 9.19 51.75 -7.58
CA ALA D 194 10.37 52.58 -7.93
C ALA D 194 9.92 53.93 -8.52
N ASN D 195 8.67 54.03 -8.97
CA ASN D 195 8.16 55.28 -9.57
C ASN D 195 7.36 56.12 -8.57
N HIS D 196 7.74 56.09 -7.29
CA HIS D 196 7.11 56.92 -6.21
C HIS D 196 5.60 56.65 -6.07
N TYR D 197 5.19 55.43 -6.34
CA TYR D 197 3.81 54.95 -6.04
C TYR D 197 3.88 53.80 -5.05
N GLU D 198 2.72 53.41 -4.54
CA GLU D 198 2.66 52.34 -3.53
C GLU D 198 2.77 51.01 -4.26
N ASP D 199 1.76 50.69 -5.06
CA ASP D 199 1.68 49.49 -5.93
C ASP D 199 1.28 49.85 -7.34
N TYR D 200 1.08 48.84 -8.18
CA TYR D 200 0.59 49.06 -9.55
C TYR D 200 -0.87 49.48 -9.57
N GLY D 201 -1.65 48.94 -8.65
CA GLY D 201 -3.06 49.37 -8.47
C GLY D 201 -3.13 50.86 -8.17
N ASP D 202 -2.18 51.34 -7.35
CA ASP D 202 -2.09 52.77 -7.04
C ASP D 202 -1.78 53.53 -8.32
N TYR D 203 -0.89 53.02 -9.15
CA TYR D 203 -0.52 53.69 -10.42
C TYR D 203 -1.77 53.80 -11.29
N TRP D 204 -2.56 52.74 -11.37
CA TRP D 204 -3.82 52.79 -12.16
C TRP D 204 -4.83 53.76 -11.60
N ARG D 205 -4.98 53.76 -10.30
CA ARG D 205 -5.94 54.69 -9.64
C ARG D 205 -5.44 56.14 -9.66
N GLY D 206 -4.15 56.38 -9.92
CA GLY D 206 -3.59 57.74 -10.01
C GLY D 206 -4.20 58.59 -11.08
N ASP D 207 -4.90 57.98 -12.02
CA ASP D 207 -5.60 58.76 -13.06
C ASP D 207 -6.67 59.68 -12.46
N TYR D 208 -7.40 59.20 -11.49
CA TYR D 208 -8.47 59.98 -10.81
C TYR D 208 -7.90 60.97 -9.79
N GLU D 209 -6.66 60.87 -9.38
CA GLU D 209 -6.13 61.74 -8.29
C GLU D 209 -6.18 63.21 -8.70
N VAL D 210 -6.68 64.04 -7.82
CA VAL D 210 -6.66 65.53 -7.97
C VAL D 210 -6.17 66.12 -6.66
N ASN D 211 -5.24 67.05 -6.74
CA ASN D 211 -4.67 67.71 -5.54
C ASN D 211 -4.25 69.13 -5.89
N GLY D 212 -4.01 69.90 -4.83
CA GLY D 212 -3.59 71.32 -4.94
C GLY D 212 -4.63 72.21 -5.60
N VAL D 213 -5.89 72.03 -5.27
CA VAL D 213 -6.97 72.97 -5.70
C VAL D 213 -7.76 73.46 -4.50
N ASP D 214 -7.61 72.82 -3.33
CA ASP D 214 -8.15 73.29 -2.04
C ASP D 214 -9.70 73.35 -2.13
N GLY D 215 -10.29 72.18 -2.23
CA GLY D 215 -11.75 72.02 -2.14
C GLY D 215 -12.33 71.01 -3.10
N TYR D 216 -11.63 70.67 -4.18
CA TYR D 216 -12.06 69.62 -5.14
C TYR D 216 -11.09 68.47 -5.13
N ASP D 217 -10.41 68.24 -4.03
CA ASP D 217 -9.35 67.20 -3.94
C ASP D 217 -9.99 65.81 -4.01
N TYR D 218 -9.23 64.84 -4.49
CA TYR D 218 -9.70 63.44 -4.63
C TYR D 218 -8.49 62.53 -4.48
N SER D 219 -8.39 61.82 -3.37
CA SER D 219 -7.24 60.92 -3.10
C SER D 219 -7.39 59.65 -3.92
N ARG D 220 -6.28 58.98 -4.16
CA ARG D 220 -6.31 57.70 -4.94
C ARG D 220 -7.06 56.62 -4.16
N GLY D 221 -6.84 56.50 -2.86
CA GLY D 221 -7.54 55.51 -2.03
C GLY D 221 -9.03 55.73 -2.00
N GLN D 222 -9.46 56.98 -1.86
CA GLN D 222 -10.90 57.34 -1.70
C GLN D 222 -11.72 56.68 -2.80
N LEU D 223 -11.21 56.67 -4.02
CA LEU D 223 -11.93 56.06 -5.18
C LEU D 223 -12.42 54.67 -4.81
N ILE D 224 -11.57 53.82 -4.26
CA ILE D 224 -11.99 52.45 -3.86
C ILE D 224 -13.29 52.56 -3.09
N GLU D 225 -13.28 53.29 -1.98
CA GLU D 225 -14.47 53.38 -1.10
C GLU D 225 -15.68 53.79 -1.95
N ASP D 226 -15.52 54.82 -2.75
CA ASP D 226 -16.66 55.34 -3.56
C ASP D 226 -17.22 54.19 -4.39
N VAL D 227 -16.36 53.48 -5.11
CA VAL D 227 -16.81 52.34 -5.94
C VAL D 227 -17.63 51.38 -5.08
N GLU D 228 -17.09 50.96 -3.96
CA GLU D 228 -17.81 50.04 -3.03
C GLU D 228 -19.19 50.62 -2.70
N HIS D 229 -19.25 51.87 -2.30
CA HIS D 229 -20.53 52.50 -1.92
C HIS D 229 -21.51 52.37 -3.06
N THR D 230 -21.07 52.68 -4.26
CA THR D 230 -21.98 52.66 -5.44
C THR D 230 -22.53 51.26 -5.60
N PHE D 231 -21.71 50.24 -5.44
CA PHE D 231 -22.17 48.85 -5.64
C PHE D 231 -23.24 48.50 -4.62
N GLU D 232 -23.22 49.11 -3.43
CA GLU D 232 -24.28 48.84 -2.44
C GLU D 232 -25.66 49.22 -2.97
N GLU D 233 -25.75 50.19 -3.86
CA GLU D 233 -27.05 50.60 -4.43
C GLU D 233 -27.42 49.76 -5.65
N ILE D 234 -26.56 48.88 -6.12
CA ILE D 234 -26.84 48.04 -7.32
C ILE D 234 -27.29 46.67 -6.87
N LYS D 235 -26.73 46.17 -5.77
CA LYS D 235 -27.03 44.78 -5.33
C LYS D 235 -28.54 44.47 -5.50
N PRO D 236 -29.47 45.28 -4.96
CA PRO D 236 -30.91 44.95 -5.04
C PRO D 236 -31.44 44.72 -6.46
N LEU D 237 -31.38 45.73 -7.33
CA LEU D 237 -31.91 45.60 -8.71
C LEU D 237 -31.24 44.41 -9.40
N TYR D 238 -29.92 44.29 -9.24
CA TYR D 238 -29.17 43.20 -9.89
C TYR D 238 -29.60 41.81 -9.40
N GLU D 239 -29.78 41.64 -8.10
CA GLU D 239 -30.26 40.35 -7.52
C GLU D 239 -31.59 39.96 -8.18
N HIS D 240 -32.47 40.90 -8.41
CA HIS D 240 -33.76 40.66 -9.09
C HIS D 240 -33.52 40.23 -10.53
N LEU D 241 -32.60 40.92 -11.24
CA LEU D 241 -32.24 40.55 -12.63
C LEU D 241 -31.67 39.13 -12.61
N HIS D 242 -30.78 38.85 -11.68
CA HIS D 242 -30.16 37.53 -11.55
C HIS D 242 -31.23 36.47 -11.33
N ALA D 243 -32.17 36.72 -10.44
CA ALA D 243 -33.26 35.77 -10.12
C ALA D 243 -34.10 35.52 -11.37
N TYR D 244 -34.46 36.58 -12.08
CA TYR D 244 -35.29 36.46 -13.31
C TYR D 244 -34.54 35.62 -14.34
N VAL D 245 -33.27 35.93 -14.56
CA VAL D 245 -32.43 35.21 -15.56
C VAL D 245 -32.33 33.75 -15.13
N ARG D 246 -32.13 33.50 -13.85
CA ARG D 246 -31.99 32.11 -13.34
C ARG D 246 -33.23 31.29 -13.67
N ALA D 247 -34.42 31.83 -13.44
CA ALA D 247 -35.68 31.11 -13.72
C ALA D 247 -35.74 30.79 -15.22
N LYS D 248 -35.45 31.77 -16.07
CA LYS D 248 -35.49 31.56 -17.54
C LYS D 248 -34.45 30.51 -17.96
N LEU D 249 -33.24 30.60 -17.43
CA LEU D 249 -32.17 29.64 -17.74
C LEU D 249 -32.55 28.24 -17.26
N MET D 250 -33.26 28.14 -16.15
CA MET D 250 -33.75 26.83 -15.64
C MET D 250 -34.62 26.15 -16.72
N ASN D 251 -35.43 26.93 -17.42
CA ASN D 251 -36.27 26.40 -18.53
C ASN D 251 -35.36 26.01 -19.71
N ALA D 252 -34.39 26.85 -20.04
CA ALA D 252 -33.46 26.59 -21.16
C ALA D 252 -32.58 25.36 -20.90
N TYR D 253 -32.39 24.98 -19.64
CA TYR D 253 -31.55 23.83 -19.22
C TYR D 253 -32.19 23.14 -18.03
N PRO D 254 -33.28 22.35 -18.18
CA PRO D 254 -33.89 21.72 -17.00
C PRO D 254 -32.95 20.70 -16.36
N SER D 255 -33.09 20.56 -15.04
CA SER D 255 -32.29 19.62 -14.19
C SER D 255 -30.82 20.02 -14.12
N TYR D 256 -30.46 21.23 -14.48
CA TYR D 256 -29.06 21.72 -14.42
C TYR D 256 -28.86 22.92 -13.51
N ILE D 257 -29.89 23.66 -13.15
CA ILE D 257 -29.76 24.91 -12.35
C ILE D 257 -30.63 24.76 -11.13
N SER D 258 -30.08 25.07 -9.97
CA SER D 258 -30.83 25.02 -8.69
C SER D 258 -31.55 26.35 -8.54
N PRO D 259 -32.87 26.36 -8.24
CA PRO D 259 -33.58 27.63 -8.06
C PRO D 259 -33.06 28.48 -6.88
N ILE D 260 -32.30 27.91 -5.95
CA ILE D 260 -31.74 28.67 -4.81
C ILE D 260 -30.23 28.83 -4.92
N GLY D 261 -29.65 28.55 -6.09
CA GLY D 261 -28.20 28.56 -6.28
C GLY D 261 -27.75 29.57 -7.31
N CYS D 262 -26.45 29.68 -7.48
CA CYS D 262 -25.84 30.58 -8.48
C CYS D 262 -26.00 30.00 -9.90
N LEU D 263 -25.68 30.84 -10.86
CA LEU D 263 -25.80 30.50 -12.30
C LEU D 263 -24.49 29.87 -12.74
N PRO D 264 -24.51 28.72 -13.45
CA PRO D 264 -23.27 28.16 -13.98
C PRO D 264 -22.60 29.14 -14.96
N ALA D 265 -21.28 29.18 -14.95
CA ALA D 265 -20.53 30.28 -15.61
C ALA D 265 -20.49 30.10 -17.12
N HIS D 266 -20.79 28.90 -17.62
CA HIS D 266 -20.70 28.63 -19.09
C HIS D 266 -22.06 28.79 -19.79
N LEU D 267 -23.08 29.31 -19.09
CA LEU D 267 -24.42 29.51 -19.69
C LEU D 267 -24.77 30.98 -19.81
N LEU D 268 -23.82 31.88 -19.69
CA LEU D 268 -24.12 33.33 -19.57
C LEU D 268 -23.98 34.06 -20.88
N GLY D 269 -23.99 33.37 -22.00
CA GLY D 269 -24.13 34.02 -23.33
C GLY D 269 -22.80 34.39 -23.97
N ASP D 270 -21.71 34.35 -23.23
CA ASP D 270 -20.36 34.51 -23.80
C ASP D 270 -19.33 33.79 -22.92
N MET D 271 -18.07 33.98 -23.26
CA MET D 271 -17.00 33.18 -22.65
C MET D 271 -16.86 33.48 -21.17
N TRP D 272 -16.92 34.71 -20.77
CA TRP D 272 -16.59 35.18 -19.39
C TRP D 272 -17.83 35.55 -18.60
N GLY D 273 -18.93 35.91 -19.24
CA GLY D 273 -20.05 36.58 -18.57
C GLY D 273 -19.86 38.06 -18.42
N ARG D 274 -19.06 38.69 -19.27
CA ARG D 274 -18.97 40.18 -19.19
C ARG D 274 -20.36 40.77 -19.43
N PHE D 275 -21.06 40.29 -20.47
CA PHE D 275 -22.41 40.80 -20.82
C PHE D 275 -23.34 39.61 -20.90
N TRP D 276 -24.58 39.83 -20.50
CA TRP D 276 -25.68 38.85 -20.66
C TRP D 276 -26.49 39.13 -21.91
N THR D 277 -26.00 39.96 -22.83
CA THR D 277 -26.78 40.43 -23.99
C THR D 277 -27.26 39.28 -24.87
N ASN D 278 -26.62 38.12 -24.85
CA ASN D 278 -26.97 36.99 -25.71
C ASN D 278 -28.02 36.09 -25.06
N LEU D 279 -28.44 36.37 -23.83
CA LEU D 279 -29.58 35.66 -23.18
C LEU D 279 -30.94 36.23 -23.58
N TYR D 280 -30.98 37.30 -24.37
CA TYR D 280 -32.26 38.00 -24.65
C TYR D 280 -33.25 37.08 -25.35
N SER D 281 -32.75 36.27 -26.28
CA SER D 281 -33.61 35.31 -27.02
C SER D 281 -34.29 34.33 -26.04
N LEU D 282 -33.67 34.07 -24.91
CA LEU D 282 -34.15 33.11 -23.90
C LEU D 282 -34.69 33.83 -22.67
N THR D 283 -34.51 35.14 -22.56
CA THR D 283 -34.97 35.91 -21.38
C THR D 283 -35.97 36.99 -21.78
N VAL D 284 -36.31 37.10 -23.06
CA VAL D 284 -37.31 38.07 -23.58
C VAL D 284 -38.53 38.09 -22.66
N PRO D 285 -38.89 39.25 -22.05
CA PRO D 285 -40.11 39.33 -21.23
C PRO D 285 -41.35 39.05 -22.08
N PHE D 286 -41.42 39.62 -23.29
CA PHE D 286 -42.57 39.47 -24.22
C PHE D 286 -42.07 39.15 -25.61
N GLY D 287 -41.71 37.87 -25.84
CA GLY D 287 -41.21 37.38 -27.14
C GLY D 287 -42.24 37.48 -28.26
N GLN D 288 -43.50 37.73 -27.92
CA GLN D 288 -44.66 37.78 -28.83
C GLN D 288 -44.41 38.79 -29.95
N LYS D 289 -43.82 39.93 -29.62
CA LYS D 289 -43.65 41.07 -30.58
C LYS D 289 -42.20 41.51 -30.54
N PRO D 290 -41.59 41.90 -31.70
CA PRO D 290 -40.18 42.29 -31.72
C PRO D 290 -39.98 43.75 -31.29
N ASN D 291 -38.73 44.15 -31.11
CA ASN D 291 -38.37 45.56 -30.76
C ASN D 291 -38.40 46.42 -32.02
N ILE D 292 -38.17 47.71 -31.89
CA ILE D 292 -38.19 48.64 -33.06
C ILE D 292 -37.03 48.27 -33.99
N ASP D 293 -37.29 48.11 -35.29
CA ASP D 293 -36.28 47.76 -36.31
C ASP D 293 -36.62 48.54 -37.59
N VAL D 294 -35.84 49.54 -37.96
CA VAL D 294 -36.13 50.43 -39.11
C VAL D 294 -35.04 50.22 -40.17
N THR D 295 -34.17 49.22 -40.00
CA THR D 295 -33.16 48.89 -41.06
C THR D 295 -33.89 48.72 -42.40
N ASP D 296 -34.99 47.99 -42.39
CA ASP D 296 -35.84 47.79 -43.58
C ASP D 296 -36.42 49.14 -44.01
N ALA D 297 -36.96 49.91 -43.05
CA ALA D 297 -37.56 51.24 -43.34
C ALA D 297 -36.48 52.16 -43.90
N MET D 298 -35.26 52.10 -43.35
CA MET D 298 -34.12 52.91 -43.84
C MET D 298 -33.84 52.51 -45.30
N VAL D 299 -33.88 51.21 -45.59
CA VAL D 299 -33.65 50.70 -46.98
C VAL D 299 -34.78 51.21 -47.88
N ASP D 300 -36.02 51.18 -47.40
CA ASP D 300 -37.19 51.68 -48.16
C ASP D 300 -36.99 53.18 -48.46
N GLN D 301 -36.52 53.93 -47.47
CA GLN D 301 -36.19 55.37 -47.65
C GLN D 301 -34.91 55.50 -48.47
N ALA D 302 -34.17 54.41 -48.67
CA ALA D 302 -32.89 54.41 -49.43
C ALA D 302 -31.92 55.42 -48.80
N TRP D 303 -32.00 55.65 -47.49
CA TRP D 303 -31.05 56.54 -46.77
C TRP D 303 -29.65 55.93 -46.85
N ASP D 304 -28.62 56.73 -47.09
CA ASP D 304 -27.22 56.23 -47.25
C ASP D 304 -26.34 56.80 -46.14
N ALA D 305 -25.08 56.36 -46.11
CA ALA D 305 -24.08 56.83 -45.11
C ALA D 305 -24.18 58.35 -44.98
N GLN D 306 -23.95 59.08 -46.07
CA GLN D 306 -23.96 60.56 -46.03
C GLN D 306 -25.23 61.02 -45.32
N ARG D 307 -26.39 60.46 -45.70
CA ARG D 307 -27.67 60.83 -45.05
C ARG D 307 -27.60 60.53 -43.55
N ILE D 308 -27.31 59.27 -43.18
CA ILE D 308 -27.32 58.89 -41.73
C ILE D 308 -26.46 59.91 -40.96
N PHE D 309 -25.29 60.26 -41.50
CA PHE D 309 -24.40 61.24 -40.85
C PHE D 309 -25.05 62.62 -40.92
N LYS D 310 -25.67 62.97 -42.05
CA LYS D 310 -26.31 64.31 -42.21
C LYS D 310 -27.49 64.45 -41.26
N GLU D 311 -28.36 63.44 -41.23
CA GLU D 311 -29.51 63.45 -40.24
C GLU D 311 -28.92 63.45 -38.82
N ALA D 312 -27.84 62.70 -38.61
CA ALA D 312 -27.12 62.71 -37.33
C ALA D 312 -26.64 64.11 -37.03
N GLU D 313 -25.96 64.73 -38.00
CA GLU D 313 -25.40 66.11 -37.84
C GLU D 313 -26.55 67.05 -37.52
N LYS D 314 -27.71 66.86 -38.16
CA LYS D 314 -28.91 67.68 -37.87
C LYS D 314 -29.23 67.58 -36.38
N PHE D 315 -29.30 66.37 -35.85
CA PHE D 315 -29.65 66.16 -34.41
C PHE D 315 -28.59 66.82 -33.51
N PHE D 316 -27.32 66.67 -33.85
CA PHE D 316 -26.22 67.21 -33.01
C PHE D 316 -26.25 68.74 -33.06
N VAL D 317 -26.44 69.30 -34.25
CA VAL D 317 -26.48 70.78 -34.44
C VAL D 317 -27.85 71.29 -34.01
N SER D 318 -28.85 70.42 -33.95
CA SER D 318 -30.23 70.81 -33.56
C SER D 318 -30.23 71.42 -32.15
N VAL D 319 -29.15 71.26 -31.41
CA VAL D 319 -29.08 71.75 -30.00
C VAL D 319 -27.98 72.82 -29.87
N GLY D 320 -27.70 73.59 -30.91
CA GLY D 320 -26.75 74.72 -30.82
C GLY D 320 -25.29 74.26 -30.71
N LEU D 321 -25.01 72.99 -30.95
CA LEU D 321 -23.60 72.51 -31.03
C LEU D 321 -23.08 72.86 -32.41
N PRO D 322 -21.75 73.05 -32.59
CA PRO D 322 -21.19 73.41 -33.90
C PRO D 322 -21.60 72.40 -34.97
N ASN D 323 -21.70 72.83 -36.21
CA ASN D 323 -22.00 71.91 -37.34
C ASN D 323 -20.75 71.10 -37.62
N MET D 324 -20.90 69.87 -38.10
CA MET D 324 -19.73 69.01 -38.38
C MET D 324 -18.80 69.70 -39.38
N THR D 325 -17.50 69.67 -39.14
CA THR D 325 -16.49 70.33 -40.01
C THR D 325 -16.60 69.79 -41.43
N GLN D 326 -16.50 70.67 -42.44
CA GLN D 326 -16.57 70.26 -43.85
C GLN D 326 -15.38 69.37 -44.21
N GLY D 327 -14.23 69.59 -43.54
CA GLY D 327 -13.02 68.77 -43.73
C GLY D 327 -13.34 67.28 -43.62
N PHE D 328 -14.03 66.90 -42.56
CA PHE D 328 -14.45 65.49 -42.35
C PHE D 328 -15.25 65.01 -43.57
N TRP D 329 -16.26 65.81 -43.94
CA TRP D 329 -17.16 65.47 -45.08
C TRP D 329 -16.32 65.29 -46.36
N GLU D 330 -15.10 65.83 -46.40
CA GLU D 330 -14.23 65.73 -47.60
C GLU D 330 -13.21 64.61 -47.48
N ASN D 331 -12.60 64.41 -46.31
CA ASN D 331 -11.46 63.44 -46.18
C ASN D 331 -11.80 62.32 -45.20
N SER D 332 -13.06 61.89 -45.13
CA SER D 332 -13.50 60.83 -44.17
C SER D 332 -13.54 59.47 -44.86
N MET D 333 -13.78 58.41 -44.09
CA MET D 333 -13.93 57.03 -44.61
C MET D 333 -15.26 56.44 -44.13
N LEU D 334 -16.37 56.94 -44.66
CA LEU D 334 -17.72 56.45 -44.24
C LEU D 334 -18.10 55.14 -44.93
N THR D 335 -17.79 54.98 -46.20
CA THR D 335 -18.20 53.77 -46.97
C THR D 335 -17.02 52.81 -47.12
N ASP D 336 -17.30 51.51 -47.20
CA ASP D 336 -16.27 50.48 -47.46
C ASP D 336 -15.53 50.80 -48.75
N PRO D 337 -14.19 51.02 -48.73
CA PRO D 337 -13.45 51.36 -49.95
C PRO D 337 -13.78 50.33 -51.03
N GLY D 338 -13.49 49.05 -50.78
CA GLY D 338 -13.84 47.99 -51.75
C GLY D 338 -13.36 48.33 -53.15
N ASN D 339 -12.20 48.98 -53.27
CA ASN D 339 -11.63 49.34 -54.59
C ASN D 339 -10.15 48.97 -54.59
N VAL D 340 -9.83 47.68 -54.46
CA VAL D 340 -8.40 47.22 -54.37
C VAL D 340 -7.79 47.88 -53.14
N GLN D 341 -8.59 48.63 -52.38
CA GLN D 341 -8.11 49.33 -51.15
C GLN D 341 -8.88 48.76 -49.96
N LYS D 342 -8.15 48.27 -48.95
CA LYS D 342 -8.83 47.64 -47.78
C LYS D 342 -8.53 48.43 -46.50
N ALA D 343 -9.58 48.79 -45.75
CA ALA D 343 -9.41 49.53 -44.49
C ALA D 343 -10.24 48.86 -43.41
N VAL D 344 -9.71 48.77 -42.20
CA VAL D 344 -10.48 48.30 -41.01
C VAL D 344 -11.79 49.11 -40.92
N CYS D 345 -12.93 48.45 -40.86
CA CYS D 345 -14.25 49.13 -40.85
C CYS D 345 -14.66 49.46 -39.42
N HIS D 346 -13.84 49.10 -38.42
CA HIS D 346 -14.10 49.42 -37.00
C HIS D 346 -14.34 50.93 -36.84
N PRO D 347 -15.48 51.36 -36.25
CA PRO D 347 -15.76 52.79 -36.07
C PRO D 347 -14.70 53.46 -35.19
N THR D 348 -14.21 54.62 -35.61
CA THR D 348 -13.16 55.38 -34.87
C THR D 348 -13.29 56.87 -35.12
N ALA D 349 -12.50 57.69 -34.44
CA ALA D 349 -12.48 59.15 -34.64
C ALA D 349 -11.06 59.67 -34.57
N TRP D 350 -10.61 60.33 -35.62
CA TRP D 350 -9.22 60.81 -35.76
C TRP D 350 -9.19 62.31 -35.50
N ASP D 351 -8.30 62.73 -34.62
CA ASP D 351 -8.14 64.14 -34.22
C ASP D 351 -6.75 64.62 -34.57
N LEU D 352 -6.39 64.50 -35.82
CA LEU D 352 -5.04 64.87 -36.32
C LEU D 352 -4.65 66.28 -35.85
N GLY D 353 -5.62 67.19 -35.80
CA GLY D 353 -5.48 68.53 -35.21
C GLY D 353 -5.31 69.60 -36.28
N LYS D 354 -5.22 70.84 -35.83
CA LYS D 354 -5.13 72.05 -36.71
C LYS D 354 -6.29 72.06 -37.70
N GLY D 355 -7.48 71.72 -37.22
CA GLY D 355 -8.71 71.63 -38.01
C GLY D 355 -8.85 70.36 -38.82
N ASP D 356 -7.92 69.41 -38.77
CA ASP D 356 -8.03 68.13 -39.47
C ASP D 356 -8.74 67.13 -38.56
N PHE D 357 -9.99 66.83 -38.87
CA PHE D 357 -10.82 65.90 -38.07
C PHE D 357 -11.48 64.91 -38.99
N ARG D 358 -11.49 63.64 -38.60
CA ARG D 358 -12.05 62.59 -39.47
C ARG D 358 -12.74 61.54 -38.61
N ILE D 359 -13.59 60.77 -39.26
CA ILE D 359 -14.20 59.54 -38.67
C ILE D 359 -14.14 58.46 -39.73
N LEU D 360 -13.76 57.25 -39.31
CA LEU D 360 -13.60 56.09 -40.22
C LEU D 360 -14.45 54.97 -39.67
N MET D 361 -15.46 54.58 -40.45
CA MET D 361 -16.30 53.40 -40.13
C MET D 361 -17.10 53.00 -41.36
N CYS D 362 -17.10 51.71 -41.67
CA CYS D 362 -17.89 51.19 -42.81
C CYS D 362 -19.38 51.40 -42.54
N THR D 363 -20.10 51.91 -43.52
CA THR D 363 -21.52 52.29 -43.39
C THR D 363 -22.38 51.26 -44.13
N LYS D 364 -23.09 50.44 -43.38
CA LYS D 364 -24.20 49.61 -43.91
C LYS D 364 -25.51 50.37 -43.75
N VAL D 365 -26.61 49.71 -44.03
CA VAL D 365 -27.97 50.29 -43.81
C VAL D 365 -28.62 49.50 -42.68
N THR D 366 -28.39 49.94 -41.45
CA THR D 366 -28.93 49.27 -40.24
C THR D 366 -29.22 50.33 -39.19
N MET D 367 -30.03 49.97 -38.19
CA MET D 367 -30.19 50.82 -37.00
C MET D 367 -28.85 50.97 -36.25
N ASP D 368 -28.15 49.87 -36.05
CA ASP D 368 -26.89 49.92 -35.25
C ASP D 368 -25.87 50.82 -35.96
N ASP D 369 -25.88 50.84 -37.29
CA ASP D 369 -25.03 51.81 -38.03
C ASP D 369 -25.43 53.25 -37.74
N PHE D 370 -26.72 53.51 -37.66
CA PHE D 370 -27.26 54.86 -37.34
C PHE D 370 -26.79 55.28 -35.95
N LEU D 371 -26.94 54.39 -34.98
CA LEU D 371 -26.57 54.69 -33.57
C LEU D 371 -25.04 54.84 -33.48
N THR D 372 -24.28 54.02 -34.19
CA THR D 372 -22.81 54.13 -34.18
C THR D 372 -22.37 55.42 -34.83
N ALA D 373 -23.06 55.87 -35.88
CA ALA D 373 -22.76 57.17 -36.51
C ALA D 373 -22.97 58.29 -35.50
N HIS D 374 -24.08 58.24 -34.77
CA HIS D 374 -24.33 59.25 -33.71
C HIS D 374 -23.26 59.18 -32.62
N HIS D 375 -22.87 57.98 -32.21
CA HIS D 375 -21.83 57.79 -31.19
C HIS D 375 -20.50 58.40 -31.64
N GLU D 376 -20.08 58.07 -32.85
CA GLU D 376 -18.79 58.60 -33.38
C GLU D 376 -18.87 60.11 -33.58
N MET D 377 -20.02 60.62 -34.01
CA MET D 377 -20.16 62.08 -34.20
C MET D 377 -20.09 62.79 -32.83
N GLY D 378 -20.70 62.21 -31.81
CA GLY D 378 -20.54 62.73 -30.44
C GLY D 378 -19.09 62.71 -30.00
N HIS D 379 -18.40 61.65 -30.29
CA HIS D 379 -16.94 61.54 -30.00
C HIS D 379 -16.19 62.72 -30.66
N ILE D 380 -16.38 62.90 -31.94
CA ILE D 380 -15.58 63.90 -32.69
C ILE D 380 -16.00 65.32 -32.29
N GLN D 381 -17.28 65.53 -32.03
CA GLN D 381 -17.76 66.86 -31.57
C GLN D 381 -17.16 67.19 -30.21
N TYR D 382 -17.15 66.24 -29.29
CA TYR D 382 -16.46 66.43 -27.99
C TYR D 382 -14.98 66.75 -28.22
N ASP D 383 -14.34 66.02 -29.12
CA ASP D 383 -12.89 66.17 -29.37
C ASP D 383 -12.59 67.54 -29.95
N MET D 384 -13.43 68.02 -30.85
CA MET D 384 -13.20 69.29 -31.58
C MET D 384 -13.72 70.49 -30.78
N ALA D 385 -14.53 70.29 -29.77
CA ALA D 385 -15.10 71.41 -28.97
C ALA D 385 -14.02 72.12 -28.14
N TYR D 386 -12.83 71.59 -27.99
CA TYR D 386 -11.79 72.14 -27.09
C TYR D 386 -10.43 72.10 -27.79
N ALA D 387 -10.39 72.42 -29.08
CA ALA D 387 -9.13 72.49 -29.85
C ALA D 387 -8.23 73.65 -29.37
N ALA D 388 -8.76 74.62 -28.63
CA ALA D 388 -7.97 75.81 -28.18
C ALA D 388 -6.96 75.44 -27.09
N GLN D 389 -7.17 74.34 -26.36
CA GLN D 389 -6.30 73.97 -25.23
C GLN D 389 -4.96 73.51 -25.79
N PRO D 390 -3.88 73.57 -24.98
CA PRO D 390 -2.59 73.04 -25.41
C PRO D 390 -2.61 71.56 -25.80
N PHE D 391 -1.53 71.12 -26.41
CA PHE D 391 -1.42 69.76 -26.95
C PHE D 391 -1.54 68.72 -25.82
N LEU D 392 -0.83 68.94 -24.72
CA LEU D 392 -0.91 68.00 -23.56
C LEU D 392 -2.27 68.09 -22.87
N LEU D 393 -3.00 69.18 -23.06
CA LEU D 393 -4.30 69.41 -22.40
C LEU D 393 -5.45 69.03 -23.32
N ARG D 394 -5.18 68.42 -24.48
CA ARG D 394 -6.22 68.08 -25.47
C ARG D 394 -6.67 66.64 -25.21
N ASN D 395 -7.33 66.42 -24.08
CA ASN D 395 -7.91 65.11 -23.75
C ASN D 395 -9.10 65.27 -22.83
N GLY D 396 -9.90 64.22 -22.71
CA GLY D 396 -11.05 64.14 -21.78
C GLY D 396 -10.64 64.33 -20.33
N ALA D 397 -11.61 64.66 -19.49
CA ALA D 397 -11.37 64.91 -18.06
C ALA D 397 -10.72 63.68 -17.43
N ASN D 398 -11.25 62.50 -17.72
CA ASN D 398 -10.60 61.23 -17.33
C ASN D 398 -11.01 60.14 -18.30
N GLU D 399 -10.74 58.89 -17.95
CA GLU D 399 -10.97 57.72 -18.81
C GLU D 399 -12.46 57.35 -18.91
N GLY D 400 -13.41 58.10 -18.33
CA GLY D 400 -14.83 57.76 -18.49
C GLY D 400 -15.66 58.77 -19.26
N PHE D 401 -15.25 60.03 -19.35
CA PHE D 401 -16.07 61.09 -19.98
C PHE D 401 -16.18 60.83 -21.48
N HIS D 402 -15.10 60.44 -22.13
CA HIS D 402 -15.05 60.41 -23.62
C HIS D 402 -16.09 59.43 -24.16
N GLU D 403 -16.15 58.25 -23.59
CA GLU D 403 -17.17 57.25 -24.03
C GLU D 403 -18.55 57.61 -23.48
N ALA D 404 -18.63 58.25 -22.31
CA ALA D 404 -19.93 58.64 -21.73
C ALA D 404 -20.68 59.63 -22.64
N VAL D 405 -19.95 60.57 -23.24
CA VAL D 405 -20.58 61.58 -24.12
C VAL D 405 -21.21 60.85 -25.31
N GLY D 406 -20.46 59.97 -25.93
CA GLY D 406 -20.98 59.18 -27.07
C GLY D 406 -22.17 58.32 -26.68
N GLU D 407 -22.08 57.69 -25.51
CA GLU D 407 -23.19 56.82 -25.03
C GLU D 407 -24.47 57.64 -24.81
N ILE D 408 -24.37 58.80 -24.20
CA ILE D 408 -25.59 59.63 -23.95
C ILE D 408 -26.12 60.13 -25.29
N MET D 409 -25.23 60.48 -26.22
CA MET D 409 -25.70 60.96 -27.54
C MET D 409 -26.46 59.86 -28.26
N SER D 410 -25.93 58.66 -28.28
CA SER D 410 -26.59 57.50 -28.92
C SER D 410 -27.91 57.17 -28.22
N LEU D 411 -27.91 57.22 -26.89
CA LEU D 411 -29.14 56.93 -26.12
C LEU D 411 -30.23 57.95 -26.44
N SER D 412 -29.87 59.22 -26.52
CA SER D 412 -30.85 60.29 -26.82
C SER D 412 -31.34 60.17 -28.27
N ALA D 413 -30.47 59.72 -29.18
CA ALA D 413 -30.83 59.66 -30.62
C ALA D 413 -31.70 58.45 -30.93
N ALA D 414 -31.94 57.51 -30.02
CA ALA D 414 -32.68 56.25 -30.30
C ALA D 414 -34.12 56.31 -29.79
N THR D 415 -34.63 57.47 -29.40
CA THR D 415 -35.97 57.55 -28.80
C THR D 415 -36.99 57.33 -29.90
N PRO D 416 -38.15 56.71 -29.61
CA PRO D 416 -39.15 56.47 -30.65
C PRO D 416 -39.71 57.79 -31.23
N LYS D 417 -39.82 58.83 -30.41
CA LYS D 417 -40.28 60.14 -30.94
C LYS D 417 -39.26 60.71 -31.92
N HIS D 418 -37.98 60.44 -31.73
CA HIS D 418 -36.93 60.84 -32.71
C HIS D 418 -37.19 60.17 -34.05
N LEU D 419 -37.50 58.90 -34.03
CA LEU D 419 -37.81 58.15 -35.29
C LEU D 419 -39.11 58.71 -35.89
N LYS D 420 -40.07 59.08 -35.04
CA LYS D 420 -41.31 59.73 -35.53
C LYS D 420 -41.00 61.08 -36.20
N SER D 421 -39.98 61.78 -35.72
CA SER D 421 -39.65 63.15 -36.20
C SER D 421 -38.76 63.14 -37.44
N ILE D 422 -38.19 62.00 -37.83
CA ILE D 422 -37.24 61.97 -38.99
C ILE D 422 -37.95 61.53 -40.27
N GLY D 423 -39.24 61.27 -40.23
CA GLY D 423 -40.07 60.99 -41.43
C GLY D 423 -40.67 59.60 -41.41
N LEU D 424 -39.93 58.60 -40.92
CA LEU D 424 -40.52 57.23 -40.79
C LEU D 424 -41.29 57.15 -39.47
N LEU D 425 -41.84 55.97 -39.19
CA LEU D 425 -42.64 55.68 -37.96
C LEU D 425 -43.84 56.64 -37.93
N SER D 426 -44.72 56.43 -38.90
CA SER D 426 -45.93 57.24 -39.16
C SER D 426 -46.67 57.56 -37.84
N PRO D 427 -47.26 58.76 -37.70
CA PRO D 427 -47.87 59.16 -36.42
C PRO D 427 -49.04 58.29 -35.98
N ASP D 428 -49.68 57.57 -36.91
CA ASP D 428 -50.81 56.67 -36.59
C ASP D 428 -50.26 55.33 -36.07
N PHE D 429 -49.53 55.40 -34.96
CA PHE D 429 -48.90 54.23 -34.33
C PHE D 429 -48.70 54.52 -32.85
N GLN D 430 -49.30 53.72 -31.99
CA GLN D 430 -49.21 53.87 -30.52
C GLN D 430 -48.22 52.84 -29.97
N GLU D 431 -47.41 53.25 -29.03
CA GLU D 431 -46.35 52.37 -28.44
C GLU D 431 -46.84 51.90 -27.07
N ASP D 432 -47.09 50.61 -26.93
CA ASP D 432 -47.58 50.04 -25.65
C ASP D 432 -46.42 49.89 -24.65
N ASN D 433 -46.78 49.50 -23.42
CA ASN D 433 -45.76 49.36 -22.36
C ASN D 433 -45.02 48.03 -22.51
N GLU D 434 -45.67 47.03 -23.14
CA GLU D 434 -45.03 45.69 -23.24
C GLU D 434 -43.72 45.79 -24.03
N THR D 435 -43.74 46.45 -25.16
CA THR D 435 -42.52 46.65 -25.99
C THR D 435 -41.54 47.53 -25.20
N GLU D 436 -42.06 48.47 -24.43
CA GLU D 436 -41.20 49.34 -23.59
C GLU D 436 -40.47 48.49 -22.54
N ILE D 437 -41.19 47.57 -21.91
CA ILE D 437 -40.56 46.65 -20.93
C ILE D 437 -39.53 45.77 -21.63
N ASN D 438 -39.86 45.29 -22.83
CA ASN D 438 -38.88 44.50 -23.62
C ASN D 438 -37.59 45.28 -23.84
N PHE D 439 -37.72 46.52 -24.27
CA PHE D 439 -36.53 47.37 -24.52
C PHE D 439 -35.76 47.60 -23.23
N LEU D 440 -36.48 47.86 -22.14
CA LEU D 440 -35.81 48.12 -20.84
C LEU D 440 -35.02 46.89 -20.39
N LEU D 441 -35.59 45.71 -20.53
CA LEU D 441 -34.86 44.48 -20.11
C LEU D 441 -33.68 44.22 -21.05
N LYS D 442 -33.83 44.50 -22.35
CA LYS D 442 -32.70 44.33 -23.29
C LYS D 442 -31.54 45.27 -22.89
N GLN D 443 -31.86 46.51 -22.52
CA GLN D 443 -30.83 47.46 -22.03
C GLN D 443 -30.24 46.97 -20.72
N ALA D 444 -31.06 46.42 -19.84
CA ALA D 444 -30.59 45.96 -18.49
C ALA D 444 -29.59 44.84 -18.67
N LEU D 445 -29.89 43.88 -19.52
CA LEU D 445 -28.99 42.71 -19.70
C LEU D 445 -27.59 43.12 -20.14
N THR D 446 -27.43 44.26 -20.80
CA THR D 446 -26.09 44.78 -21.17
C THR D 446 -25.53 45.70 -20.07
N ILE D 447 -26.32 46.63 -19.55
CA ILE D 447 -25.77 47.66 -18.64
C ILE D 447 -25.58 47.08 -17.25
N VAL D 448 -26.57 46.41 -16.68
CA VAL D 448 -26.55 46.02 -15.24
C VAL D 448 -25.84 44.69 -15.09
N GLY D 449 -25.76 43.87 -16.12
CA GLY D 449 -25.17 42.51 -16.00
C GLY D 449 -23.66 42.58 -16.01
N THR D 450 -23.07 43.74 -16.33
CA THR D 450 -21.60 43.91 -16.38
C THR D 450 -21.02 44.60 -15.18
N LEU D 451 -21.78 45.31 -14.38
CA LEU D 451 -21.28 46.09 -13.23
C LEU D 451 -20.71 45.12 -12.20
N PRO D 452 -21.39 44.05 -11.77
CA PRO D 452 -20.75 43.11 -10.83
C PRO D 452 -19.47 42.48 -11.36
N PHE D 453 -19.44 42.11 -12.63
CA PHE D 453 -18.28 41.50 -13.27
C PHE D 453 -17.12 42.50 -13.22
N THR D 454 -17.33 43.75 -13.64
CA THR D 454 -16.29 44.77 -13.64
C THR D 454 -15.77 45.02 -12.25
N TYR D 455 -16.68 45.20 -11.31
CA TYR D 455 -16.32 45.48 -9.91
C TYR D 455 -15.47 44.33 -9.38
N MET D 456 -15.92 43.12 -9.57
CA MET D 456 -15.22 41.94 -9.00
C MET D 456 -13.86 41.77 -9.65
N LEU D 457 -13.72 42.00 -10.97
CA LEU D 457 -12.43 41.75 -11.62
C LEU D 457 -11.46 42.82 -11.14
N GLU D 458 -11.87 44.08 -11.11
CA GLU D 458 -10.96 45.15 -10.64
C GLU D 458 -10.63 44.96 -9.16
N LYS D 459 -11.58 44.51 -8.34
CA LYS D 459 -11.32 44.25 -6.92
C LYS D 459 -10.26 43.16 -6.80
N TRP D 460 -10.40 42.08 -7.54
CA TRP D 460 -9.41 40.97 -7.50
C TRP D 460 -8.03 41.48 -7.94
N ARG D 461 -7.95 42.25 -9.01
CA ARG D 461 -6.64 42.77 -9.50
C ARG D 461 -6.06 43.71 -8.46
N TRP D 462 -6.84 44.60 -7.88
CA TRP D 462 -6.34 45.53 -6.84
C TRP D 462 -5.78 44.77 -5.64
N MET D 463 -6.49 43.76 -5.18
CA MET D 463 -6.00 43.00 -4.01
C MET D 463 -4.81 42.11 -4.40
N VAL D 464 -4.70 41.66 -5.63
CA VAL D 464 -3.54 40.85 -6.08
C VAL D 464 -2.31 41.74 -6.14
N PHE D 465 -2.43 42.92 -6.71
CA PHE D 465 -1.29 43.88 -6.73
C PHE D 465 -0.95 44.32 -5.30
N LYS D 466 -1.94 44.52 -4.46
CA LYS D 466 -1.75 44.98 -3.07
C LYS D 466 -1.02 43.96 -2.20
N GLY D 467 -0.93 42.70 -2.63
CA GLY D 467 -0.34 41.61 -1.84
C GLY D 467 -1.30 41.07 -0.81
N GLU D 468 -2.58 41.47 -0.81
CA GLU D 468 -3.57 40.93 0.14
C GLU D 468 -3.75 39.43 -0.12
N ILE D 469 -3.83 39.04 -1.39
CA ILE D 469 -4.02 37.65 -1.79
C ILE D 469 -2.64 37.05 -1.99
N PRO D 470 -2.27 35.98 -1.26
CA PRO D 470 -1.00 35.31 -1.53
C PRO D 470 -1.03 34.60 -2.89
N LYS D 471 0.15 34.25 -3.37
CA LYS D 471 0.31 33.63 -4.72
C LYS D 471 -0.30 32.22 -4.77
N ASP D 472 -0.63 31.59 -3.66
CA ASP D 472 -1.21 30.23 -3.64
C ASP D 472 -2.71 30.30 -3.38
N GLN D 473 -3.33 31.47 -3.42
CA GLN D 473 -4.80 31.57 -3.23
C GLN D 473 -5.41 32.50 -4.27
N TRP D 474 -4.85 32.63 -5.45
CA TRP D 474 -5.44 33.49 -6.51
C TRP D 474 -6.74 32.89 -7.03
N MET D 475 -6.75 31.66 -7.38
CA MET D 475 -7.97 31.01 -7.92
C MET D 475 -9.03 30.79 -6.84
N LYS D 476 -8.59 30.47 -5.63
CA LYS D 476 -9.53 30.30 -4.50
C LYS D 476 -10.30 31.61 -4.31
N LYS D 477 -9.58 32.72 -4.19
CA LYS D 477 -10.22 34.03 -3.99
C LYS D 477 -11.01 34.42 -5.23
N TRP D 478 -10.55 34.12 -6.40
CA TRP D 478 -11.26 34.47 -7.66
C TRP D 478 -12.62 33.86 -7.64
N TRP D 479 -12.67 32.58 -7.42
CA TRP D 479 -13.99 31.88 -7.45
C TRP D 479 -14.83 32.17 -6.21
N GLU D 480 -14.23 32.43 -5.07
CA GLU D 480 -15.00 32.87 -3.88
C GLU D 480 -15.69 34.20 -4.18
N MET D 481 -14.96 35.17 -4.72
CA MET D 481 -15.54 36.50 -5.06
C MET D 481 -16.58 36.32 -6.16
N LYS D 482 -16.32 35.43 -7.10
CA LYS D 482 -17.27 35.26 -8.21
C LYS D 482 -18.55 34.65 -7.69
N ARG D 483 -18.50 33.68 -6.77
CA ARG D 483 -19.73 33.12 -6.16
C ARG D 483 -20.41 34.17 -5.28
N GLU D 484 -19.68 35.02 -4.60
CA GLU D 484 -20.26 35.94 -3.58
C GLU D 484 -20.78 37.23 -4.24
N ILE D 485 -19.99 37.88 -5.05
CA ILE D 485 -20.35 39.19 -5.65
C ILE D 485 -21.20 39.03 -6.92
N VAL D 486 -20.83 38.15 -7.82
CA VAL D 486 -21.54 38.07 -9.14
C VAL D 486 -22.62 36.99 -9.07
N GLY D 487 -22.52 36.02 -8.20
CA GLY D 487 -23.49 34.94 -8.20
C GLY D 487 -23.35 34.05 -9.35
N VAL D 488 -22.11 33.69 -9.64
CA VAL D 488 -21.76 32.77 -10.75
C VAL D 488 -20.83 31.72 -10.20
N VAL D 489 -21.07 30.49 -10.52
CA VAL D 489 -20.36 29.33 -9.93
C VAL D 489 -19.67 28.63 -11.10
N GLU D 490 -18.48 28.15 -10.87
CA GLU D 490 -17.73 27.39 -11.89
C GLU D 490 -18.31 26.00 -12.02
N PRO D 491 -18.44 25.46 -13.23
CA PRO D 491 -18.88 24.09 -13.41
C PRO D 491 -17.89 22.99 -13.08
N VAL D 492 -16.60 23.33 -13.02
CA VAL D 492 -15.54 22.36 -12.64
C VAL D 492 -14.60 23.05 -11.69
N PRO D 493 -14.07 22.39 -10.68
CA PRO D 493 -13.19 23.04 -9.73
C PRO D 493 -11.85 23.37 -10.38
N HIS D 494 -11.37 24.59 -10.09
CA HIS D 494 -10.09 25.08 -10.67
C HIS D 494 -9.07 25.27 -9.56
N ASP D 495 -7.90 24.65 -9.69
CA ASP D 495 -6.79 24.89 -8.72
C ASP D 495 -5.90 26.03 -9.21
N GLU D 496 -4.77 26.23 -8.54
CA GLU D 496 -3.87 27.40 -8.79
C GLU D 496 -3.01 27.17 -10.03
N THR D 497 -3.11 25.99 -10.66
CA THR D 497 -2.47 25.79 -11.99
C THR D 497 -3.16 26.69 -13.02
N TYR D 498 -4.35 27.21 -12.68
CA TYR D 498 -5.15 27.95 -13.66
C TYR D 498 -4.98 29.45 -13.44
N CYS D 499 -5.25 30.21 -14.48
CA CYS D 499 -5.25 31.69 -14.44
C CYS D 499 -6.45 32.23 -15.19
N ASP D 500 -7.62 31.87 -14.76
CA ASP D 500 -8.91 32.23 -15.42
C ASP D 500 -9.06 33.73 -15.65
N PRO D 501 -8.77 34.60 -14.69
CA PRO D 501 -8.84 36.02 -14.98
C PRO D 501 -7.94 36.43 -16.12
N ALA D 502 -6.78 35.81 -16.29
CA ALA D 502 -5.82 36.20 -17.36
C ALA D 502 -6.34 35.81 -18.72
N SER D 503 -7.42 35.06 -18.80
CA SER D 503 -8.01 34.64 -20.08
C SER D 503 -8.85 35.79 -20.69
N LEU D 504 -9.08 36.92 -20.04
CA LEU D 504 -9.74 38.07 -20.68
C LEU D 504 -8.72 38.85 -21.49
N PHE D 505 -9.25 39.66 -22.41
CA PHE D 505 -8.42 40.51 -23.27
C PHE D 505 -7.71 41.52 -22.41
N HIS D 506 -8.46 42.17 -21.52
CA HIS D 506 -7.97 43.34 -20.77
C HIS D 506 -6.96 42.93 -19.73
N VAL D 507 -6.92 41.70 -19.30
CA VAL D 507 -6.03 41.25 -18.21
C VAL D 507 -4.69 40.82 -18.76
N SER D 508 -4.68 39.96 -19.75
CA SER D 508 -3.44 39.51 -20.43
C SER D 508 -2.74 40.68 -21.13
N ASN D 509 -3.49 41.57 -21.75
CA ASN D 509 -2.93 42.68 -22.55
C ASN D 509 -2.69 43.94 -21.73
N ASP D 510 -2.70 43.84 -20.41
CA ASP D 510 -2.40 45.00 -19.56
C ASP D 510 -3.26 46.23 -19.86
N TYR D 511 -4.53 46.11 -19.58
CA TYR D 511 -5.49 47.21 -19.73
C TYR D 511 -6.25 47.40 -18.45
N SER D 512 -6.55 48.64 -18.14
CA SER D 512 -7.33 49.01 -16.94
C SER D 512 -8.80 48.69 -17.25
N PHE D 513 -9.51 48.29 -16.23
CA PHE D 513 -10.91 47.87 -16.36
C PHE D 513 -11.89 48.68 -15.57
N ILE D 514 -11.47 49.62 -14.74
CA ILE D 514 -12.43 50.40 -13.93
C ILE D 514 -13.07 51.49 -14.77
N ARG D 515 -12.59 51.81 -15.95
CA ARG D 515 -13.26 52.77 -16.85
C ARG D 515 -14.71 52.35 -17.17
N TYR D 516 -15.02 51.10 -17.27
CA TYR D 516 -16.36 50.59 -17.65
C TYR D 516 -17.39 50.74 -16.53
N TYR D 517 -16.94 50.98 -15.30
CA TYR D 517 -17.82 51.26 -14.15
C TYR D 517 -18.15 52.75 -14.09
N THR D 518 -17.13 53.58 -14.06
CA THR D 518 -17.29 55.03 -13.91
C THR D 518 -17.97 55.55 -15.17
N ARG D 519 -17.63 55.02 -16.33
CA ARG D 519 -18.29 55.46 -17.58
C ARG D 519 -19.78 55.17 -17.49
N THR D 520 -20.13 53.98 -17.06
CA THR D 520 -21.56 53.60 -16.95
C THR D 520 -22.31 54.54 -15.99
N LEU D 521 -21.71 54.90 -14.86
CA LEU D 521 -22.40 55.83 -13.94
C LEU D 521 -22.43 57.27 -14.51
N TYR D 522 -21.34 57.74 -15.09
CA TYR D 522 -21.27 59.11 -15.64
C TYR D 522 -22.28 59.30 -16.75
N GLN D 523 -22.48 58.29 -17.58
CA GLN D 523 -23.38 58.43 -18.75
C GLN D 523 -24.79 58.72 -18.21
N PHE D 524 -25.19 57.99 -17.21
CA PHE D 524 -26.57 58.14 -16.69
C PHE D 524 -26.72 59.44 -15.90
N GLN D 525 -25.71 59.82 -15.15
CA GLN D 525 -25.73 61.13 -14.48
C GLN D 525 -25.93 62.25 -15.51
N PHE D 526 -25.11 62.23 -16.55
CA PHE D 526 -25.20 63.25 -17.61
C PHE D 526 -26.56 63.23 -18.30
N GLN D 527 -27.04 62.04 -18.61
CA GLN D 527 -28.35 61.90 -19.30
C GLN D 527 -29.45 62.52 -18.42
N GLU D 528 -29.48 62.15 -17.16
CA GLU D 528 -30.53 62.68 -16.23
C GLU D 528 -30.43 64.20 -16.13
N ALA D 529 -29.23 64.72 -15.93
CA ALA D 529 -29.06 66.18 -15.75
C ALA D 529 -29.54 66.91 -17.02
N LEU D 530 -29.03 66.49 -18.17
CA LEU D 530 -29.36 67.19 -19.44
C LEU D 530 -30.87 67.08 -19.72
N CYS D 531 -31.44 65.90 -19.53
CA CYS D 531 -32.86 65.65 -19.89
C CYS D 531 -33.78 66.33 -18.87
N GLN D 532 -33.32 66.58 -17.66
CA GLN D 532 -34.07 67.44 -16.71
C GLN D 532 -33.97 68.90 -17.17
N ALA D 533 -32.79 69.33 -17.58
CA ALA D 533 -32.60 70.71 -18.10
C ALA D 533 -33.37 70.92 -19.42
N ALA D 534 -33.77 69.84 -20.10
CA ALA D 534 -34.59 69.92 -21.32
C ALA D 534 -36.08 70.07 -21.02
N LYS D 535 -36.47 70.18 -19.74
CA LYS D 535 -37.86 70.47 -19.32
C LYS D 535 -38.75 69.30 -19.78
N HIS D 536 -38.39 68.09 -19.39
CA HIS D 536 -39.28 66.92 -19.63
C HIS D 536 -40.39 66.88 -18.59
N GLU D 537 -41.38 66.06 -18.87
CA GLU D 537 -42.49 65.73 -17.94
C GLU D 537 -42.66 64.24 -17.71
N GLY D 538 -42.26 63.36 -18.63
CA GLY D 538 -42.50 61.92 -18.54
C GLY D 538 -41.31 61.17 -17.94
N PRO D 539 -41.18 59.86 -18.24
CA PRO D 539 -40.09 59.06 -17.69
C PRO D 539 -38.73 59.36 -18.34
N LEU D 540 -37.67 59.02 -17.63
CA LEU D 540 -36.28 59.32 -18.08
C LEU D 540 -35.95 58.55 -19.35
N HIS D 541 -36.28 57.29 -19.42
CA HIS D 541 -35.85 56.41 -20.55
C HIS D 541 -36.58 56.80 -21.86
N LYS D 542 -37.70 57.49 -21.78
CA LYS D 542 -38.45 57.90 -23.00
C LYS D 542 -38.13 59.35 -23.39
N CYS D 543 -37.24 60.03 -22.67
CA CYS D 543 -37.04 61.48 -22.87
C CYS D 543 -36.00 61.70 -23.98
N ASP D 544 -36.06 62.88 -24.58
CA ASP D 544 -35.18 63.28 -25.70
C ASP D 544 -34.35 64.49 -25.28
N ILE D 545 -33.47 64.91 -26.15
CA ILE D 545 -32.57 66.08 -25.94
C ILE D 545 -32.76 67.15 -27.02
N SER D 546 -33.18 66.81 -28.23
CA SER D 546 -33.22 67.75 -29.37
C SER D 546 -34.01 69.00 -29.04
N ASN D 547 -33.59 70.15 -29.59
CA ASN D 547 -34.30 71.43 -29.33
C ASN D 547 -34.11 71.85 -27.87
N SER D 548 -33.07 71.33 -27.22
CA SER D 548 -32.75 71.70 -25.82
C SER D 548 -31.34 72.26 -25.77
N THR D 549 -31.12 73.42 -26.38
CA THR D 549 -29.77 74.06 -26.42
C THR D 549 -29.21 74.23 -25.00
N GLU D 550 -30.08 74.49 -24.02
CA GLU D 550 -29.67 74.53 -22.59
C GLU D 550 -28.97 73.23 -22.19
N ALA D 551 -29.55 72.08 -22.53
CA ALA D 551 -28.92 70.75 -22.24
C ALA D 551 -27.59 70.68 -22.98
N GLY D 552 -27.58 71.06 -24.27
CA GLY D 552 -26.36 71.07 -25.08
C GLY D 552 -25.29 71.96 -24.47
N GLN D 553 -25.70 73.14 -23.98
CA GLN D 553 -24.75 74.12 -23.39
C GLN D 553 -24.10 73.50 -22.15
N LYS D 554 -24.91 72.93 -21.27
CA LYS D 554 -24.41 72.33 -20.01
C LYS D 554 -23.36 71.25 -20.36
N LEU D 555 -23.70 70.38 -21.31
CA LEU D 555 -22.77 69.30 -21.76
C LEU D 555 -21.51 69.97 -22.31
N PHE D 556 -21.68 70.93 -23.23
CA PHE D 556 -20.53 71.62 -23.88
C PHE D 556 -19.62 72.23 -22.81
N ASN D 557 -20.21 72.76 -21.73
CA ASN D 557 -19.42 73.41 -20.66
C ASN D 557 -18.32 72.45 -20.20
N MET D 558 -18.68 71.22 -19.86
CA MET D 558 -17.69 70.19 -19.47
C MET D 558 -16.88 69.78 -20.70
N LEU D 559 -17.53 69.67 -21.86
CA LEU D 559 -16.84 69.24 -23.11
C LEU D 559 -15.58 70.06 -23.35
N ARG D 560 -15.74 71.38 -23.39
CA ARG D 560 -14.62 72.33 -23.67
C ARG D 560 -13.57 72.27 -22.56
N LEU D 561 -13.98 71.98 -21.33
CA LEU D 561 -13.05 71.91 -20.17
C LEU D 561 -11.94 70.88 -20.44
N GLY D 562 -12.24 69.81 -21.19
CA GLY D 562 -11.26 68.75 -21.47
C GLY D 562 -10.66 68.20 -20.18
N LYS D 563 -9.34 68.22 -20.05
CA LYS D 563 -8.64 67.85 -18.81
C LYS D 563 -7.99 69.09 -18.22
N SER D 564 -8.43 70.30 -18.59
CA SER D 564 -7.81 71.57 -18.13
C SER D 564 -8.01 71.75 -16.62
N GLU D 565 -9.17 71.36 -16.12
CA GLU D 565 -9.53 71.44 -14.67
C GLU D 565 -9.85 70.02 -14.19
N PRO D 566 -10.07 69.78 -12.87
CA PRO D 566 -10.32 68.43 -12.34
C PRO D 566 -11.58 67.75 -12.88
N TRP D 567 -11.60 66.41 -12.95
CA TRP D 567 -12.77 65.66 -13.47
C TRP D 567 -13.95 65.86 -12.52
N THR D 568 -13.69 65.88 -11.22
CA THR D 568 -14.75 66.09 -10.20
C THR D 568 -15.45 67.44 -10.48
N LEU D 569 -14.68 68.47 -10.82
CA LEU D 569 -15.24 69.79 -11.21
C LEU D 569 -16.05 69.64 -12.50
N ALA D 570 -15.48 68.99 -13.51
CA ALA D 570 -16.12 68.83 -14.84
C ALA D 570 -17.47 68.12 -14.68
N LEU D 571 -17.53 67.06 -13.87
CA LEU D 571 -18.78 66.30 -13.61
C LEU D 571 -19.80 67.26 -12.98
N GLU D 572 -19.38 68.04 -11.98
CA GLU D 572 -20.27 69.02 -11.30
C GLU D 572 -20.79 70.06 -12.30
N ASN D 573 -19.99 70.41 -13.29
CA ASN D 573 -20.39 71.42 -14.31
C ASN D 573 -21.63 70.95 -15.08
N VAL D 574 -21.95 69.65 -15.05
CA VAL D 574 -23.12 69.12 -15.80
C VAL D 574 -24.15 68.54 -14.83
N VAL D 575 -23.74 67.73 -13.87
CA VAL D 575 -24.69 67.03 -12.96
C VAL D 575 -24.84 67.82 -11.67
N GLY D 576 -23.97 68.81 -11.43
CA GLY D 576 -24.01 69.59 -10.18
C GLY D 576 -23.54 68.78 -8.99
N ALA D 577 -22.87 67.66 -9.22
CA ALA D 577 -22.35 66.78 -8.14
C ALA D 577 -20.86 66.55 -8.37
N LYS D 578 -20.05 66.61 -7.33
CA LYS D 578 -18.57 66.47 -7.43
C LYS D 578 -18.22 65.00 -7.74
N ASN D 579 -18.95 64.05 -7.17
CA ASN D 579 -18.59 62.60 -7.27
C ASN D 579 -19.61 61.84 -8.13
N MET D 580 -19.38 60.55 -8.25
CA MET D 580 -20.24 59.62 -9.03
C MET D 580 -21.43 59.18 -8.18
N ASN D 581 -22.54 58.80 -8.82
CA ASN D 581 -23.78 58.38 -8.14
C ASN D 581 -24.44 57.27 -8.95
N VAL D 582 -25.05 56.32 -8.25
CA VAL D 582 -25.77 55.17 -8.87
C VAL D 582 -27.25 55.52 -9.02
N ARG D 583 -27.76 56.47 -8.24
CA ARG D 583 -29.19 56.84 -8.31
C ARG D 583 -29.71 57.05 -9.73
N PRO D 584 -29.03 57.87 -10.57
CA PRO D 584 -29.54 58.08 -11.94
C PRO D 584 -29.71 56.78 -12.72
N LEU D 585 -28.76 55.85 -12.57
CA LEU D 585 -28.84 54.52 -13.23
C LEU D 585 -30.03 53.75 -12.69
N LEU D 586 -30.20 53.76 -11.37
CA LEU D 586 -31.36 53.07 -10.72
C LEU D 586 -32.67 53.64 -11.23
N ASN D 587 -32.75 54.95 -11.42
CA ASN D 587 -33.96 55.62 -11.98
C ASN D 587 -34.18 55.17 -13.41
N TYR D 588 -33.11 55.07 -14.21
CA TYR D 588 -33.24 54.64 -15.62
C TYR D 588 -33.92 53.27 -15.74
N PHE D 589 -33.96 52.50 -14.66
CA PHE D 589 -34.53 51.14 -14.70
C PHE D 589 -35.58 50.93 -13.62
N GLU D 590 -36.05 51.99 -12.94
CA GLU D 590 -37.17 51.87 -11.98
C GLU D 590 -38.33 51.06 -12.58
N PRO D 591 -38.75 51.33 -13.85
CA PRO D 591 -39.80 50.53 -14.49
C PRO D 591 -39.53 49.03 -14.46
N LEU D 592 -38.37 48.63 -14.96
CA LEU D 592 -38.02 47.18 -15.03
C LEU D 592 -37.85 46.65 -13.62
N PHE D 593 -37.29 47.44 -12.72
CA PHE D 593 -37.10 47.02 -11.32
C PHE D 593 -38.46 46.62 -10.73
N THR D 594 -39.49 47.45 -10.93
CA THR D 594 -40.85 47.15 -10.44
C THR D 594 -41.34 45.84 -11.07
N TRP D 595 -41.22 45.71 -12.38
CA TRP D 595 -41.68 44.49 -13.09
C TRP D 595 -40.94 43.25 -12.55
N LEU D 596 -39.61 43.35 -12.40
CA LEU D 596 -38.79 42.21 -11.92
C LEU D 596 -39.22 41.82 -10.51
N LYS D 597 -39.43 42.79 -9.63
CA LYS D 597 -39.88 42.51 -8.24
C LYS D 597 -41.23 41.75 -8.30
N ASP D 598 -42.09 42.12 -9.25
CA ASP D 598 -43.38 41.41 -9.43
C ASP D 598 -43.12 39.98 -9.95
N GLN D 599 -42.27 39.83 -10.95
CA GLN D 599 -42.01 38.49 -11.57
C GLN D 599 -41.30 37.57 -10.58
N ASN D 600 -40.54 38.12 -9.63
CA ASN D 600 -39.76 37.28 -8.67
C ASN D 600 -40.51 37.16 -7.34
N LYS D 601 -41.82 37.47 -7.32
CA LYS D 601 -42.63 37.40 -6.09
C LYS D 601 -42.58 35.98 -5.50
N ASN D 602 -42.71 34.96 -6.35
CA ASN D 602 -42.58 33.54 -5.92
C ASN D 602 -41.11 33.09 -5.91
N SER D 603 -40.32 33.52 -6.89
CA SER D 603 -38.91 33.07 -7.03
C SER D 603 -38.08 33.54 -5.83
N PHE D 604 -37.20 32.69 -5.32
CA PHE D 604 -36.24 33.08 -4.25
C PHE D 604 -35.31 34.17 -4.80
N VAL D 605 -35.50 35.39 -4.39
CA VAL D 605 -34.57 36.47 -4.80
C VAL D 605 -33.31 36.33 -3.95
N GLY D 606 -32.20 36.05 -4.59
CA GLY D 606 -30.87 35.89 -3.97
C GLY D 606 -30.22 34.63 -4.44
N TRP D 607 -29.08 34.31 -3.87
CA TRP D 607 -28.37 33.06 -4.23
C TRP D 607 -27.58 32.57 -3.03
N SER D 608 -27.28 31.29 -3.04
CA SER D 608 -26.50 30.60 -2.01
C SER D 608 -25.12 30.24 -2.57
N THR D 609 -24.09 30.47 -1.80
CA THR D 609 -22.68 30.29 -2.20
C THR D 609 -22.17 28.94 -1.70
N ASP D 610 -23.01 27.93 -1.61
CA ASP D 610 -22.56 26.54 -1.31
C ASP D 610 -22.90 25.56 -2.41
N TRP D 611 -23.96 25.79 -3.18
CA TRP D 611 -24.35 24.88 -4.27
C TRP D 611 -23.33 24.95 -5.39
N SER D 612 -22.95 23.80 -5.91
CA SER D 612 -22.06 23.67 -7.08
C SER D 612 -22.70 22.71 -8.07
N PRO D 613 -22.51 22.89 -9.38
CA PRO D 613 -23.06 21.99 -10.39
C PRO D 613 -22.60 20.53 -10.23
N TYR D 614 -21.39 20.35 -9.72
CA TYR D 614 -20.76 19.04 -9.51
C TYR D 614 -20.92 18.55 -8.08
N ALA D 615 -21.56 19.28 -7.18
CA ALA D 615 -21.58 18.96 -5.74
C ALA D 615 -22.51 17.78 -5.43
N ASP D 616 -23.40 17.41 -6.34
CA ASP D 616 -24.38 16.32 -6.09
C ASP D 616 -23.79 14.97 -6.49
N GLN D 617 -22.62 14.91 -7.11
CA GLN D 617 -21.94 13.64 -7.47
C GLN D 617 -20.55 13.55 -6.83
N SER D 618 -20.20 14.42 -5.93
CA SER D 618 -18.92 14.45 -5.22
C SER D 618 -18.95 13.42 -4.08
N ILE D 619 -17.75 13.03 -3.69
CA ILE D 619 -17.50 12.17 -2.53
C ILE D 619 -16.52 12.92 -1.65
N LYS D 620 -16.81 12.98 -0.35
CA LYS D 620 -15.90 13.58 0.63
C LYS D 620 -14.96 12.52 1.22
N VAL D 621 -13.73 12.92 1.47
CA VAL D 621 -12.66 12.07 2.01
C VAL D 621 -12.03 12.77 3.18
N ARG D 622 -11.92 12.03 4.29
CA ARG D 622 -11.24 12.52 5.52
C ARG D 622 -10.09 11.55 5.86
N ILE D 623 -8.90 12.11 6.13
CA ILE D 623 -7.67 11.36 6.37
C ILE D 623 -7.08 11.80 7.70
N SER D 624 -6.78 10.81 8.55
CA SER D 624 -6.20 11.01 9.89
C SER D 624 -4.84 10.32 9.91
N LEU D 625 -3.79 11.05 9.58
CA LEU D 625 -2.41 10.49 9.58
C LEU D 625 -1.89 10.33 11.01
N LYS D 626 -2.14 11.30 11.88
CA LYS D 626 -1.59 11.29 13.27
C LYS D 626 -2.19 10.17 14.12
N SER D 627 -3.30 9.56 13.74
CA SER D 627 -3.94 8.48 14.52
C SER D 627 -3.36 7.13 14.12
N ALA D 628 -3.43 6.79 12.84
CA ALA D 628 -3.04 5.45 12.34
C ALA D 628 -1.53 5.23 12.52
N LEU D 629 -0.73 6.22 12.19
CA LEU D 629 0.73 6.08 12.24
C LEU D 629 1.32 6.68 13.52
N GLY D 630 0.66 7.65 14.15
CA GLY D 630 1.22 8.30 15.36
C GLY D 630 2.54 8.98 15.09
N ASP D 631 3.62 8.41 15.60
CA ASP D 631 4.98 8.87 15.30
C ASP D 631 5.36 8.44 13.88
N LYS D 632 6.47 9.00 13.38
CA LYS D 632 7.05 8.68 12.05
C LYS D 632 5.94 8.62 10.98
N ALA D 633 5.05 9.60 11.01
CA ALA D 633 3.97 9.77 10.01
C ALA D 633 4.45 10.77 8.97
N TYR D 634 4.25 10.44 7.70
CA TYR D 634 4.77 11.28 6.59
C TYR D 634 3.97 12.57 6.49
N GLU D 635 4.58 13.57 5.85
CA GLU D 635 3.92 14.86 5.56
C GLU D 635 3.04 14.69 4.32
N TRP D 636 1.97 15.47 4.27
CA TRP D 636 1.00 15.39 3.16
C TRP D 636 1.21 16.61 2.26
N ASN D 637 1.73 16.37 1.06
CA ASN D 637 1.97 17.43 0.05
C ASN D 637 1.18 17.09 -1.20
N ASP D 638 1.32 17.89 -2.20
CA ASP D 638 0.72 17.67 -3.55
C ASP D 638 1.15 16.36 -4.22
N ASN D 639 2.28 15.78 -3.89
CA ASN D 639 2.67 14.46 -4.45
C ASN D 639 1.74 13.39 -3.87
N GLU D 640 1.33 13.51 -2.63
CA GLU D 640 0.37 12.54 -2.04
C GLU D 640 -0.99 12.72 -2.72
N MET D 641 -1.37 13.95 -3.06
CA MET D 641 -2.61 14.19 -3.85
C MET D 641 -2.50 13.58 -5.25
N TYR D 642 -1.34 13.64 -5.86
CA TYR D 642 -1.10 12.99 -7.16
C TYR D 642 -1.30 11.49 -7.00
N LEU D 643 -0.72 10.90 -5.94
CA LEU D 643 -0.86 9.45 -5.73
C LEU D 643 -2.32 9.10 -5.47
N PHE D 644 -3.04 9.92 -4.74
CA PHE D 644 -4.45 9.64 -4.41
C PHE D 644 -5.28 9.67 -5.67
N ARG D 645 -5.05 10.66 -6.53
CA ARG D 645 -5.80 10.74 -7.82
C ARG D 645 -5.47 9.53 -8.69
N SER D 646 -4.20 9.12 -8.76
CA SER D 646 -3.81 7.90 -9.51
C SER D 646 -4.49 6.66 -8.93
N SER D 647 -4.60 6.55 -7.60
CA SER D 647 -5.24 5.36 -6.96
C SER D 647 -6.71 5.33 -7.33
N VAL D 648 -7.37 6.48 -7.31
CA VAL D 648 -8.81 6.52 -7.67
C VAL D 648 -8.99 6.19 -9.15
N ALA D 649 -8.11 6.67 -10.00
CA ALA D 649 -8.15 6.31 -11.44
C ALA D 649 -7.92 4.81 -11.65
N TYR D 650 -6.97 4.21 -10.91
CA TYR D 650 -6.75 2.74 -10.94
C TYR D 650 -8.05 2.02 -10.54
N ALA D 651 -8.69 2.48 -9.48
CA ALA D 651 -9.92 1.86 -8.96
C ALA D 651 -11.03 1.89 -10.00
N MET D 652 -11.19 3.02 -10.63
CA MET D 652 -12.24 3.17 -11.67
C MET D 652 -11.93 2.33 -12.90
N ARG D 653 -10.68 2.26 -13.30
CA ARG D 653 -10.25 1.39 -14.41
C ARG D 653 -10.60 -0.07 -14.09
N GLN D 654 -10.26 -0.52 -12.88
CA GLN D 654 -10.47 -1.93 -12.50
C GLN D 654 -11.95 -2.24 -12.47
N TYR D 655 -12.74 -1.35 -11.93
CA TYR D 655 -14.19 -1.59 -11.84
C TYR D 655 -14.78 -1.71 -13.23
N PHE D 656 -14.42 -0.80 -14.10
CA PHE D 656 -15.00 -0.84 -15.47
C PHE D 656 -14.50 -2.06 -16.25
N LEU D 657 -13.29 -2.53 -16.01
CA LEU D 657 -12.78 -3.72 -16.74
C LEU D 657 -13.43 -5.00 -16.20
N LYS D 658 -13.53 -5.15 -14.89
CA LYS D 658 -13.88 -6.45 -14.27
C LYS D 658 -15.40 -6.63 -14.11
N VAL D 659 -16.21 -5.63 -14.36
CA VAL D 659 -17.68 -5.76 -14.18
C VAL D 659 -18.39 -5.45 -15.47
N LYS D 660 -18.21 -4.24 -15.97
CA LYS D 660 -18.93 -3.79 -17.19
C LYS D 660 -18.27 -4.32 -18.46
N ASN D 661 -17.14 -5.02 -18.38
CA ASN D 661 -16.46 -5.59 -19.58
C ASN D 661 -16.13 -4.49 -20.60
N GLN D 662 -15.68 -3.35 -20.11
CA GLN D 662 -15.23 -2.23 -20.98
C GLN D 662 -13.86 -1.76 -20.51
N MET D 663 -13.02 -1.35 -21.44
CA MET D 663 -11.66 -0.87 -21.10
C MET D 663 -11.63 0.64 -21.30
N ILE D 664 -11.59 1.39 -20.22
CA ILE D 664 -11.62 2.88 -20.22
C ILE D 664 -10.35 3.39 -19.56
N LEU D 665 -9.67 4.32 -20.19
CA LEU D 665 -8.34 4.82 -19.75
C LEU D 665 -8.54 6.07 -18.91
N PHE D 666 -8.96 5.86 -17.67
CA PHE D 666 -9.05 6.97 -16.70
C PHE D 666 -7.63 7.34 -16.28
N GLY D 667 -7.42 8.62 -16.01
CA GLY D 667 -6.16 9.19 -15.57
C GLY D 667 -6.34 10.02 -14.32
N GLU D 668 -5.25 10.54 -13.81
CA GLU D 668 -5.29 11.45 -12.64
C GLU D 668 -5.83 12.83 -13.05
N GLU D 669 -6.02 13.13 -14.31
CA GLU D 669 -6.59 14.40 -14.77
C GLU D 669 -8.12 14.28 -14.79
N ASP D 670 -8.69 13.08 -14.71
CA ASP D 670 -10.15 12.86 -14.71
C ASP D 670 -10.69 12.90 -13.27
N VAL D 671 -9.83 12.87 -12.26
CA VAL D 671 -10.23 12.91 -10.84
C VAL D 671 -10.10 14.36 -10.42
N ARG D 672 -11.22 15.00 -10.23
CA ARG D 672 -11.29 16.46 -9.94
C ARG D 672 -11.51 16.65 -8.44
N VAL D 673 -10.71 17.48 -7.81
CA VAL D 673 -10.68 17.70 -6.35
C VAL D 673 -11.06 19.15 -6.05
N ALA D 674 -11.81 19.37 -4.98
CA ALA D 674 -12.24 20.71 -4.53
C ALA D 674 -12.25 20.80 -3.00
N ASN D 675 -12.13 21.99 -2.46
CA ASN D 675 -12.30 22.27 -1.00
C ASN D 675 -11.28 21.48 -0.17
N LEU D 676 -10.00 21.66 -0.42
CA LEU D 676 -8.93 21.01 0.37
C LEU D 676 -8.77 21.73 1.71
N LYS D 677 -8.68 20.96 2.81
CA LYS D 677 -8.58 21.56 4.17
C LYS D 677 -7.39 20.96 4.92
N PRO D 678 -6.89 21.59 6.01
CA PRO D 678 -5.78 21.05 6.81
C PRO D 678 -6.16 19.72 7.48
N ARG D 679 -7.45 19.49 7.69
CA ARG D 679 -7.92 18.19 8.27
C ARG D 679 -7.55 17.07 7.30
N ILE D 680 -6.99 17.42 6.14
CA ILE D 680 -6.71 16.41 5.08
C ILE D 680 -8.09 15.92 4.60
N SER D 681 -9.05 16.85 4.52
CA SER D 681 -10.39 16.50 3.99
C SER D 681 -10.59 17.19 2.64
N PHE D 682 -11.39 16.60 1.75
CA PHE D 682 -11.68 17.19 0.43
C PHE D 682 -12.76 16.40 -0.31
N ASN D 683 -13.30 17.00 -1.36
CA ASN D 683 -14.33 16.41 -2.25
C ASN D 683 -13.68 16.03 -3.57
N PHE D 684 -14.21 14.99 -4.20
CA PHE D 684 -13.72 14.65 -5.54
C PHE D 684 -14.88 14.09 -6.33
N PHE D 685 -14.76 14.22 -7.64
CA PHE D 685 -15.58 13.45 -8.59
C PHE D 685 -14.72 13.02 -9.78
N VAL D 686 -15.32 12.20 -10.62
CA VAL D 686 -14.62 11.57 -11.75
C VAL D 686 -15.37 11.92 -13.02
N THR D 687 -14.63 12.10 -14.08
CA THR D 687 -15.17 12.29 -15.44
C THR D 687 -14.59 11.30 -16.42
N ALA D 688 -15.24 11.18 -17.56
CA ALA D 688 -14.76 10.32 -18.66
C ALA D 688 -13.41 10.86 -19.15
N PRO D 689 -12.51 9.99 -19.68
CA PRO D 689 -11.17 10.40 -20.05
C PRO D 689 -11.03 11.67 -20.91
N LYS D 690 -11.85 11.81 -21.94
CA LYS D 690 -11.72 12.95 -22.88
C LYS D 690 -13.10 13.58 -23.04
N ASN D 691 -13.82 13.72 -21.94
CA ASN D 691 -15.19 14.32 -21.98
C ASN D 691 -15.50 14.92 -20.62
N VAL D 692 -15.35 16.24 -20.51
CA VAL D 692 -15.60 16.92 -19.21
C VAL D 692 -17.09 16.94 -18.90
N SER D 693 -17.95 16.80 -19.91
CA SER D 693 -19.42 16.76 -19.68
C SER D 693 -19.92 15.44 -19.11
N ASP D 694 -19.12 14.36 -19.19
CA ASP D 694 -19.52 13.04 -18.70
C ASP D 694 -18.99 12.90 -17.29
N ILE D 695 -19.89 12.75 -16.34
CA ILE D 695 -19.57 12.60 -14.91
C ILE D 695 -20.10 11.23 -14.54
N ILE D 696 -19.21 10.44 -13.95
CA ILE D 696 -19.59 9.08 -13.52
C ILE D 696 -20.48 9.30 -12.32
N PRO D 697 -21.71 8.72 -12.28
CA PRO D 697 -22.56 8.89 -11.11
C PRO D 697 -21.92 8.33 -9.83
N ARG D 698 -22.30 8.90 -8.69
CA ARG D 698 -21.63 8.50 -7.43
C ARG D 698 -21.75 6.98 -7.24
N THR D 699 -22.91 6.40 -7.56
CA THR D 699 -23.11 4.97 -7.24
C THR D 699 -21.96 4.13 -7.82
N GLU D 700 -21.61 4.38 -9.07
CA GLU D 700 -20.50 3.64 -9.72
C GLU D 700 -19.17 3.93 -9.01
N VAL D 701 -18.96 5.15 -8.60
CA VAL D 701 -17.70 5.51 -7.88
C VAL D 701 -17.69 4.85 -6.51
N GLU D 702 -18.83 4.77 -5.84
CA GLU D 702 -18.91 4.03 -4.55
C GLU D 702 -18.58 2.55 -4.78
N LYS D 703 -19.12 1.96 -5.84
CA LYS D 703 -18.87 0.53 -6.11
C LYS D 703 -17.39 0.31 -6.41
N ALA D 704 -16.79 1.19 -7.18
CA ALA D 704 -15.34 1.12 -7.52
C ALA D 704 -14.46 1.24 -6.27
N ILE D 705 -14.78 2.18 -5.42
CA ILE D 705 -14.05 2.35 -4.14
C ILE D 705 -14.26 1.10 -3.27
N ARG D 706 -15.46 0.57 -3.20
CA ARG D 706 -15.70 -0.67 -2.43
C ARG D 706 -14.82 -1.80 -2.96
N MET D 707 -14.68 -1.89 -4.28
CA MET D 707 -13.91 -2.99 -4.89
C MET D 707 -12.43 -2.84 -4.58
N SER D 708 -11.89 -1.63 -4.66
CA SER D 708 -10.43 -1.40 -4.58
C SER D 708 -10.03 -0.71 -3.29
N ARG D 709 -10.84 -0.71 -2.25
CA ARG D 709 -10.53 0.05 -1.03
C ARG D 709 -9.35 -0.57 -0.31
N SER D 710 -9.16 -1.88 -0.32
CA SER D 710 -8.04 -2.48 0.43
C SER D 710 -6.72 -1.98 -0.20
N ARG D 711 -6.66 -1.93 -1.53
CA ARG D 711 -5.43 -1.47 -2.23
C ARG D 711 -5.25 0.04 -2.00
N ILE D 712 -6.32 0.81 -2.13
CA ILE D 712 -6.26 2.28 -1.87
C ILE D 712 -5.78 2.52 -0.43
N ASN D 713 -6.25 1.75 0.54
CA ASN D 713 -5.80 1.89 1.95
C ASN D 713 -4.33 1.53 2.09
N ASP D 714 -3.92 0.37 1.59
CA ASP D 714 -2.54 -0.11 1.88
C ASP D 714 -1.51 0.68 1.06
N ALA D 715 -1.92 1.40 0.03
CA ALA D 715 -1.02 2.35 -0.68
C ALA D 715 -0.59 3.50 0.23
N PHE D 716 -1.41 3.88 1.20
CA PHE D 716 -1.20 5.06 2.08
C PHE D 716 -0.84 4.68 3.50
N ARG D 717 -0.75 3.40 3.85
CA ARG D 717 -0.46 2.92 5.23
C ARG D 717 -1.59 3.33 6.19
N LEU D 718 -2.83 3.30 5.72
CA LEU D 718 -4.04 3.59 6.52
C LEU D 718 -5.01 2.42 6.41
N ASN D 719 -5.88 2.23 7.42
CA ASN D 719 -6.67 0.96 7.46
C ASN D 719 -8.19 1.06 7.65
N ASP D 720 -8.92 1.91 6.92
CA ASP D 720 -10.41 1.83 6.87
C ASP D 720 -11.08 2.68 7.96
N ASN D 721 -10.29 3.30 8.82
CA ASN D 721 -10.77 4.20 9.88
C ASN D 721 -10.02 5.52 9.87
N SER D 722 -8.76 5.57 9.41
CA SER D 722 -8.02 6.79 9.12
C SER D 722 -8.19 7.21 7.66
N LEU D 723 -9.00 6.51 6.87
CA LEU D 723 -9.27 6.91 5.47
C LEU D 723 -10.71 6.55 5.18
N GLU D 724 -11.59 7.53 5.32
CA GLU D 724 -13.05 7.33 5.31
C GLU D 724 -13.61 8.13 4.15
N PHE D 725 -14.64 7.60 3.51
CA PHE D 725 -15.25 8.16 2.30
C PHE D 725 -16.66 8.70 2.59
N LEU D 726 -17.13 8.75 3.82
CA LEU D 726 -18.35 9.52 4.20
C LEU D 726 -19.53 9.05 3.34
N GLY D 727 -19.95 7.82 3.52
CA GLY D 727 -20.99 7.19 2.69
C GLY D 727 -20.71 5.74 2.45
N ILE D 728 -19.47 5.30 2.67
CA ILE D 728 -19.05 3.91 2.41
C ILE D 728 -18.52 3.34 3.72
N GLN D 729 -19.19 2.37 4.30
CA GLN D 729 -18.75 1.77 5.59
C GLN D 729 -18.41 0.30 5.37
N PRO D 730 -17.36 -0.23 6.01
CA PRO D 730 -17.06 -1.66 5.93
C PRO D 730 -18.14 -2.51 6.58
N THR D 731 -18.43 -3.66 5.99
CA THR D 731 -19.42 -4.64 6.51
C THR D 731 -18.90 -6.08 6.61
N LEU D 732 -17.87 -6.49 5.88
CA LEU D 732 -17.47 -7.92 5.85
C LEU D 732 -16.47 -8.19 6.98
N GLY D 733 -16.98 -8.56 8.14
CA GLY D 733 -16.14 -8.94 9.30
C GLY D 733 -16.50 -10.25 9.99
N PRO D 734 -16.86 -11.35 9.29
CA PRO D 734 -17.51 -12.48 9.96
C PRO D 734 -16.45 -13.35 10.65
N PRO D 735 -16.47 -13.48 12.00
CA PRO D 735 -15.55 -14.38 12.70
C PRO D 735 -16.14 -15.78 12.93
N ASN D 736 -15.27 -16.79 12.81
CA ASN D 736 -15.64 -18.21 13.07
C ASN D 736 -14.50 -18.89 13.84
N GLN D 737 -14.02 -18.25 14.90
CA GLN D 737 -12.89 -18.81 15.69
C GLN D 737 -13.37 -20.02 16.50
N PRO D 738 -14.34 -19.88 17.44
CA PRO D 738 -14.78 -20.99 18.28
C PRO D 738 -15.97 -21.74 17.65
N PRO D 739 -15.76 -22.92 17.02
CA PRO D 739 -16.84 -23.65 16.37
C PRO D 739 -17.57 -24.59 17.34
N VAL D 740 -16.95 -24.87 18.50
CA VAL D 740 -17.56 -25.81 19.49
C VAL D 740 -17.61 -25.14 20.86
N SER D 741 -17.27 -23.86 20.94
CA SER D 741 -17.25 -23.11 22.23
C SER D 741 -16.22 -23.74 23.16
N ILE D 742 -15.05 -23.09 23.31
CA ILE D 742 -13.96 -23.66 24.16
C ILE D 742 -14.48 -23.82 25.60
N TRP D 743 -15.43 -22.97 26.01
CA TRP D 743 -15.95 -23.02 27.40
C TRP D 743 -16.42 -24.44 27.70
N LEU D 744 -17.10 -25.08 26.73
CA LEU D 744 -17.61 -26.46 26.93
C LEU D 744 -16.42 -27.40 27.11
N ILE D 745 -15.39 -27.27 26.26
CA ILE D 745 -14.17 -28.10 26.38
C ILE D 745 -13.60 -27.89 27.78
N VAL D 746 -13.57 -26.63 28.24
CA VAL D 746 -13.04 -26.30 29.59
C VAL D 746 -14.01 -26.90 30.61
N PHE D 747 -15.32 -26.73 30.39
CA PHE D 747 -16.36 -27.36 31.25
C PHE D 747 -16.08 -28.86 31.37
N GLY D 748 -15.78 -29.50 30.23
CA GLY D 748 -15.56 -30.96 30.18
C GLY D 748 -14.34 -31.33 30.99
N VAL D 749 -13.21 -30.68 30.72
CA VAL D 749 -11.91 -31.04 31.40
C VAL D 749 -12.09 -30.84 32.91
N VAL D 750 -12.66 -29.72 33.31
CA VAL D 750 -12.83 -29.39 34.76
C VAL D 750 -13.76 -30.43 35.37
N MET D 751 -14.89 -30.70 34.73
CA MET D 751 -15.86 -31.71 35.23
C MET D 751 -15.17 -33.07 35.36
N GLY D 752 -14.36 -33.44 34.36
CA GLY D 752 -13.60 -34.71 34.37
C GLY D 752 -12.73 -34.81 35.62
N VAL D 753 -11.97 -33.75 35.91
CA VAL D 753 -11.08 -33.70 37.11
C VAL D 753 -11.95 -33.88 38.36
N ILE D 754 -13.07 -33.16 38.45
CA ILE D 754 -13.99 -33.24 39.61
C ILE D 754 -14.48 -34.70 39.74
N VAL D 755 -14.89 -35.32 38.64
CA VAL D 755 -15.40 -36.72 38.63
C VAL D 755 -14.27 -37.62 39.15
N VAL D 756 -13.08 -37.49 38.57
CA VAL D 756 -11.88 -38.28 39.02
C VAL D 756 -11.75 -38.10 40.54
N GLY D 757 -11.87 -36.86 41.01
CA GLY D 757 -11.75 -36.57 42.45
C GLY D 757 -12.82 -37.27 43.26
N ILE D 758 -14.09 -37.06 42.91
CA ILE D 758 -15.20 -37.65 43.71
C ILE D 758 -15.05 -39.18 43.73
N VAL D 759 -14.70 -39.75 42.58
CA VAL D 759 -14.51 -41.23 42.45
C VAL D 759 -13.45 -41.68 43.45
N ILE D 760 -12.26 -41.09 43.40
CA ILE D 760 -11.14 -41.52 44.29
C ILE D 760 -11.58 -41.31 45.75
N LEU D 761 -12.29 -40.23 46.03
CA LEU D 761 -12.77 -39.92 47.41
C LEU D 761 -13.67 -41.05 47.91
N ILE D 762 -14.67 -41.42 47.13
CA ILE D 762 -15.63 -42.49 47.54
C ILE D 762 -14.84 -43.80 47.67
N PHE D 763 -13.86 -44.01 46.78
CA PHE D 763 -13.01 -45.21 46.82
C PHE D 763 -12.36 -45.29 48.20
N THR D 764 -11.64 -44.23 48.59
CA THR D 764 -10.90 -44.21 49.87
C THR D 764 -11.89 -44.40 51.02
N GLY D 765 -13.09 -43.81 50.89
CA GLY D 765 -14.14 -43.92 51.92
C GLY D 765 -14.50 -45.37 52.16
N ILE D 766 -14.82 -46.10 51.10
CA ILE D 766 -15.27 -47.51 51.23
C ILE D 766 -14.07 -48.39 51.61
N ARG D 767 -12.86 -47.93 51.28
CA ARG D 767 -11.61 -48.69 51.55
C ARG D 767 -11.25 -48.61 53.03
N ASP D 768 -11.22 -47.40 53.59
CA ASP D 768 -10.80 -47.24 55.01
C ASP D 768 -11.85 -47.85 55.92
N ARG D 769 -11.80 -49.16 56.09
CA ARG D 769 -12.74 -49.92 56.95
C ARG D 769 -11.95 -50.94 57.75
C1 NAG E . 27.84 -51.97 2.12
C2 NAG E . 27.60 -52.67 0.78
C3 NAG E . 28.95 -53.07 0.18
C4 NAG E . 29.84 -51.84 0.06
C5 NAG E . 30.00 -51.17 1.42
C6 NAG E . 30.78 -49.89 1.36
C7 NAG E . 25.54 -53.89 1.40
C8 NAG E . 25.05 -55.23 1.82
N2 NAG E . 26.76 -53.85 0.87
O3 NAG E . 28.74 -53.68 -1.09
O4 NAG E . 31.12 -52.25 -0.41
O5 NAG E . 28.69 -50.85 1.96
O6 NAG E . 30.17 -48.95 0.48
O7 NAG E . 24.85 -52.88 1.51
C1 NAG E . 31.27 -51.76 -1.76
C2 NAG E . 32.71 -51.29 -1.97
C3 NAG E . 32.87 -50.77 -3.39
C4 NAG E . 32.45 -51.84 -4.40
C5 NAG E . 31.03 -52.28 -4.09
C6 NAG E . 30.57 -53.43 -4.97
C7 NAG E . 33.96 -50.52 -0.02
C8 NAG E . 34.30 -49.34 0.85
N2 NAG E . 33.09 -50.28 -1.00
O3 NAG E . 34.22 -50.37 -3.60
O4 NAG E . 32.50 -51.30 -5.71
O5 NAG E . 30.92 -52.75 -2.73
O6 NAG E . 31.39 -54.58 -4.79
O7 NAG E . 34.45 -51.62 0.16
C1 NAG F . -8.57 -12.87 -78.96
C2 NAG F . -8.04 -12.99 -80.38
C3 NAG F . -7.40 -11.67 -80.79
C4 NAG F . -8.42 -10.53 -80.65
C5 NAG F . -8.93 -10.51 -79.21
C6 NAG F . -10.02 -9.49 -79.01
C7 NAG F . -5.89 -14.13 -79.97
C8 NAG F . -5.09 -15.36 -80.27
N2 NAG F . -7.10 -14.09 -80.52
O3 NAG F . -6.93 -11.76 -82.13
O4 NAG F . -7.79 -9.29 -80.94
O5 NAG F . -9.49 -11.79 -78.86
O6 NAG F . -11.07 -9.64 -79.96
O7 NAG F . -5.46 -13.24 -79.25
C1 NAG F . -8.20 -8.87 -82.26
C2 NAG F . -8.02 -7.37 -82.44
C3 NAG F . -8.44 -6.98 -83.85
C4 NAG F . -7.67 -7.80 -84.88
C5 NAG F . -7.86 -9.29 -84.59
C6 NAG F . -7.02 -10.17 -85.49
C7 NAG F . -8.71 -6.67 -80.16
C8 NAG F . -9.81 -6.00 -79.41
N2 NAG F . -8.77 -6.56 -81.49
O3 NAG F . -8.24 -5.59 -84.05
O4 NAG F . -8.15 -7.51 -86.18
O5 NAG F . -7.48 -9.59 -83.24
O6 NAG F . -5.62 -9.90 -85.30
O7 NAG F . -7.81 -7.28 -79.59
C1 NAG G . 41.93 5.36 -57.87
C2 NAG G . 41.67 4.99 -56.41
C3 NAG G . 42.92 5.29 -55.58
C4 NAG G . 44.10 4.55 -56.18
C5 NAG G . 44.27 4.94 -57.65
C6 NAG G . 45.38 4.18 -58.34
C7 NAG G . 39.38 5.07 -55.55
C8 NAG G . 38.26 5.97 -55.09
N2 NAG G . 40.52 5.69 -55.86
O3 NAG G . 42.70 4.90 -54.24
O4 NAG G . 45.29 4.91 -55.46
O5 NAG G . 43.06 4.68 -58.37
O6 NAG G . 45.12 2.77 -58.28
O7 NAG G . 39.25 3.86 -55.64
C1 NAG G . 45.76 3.73 -54.80
C2 NAG G . 47.23 3.83 -54.40
C3 NAG G . 47.65 2.53 -53.73
C4 NAG G . 46.74 2.22 -52.55
C5 NAG G . 45.29 2.17 -53.03
C6 NAG G . 44.32 1.98 -51.89
C7 NAG G . 48.00 5.14 -56.36
C8 NAG G . 48.80 5.03 -57.63
N2 NAG G . 48.12 4.11 -55.50
O3 NAG G . 49.01 2.62 -53.32
O4 NAG G . 47.10 0.94 -52.01
O5 NAG G . 44.95 3.41 -53.68
O6 NAG G . 44.40 3.06 -50.96
O7 NAG G . 47.31 6.11 -56.11
C1 NAG H . -17.26 -11.65 -58.76
C2 NAG H . -16.07 -12.60 -58.78
C3 NAG H . -16.31 -13.69 -59.79
C4 NAG H . -17.64 -14.39 -59.50
C5 NAG H . -18.77 -13.37 -59.46
C6 NAG H . -20.09 -13.98 -59.05
C7 NAG H . -13.62 -12.39 -58.91
C8 NAG H . -12.49 -11.60 -59.51
N2 NAG H . -14.84 -11.87 -59.06
O3 NAG H . -15.24 -14.63 -59.79
O4 NAG H . -17.90 -15.33 -60.53
O5 NAG H . -18.48 -12.34 -58.50
O6 NAG H . -20.00 -14.58 -57.76
O7 NAG H . -13.43 -13.44 -58.31
C1 NAG H . -17.80 -16.65 -59.97
C2 NAG H . -18.76 -17.57 -60.73
C3 NAG H . -18.66 -18.98 -60.16
C4 NAG H . -17.22 -19.46 -60.21
C5 NAG H . -16.32 -18.46 -59.47
C6 NAG H . -14.85 -18.81 -59.59
C7 NAG H . -20.76 -16.60 -61.72
C8 NAG H . -22.20 -16.23 -61.51
N2 NAG H . -20.13 -17.10 -60.67
O3 NAG H . -19.51 -19.86 -60.88
O4 NAG H . -17.12 -20.73 -59.58
O5 NAG H . -16.47 -17.14 -60.03
O6 NAG H . -14.42 -18.80 -60.95
O7 NAG H . -20.21 -16.45 -62.81
C1 NAG I . 15.58 18.11 -23.47
C2 NAG I . 16.14 19.53 -23.68
C3 NAG I . 17.35 19.45 -24.59
C4 NAG I . 18.39 18.50 -24.00
C5 NAG I . 17.74 17.13 -23.78
C6 NAG I . 18.67 16.15 -23.11
C7 NAG I . 13.96 20.70 -23.75
C8 NAG I . 12.94 21.19 -24.73
N2 NAG I . 15.18 20.45 -24.25
O3 NAG I . 17.90 20.75 -24.76
O4 NAG I . 19.47 18.36 -24.91
O5 NAG I . 16.58 17.26 -22.94
O6 NAG I . 19.13 16.66 -21.86
O7 NAG I . 13.71 20.56 -22.56
C1 NAG I . 20.62 18.99 -24.30
C2 NAG I . 21.80 18.94 -25.26
C3 NAG I . 23.00 19.62 -24.62
C4 NAG I . 22.64 21.03 -24.19
C5 NAG I . 21.43 20.99 -23.26
C6 NAG I . 20.93 22.37 -22.90
C7 NAG I . 21.67 16.48 -25.11
C8 NAG I . 22.27 16.11 -23.79
N2 NAG I . 22.16 17.59 -25.69
O3 NAG I . 24.10 19.62 -25.53
O4 NAG I . 23.75 21.61 -23.50
O5 NAG I . 20.33 20.31 -23.91
O6 NAG I . 20.51 23.09 -24.06
O7 NAG I . 20.80 15.81 -25.64
C1 NAG J . 25.55 9.28 -81.54
C2 NAG J . 26.59 9.82 -80.55
C3 NAG J . 26.66 11.34 -80.65
C4 NAG J . 26.95 11.76 -82.08
C5 NAG J . 25.90 11.16 -83.01
C6 NAG J . 26.19 11.42 -84.47
C7 NAG J . 27.03 8.52 -78.55
C8 NAG J . 27.29 8.80 -77.10
N2 NAG J . 26.30 9.42 -79.19
O3 NAG J . 27.65 11.82 -79.75
O4 NAG J . 26.90 13.18 -82.18
O5 NAG J . 25.86 9.72 -82.86
O6 NAG J . 26.23 12.82 -84.75
O7 NAG J . 27.48 7.53 -79.11
C1 NAG J . 28.25 13.66 -82.27
C2 NAG J . 28.22 15.11 -82.76
C3 NAG J . 29.65 15.64 -82.85
C4 NAG J . 30.33 15.50 -81.50
C5 NAG J . 30.28 14.04 -81.06
C6 NAG J . 30.85 13.83 -79.67
C7 NAG J . 26.36 15.82 -84.16
C8 NAG J . 25.87 16.03 -85.56
N2 NAG J . 27.55 15.23 -84.04
O3 NAG J . 29.62 17.00 -83.28
O4 NAG J . 31.70 15.90 -81.63
O5 NAG J . 28.92 13.58 -81.03
O6 NAG J . 30.11 14.58 -78.71
O7 NAG J . 25.71 16.17 -83.18
C1 NAG K . -22.86 13.69 52.22
C2 NAG K . -23.26 13.83 50.75
C3 NAG K . -24.56 14.60 50.63
C4 NAG K . -25.64 13.93 51.48
C5 NAG K . -25.16 13.81 52.91
C6 NAG K . -26.12 13.04 53.79
C7 NAG K . -21.47 13.79 49.11
C8 NAG K . -20.40 14.58 48.41
N2 NAG K . -22.22 14.47 49.98
O3 NAG K . -24.96 14.67 49.26
O4 NAG K . -26.82 14.74 51.45
O5 NAG K . -23.90 13.09 52.96
O6 NAG K . -26.43 11.76 53.24
O7 NAG K . -21.62 12.59 48.91
C1 NAG K . -27.87 13.93 50.91
C2 NAG K . -29.17 14.27 51.64
C3 NAG K . -30.30 13.43 51.08
C4 NAG K . -30.40 13.64 49.56
C5 NAG K . -29.05 13.31 48.92
C6 NAG K . -29.04 13.62 47.45
C7 NAG K . -29.00 15.10 53.92
C8 NAG K . -29.10 14.75 55.38
N2 NAG K . -29.05 14.08 53.07
O3 NAG K . -31.52 13.77 51.71
O4 NAG K . -31.39 12.76 49.04
O5 NAG K . -28.01 14.12 49.51
O6 NAG K . -29.30 14.99 47.19
O7 NAG K . -28.87 16.25 53.54
C1 NAG L . -1.24 79.61 -16.57
C2 NAG L . -2.14 80.81 -16.27
C3 NAG L . -3.13 80.99 -17.43
C4 NAG L . -2.38 81.13 -18.74
C5 NAG L . -1.47 79.92 -18.94
C6 NAG L . -0.60 80.04 -20.17
C7 NAG L . -2.56 81.39 -13.94
C8 NAG L . -3.34 81.08 -12.71
N2 NAG L . -2.84 80.66 -15.03
O3 NAG L . -3.95 82.12 -17.18
O4 NAG L . -3.31 81.19 -19.81
O5 NAG L . -0.58 79.77 -17.81
O6 NAG L . 0.20 81.20 -20.14
O7 NAG L . -1.70 82.27 -13.97
C1 NAG L . -3.34 82.56 -20.27
C2 NAG L . -3.43 82.58 -21.79
C3 NAG L . -3.47 84.03 -22.26
C4 NAG L . -4.60 84.78 -21.59
C5 NAG L . -4.46 84.68 -20.07
C6 NAG L . -5.61 85.30 -19.33
C7 NAG L . -2.53 80.70 -23.05
C8 NAG L . -1.31 80.12 -23.70
N2 NAG L . -2.35 81.86 -22.41
O3 NAG L . -3.61 84.06 -23.68
O4 NAG L . -4.54 86.16 -21.96
O5 NAG L . -4.41 83.29 -19.67
O6 NAG L . -6.84 84.66 -19.64
O7 NAG L . -3.62 80.15 -23.09
C1 NAG M . 12.79 59.52 -14.06
C2 NAG M . 12.76 59.59 -12.53
C3 NAG M . 12.89 61.04 -12.09
C4 NAG M . 14.17 61.64 -12.65
C5 NAG M . 14.15 61.49 -14.16
C6 NAG M . 15.42 61.98 -14.83
C7 NAG M . 11.60 57.90 -11.20
C8 NAG M . 10.40 57.64 -10.34
N2 NAG M . 11.57 59.02 -11.93
O3 NAG M . 12.88 61.10 -10.67
O4 NAG M . 14.24 63.03 -12.33
O5 NAG M . 13.99 60.10 -14.53
O6 NAG M . 16.56 61.27 -14.34
O7 NAG M . 12.57 57.15 -11.22
C1 NAG M . 14.98 63.21 -11.11
C2 NAG M . 15.78 64.50 -11.18
C3 NAG M . 16.55 64.69 -9.87
C4 NAG M . 15.59 64.66 -8.70
C5 NAG M . 14.80 63.36 -8.72
C6 NAG M . 13.77 63.26 -7.63
C7 NAG M . 16.51 65.36 -13.33
C8 NAG M . 17.39 65.14 -14.52
N2 NAG M . 16.68 64.54 -12.31
O3 NAG M . 17.27 65.91 -9.92
O4 NAG M . 16.33 64.75 -7.48
O5 NAG M . 14.11 63.21 -9.99
O6 NAG M . 12.79 64.29 -7.76
O7 NAG M . 15.68 66.27 -13.30
C1 NAG N . -49.21 47.62 -19.32
C2 NAG N . -48.74 46.34 -18.63
C3 NAG N . -49.90 45.37 -18.53
C4 NAG N . -51.07 46.02 -17.81
C5 NAG N . -51.45 47.31 -18.53
C6 NAG N . -52.54 48.07 -17.82
C7 NAG N . -46.38 45.76 -18.84
C8 NAG N . -45.29 45.48 -19.82
N2 NAG N . -47.62 45.76 -19.34
O3 NAG N . -49.47 44.19 -17.85
O4 NAG N . -52.18 45.14 -17.82
O5 NAG N . -50.32 48.19 -18.63
O6 NAG N . -52.14 48.42 -16.50
O7 NAG N . -46.16 45.97 -17.65
C1 NAG N . -52.33 44.59 -16.50
C2 NAG N . -53.81 44.41 -16.19
C3 NAG N . -53.97 43.82 -14.80
C4 NAG N . -53.19 42.53 -14.68
C5 NAG N . -51.73 42.79 -15.03
C6 NAG N . -50.90 41.52 -15.05
C7 NAG N . -55.40 45.90 -17.30
C8 NAG N . -56.09 47.22 -17.27
N2 NAG N . -54.54 45.66 -16.32
O3 NAG N . -55.36 43.61 -14.53
O4 NAG N . -53.26 42.06 -13.33
O5 NAG N . -51.63 43.37 -16.35
O6 NAG N . -51.40 40.60 -16.02
O7 NAG N . -55.61 45.07 -18.19
C1 NAG O . -36.67 70.12 -33.19
C2 NAG O . -37.38 68.82 -33.57
C3 NAG O . -37.53 68.76 -35.08
C4 NAG O . -38.24 70.00 -35.60
C5 NAG O . -37.49 71.24 -35.14
C6 NAG O . -38.21 72.52 -35.52
C7 NAG O . -37.23 66.44 -33.04
C8 NAG O . -36.26 65.29 -32.95
N2 NAG O . -36.70 67.65 -33.06
O3 NAG O . -38.23 67.58 -35.46
O4 NAG O . -38.28 69.96 -37.02
O5 NAG O . -37.37 71.24 -33.70
O6 NAG O . -39.51 72.58 -34.92
O7 NAG O . -38.45 66.26 -33.09
C1 NAG O . -39.65 69.70 -37.41
C2 NAG O . -39.88 70.04 -38.89
C3 NAG O . -41.32 69.74 -39.24
C4 NAG O . -41.67 68.30 -38.89
C5 NAG O . -41.38 68.05 -37.42
C6 NAG O . -41.58 66.60 -37.03
C7 NAG O . -38.40 72.01 -39.00
C8 NAG O . -38.41 73.51 -39.04
N2 NAG O . -39.56 71.41 -39.24
O3 NAG O . -41.55 70.01 -40.62
O4 NAG O . -43.07 68.09 -39.13
O5 NAG O . -40.00 68.36 -37.13
O6 NAG O . -40.73 65.73 -37.78
O7 NAG O . -37.36 71.38 -38.78
C1 NAG P . -19.97 13.70 -22.79
C2 NAG P . -20.58 13.49 -24.17
C3 NAG P . -21.95 14.15 -24.22
C4 NAG P . -22.82 13.61 -23.09
C5 NAG P . -22.13 13.82 -21.76
C6 NAG P . -22.88 13.20 -20.60
C7 NAG P . -19.04 13.24 -26.05
C8 NAG P . -18.15 13.96 -27.02
N2 NAG P . -19.72 14.02 -25.20
O3 NAG P . -22.54 13.91 -25.48
O4 NAG P . -24.07 14.30 -23.09
O5 NAG P . -20.82 13.20 -21.77
O6 NAG P . -23.00 11.80 -20.76
O7 NAG P . -19.14 12.02 -26.04
C1 NAG P . -25.08 13.37 -23.51
C2 NAG P . -26.48 13.86 -23.15
C3 NAG P . -27.50 12.83 -23.63
C4 NAG P . -27.33 12.59 -25.13
C5 NAG P . -25.90 12.16 -25.42
C6 NAG P . -25.61 12.01 -26.90
C7 NAG P . -25.90 14.86 -20.96
C8 NAG P . -25.98 14.62 -19.49
N2 NAG P . -26.67 14.08 -21.73
O3 NAG P . -28.81 13.29 -23.34
O4 NAG P . -28.22 11.56 -25.54
O5 NAG P . -24.96 13.14 -24.91
O6 NAG P . -25.79 13.25 -27.57
O7 NAG P . -25.19 15.73 -21.44
C1 NAG Q . 39.22 -15.53 21.02
C2 NAG Q . 40.03 -15.64 19.72
C3 NAG Q . 40.96 -14.45 19.60
C4 NAG Q . 40.16 -13.15 19.69
C5 NAG Q . 39.36 -13.13 20.99
C6 NAG Q . 38.45 -11.93 21.10
C7 NAG Q . 40.48 -17.85 18.79
C8 NAG Q . 41.54 -18.90 18.59
N2 NAG Q . 40.78 -16.87 19.65
O3 NAG Q . 41.66 -14.53 18.37
O4 NAG Q . 41.06 -12.05 19.68
O5 NAG Q . 38.52 -14.31 21.06
O6 NAG Q . 37.73 -11.95 22.33
O7 NAG Q . 39.40 -17.89 18.20
C1 NAG R . -34.29 -17.50 26.41
C2 NAG R . -35.33 -16.41 26.23
C3 NAG R . -36.29 -16.80 25.11
C4 NAG R . -35.51 -17.08 23.84
C5 NAG R . -34.46 -18.16 24.10
C6 NAG R . -33.57 -18.42 22.91
C7 NAG R . -36.00 -15.04 28.15
C8 NAG R . -37.10 -14.81 29.14
N2 NAG R . -36.09 -16.17 27.44
O3 NAG R . -37.23 -15.75 24.90
O4 NAG R . -36.41 -17.56 22.83
O5 NAG R . -33.60 -17.75 25.20
O6 NAG R . -32.63 -19.46 23.19
O7 NAG R . -35.08 -14.24 27.99
#